data_5OES
#
_entry.id   5OES
#
_cell.length_a   154.390
_cell.length_b   154.390
_cell.length_c   344.325
_cell.angle_alpha   90.000
_cell.angle_beta   90.000
_cell.angle_gamma   90.000
#
_symmetry.space_group_name_H-M   'P 41 21 2'
#
loop_
_entity.id
_entity.type
_entity.pdbx_description
1 polymer 'Glutathione synthetase'
2 non-polymer "ADENOSINE-5'-DIPHOSPHATE"
3 non-polymer GAMMA-GLUTAMYLCYSTEINE
4 non-polymer 'MAGNESIUM ION'
5 water water
#
_entity_poly.entity_id   1
_entity_poly.type   'polypeptide(L)'
_entity_poly.pdbx_seq_one_letter_code
;MQTQVEDSAKPIVDPHDIDPKLVQKLANDALVWCSLRGLLVGDRNSERSGTVPGVDMVHAPVALIPMSFPESHWKQACEV
APIFNELVDRVSQDGEFLQQSLSRTRKVDPFTSRLLEIHSKMLEINKIEEIRLGLHRSDYMLDEQTKLLLQIELNTISSS
FPGLSCLVSELHRSLLQQYREDIASDPNRIPANNAVNQFAEALAKAWNEYGDPRAVIMFAVQAEERNMYDQHWLSASLRE
RHQVTTIRKTLAEIDALGELQQDGTLVVDGQAVAVIYFRAGYAPSDYNSESEWKARLLMEQSRAVKCPSISYHLAGSKKI
QQELAKPNVLERFLENKDDIAKLRKCFAGLWSLDESDIVKDAIDRPELYVMKPQREGGGNNIYGEDVRDALLKLQKEGTG
SDAAYILMQRIFPKISHSILMREGISHKEQTISELGIYGTYLRNKTEVVINQQAGYLMRTKVSSSNEGGVAAGFAVLDSI
YLV
;
_entity_poly.pdbx_strand_id   A,B,C,D,E,F
#
loop_
_chem_comp.id
_chem_comp.type
_chem_comp.name
_chem_comp.formula
3GC non-polymer GAMMA-GLUTAMYLCYSTEINE 'C8 H14 N2 O5 S'
ADP non-polymer ADENOSINE-5'-DIPHOSPHATE 'C10 H15 N5 O10 P2'
MG non-polymer 'MAGNESIUM ION' 'Mg 2'
#
# COMPACT_ATOMS: atom_id res chain seq x y z
N ASP A 14 -34.13 -6.93 -13.29
CA ASP A 14 -34.38 -7.90 -14.40
C ASP A 14 -33.62 -7.42 -15.66
N PRO A 15 -32.54 -8.14 -16.06
CA PRO A 15 -31.73 -7.69 -17.21
C PRO A 15 -32.47 -7.50 -18.55
N HIS A 16 -33.54 -8.27 -18.77
CA HIS A 16 -34.32 -8.15 -20.01
C HIS A 16 -35.12 -6.84 -20.11
N ASP A 17 -35.39 -6.20 -18.97
CA ASP A 17 -36.04 -4.86 -18.93
C ASP A 17 -35.10 -3.68 -19.21
N ILE A 18 -33.80 -3.91 -19.24
CA ILE A 18 -32.83 -2.83 -19.48
C ILE A 18 -32.98 -2.33 -20.93
N ASP A 19 -33.05 -1.01 -21.08
CA ASP A 19 -33.12 -0.36 -22.38
C ASP A 19 -31.97 -0.84 -23.31
N PRO A 20 -32.25 -1.16 -24.60
CA PRO A 20 -31.16 -1.59 -25.52
C PRO A 20 -29.99 -0.60 -25.73
N LYS A 21 -30.25 0.71 -25.63
CA LYS A 21 -29.18 1.71 -25.63
C LYS A 21 -28.20 1.56 -24.47
N LEU A 22 -28.73 1.30 -23.28
CA LEU A 22 -27.92 1.04 -22.07
C LEU A 22 -27.21 -0.32 -22.13
N VAL A 23 -27.85 -1.34 -22.71
CA VAL A 23 -27.20 -2.64 -22.91
C VAL A 23 -25.97 -2.48 -23.80
N GLN A 24 -26.11 -1.74 -24.90
CA GLN A 24 -25.00 -1.51 -25.82
C GLN A 24 -23.80 -0.81 -25.13
N LYS A 25 -24.08 0.22 -24.32
CA LYS A 25 -23.02 0.93 -23.58
C LYS A 25 -22.32 0.02 -22.56
N LEU A 26 -23.11 -0.77 -21.82
CA LEU A 26 -22.58 -1.76 -20.90
C LEU A 26 -21.72 -2.78 -21.63
N ALA A 27 -22.21 -3.24 -22.77
CA ALA A 27 -21.52 -4.24 -23.58
C ALA A 27 -20.15 -3.72 -24.02
N ASN A 28 -20.12 -2.51 -24.58
CA ASN A 28 -18.87 -1.91 -25.02
C ASN A 28 -17.86 -1.75 -23.87
N ASP A 29 -18.33 -1.24 -22.74
CA ASP A 29 -17.47 -1.11 -21.56
C ASP A 29 -16.98 -2.45 -21.05
N ALA A 30 -17.83 -3.48 -21.08
CA ALA A 30 -17.41 -4.83 -20.68
C ALA A 30 -16.33 -5.39 -21.60
N LEU A 31 -16.53 -5.22 -22.91
CA LEU A 31 -15.58 -5.68 -23.92
C LEU A 31 -14.22 -4.98 -23.81
N VAL A 32 -14.23 -3.67 -23.60
CA VAL A 32 -13.00 -2.88 -23.39
C VAL A 32 -12.24 -3.40 -22.16
N TRP A 33 -12.96 -3.53 -21.06
CA TRP A 33 -12.38 -3.99 -19.79
C TRP A 33 -11.68 -5.34 -19.95
N CYS A 34 -12.37 -6.31 -20.56
CA CYS A 34 -11.80 -7.63 -20.85
C CYS A 34 -10.49 -7.55 -21.65
N SER A 35 -10.48 -6.67 -22.65
CA SER A 35 -9.32 -6.47 -23.51
C SER A 35 -8.10 -5.92 -22.77
N LEU A 36 -8.33 -5.02 -21.84
CA LEU A 36 -7.24 -4.38 -21.11
C LEU A 36 -6.75 -5.21 -19.93
N ARG A 37 -7.56 -6.15 -19.47
CA ARG A 37 -7.30 -6.82 -18.20
C ARG A 37 -7.10 -8.33 -18.33
N GLY A 38 -6.86 -8.80 -19.57
CA GLY A 38 -6.51 -10.20 -19.80
C GLY A 38 -7.59 -11.24 -19.59
N LEU A 39 -8.86 -10.86 -19.77
CA LEU A 39 -9.98 -11.79 -19.63
C LEU A 39 -10.30 -12.32 -21.02
N LEU A 40 -9.42 -13.18 -21.52
CA LEU A 40 -9.37 -13.54 -22.93
C LEU A 40 -9.32 -15.03 -23.15
N VAL A 41 -9.78 -15.44 -24.32
CA VAL A 41 -9.60 -16.79 -24.84
C VAL A 41 -9.13 -16.69 -26.29
N GLY A 42 -8.61 -17.80 -26.81
CA GLY A 42 -8.33 -17.91 -28.25
C GLY A 42 -9.63 -18.02 -29.03
N ASP A 43 -9.72 -17.35 -30.16
CA ASP A 43 -10.93 -17.38 -30.99
C ASP A 43 -11.19 -18.78 -31.52
N ARG A 44 -12.45 -19.23 -31.49
CA ARG A 44 -12.79 -20.60 -31.90
C ARG A 44 -12.61 -20.82 -33.42
N ASN A 45 -12.68 -19.75 -34.22
CA ASN A 45 -12.53 -19.83 -35.68
C ASN A 45 -11.10 -19.58 -36.19
N SER A 46 -10.09 -19.84 -35.36
CA SER A 46 -8.69 -19.64 -35.73
C SER A 46 -7.92 -20.95 -35.54
N GLU A 47 -7.14 -21.31 -36.54
CA GLU A 47 -6.23 -22.46 -36.46
C GLU A 47 -5.01 -22.18 -35.56
N ARG A 48 -4.70 -20.91 -35.27
CA ARG A 48 -3.54 -20.52 -34.48
C ARG A 48 -3.82 -20.21 -33.00
N SER A 49 -5.06 -19.84 -32.68
CA SER A 49 -5.37 -19.21 -31.37
C SER A 49 -5.14 -20.11 -30.17
N GLY A 50 -5.19 -21.42 -30.39
CA GLY A 50 -4.88 -22.41 -29.37
C GLY A 50 -3.43 -22.84 -29.26
N THR A 51 -2.57 -22.45 -30.21
CA THR A 51 -1.12 -22.80 -30.17
C THR A 51 -0.18 -21.61 -30.06
N VAL A 52 -0.54 -20.46 -30.64
CA VAL A 52 0.33 -19.29 -30.62
C VAL A 52 -0.32 -18.25 -29.70
N PRO A 53 0.35 -17.94 -28.57
CA PRO A 53 -0.19 -16.90 -27.69
C PRO A 53 -0.10 -15.52 -28.32
N GLY A 54 -1.02 -14.64 -27.94
CA GLY A 54 -1.03 -13.27 -28.43
C GLY A 54 -1.60 -13.05 -29.82
N VAL A 55 -2.23 -14.06 -30.42
CA VAL A 55 -2.88 -13.91 -31.74
C VAL A 55 -4.30 -14.44 -31.72
N ASP A 56 -5.16 -13.80 -32.52
CA ASP A 56 -6.56 -14.21 -32.72
C ASP A 56 -7.27 -14.43 -31.39
N MET A 57 -7.28 -13.35 -30.60
CA MET A 57 -7.85 -13.36 -29.27
C MET A 57 -9.18 -12.65 -29.28
N VAL A 58 -10.02 -13.05 -28.34
CA VAL A 58 -11.36 -12.54 -28.19
C VAL A 58 -11.66 -12.57 -26.71
N HIS A 59 -12.54 -11.67 -26.26
CA HIS A 59 -12.95 -11.67 -24.87
C HIS A 59 -13.55 -13.04 -24.50
N ALA A 60 -13.31 -13.44 -23.26
CA ALA A 60 -13.93 -14.63 -22.74
C ALA A 60 -15.44 -14.44 -22.78
N PRO A 61 -16.20 -15.50 -23.13
CA PRO A 61 -17.65 -15.36 -23.03
C PRO A 61 -18.08 -15.07 -21.60
N VAL A 62 -18.84 -13.99 -21.41
CA VAL A 62 -19.22 -13.54 -20.07
C VAL A 62 -20.67 -13.08 -20.03
N ALA A 63 -21.26 -13.21 -18.85
CA ALA A 63 -22.50 -12.52 -18.52
C ALA A 63 -22.18 -11.03 -18.36
N LEU A 64 -23.11 -10.20 -18.79
CA LEU A 64 -22.97 -8.76 -18.69
C LEU A 64 -23.32 -8.27 -17.28
N ILE A 65 -24.21 -8.99 -16.61
CA ILE A 65 -24.70 -8.63 -15.27
C ILE A 65 -24.45 -9.83 -14.36
N PRO A 66 -24.04 -9.59 -13.09
CA PRO A 66 -23.86 -10.72 -12.19
C PRO A 66 -25.18 -11.44 -11.83
N MET A 67 -25.07 -12.73 -11.54
CA MET A 67 -26.24 -13.56 -11.21
C MET A 67 -26.61 -13.41 -9.72
N SER A 68 -27.87 -13.15 -9.44
CA SER A 68 -28.37 -13.16 -8.04
C SER A 68 -28.30 -14.54 -7.41
N PHE A 69 -27.77 -14.59 -6.19
CA PHE A 69 -27.59 -15.85 -5.48
C PHE A 69 -27.70 -15.62 -3.97
N PRO A 70 -28.49 -16.45 -3.25
CA PRO A 70 -28.64 -16.24 -1.80
C PRO A 70 -27.34 -16.42 -1.00
N GLU A 71 -27.03 -15.47 -0.11
CA GLU A 71 -25.83 -15.51 0.73
C GLU A 71 -25.78 -16.76 1.63
N SER A 72 -26.94 -17.19 2.16
CA SER A 72 -26.98 -18.37 3.01
C SER A 72 -26.38 -19.59 2.32
N HIS A 73 -26.76 -19.78 1.04
CA HIS A 73 -26.29 -20.94 0.29
C HIS A 73 -24.84 -20.78 -0.17
N TRP A 74 -24.45 -19.54 -0.45
CA TRP A 74 -23.04 -19.23 -0.71
C TRP A 74 -22.18 -19.64 0.47
N LYS A 75 -22.60 -19.21 1.67
CA LYS A 75 -21.89 -19.57 2.91
C LYS A 75 -21.84 -21.06 3.17
N GLN A 76 -22.93 -21.77 2.91
CA GLN A 76 -22.97 -23.23 3.04
C GLN A 76 -21.89 -23.86 2.15
N ALA A 77 -21.83 -23.42 0.89
CA ALA A 77 -20.86 -23.93 -0.08
C ALA A 77 -19.39 -23.68 0.35
N CYS A 78 -19.11 -22.50 0.88
CA CYS A 78 -17.76 -22.17 1.40
C CYS A 78 -17.38 -22.97 2.64
N GLU A 79 -18.35 -23.22 3.50
CA GLU A 79 -18.13 -23.93 4.77
C GLU A 79 -17.76 -25.41 4.58
N VAL A 80 -18.36 -26.09 3.60
CA VAL A 80 -18.01 -27.50 3.30
C VAL A 80 -16.74 -27.70 2.49
N ALA A 81 -16.20 -26.62 1.87
CA ALA A 81 -15.00 -26.76 1.04
C ALA A 81 -13.83 -27.44 1.75
N PRO A 82 -13.47 -26.98 2.97
CA PRO A 82 -12.36 -27.67 3.66
C PRO A 82 -12.65 -29.10 4.12
N ILE A 83 -13.93 -29.46 4.26
CA ILE A 83 -14.31 -30.82 4.63
C ILE A 83 -14.14 -31.76 3.43
N PHE A 84 -14.60 -31.34 2.26
CA PHE A 84 -14.34 -32.06 1.00
C PHE A 84 -12.84 -32.23 0.72
N ASN A 85 -12.06 -31.17 0.97
CA ASN A 85 -10.61 -31.22 0.77
C ASN A 85 -9.95 -32.32 1.61
N GLU A 86 -10.31 -32.37 2.89
CA GLU A 86 -9.82 -33.40 3.82
C GLU A 86 -10.33 -34.79 3.38
N LEU A 87 -11.59 -34.86 2.95
CA LEU A 87 -12.19 -36.11 2.51
C LEU A 87 -11.48 -36.69 1.30
N VAL A 88 -11.22 -35.86 0.31
CA VAL A 88 -10.48 -36.29 -0.89
C VAL A 88 -9.14 -36.90 -0.49
N ASP A 89 -8.44 -36.24 0.43
CA ASP A 89 -7.15 -36.74 0.89
C ASP A 89 -7.24 -38.11 1.58
N ARG A 90 -8.21 -38.26 2.48
CA ARG A 90 -8.38 -39.52 3.21
C ARG A 90 -8.89 -40.66 2.35
N VAL A 91 -9.78 -40.37 1.40
CA VAL A 91 -10.25 -41.35 0.43
C VAL A 91 -9.10 -41.87 -0.45
N SER A 92 -8.23 -40.94 -0.87
CA SER A 92 -7.11 -41.25 -1.76
C SER A 92 -6.05 -42.17 -1.10
N GLN A 93 -5.89 -42.04 0.22
CA GLN A 93 -4.97 -42.90 0.98
C GLN A 93 -5.44 -44.35 1.14
N ASP A 94 -6.74 -44.59 0.96
CA ASP A 94 -7.32 -45.93 1.09
C ASP A 94 -7.30 -46.61 -0.29
N GLY A 95 -6.12 -47.06 -0.69
CA GLY A 95 -5.91 -47.65 -2.02
C GLY A 95 -6.88 -48.76 -2.38
N GLU A 96 -7.17 -49.62 -1.42
CA GLU A 96 -8.06 -50.76 -1.64
C GLU A 96 -9.51 -50.33 -1.84
N PHE A 97 -9.91 -49.22 -1.21
CA PHE A 97 -11.25 -48.65 -1.42
C PHE A 97 -11.45 -48.16 -2.84
N LEU A 98 -10.45 -47.52 -3.41
CA LEU A 98 -10.50 -47.04 -4.79
C LEU A 98 -10.56 -48.20 -5.77
N GLN A 99 -9.70 -49.20 -5.58
CA GLN A 99 -9.68 -50.42 -6.42
C GLN A 99 -11.01 -51.20 -6.36
N GLN A 100 -11.57 -51.39 -5.16
CA GLN A 100 -12.86 -52.08 -4.97
C GLN A 100 -14.03 -51.31 -5.63
N SER A 101 -14.14 -50.01 -5.36
CA SER A 101 -15.21 -49.17 -5.89
C SER A 101 -15.28 -49.14 -7.42
N LEU A 102 -14.11 -49.11 -8.05
CA LEU A 102 -14.00 -48.94 -9.51
C LEU A 102 -13.80 -50.26 -10.30
N SER A 103 -13.87 -51.41 -9.64
CA SER A 103 -13.60 -52.70 -10.30
C SER A 103 -14.64 -53.12 -11.36
N ARG A 104 -15.89 -52.66 -11.24
CA ARG A 104 -16.91 -52.86 -12.30
C ARG A 104 -16.71 -51.87 -13.44
N THR A 105 -16.30 -50.64 -13.12
CA THR A 105 -16.02 -49.64 -14.13
C THR A 105 -14.90 -50.06 -15.09
N ARG A 106 -13.87 -50.74 -14.58
CA ARG A 106 -12.68 -51.03 -15.39
C ARG A 106 -12.90 -52.03 -16.52
N LYS A 107 -13.82 -52.98 -16.36
CA LYS A 107 -14.19 -53.90 -17.46
C LYS A 107 -14.90 -53.21 -18.65
N VAL A 108 -15.57 -52.08 -18.41
CA VAL A 108 -16.34 -51.40 -19.48
C VAL A 108 -15.70 -50.08 -19.95
N ASP A 109 -14.86 -49.44 -19.13
CA ASP A 109 -14.17 -48.19 -19.50
C ASP A 109 -12.64 -48.41 -19.56
N PRO A 110 -12.07 -48.52 -20.78
CA PRO A 110 -10.62 -48.72 -20.94
C PRO A 110 -9.73 -47.63 -20.32
N PHE A 111 -10.22 -46.39 -20.29
CA PHE A 111 -9.48 -45.26 -19.73
C PHE A 111 -9.27 -45.39 -18.22
N THR A 112 -10.37 -45.66 -17.49
CA THR A 112 -10.32 -45.85 -16.03
C THR A 112 -9.45 -47.07 -15.67
N SER A 113 -9.54 -48.12 -16.47
CA SER A 113 -8.74 -49.34 -16.27
C SER A 113 -7.24 -49.05 -16.27
N ARG A 114 -6.80 -48.26 -17.23
CA ARG A 114 -5.41 -47.84 -17.32
C ARG A 114 -4.95 -46.93 -16.19
N LEU A 115 -5.84 -46.05 -15.73
CA LEU A 115 -5.56 -45.24 -14.54
C LEU A 115 -5.39 -46.13 -13.31
N LEU A 116 -6.25 -47.14 -13.19
CA LEU A 116 -6.15 -48.13 -12.11
C LEU A 116 -4.90 -49.00 -12.21
N GLU A 117 -4.44 -49.30 -13.43
CA GLU A 117 -3.15 -49.99 -13.63
C GLU A 117 -1.99 -49.22 -13.03
N ILE A 118 -1.97 -47.92 -13.27
CA ILE A 118 -0.92 -47.05 -12.75
C ILE A 118 -0.99 -47.02 -11.22
N HIS A 119 -2.21 -46.92 -10.69
CA HIS A 119 -2.42 -46.95 -9.24
C HIS A 119 -1.92 -48.26 -8.64
N SER A 120 -2.31 -49.38 -9.27
CA SER A 120 -1.85 -50.72 -8.88
C SER A 120 -0.33 -50.82 -8.83
N LYS A 121 0.34 -50.29 -9.84
CA LYS A 121 1.81 -50.28 -9.90
C LYS A 121 2.43 -49.45 -8.78
N MET A 122 1.79 -48.34 -8.41
CA MET A 122 2.26 -47.53 -7.29
C MET A 122 2.08 -48.25 -5.96
N LEU A 123 0.99 -49.00 -5.79
CA LEU A 123 0.81 -49.82 -4.58
C LEU A 123 1.77 -51.03 -4.51
N GLU A 124 2.10 -51.62 -5.66
CA GLU A 124 3.08 -52.72 -5.76
C GLU A 124 4.49 -52.39 -5.25
N ILE A 125 4.90 -51.13 -5.38
CA ILE A 125 6.26 -50.70 -4.98
C ILE A 125 6.21 -49.83 -3.69
N ASN A 126 5.09 -49.85 -2.97
CA ASN A 126 4.84 -48.99 -1.80
C ASN A 126 5.26 -47.53 -2.01
N LYS A 127 4.78 -46.94 -3.11
CA LYS A 127 4.98 -45.53 -3.40
C LYS A 127 4.21 -44.71 -2.39
N ILE A 128 4.88 -43.73 -1.81
CA ILE A 128 4.31 -42.84 -0.81
C ILE A 128 4.40 -41.42 -1.40
N GLU A 129 3.30 -40.68 -1.33
CA GLU A 129 3.32 -39.25 -1.61
C GLU A 129 3.27 -38.57 -0.24
N GLU A 130 4.43 -38.10 0.21
CA GLU A 130 4.53 -37.39 1.49
C GLU A 130 3.97 -35.97 1.40
N ILE A 131 4.14 -35.34 0.24
CA ILE A 131 3.58 -34.02 -0.02
C ILE A 131 2.43 -34.17 -1.00
N ARG A 132 1.23 -33.82 -0.56
CA ARG A 132 0.01 -34.01 -1.36
C ARG A 132 -0.70 -32.67 -1.55
N LEU A 133 -0.91 -32.31 -2.82
CA LEU A 133 -1.50 -31.05 -3.22
C LEU A 133 -2.82 -31.30 -3.95
N GLY A 134 -3.86 -30.61 -3.49
CA GLY A 134 -5.18 -30.64 -4.12
C GLY A 134 -5.59 -29.25 -4.55
N LEU A 135 -5.93 -29.13 -5.83
CA LEU A 135 -6.50 -27.92 -6.38
C LEU A 135 -7.87 -28.30 -6.94
N HIS A 136 -8.87 -28.21 -6.08
CA HIS A 136 -10.20 -28.74 -6.36
C HIS A 136 -11.22 -27.64 -6.75
N ARG A 137 -12.30 -28.06 -7.38
CA ARG A 137 -13.51 -27.24 -7.51
C ARG A 137 -14.73 -28.11 -7.28
N SER A 138 -15.56 -27.71 -6.31
CA SER A 138 -16.81 -28.39 -6.03
C SER A 138 -17.94 -27.59 -6.69
N ASP A 139 -18.73 -28.27 -7.52
CA ASP A 139 -19.77 -27.65 -8.33
C ASP A 139 -21.16 -27.92 -7.77
N TYR A 140 -21.98 -26.86 -7.68
CA TYR A 140 -23.31 -26.91 -7.05
C TYR A 140 -24.37 -26.35 -7.96
N MET A 141 -25.60 -26.85 -7.79
CA MET A 141 -26.80 -26.24 -8.35
C MET A 141 -27.78 -26.00 -7.23
N LEU A 142 -28.54 -24.91 -7.33
CA LEU A 142 -29.55 -24.57 -6.35
C LEU A 142 -30.91 -25.01 -6.90
N ASP A 143 -31.52 -26.00 -6.27
CA ASP A 143 -32.87 -26.48 -6.64
C ASP A 143 -33.92 -25.40 -6.30
N GLU A 144 -34.68 -24.96 -7.29
CA GLU A 144 -35.72 -23.94 -7.12
C GLU A 144 -36.80 -24.33 -6.08
N GLN A 145 -37.32 -25.55 -6.17
CA GLN A 145 -38.48 -25.96 -5.39
C GLN A 145 -38.13 -26.24 -3.91
N THR A 146 -37.07 -27.01 -3.68
CA THR A 146 -36.65 -27.37 -2.32
C THR A 146 -35.73 -26.33 -1.67
N LYS A 147 -35.19 -25.41 -2.47
CA LYS A 147 -34.21 -24.40 -2.03
C LYS A 147 -32.94 -25.02 -1.41
N LEU A 148 -32.49 -26.15 -1.96
CA LEU A 148 -31.29 -26.83 -1.49
C LEU A 148 -30.10 -26.64 -2.43
N LEU A 149 -28.96 -26.27 -1.86
CA LEU A 149 -27.69 -26.30 -2.56
C LEU A 149 -27.26 -27.76 -2.62
N LEU A 150 -27.11 -28.30 -3.83
CA LEU A 150 -26.80 -29.70 -4.03
C LEU A 150 -25.59 -29.87 -4.93
N GLN A 151 -24.63 -30.70 -4.50
CA GLN A 151 -23.42 -30.95 -5.28
C GLN A 151 -23.70 -31.74 -6.56
N ILE A 152 -23.23 -31.19 -7.68
CA ILE A 152 -23.25 -31.86 -8.99
C ILE A 152 -21.98 -32.69 -9.22
N GLU A 153 -20.83 -32.16 -8.83
CA GLU A 153 -19.59 -32.93 -8.86
C GLU A 153 -18.45 -32.32 -8.07
N LEU A 154 -17.40 -33.12 -7.91
CA LEU A 154 -16.16 -32.70 -7.30
C LEU A 154 -15.01 -32.96 -8.28
N ASN A 155 -14.37 -31.87 -8.74
CA ASN A 155 -13.23 -31.96 -9.66
C ASN A 155 -11.93 -32.00 -8.90
N THR A 156 -11.19 -33.10 -9.05
CA THR A 156 -9.84 -33.22 -8.51
C THR A 156 -8.74 -33.02 -9.57
N ILE A 157 -9.12 -32.84 -10.84
CA ILE A 157 -8.13 -32.70 -11.92
C ILE A 157 -8.51 -31.58 -12.86
N SER A 158 -7.52 -30.73 -13.17
CA SER A 158 -7.64 -29.68 -14.18
C SER A 158 -8.85 -28.77 -13.97
N SER A 159 -8.99 -28.25 -12.75
CA SER A 159 -10.08 -27.35 -12.41
C SER A 159 -9.91 -26.01 -13.12
N SER A 160 -10.74 -25.79 -14.14
CA SER A 160 -10.66 -24.59 -14.98
C SER A 160 -11.13 -23.32 -14.30
N PHE A 161 -10.58 -22.21 -14.80
CA PHE A 161 -11.04 -20.84 -14.55
C PHE A 161 -10.64 -20.12 -13.25
N PRO A 162 -9.65 -20.65 -12.47
CA PRO A 162 -9.25 -19.78 -11.34
C PRO A 162 -8.71 -18.42 -11.80
N GLY A 163 -7.95 -18.40 -12.90
CA GLY A 163 -7.49 -17.16 -13.51
C GLY A 163 -8.62 -16.23 -13.94
N LEU A 164 -9.51 -16.74 -14.77
CA LEU A 164 -10.54 -15.91 -15.40
C LEU A 164 -11.70 -15.55 -14.49
N SER A 165 -12.12 -16.46 -13.60
CA SER A 165 -13.27 -16.19 -12.72
C SER A 165 -13.03 -15.00 -11.80
N CYS A 166 -11.80 -14.87 -11.29
CA CYS A 166 -11.36 -13.67 -10.55
C CYS A 166 -11.60 -12.38 -11.31
N LEU A 167 -11.25 -12.38 -12.58
CA LEU A 167 -11.43 -11.20 -13.43
C LEU A 167 -12.89 -10.87 -13.66
N VAL A 168 -13.74 -11.89 -13.80
CA VAL A 168 -15.18 -11.66 -14.04
C VAL A 168 -15.81 -10.94 -12.83
N SER A 169 -15.41 -11.31 -11.61
CA SER A 169 -15.84 -10.59 -10.40
C SER A 169 -15.49 -9.12 -10.45
N GLU A 170 -14.25 -8.81 -10.79
CA GLU A 170 -13.79 -7.42 -10.95
C GLU A 170 -14.51 -6.72 -12.08
N LEU A 171 -14.71 -7.41 -13.20
CA LEU A 171 -15.45 -6.86 -14.34
C LEU A 171 -16.82 -6.37 -13.88
N HIS A 172 -17.56 -7.25 -13.23
CA HIS A 172 -18.92 -6.92 -12.79
C HIS A 172 -18.95 -5.82 -11.72
N ARG A 173 -18.03 -5.89 -10.77
CA ARG A 173 -17.90 -4.84 -9.77
C ARG A 173 -17.61 -3.48 -10.39
N SER A 174 -16.74 -3.42 -11.38
CA SER A 174 -16.42 -2.15 -12.09
C SER A 174 -17.59 -1.62 -12.91
N LEU A 175 -18.30 -2.51 -13.61
CA LEU A 175 -19.49 -2.11 -14.36
C LEU A 175 -20.58 -1.55 -13.46
N LEU A 176 -20.89 -2.25 -12.38
CA LEU A 176 -21.89 -1.77 -11.43
C LEU A 176 -21.49 -0.44 -10.79
N GLN A 177 -20.20 -0.28 -10.48
CA GLN A 177 -19.66 1.01 -9.98
C GLN A 177 -19.79 2.11 -11.01
N GLN A 178 -19.44 1.82 -12.25
CA GLN A 178 -19.50 2.82 -13.32
C GLN A 178 -20.95 3.26 -13.63
N TYR A 179 -21.90 2.33 -13.52
CA TYR A 179 -23.30 2.60 -13.89
C TYR A 179 -24.26 2.72 -12.71
N ARG A 180 -23.79 3.27 -11.59
CA ARG A 180 -24.65 3.45 -10.39
C ARG A 180 -25.83 4.37 -10.63
N GLU A 181 -25.65 5.38 -11.48
CA GLU A 181 -26.72 6.28 -11.89
C GLU A 181 -27.84 5.63 -12.73
N ASP A 182 -27.51 4.54 -13.44
CA ASP A 182 -28.41 3.88 -14.38
C ASP A 182 -28.98 2.55 -13.88
N ILE A 183 -28.17 1.81 -13.11
CA ILE A 183 -28.60 0.54 -12.50
C ILE A 183 -28.48 0.69 -10.98
N ALA A 184 -29.57 0.40 -10.28
CA ALA A 184 -29.59 0.39 -8.82
C ALA A 184 -28.95 -0.90 -8.31
N SER A 185 -27.81 -0.77 -7.62
CA SER A 185 -27.08 -1.91 -7.08
C SER A 185 -26.19 -1.52 -5.90
N ASP A 186 -25.73 -2.52 -5.15
CA ASP A 186 -24.58 -2.38 -4.26
C ASP A 186 -23.48 -3.28 -4.81
N PRO A 187 -22.40 -2.68 -5.37
CA PRO A 187 -21.23 -3.45 -5.86
C PRO A 187 -20.53 -4.35 -4.83
N ASN A 188 -20.61 -3.98 -3.54
CA ASN A 188 -20.06 -4.81 -2.47
C ASN A 188 -20.79 -6.15 -2.28
N ARG A 189 -21.98 -6.31 -2.85
CA ARG A 189 -22.65 -7.61 -2.88
C ARG A 189 -21.96 -8.66 -3.76
N ILE A 190 -21.05 -8.22 -4.63
CA ILE A 190 -20.19 -9.17 -5.35
C ILE A 190 -19.02 -9.53 -4.42
N PRO A 191 -18.93 -10.80 -3.99
CA PRO A 191 -17.88 -11.12 -3.02
C PRO A 191 -16.50 -11.17 -3.65
N ALA A 192 -15.48 -10.90 -2.82
CA ALA A 192 -14.10 -10.91 -3.25
C ALA A 192 -13.73 -12.32 -3.73
N ASN A 193 -12.96 -12.38 -4.82
CA ASN A 193 -12.61 -13.63 -5.46
C ASN A 193 -11.13 -13.56 -5.77
N ASN A 194 -10.33 -14.33 -5.03
CA ASN A 194 -8.88 -14.29 -5.18
C ASN A 194 -8.32 -15.66 -5.56
N ALA A 195 -9.07 -16.43 -6.34
CA ALA A 195 -8.73 -17.83 -6.59
C ALA A 195 -7.38 -18.06 -7.26
N VAL A 196 -7.05 -17.21 -8.23
CA VAL A 196 -5.79 -17.36 -8.96
C VAL A 196 -4.57 -17.22 -8.05
N ASN A 197 -4.62 -16.28 -7.11
CA ASN A 197 -3.49 -16.04 -6.21
C ASN A 197 -3.44 -17.07 -5.07
N GLN A 198 -4.59 -17.59 -4.67
CA GLN A 198 -4.63 -18.64 -3.66
C GLN A 198 -4.18 -19.99 -4.25
N PHE A 199 -4.55 -20.25 -5.51
CA PHE A 199 -4.01 -21.39 -6.24
C PHE A 199 -2.49 -21.29 -6.44
N ALA A 200 -2.03 -20.10 -6.84
CA ALA A 200 -0.59 -19.82 -6.99
C ALA A 200 0.17 -20.01 -5.68
N GLU A 201 -0.39 -19.51 -4.58
CA GLU A 201 0.22 -19.67 -3.28
C GLU A 201 0.38 -21.14 -2.85
N ALA A 202 -0.65 -21.94 -3.09
CA ALA A 202 -0.64 -23.36 -2.77
C ALA A 202 0.41 -24.12 -3.61
N LEU A 203 0.47 -23.80 -4.90
CA LEU A 203 1.52 -24.35 -5.78
C LEU A 203 2.92 -23.93 -5.32
N ALA A 204 3.06 -22.68 -4.90
CA ALA A 204 4.33 -22.15 -4.40
C ALA A 204 4.77 -22.80 -3.09
N LYS A 205 3.82 -22.98 -2.15
CA LYS A 205 4.13 -23.69 -0.89
C LYS A 205 4.46 -25.15 -1.12
N ALA A 206 3.80 -25.77 -2.10
CA ALA A 206 4.12 -27.16 -2.48
C ALA A 206 5.57 -27.25 -2.98
N TRP A 207 5.92 -26.34 -3.89
CA TRP A 207 7.29 -26.18 -4.37
C TRP A 207 8.28 -25.93 -3.22
N ASN A 208 7.87 -25.10 -2.26
CA ASN A 208 8.68 -24.83 -1.08
C ASN A 208 8.90 -26.06 -0.20
N GLU A 209 7.86 -26.87 0.00
CA GLU A 209 7.98 -28.12 0.78
C GLU A 209 8.92 -29.13 0.10
N TYR A 210 8.90 -29.14 -1.23
CA TYR A 210 9.80 -29.99 -2.03
C TYR A 210 11.28 -29.65 -1.77
N GLY A 211 11.59 -28.37 -1.61
CA GLY A 211 12.88 -27.91 -1.09
C GLY A 211 14.06 -27.73 -2.04
N ASP A 212 13.78 -27.63 -3.34
CA ASP A 212 14.81 -27.44 -4.38
C ASP A 212 14.65 -26.02 -4.97
N PRO A 213 15.56 -25.08 -4.63
CA PRO A 213 15.42 -23.72 -5.15
C PRO A 213 15.63 -23.55 -6.66
N ARG A 214 16.26 -24.55 -7.32
CA ARG A 214 16.41 -24.55 -8.78
C ARG A 214 15.25 -25.24 -9.54
N ALA A 215 14.37 -25.95 -8.83
CA ALA A 215 13.31 -26.72 -9.46
C ALA A 215 12.18 -25.83 -9.98
N VAL A 216 11.40 -26.40 -10.91
CA VAL A 216 10.30 -25.70 -11.58
C VAL A 216 8.98 -26.42 -11.32
N ILE A 217 7.88 -25.69 -11.52
CA ILE A 217 6.54 -26.27 -11.56
C ILE A 217 6.23 -26.52 -13.03
N MET A 218 5.91 -27.76 -13.39
CA MET A 218 5.55 -28.11 -14.76
C MET A 218 4.04 -28.15 -14.91
N PHE A 219 3.53 -27.46 -15.93
CA PHE A 219 2.13 -27.54 -16.31
C PHE A 219 2.05 -28.61 -17.39
N ALA A 220 1.29 -29.67 -17.14
CA ALA A 220 1.00 -30.66 -18.17
C ALA A 220 -0.23 -30.20 -18.94
N VAL A 221 -0.04 -29.85 -20.22
CA VAL A 221 -1.05 -29.12 -21.00
C VAL A 221 -1.41 -29.83 -22.30
N GLN A 222 -2.49 -29.39 -22.93
CA GLN A 222 -2.92 -29.96 -24.21
C GLN A 222 -2.18 -29.32 -25.36
N ALA A 223 -2.07 -30.05 -26.46
CA ALA A 223 -1.35 -29.56 -27.66
C ALA A 223 -2.02 -28.31 -28.24
N GLU A 224 -3.36 -28.30 -28.23
CA GLU A 224 -4.14 -27.12 -28.61
C GLU A 224 -4.93 -26.69 -27.39
N GLU A 225 -4.83 -25.40 -27.01
CA GLU A 225 -5.48 -24.89 -25.82
C GLU A 225 -5.94 -23.44 -25.96
N ARG A 226 -7.21 -23.26 -26.34
CA ARG A 226 -7.79 -21.92 -26.47
C ARG A 226 -8.09 -21.26 -25.13
N ASN A 227 -8.02 -22.03 -24.04
CA ASN A 227 -8.10 -21.46 -22.70
C ASN A 227 -6.70 -21.28 -22.06
N MET A 228 -5.68 -21.03 -22.88
CA MET A 228 -4.30 -20.88 -22.38
C MET A 228 -4.11 -19.69 -21.42
N TYR A 229 -4.88 -18.62 -21.62
CA TYR A 229 -4.67 -17.40 -20.86
C TYR A 229 -5.08 -17.57 -19.40
N ASP A 230 -6.12 -18.37 -19.16
CA ASP A 230 -6.47 -18.84 -17.81
C ASP A 230 -5.30 -19.51 -17.09
N GLN A 231 -4.60 -20.39 -17.81
CA GLN A 231 -3.45 -21.12 -17.28
C GLN A 231 -2.25 -20.17 -17.08
N HIS A 232 -2.02 -19.31 -18.06
CA HIS A 232 -0.93 -18.34 -17.98
C HIS A 232 -1.09 -17.34 -16.84
N TRP A 233 -2.32 -17.02 -16.46
CA TRP A 233 -2.55 -16.20 -15.26
C TRP A 233 -1.97 -16.85 -14.00
N LEU A 234 -2.07 -18.18 -13.89
CA LEU A 234 -1.46 -18.90 -12.77
C LEU A 234 0.05 -18.80 -12.78
N SER A 235 0.66 -19.09 -13.93
CA SER A 235 2.12 -19.01 -14.04
C SER A 235 2.67 -17.59 -13.89
N ALA A 236 1.89 -16.58 -14.31
CA ALA A 236 2.24 -15.17 -14.07
C ALA A 236 2.24 -14.85 -12.58
N SER A 237 1.24 -15.34 -11.86
CA SER A 237 1.18 -15.19 -10.41
C SER A 237 2.34 -15.93 -9.70
N LEU A 238 2.71 -17.11 -10.21
CA LEU A 238 3.83 -17.86 -9.65
C LEU A 238 5.16 -17.12 -9.83
N ARG A 239 5.40 -16.58 -11.02
CA ARG A 239 6.64 -15.87 -11.33
C ARG A 239 6.72 -14.54 -10.59
N GLU A 240 5.67 -13.73 -10.68
CA GLU A 240 5.71 -12.34 -10.20
C GLU A 240 5.57 -12.20 -8.68
N ARG A 241 4.81 -13.10 -8.03
CA ARG A 241 4.55 -13.01 -6.58
C ARG A 241 5.33 -14.01 -5.71
N HIS A 242 5.84 -15.09 -6.31
CA HIS A 242 6.66 -16.08 -5.59
C HIS A 242 8.01 -16.49 -6.21
N GLN A 243 8.36 -15.93 -7.37
CA GLN A 243 9.67 -16.18 -8.03
C GLN A 243 9.93 -17.67 -8.30
N VAL A 244 8.86 -18.37 -8.69
CA VAL A 244 8.91 -19.78 -9.04
C VAL A 244 8.75 -19.88 -10.56
N THR A 245 9.67 -20.60 -11.21
CA THR A 245 9.60 -20.80 -12.66
C THR A 245 8.57 -21.86 -13.01
N THR A 246 7.93 -21.70 -14.16
CA THR A 246 7.03 -22.70 -14.71
C THR A 246 7.45 -23.06 -16.12
N ILE A 247 7.12 -24.27 -16.53
CA ILE A 247 7.24 -24.70 -17.92
C ILE A 247 5.91 -25.31 -18.37
N ARG A 248 5.66 -25.31 -19.67
CA ARG A 248 4.48 -25.93 -20.27
C ARG A 248 4.90 -27.07 -21.17
N LYS A 249 4.38 -28.27 -20.93
CA LYS A 249 4.69 -29.44 -21.74
C LYS A 249 3.47 -30.32 -21.95
N THR A 250 3.37 -30.92 -23.14
CA THR A 250 2.36 -31.96 -23.40
C THR A 250 2.87 -33.27 -22.85
N LEU A 251 1.98 -34.25 -22.75
CA LEU A 251 2.37 -35.59 -22.31
C LEU A 251 3.39 -36.24 -23.26
N ALA A 252 3.21 -36.04 -24.57
CA ALA A 252 4.16 -36.52 -25.58
C ALA A 252 5.53 -35.89 -25.40
N GLU A 253 5.56 -34.58 -25.17
CA GLU A 253 6.81 -33.86 -24.90
C GLU A 253 7.49 -34.37 -23.61
N ILE A 254 6.70 -34.69 -22.59
CA ILE A 254 7.23 -35.24 -21.34
C ILE A 254 7.84 -36.63 -21.54
N ASP A 255 7.23 -37.45 -22.40
CA ASP A 255 7.83 -38.74 -22.76
C ASP A 255 9.15 -38.59 -23.48
N ALA A 256 9.21 -37.65 -24.44
CA ALA A 256 10.40 -37.41 -25.24
C ALA A 256 11.54 -36.77 -24.45
N LEU A 257 11.21 -35.80 -23.58
CA LEU A 257 12.21 -34.98 -22.87
C LEU A 257 12.41 -35.32 -21.38
N GLY A 258 11.67 -36.29 -20.86
CA GLY A 258 11.68 -36.60 -19.42
C GLY A 258 12.41 -37.88 -19.07
N GLU A 259 13.18 -37.83 -17.98
CA GLU A 259 13.77 -39.03 -17.39
C GLU A 259 13.79 -38.91 -15.86
N LEU A 260 14.08 -40.03 -15.21
CA LEU A 260 14.23 -40.10 -13.76
C LEU A 260 15.67 -40.32 -13.38
N GLN A 261 16.13 -39.59 -12.37
CA GLN A 261 17.42 -39.84 -11.76
C GLN A 261 17.26 -40.96 -10.73
N GLN A 262 18.38 -41.49 -10.25
CA GLN A 262 18.36 -42.64 -9.34
C GLN A 262 17.52 -42.41 -8.08
N ASP A 263 17.50 -41.19 -7.56
CA ASP A 263 16.69 -40.84 -6.37
C ASP A 263 15.20 -40.56 -6.64
N GLY A 264 14.76 -40.68 -7.90
CA GLY A 264 13.38 -40.44 -8.29
C GLY A 264 13.04 -39.02 -8.73
N THR A 265 14.04 -38.14 -8.87
CA THR A 265 13.79 -36.77 -9.33
C THR A 265 13.38 -36.78 -10.81
N LEU A 266 12.28 -36.09 -11.12
CA LEU A 266 11.84 -35.92 -12.49
C LEU A 266 12.61 -34.77 -13.11
N VAL A 267 13.35 -35.04 -14.18
CA VAL A 267 14.04 -34.02 -14.96
C VAL A 267 13.44 -33.94 -16.34
N VAL A 268 13.03 -32.73 -16.73
CA VAL A 268 12.39 -32.48 -18.02
C VAL A 268 13.15 -31.35 -18.70
N ASP A 269 13.89 -31.70 -19.74
CA ASP A 269 14.71 -30.76 -20.51
C ASP A 269 15.79 -30.07 -19.63
N GLY A 270 16.53 -30.89 -18.88
CA GLY A 270 17.56 -30.40 -17.96
C GLY A 270 17.12 -29.59 -16.75
N GLN A 271 15.83 -29.66 -16.38
CA GLN A 271 15.29 -28.94 -15.23
C GLN A 271 14.55 -29.88 -14.29
N ALA A 272 14.89 -29.84 -13.01
CA ALA A 272 14.22 -30.63 -11.98
C ALA A 272 12.79 -30.13 -11.82
N VAL A 273 11.85 -31.06 -11.71
CA VAL A 273 10.43 -30.73 -11.59
C VAL A 273 9.95 -31.05 -10.17
N ALA A 274 9.59 -30.01 -9.43
CA ALA A 274 9.12 -30.14 -8.05
C ALA A 274 7.63 -30.43 -7.99
N VAL A 275 6.84 -29.73 -8.82
CA VAL A 275 5.40 -29.89 -8.84
C VAL A 275 4.90 -30.08 -10.27
N ILE A 276 4.00 -31.05 -10.45
CA ILE A 276 3.32 -31.27 -11.74
C ILE A 276 1.85 -30.90 -11.58
N TYR A 277 1.41 -29.88 -12.32
CA TYR A 277 0.06 -29.37 -12.27
C TYR A 277 -0.62 -29.77 -13.58
N PHE A 278 -1.65 -30.62 -13.48
CA PHE A 278 -2.28 -31.17 -14.67
C PHE A 278 -3.38 -30.29 -15.21
N ARG A 279 -3.26 -29.89 -16.47
CA ARG A 279 -4.35 -29.29 -17.24
C ARG A 279 -4.57 -30.11 -18.51
N ALA A 280 -4.40 -31.43 -18.35
CA ALA A 280 -4.47 -32.41 -19.42
C ALA A 280 -4.41 -33.80 -18.76
N GLY A 281 -4.64 -34.84 -19.56
CA GLY A 281 -4.62 -36.22 -19.06
C GLY A 281 -5.85 -36.69 -18.33
N TYR A 282 -6.94 -35.92 -18.43
CA TYR A 282 -8.21 -36.21 -17.77
C TYR A 282 -9.21 -36.92 -18.70
N ALA A 283 -8.92 -37.00 -20.00
CA ALA A 283 -9.78 -37.66 -20.97
C ALA A 283 -8.96 -38.61 -21.83
N PRO A 284 -9.60 -39.66 -22.40
CA PRO A 284 -8.89 -40.60 -23.30
C PRO A 284 -8.23 -39.97 -24.52
N SER A 285 -8.82 -38.91 -25.06
CA SER A 285 -8.31 -38.25 -26.28
C SER A 285 -6.98 -37.50 -26.11
N ASP A 286 -6.59 -37.18 -24.87
CA ASP A 286 -5.25 -36.65 -24.57
C ASP A 286 -4.14 -37.71 -24.69
N TYR A 287 -4.50 -38.99 -24.73
CA TYR A 287 -3.53 -40.08 -24.84
C TYR A 287 -3.55 -40.65 -26.26
N ASN A 288 -2.87 -39.95 -27.16
CA ASN A 288 -2.87 -40.27 -28.58
C ASN A 288 -2.21 -41.62 -28.89
N SER A 289 -1.16 -41.96 -28.15
CA SER A 289 -0.42 -43.21 -28.35
C SER A 289 0.05 -43.74 -26.98
N GLU A 290 0.95 -44.73 -26.98
CA GLU A 290 1.55 -45.25 -25.74
C GLU A 290 2.51 -44.26 -25.08
N SER A 291 3.10 -43.37 -25.87
CA SER A 291 4.01 -42.35 -25.36
C SER A 291 3.41 -41.59 -24.17
N GLU A 292 2.16 -41.17 -24.32
CA GLU A 292 1.46 -40.39 -23.29
C GLU A 292 1.22 -41.17 -22.00
N TRP A 293 0.94 -42.47 -22.12
CA TRP A 293 0.78 -43.36 -20.96
C TRP A 293 2.09 -43.63 -20.24
N LYS A 294 3.17 -43.78 -20.98
CA LYS A 294 4.52 -43.92 -20.38
C LYS A 294 4.90 -42.66 -19.61
N ALA A 295 4.62 -41.50 -20.19
CA ALA A 295 4.83 -40.22 -19.51
C ALA A 295 4.05 -40.09 -18.20
N ARG A 296 2.81 -40.55 -18.22
CA ARG A 296 1.96 -40.52 -17.03
C ARG A 296 2.52 -41.42 -15.93
N LEU A 297 2.98 -42.60 -16.31
CA LEU A 297 3.60 -43.55 -15.39
C LEU A 297 4.96 -43.05 -14.87
N LEU A 298 5.76 -42.48 -15.77
CA LEU A 298 7.04 -41.86 -15.41
C LEU A 298 6.87 -40.78 -14.34
N MET A 299 5.94 -39.85 -14.56
CA MET A 299 5.65 -38.79 -13.59
C MET A 299 5.17 -39.33 -12.26
N GLU A 300 4.31 -40.34 -12.30
CA GLU A 300 3.73 -40.88 -11.07
C GLU A 300 4.76 -41.52 -10.15
N GLN A 301 5.66 -42.32 -10.70
CA GLN A 301 6.76 -42.91 -9.91
C GLN A 301 7.85 -41.94 -9.48
N SER A 302 7.84 -40.71 -9.98
CA SER A 302 8.80 -39.70 -9.57
C SER A 302 8.54 -39.16 -8.16
N ARG A 303 9.55 -38.45 -7.66
CA ARG A 303 9.55 -37.87 -6.32
C ARG A 303 8.74 -36.54 -6.30
N ALA A 304 8.32 -36.07 -7.47
CA ALA A 304 7.59 -34.81 -7.58
C ALA A 304 6.21 -34.82 -6.92
N VAL A 305 5.76 -33.64 -6.51
CA VAL A 305 4.41 -33.41 -6.02
C VAL A 305 3.51 -33.41 -7.24
N LYS A 306 2.48 -34.27 -7.24
CA LYS A 306 1.51 -34.31 -8.33
C LYS A 306 0.24 -33.55 -7.90
N CYS A 307 -0.37 -32.86 -8.84
CA CYS A 307 -1.67 -32.22 -8.63
C CYS A 307 -2.55 -32.43 -9.86
N PRO A 308 -3.29 -33.54 -9.93
CA PRO A 308 -3.40 -34.55 -8.88
C PRO A 308 -2.45 -35.73 -9.07
N SER A 309 -2.17 -36.42 -7.97
CA SER A 309 -1.64 -37.78 -8.02
C SER A 309 -2.70 -38.72 -8.61
N ILE A 310 -2.28 -39.93 -8.92
CA ILE A 310 -3.19 -40.93 -9.46
C ILE A 310 -4.32 -41.25 -8.46
N SER A 311 -4.00 -41.27 -7.17
CA SER A 311 -4.99 -41.49 -6.09
C SER A 311 -6.04 -40.37 -6.05
N TYR A 312 -5.57 -39.13 -6.06
CA TYR A 312 -6.44 -37.95 -6.10
C TYR A 312 -7.34 -37.92 -7.34
N HIS A 313 -6.79 -38.33 -8.49
CA HIS A 313 -7.53 -38.37 -9.76
C HIS A 313 -8.68 -39.37 -9.64
N LEU A 314 -8.35 -40.59 -9.25
CA LEU A 314 -9.36 -41.63 -9.07
C LEU A 314 -10.41 -41.23 -8.02
N ALA A 315 -9.99 -40.52 -6.99
CA ALA A 315 -10.89 -40.07 -5.93
C ALA A 315 -11.97 -39.11 -6.41
N GLY A 316 -11.70 -38.36 -7.48
CA GLY A 316 -12.69 -37.47 -8.10
C GLY A 316 -13.68 -38.10 -9.06
N SER A 317 -13.55 -39.41 -9.31
CA SER A 317 -14.48 -40.16 -10.15
C SER A 317 -15.92 -40.05 -9.64
N LYS A 318 -16.87 -40.00 -10.57
CA LYS A 318 -18.28 -40.01 -10.22
C LYS A 318 -18.71 -41.28 -9.48
N LYS A 319 -18.07 -42.41 -9.76
CA LYS A 319 -18.36 -43.64 -9.02
C LYS A 319 -18.00 -43.54 -7.55
N ILE A 320 -16.90 -42.84 -7.24
CA ILE A 320 -16.48 -42.62 -5.85
C ILE A 320 -17.45 -41.70 -5.14
N GLN A 321 -17.86 -40.62 -5.82
CA GLN A 321 -18.89 -39.69 -5.32
C GLN A 321 -20.14 -40.48 -4.90
N GLN A 322 -20.53 -41.44 -5.74
CA GLN A 322 -21.69 -42.29 -5.49
C GLN A 322 -21.49 -43.27 -4.33
N GLU A 323 -20.31 -43.90 -4.26
CA GLU A 323 -19.98 -44.77 -3.13
C GLU A 323 -19.97 -44.00 -1.80
N LEU A 324 -19.47 -42.77 -1.81
CA LEU A 324 -19.43 -41.94 -0.61
C LEU A 324 -20.82 -41.55 -0.08
N ALA A 325 -21.83 -41.57 -0.94
CA ALA A 325 -23.21 -41.32 -0.52
C ALA A 325 -23.90 -42.50 0.19
N LYS A 326 -23.37 -43.71 0.07
CA LYS A 326 -24.01 -44.91 0.64
C LYS A 326 -23.89 -44.96 2.16
N PRO A 327 -24.82 -45.68 2.86
CA PRO A 327 -24.78 -45.68 4.34
C PRO A 327 -23.46 -46.20 4.94
N ASN A 328 -22.98 -45.47 5.95
CA ASN A 328 -21.79 -45.79 6.74
C ASN A 328 -20.42 -45.56 6.08
N VAL A 329 -20.39 -45.17 4.81
CA VAL A 329 -19.12 -45.01 4.10
C VAL A 329 -18.36 -43.76 4.56
N LEU A 330 -19.04 -42.62 4.65
CA LEU A 330 -18.40 -41.40 5.18
C LEU A 330 -17.80 -41.59 6.58
N GLU A 331 -18.45 -42.40 7.40
CA GLU A 331 -17.96 -42.71 8.74
C GLU A 331 -16.67 -43.53 8.76
N ARG A 332 -16.34 -44.22 7.65
CA ARG A 332 -15.02 -44.83 7.47
C ARG A 332 -13.87 -43.81 7.46
N PHE A 333 -14.12 -42.62 6.92
CA PHE A 333 -13.05 -41.65 6.65
C PHE A 333 -13.02 -40.45 7.60
N LEU A 334 -14.17 -40.03 8.11
CA LEU A 334 -14.27 -38.85 8.98
C LEU A 334 -14.82 -39.25 10.36
N GLU A 335 -14.26 -38.64 11.41
CA GLU A 335 -14.68 -38.91 12.80
C GLU A 335 -15.72 -37.90 13.29
N ASN A 336 -15.67 -36.67 12.79
CA ASN A 336 -16.57 -35.58 13.22
C ASN A 336 -17.95 -35.70 12.59
N LYS A 337 -18.98 -35.83 13.42
CA LYS A 337 -20.35 -36.11 12.95
C LYS A 337 -21.04 -34.88 12.33
N ASP A 338 -20.64 -33.67 12.77
CA ASP A 338 -21.17 -32.41 12.21
C ASP A 338 -20.68 -32.20 10.78
N ASP A 339 -19.38 -32.41 10.58
CA ASP A 339 -18.78 -32.37 9.24
C ASP A 339 -19.46 -33.35 8.28
N ILE A 340 -19.73 -34.57 8.76
CA ILE A 340 -20.43 -35.59 7.96
C ILE A 340 -21.85 -35.13 7.61
N ALA A 341 -22.57 -34.58 8.58
CA ALA A 341 -23.92 -34.05 8.35
C ALA A 341 -23.91 -32.88 7.34
N LYS A 342 -22.93 -31.99 7.45
CA LYS A 342 -22.79 -30.89 6.49
C LYS A 342 -22.58 -31.38 5.06
N LEU A 343 -21.78 -32.43 4.87
CA LEU A 343 -21.60 -33.02 3.55
C LEU A 343 -22.88 -33.65 3.02
N ARG A 344 -23.58 -34.41 3.86
CA ARG A 344 -24.82 -35.12 3.46
C ARG A 344 -25.96 -34.16 3.11
N LYS A 345 -25.95 -32.98 3.71
CA LYS A 345 -26.91 -31.93 3.36
C LYS A 345 -26.73 -31.47 1.89
N CYS A 346 -25.49 -31.52 1.38
CA CYS A 346 -25.19 -31.20 -0.04
C CYS A 346 -25.41 -32.35 -1.04
N PHE A 347 -25.57 -33.57 -0.56
CA PHE A 347 -25.66 -34.72 -1.49
C PHE A 347 -27.08 -34.80 -2.04
N ALA A 348 -27.17 -34.80 -3.35
CA ALA A 348 -28.37 -35.24 -4.04
C ALA A 348 -28.35 -36.76 -4.04
N GLY A 349 -29.48 -37.36 -4.40
CA GLY A 349 -29.56 -38.81 -4.53
C GLY A 349 -28.61 -39.30 -5.59
N LEU A 350 -27.92 -40.40 -5.28
CA LEU A 350 -26.83 -40.94 -6.12
C LEU A 350 -26.85 -42.44 -6.11
N TRP A 351 -26.81 -43.06 -7.28
CA TRP A 351 -26.96 -44.52 -7.40
C TRP A 351 -26.22 -45.11 -8.60
N SER A 352 -25.85 -46.38 -8.51
CA SER A 352 -25.28 -47.11 -9.66
C SER A 352 -26.34 -47.96 -10.34
N LEU A 353 -26.04 -48.39 -11.57
CA LEU A 353 -26.96 -49.23 -12.35
C LEU A 353 -27.17 -50.64 -11.81
N ASP A 354 -26.35 -51.07 -10.86
CA ASP A 354 -26.53 -52.36 -10.18
C ASP A 354 -27.53 -52.29 -9.01
N GLU A 355 -28.02 -51.09 -8.65
CA GLU A 355 -29.11 -50.95 -7.68
C GLU A 355 -30.43 -51.07 -8.45
N SER A 356 -30.94 -52.29 -8.53
CA SER A 356 -32.05 -52.62 -9.45
C SER A 356 -33.37 -51.95 -9.13
N ASP A 357 -33.68 -51.78 -7.84
CA ASP A 357 -34.84 -51.01 -7.40
C ASP A 357 -34.82 -49.58 -7.99
N ILE A 358 -33.64 -48.96 -8.03
CA ILE A 358 -33.48 -47.61 -8.56
C ILE A 358 -33.60 -47.57 -10.09
N VAL A 359 -33.09 -48.61 -10.76
CA VAL A 359 -33.20 -48.72 -12.23
C VAL A 359 -34.68 -48.82 -12.64
N LYS A 360 -35.44 -49.67 -11.96
CA LYS A 360 -36.88 -49.81 -12.21
C LYS A 360 -37.61 -48.49 -11.98
N ASP A 361 -37.25 -47.79 -10.91
CA ASP A 361 -37.86 -46.49 -10.60
C ASP A 361 -37.50 -45.44 -11.65
N ALA A 362 -36.27 -45.46 -12.14
CA ALA A 362 -35.86 -44.58 -13.24
C ALA A 362 -36.59 -44.89 -14.53
N ILE A 363 -36.93 -46.15 -14.75
CA ILE A 363 -37.76 -46.52 -15.90
C ILE A 363 -39.20 -46.01 -15.72
N ASP A 364 -39.75 -46.10 -14.51
CA ASP A 364 -41.13 -45.65 -14.24
C ASP A 364 -41.27 -44.13 -14.17
N ARG A 365 -40.24 -43.43 -13.70
CA ARG A 365 -40.26 -41.96 -13.49
C ARG A 365 -38.97 -41.27 -13.99
N PRO A 366 -38.63 -41.45 -15.27
CA PRO A 366 -37.35 -41.00 -15.84
C PRO A 366 -37.08 -39.49 -15.76
N GLU A 367 -38.16 -38.71 -15.82
CA GLU A 367 -38.15 -37.24 -15.65
C GLU A 367 -37.44 -36.74 -14.40
N LEU A 368 -37.36 -37.58 -13.37
CA LEU A 368 -36.74 -37.23 -12.11
C LEU A 368 -35.26 -37.57 -12.03
N TYR A 369 -34.71 -38.20 -13.08
CA TYR A 369 -33.35 -38.71 -13.07
C TYR A 369 -32.48 -38.10 -14.16
N VAL A 370 -31.17 -38.14 -13.91
CA VAL A 370 -30.15 -37.91 -14.92
C VAL A 370 -29.24 -39.14 -14.97
N MET A 371 -28.94 -39.63 -16.17
CA MET A 371 -27.97 -40.70 -16.34
C MET A 371 -26.66 -40.07 -16.79
N LYS A 372 -25.63 -40.19 -15.95
CA LYS A 372 -24.33 -39.52 -16.14
C LYS A 372 -23.23 -40.56 -16.39
N PRO A 373 -22.44 -40.42 -17.48
CA PRO A 373 -21.28 -41.32 -17.63
C PRO A 373 -20.18 -41.03 -16.60
N GLN A 374 -19.44 -42.08 -16.19
CA GLN A 374 -18.39 -41.94 -15.18
C GLN A 374 -17.11 -41.37 -15.78
N ASN A 380 -21.37 -37.15 -21.72
CA ASN A 380 -22.60 -36.99 -22.48
C ASN A 380 -23.86 -37.41 -21.65
N ASN A 381 -24.39 -36.48 -20.85
CA ASN A 381 -25.52 -36.74 -19.92
C ASN A 381 -26.86 -37.01 -20.62
N ILE A 382 -27.67 -37.90 -20.06
CA ILE A 382 -29.00 -38.23 -20.59
C ILE A 382 -30.11 -37.80 -19.60
N TYR A 383 -31.12 -37.08 -20.13
CA TYR A 383 -32.18 -36.45 -19.34
C TYR A 383 -33.57 -36.94 -19.73
N GLY A 384 -34.52 -36.82 -18.80
CA GLY A 384 -35.95 -37.06 -19.07
C GLY A 384 -36.31 -38.37 -19.72
N GLU A 385 -37.31 -38.33 -20.60
CA GLU A 385 -37.78 -39.49 -21.42
C GLU A 385 -36.65 -40.42 -21.89
N ASP A 386 -35.51 -39.85 -22.32
CA ASP A 386 -34.39 -40.63 -22.84
C ASP A 386 -33.70 -41.55 -21.82
N VAL A 387 -33.83 -41.24 -20.52
CA VAL A 387 -33.30 -42.12 -19.46
C VAL A 387 -33.98 -43.49 -19.51
N ARG A 388 -35.29 -43.50 -19.76
CA ARG A 388 -36.05 -44.74 -19.91
C ARG A 388 -35.52 -45.59 -21.07
N ASP A 389 -35.35 -44.97 -22.23
CA ASP A 389 -34.88 -45.65 -23.45
C ASP A 389 -33.49 -46.23 -23.30
N ALA A 390 -32.56 -45.43 -22.76
CA ALA A 390 -31.20 -45.90 -22.54
C ALA A 390 -31.13 -47.08 -21.55
N LEU A 391 -31.90 -47.01 -20.47
CA LEU A 391 -31.95 -48.10 -19.48
C LEU A 391 -32.60 -49.38 -20.03
N LEU A 392 -33.63 -49.21 -20.86
CA LEU A 392 -34.27 -50.33 -21.54
C LEU A 392 -33.36 -50.99 -22.58
N LYS A 393 -32.54 -50.19 -23.29
CA LYS A 393 -31.55 -50.73 -24.22
C LYS A 393 -30.54 -51.59 -23.46
N LEU A 394 -29.94 -51.03 -22.40
CA LEU A 394 -29.01 -51.76 -21.54
C LEU A 394 -29.56 -53.12 -21.04
N TYR A 405 -21.59 -45.58 -16.21
CA TYR A 405 -22.84 -44.84 -15.95
C TYR A 405 -23.29 -44.81 -14.48
N ILE A 406 -23.69 -43.62 -14.02
CA ILE A 406 -24.37 -43.40 -12.70
C ILE A 406 -25.76 -42.77 -12.91
N LEU A 407 -26.64 -43.03 -11.94
CA LEU A 407 -27.97 -42.42 -11.87
C LEU A 407 -27.98 -41.38 -10.76
N MET A 408 -28.50 -40.20 -11.07
CA MET A 408 -28.52 -39.10 -10.11
C MET A 408 -29.88 -38.42 -10.11
N GLN A 409 -30.25 -37.90 -8.94
CA GLN A 409 -31.42 -37.04 -8.79
C GLN A 409 -31.26 -35.84 -9.72
N ARG A 410 -32.25 -35.64 -10.59
CA ARG A 410 -32.28 -34.45 -11.42
C ARG A 410 -32.63 -33.25 -10.55
N ILE A 411 -31.80 -32.22 -10.68
CA ILE A 411 -31.96 -30.95 -9.99
C ILE A 411 -32.59 -29.98 -10.98
N PHE A 412 -33.57 -29.20 -10.50
CA PHE A 412 -34.28 -28.23 -11.33
C PHE A 412 -33.97 -26.82 -10.85
N PRO A 413 -32.94 -26.19 -11.44
CA PRO A 413 -32.58 -24.84 -11.02
C PRO A 413 -33.54 -23.78 -11.52
N LYS A 414 -33.42 -22.59 -10.94
CA LYS A 414 -34.16 -21.40 -11.37
C LYS A 414 -33.74 -21.01 -12.79
N ILE A 415 -34.72 -20.82 -13.65
CA ILE A 415 -34.47 -20.26 -14.97
C ILE A 415 -34.52 -18.73 -14.83
N SER A 416 -33.38 -18.08 -15.07
CA SER A 416 -33.26 -16.62 -14.91
C SER A 416 -33.14 -15.96 -16.28
N HIS A 417 -33.31 -14.64 -16.28
CA HIS A 417 -33.01 -13.79 -17.42
C HIS A 417 -31.58 -13.27 -17.26
N SER A 418 -30.79 -13.32 -18.33
CA SER A 418 -29.50 -12.60 -18.36
C SER A 418 -29.09 -12.21 -19.78
N ILE A 419 -28.03 -11.41 -19.86
CA ILE A 419 -27.48 -10.94 -21.13
C ILE A 419 -26.09 -11.54 -21.24
N LEU A 420 -25.88 -12.31 -22.29
CA LEU A 420 -24.63 -13.04 -22.52
C LEU A 420 -23.85 -12.42 -23.66
N MET A 421 -22.56 -12.24 -23.45
CA MET A 421 -21.63 -11.70 -24.44
C MET A 421 -20.81 -12.82 -25.03
N ARG A 422 -20.83 -12.94 -26.35
CA ARG A 422 -19.97 -13.88 -27.07
C ARG A 422 -19.55 -13.24 -28.38
N GLU A 423 -18.25 -13.22 -28.65
CA GLU A 423 -17.69 -12.67 -29.90
C GLU A 423 -18.20 -11.28 -30.27
N GLY A 424 -18.34 -10.42 -29.26
CA GLY A 424 -18.69 -9.02 -29.46
C GLY A 424 -20.18 -8.70 -29.52
N ILE A 425 -21.02 -9.71 -29.32
CA ILE A 425 -22.46 -9.59 -29.53
C ILE A 425 -23.20 -9.96 -28.24
N SER A 426 -24.13 -9.10 -27.83
CA SER A 426 -24.96 -9.33 -26.64
C SER A 426 -26.22 -10.09 -27.04
N HIS A 427 -26.57 -11.11 -26.24
CA HIS A 427 -27.76 -11.95 -26.44
C HIS A 427 -28.60 -11.96 -25.16
N LYS A 428 -29.89 -11.60 -25.24
CA LYS A 428 -30.81 -11.80 -24.12
C LYS A 428 -31.30 -13.25 -24.13
N GLU A 429 -31.10 -13.96 -23.02
CA GLU A 429 -31.35 -15.41 -22.97
C GLU A 429 -31.97 -15.88 -21.67
N GLN A 430 -32.65 -17.02 -21.78
CA GLN A 430 -33.15 -17.77 -20.62
C GLN A 430 -31.97 -18.62 -20.16
N THR A 431 -31.65 -18.57 -18.87
CA THR A 431 -30.44 -19.26 -18.38
C THR A 431 -30.61 -20.07 -17.08
N ILE A 432 -29.71 -21.01 -16.88
CA ILE A 432 -29.52 -21.68 -15.60
C ILE A 432 -28.05 -21.49 -15.21
N SER A 433 -27.77 -21.55 -13.92
CA SER A 433 -26.43 -21.27 -13.40
C SER A 433 -25.91 -22.38 -12.50
N GLU A 434 -24.62 -22.35 -12.28
CA GLU A 434 -23.89 -23.42 -11.62
C GLU A 434 -22.73 -22.79 -10.82
N LEU A 435 -22.71 -23.01 -9.51
CA LEU A 435 -21.72 -22.41 -8.63
C LEU A 435 -20.58 -23.38 -8.36
N GLY A 436 -19.35 -22.93 -8.61
CA GLY A 436 -18.16 -23.70 -8.30
C GLY A 436 -17.45 -23.05 -7.12
N ILE A 437 -17.04 -23.85 -6.14
CA ILE A 437 -16.17 -23.37 -5.06
C ILE A 437 -14.80 -24.02 -5.21
N TYR A 438 -13.77 -23.20 -5.40
CA TYR A 438 -12.39 -23.69 -5.45
C TYR A 438 -11.91 -24.04 -4.05
N GLY A 439 -11.02 -25.02 -3.97
CA GLY A 439 -10.47 -25.47 -2.70
C GLY A 439 -8.98 -25.78 -2.83
N THR A 440 -8.18 -25.24 -1.92
CA THR A 440 -6.73 -25.52 -1.87
C THR A 440 -6.44 -26.41 -0.68
N TYR A 441 -5.66 -27.47 -0.92
CA TYR A 441 -5.25 -28.40 0.12
C TYR A 441 -3.77 -28.72 -0.05
N LEU A 442 -3.00 -28.65 1.04
CA LEU A 442 -1.59 -29.02 1.03
C LEU A 442 -1.21 -29.63 2.37
N ARG A 443 -0.66 -30.84 2.33
CA ARG A 443 -0.09 -31.46 3.54
C ARG A 443 1.27 -32.09 3.25
N ASN A 444 2.11 -32.13 4.29
CA ASN A 444 3.38 -32.88 4.28
C ASN A 444 3.23 -34.05 5.29
N LYS A 445 4.32 -34.72 5.67
CA LYS A 445 4.24 -35.92 6.53
C LYS A 445 3.24 -35.82 7.69
N THR A 446 3.51 -34.95 8.67
CA THR A 446 2.62 -34.78 9.84
C THR A 446 1.49 -33.77 9.59
N GLU A 447 1.84 -32.63 9.03
CA GLU A 447 1.04 -31.41 9.11
C GLU A 447 0.20 -31.10 7.86
N VAL A 448 -0.99 -30.54 8.08
CA VAL A 448 -1.79 -29.92 7.04
C VAL A 448 -1.37 -28.46 7.00
N VAL A 449 -0.83 -28.02 5.85
CA VAL A 449 -0.29 -26.65 5.67
C VAL A 449 -1.36 -25.68 5.16
N ILE A 450 -2.18 -26.13 4.22
CA ILE A 450 -3.28 -25.35 3.67
C ILE A 450 -4.51 -26.23 3.61
N ASN A 451 -5.64 -25.70 4.06
CA ASN A 451 -6.94 -26.31 3.79
C ASN A 451 -8.00 -25.22 3.89
N GLN A 452 -8.38 -24.67 2.74
CA GLN A 452 -9.36 -23.58 2.71
C GLN A 452 -10.18 -23.52 1.43
N GLN A 453 -11.31 -22.83 1.54
CA GLN A 453 -12.03 -22.34 0.38
C GLN A 453 -11.12 -21.31 -0.30
N ALA A 454 -11.12 -21.30 -1.63
CA ALA A 454 -10.15 -20.49 -2.40
C ALA A 454 -10.81 -19.78 -3.59
N GLY A 455 -11.91 -19.08 -3.34
CA GLY A 455 -12.65 -18.40 -4.40
C GLY A 455 -13.74 -19.23 -5.06
N TYR A 456 -14.27 -18.71 -6.16
CA TYR A 456 -15.43 -19.28 -6.81
C TYR A 456 -15.50 -19.03 -8.31
N LEU A 457 -16.40 -19.80 -8.92
CA LEU A 457 -16.75 -19.72 -10.31
C LEU A 457 -18.27 -19.76 -10.42
N MET A 458 -18.84 -18.88 -11.22
CA MET A 458 -20.23 -18.99 -11.62
C MET A 458 -20.26 -19.15 -13.13
N ARG A 459 -20.85 -20.24 -13.61
CA ARG A 459 -21.05 -20.47 -15.03
C ARG A 459 -22.54 -20.43 -15.27
N THR A 460 -22.91 -19.72 -16.33
CA THR A 460 -24.30 -19.49 -16.67
C THR A 460 -24.46 -19.93 -18.13
N LYS A 461 -25.53 -20.68 -18.40
CA LYS A 461 -25.77 -21.19 -19.76
C LYS A 461 -27.23 -21.20 -20.16
N VAL A 462 -27.44 -21.27 -21.47
CA VAL A 462 -28.78 -21.20 -22.07
C VAL A 462 -29.54 -22.51 -21.77
N SER A 463 -30.83 -22.39 -21.43
CA SER A 463 -31.67 -23.55 -21.10
C SER A 463 -31.91 -24.50 -22.28
N PHE A 474 -24.92 -22.81 -25.05
CA PHE A 474 -23.53 -22.56 -24.67
C PHE A 474 -23.43 -21.84 -23.32
N ALA A 475 -22.22 -21.79 -22.78
CA ALA A 475 -21.95 -21.32 -21.43
C ALA A 475 -21.05 -20.09 -21.39
N VAL A 476 -21.24 -19.25 -20.38
CA VAL A 476 -20.40 -18.07 -20.15
C VAL A 476 -19.92 -18.03 -18.71
N LEU A 477 -18.88 -17.24 -18.47
CA LEU A 477 -18.41 -16.97 -17.12
C LEU A 477 -19.26 -15.87 -16.51
N ASP A 478 -19.48 -15.97 -15.20
CA ASP A 478 -20.36 -15.07 -14.48
C ASP A 478 -19.78 -14.87 -13.09
N SER A 479 -20.37 -13.97 -12.30
CA SER A 479 -20.06 -13.87 -10.88
C SER A 479 -21.36 -13.87 -10.09
N ILE A 480 -21.28 -13.71 -8.78
CA ILE A 480 -22.49 -13.68 -7.95
C ILE A 480 -22.71 -12.32 -7.31
N TYR A 481 -24.00 -12.01 -7.14
CA TYR A 481 -24.48 -10.82 -6.48
C TYR A 481 -25.31 -11.36 -5.31
N LEU A 482 -24.81 -11.18 -4.08
CA LEU A 482 -25.41 -11.83 -2.90
C LEU A 482 -26.68 -11.12 -2.41
N VAL A 483 -27.73 -11.89 -2.13
CA VAL A 483 -29.02 -11.34 -1.66
C VAL A 483 -29.59 -12.02 -0.41
N ASP B 14 24.24 -8.23 -28.07
CA ASP B 14 23.82 -8.20 -29.50
C ASP B 14 22.67 -9.20 -29.71
N PRO B 15 21.43 -8.71 -29.95
CA PRO B 15 20.28 -9.63 -30.09
C PRO B 15 20.38 -10.71 -31.19
N HIS B 16 21.11 -10.42 -32.26
CA HIS B 16 21.29 -11.38 -33.36
C HIS B 16 22.15 -12.60 -32.96
N ASP B 17 22.99 -12.44 -31.94
CA ASP B 17 23.79 -13.57 -31.38
C ASP B 17 23.02 -14.50 -30.43
N ILE B 18 21.80 -14.13 -30.03
CA ILE B 18 21.01 -14.95 -29.11
C ILE B 18 20.60 -16.25 -29.84
N ASP B 19 20.80 -17.38 -29.15
CA ASP B 19 20.39 -18.70 -29.64
C ASP B 19 18.90 -18.69 -30.04
N PRO B 20 18.53 -19.28 -31.21
CA PRO B 20 17.10 -19.34 -31.62
C PRO B 20 16.13 -20.03 -30.64
N LYS B 21 16.61 -21.02 -29.89
CA LYS B 21 15.81 -21.65 -28.80
C LYS B 21 15.44 -20.65 -27.70
N LEU B 22 16.39 -19.81 -27.30
CA LEU B 22 16.14 -18.74 -26.33
C LEU B 22 15.28 -17.60 -26.88
N VAL B 23 15.43 -17.27 -28.17
CA VAL B 23 14.56 -16.28 -28.80
C VAL B 23 13.10 -16.75 -28.76
N GLN B 24 12.87 -18.02 -29.10
CA GLN B 24 11.51 -18.58 -29.08
C GLN B 24 10.88 -18.52 -27.67
N LYS B 25 11.63 -18.86 -26.63
CA LYS B 25 11.12 -18.78 -25.26
C LYS B 25 10.80 -17.34 -24.82
N LEU B 26 11.70 -16.41 -25.18
CA LEU B 26 11.47 -14.99 -24.94
C LEU B 26 10.22 -14.52 -25.66
N ALA B 27 10.08 -14.95 -26.91
CA ALA B 27 8.96 -14.55 -27.75
C ALA B 27 7.64 -15.01 -27.14
N ASN B 28 7.57 -16.28 -26.75
CA ASN B 28 6.35 -16.82 -26.14
C ASN B 28 6.00 -16.08 -24.84
N ASP B 29 6.98 -15.85 -23.98
CA ASP B 29 6.75 -15.10 -22.75
C ASP B 29 6.32 -13.67 -23.01
N ALA B 30 6.89 -13.03 -24.04
CA ALA B 30 6.47 -11.67 -24.41
C ALA B 30 5.03 -11.63 -24.91
N LEU B 31 4.68 -12.59 -25.75
CA LEU B 31 3.31 -12.71 -26.29
C LEU B 31 2.25 -12.96 -25.19
N VAL B 32 2.58 -13.84 -24.24
CA VAL B 32 1.71 -14.13 -23.11
C VAL B 32 1.48 -12.84 -22.28
N TRP B 33 2.58 -12.18 -21.93
CA TRP B 33 2.54 -10.97 -21.13
C TRP B 33 1.62 -9.91 -21.75
N CYS B 34 1.82 -9.64 -23.05
CA CYS B 34 0.98 -8.70 -23.80
C CYS B 34 -0.50 -9.05 -23.71
N SER B 35 -0.82 -10.33 -23.84
CA SER B 35 -2.19 -10.82 -23.79
C SER B 35 -2.87 -10.60 -22.44
N LEU B 36 -2.11 -10.78 -21.36
CA LEU B 36 -2.68 -10.64 -20.02
C LEU B 36 -2.74 -9.20 -19.53
N ARG B 37 -1.97 -8.31 -20.16
CA ARG B 37 -1.76 -6.98 -19.62
C ARG B 37 -2.23 -5.86 -20.54
N GLY B 38 -3.04 -6.21 -21.54
CA GLY B 38 -3.67 -5.22 -22.42
C GLY B 38 -2.78 -4.45 -23.38
N LEU B 39 -1.67 -5.06 -23.81
CA LEU B 39 -0.77 -4.44 -24.77
C LEU B 39 -1.16 -4.94 -26.15
N LEU B 40 -2.30 -4.44 -26.63
CA LEU B 40 -2.99 -5.03 -27.77
C LEU B 40 -3.36 -4.00 -28.81
N VAL B 41 -3.53 -4.49 -30.03
CA VAL B 41 -4.12 -3.74 -31.12
C VAL B 41 -5.15 -4.65 -31.81
N GLY B 42 -6.02 -4.03 -32.63
CA GLY B 42 -6.89 -4.78 -33.51
C GLY B 42 -6.08 -5.38 -34.65
N ASP B 43 -6.38 -6.62 -35.03
CA ASP B 43 -5.67 -7.30 -36.11
C ASP B 43 -5.87 -6.58 -37.44
N ARG B 44 -4.81 -6.41 -38.23
CA ARG B 44 -4.93 -5.66 -39.50
C ARG B 44 -5.75 -6.38 -40.56
N ASN B 45 -5.86 -7.71 -40.46
CA ASN B 45 -6.64 -8.53 -41.42
C ASN B 45 -8.08 -8.82 -40.97
N SER B 46 -8.67 -7.94 -40.17
CA SER B 46 -10.04 -8.10 -39.68
C SER B 46 -10.85 -6.85 -40.02
N GLU B 47 -12.03 -7.06 -40.59
CA GLU B 47 -12.99 -5.98 -40.82
C GLU B 47 -13.65 -5.47 -39.54
N ARG B 48 -13.60 -6.23 -38.44
CA ARG B 48 -14.25 -5.85 -37.17
C ARG B 48 -13.30 -5.24 -36.13
N SER B 49 -12.01 -5.52 -36.21
CA SER B 49 -11.08 -5.23 -35.11
C SER B 49 -10.90 -3.77 -34.77
N GLY B 50 -11.18 -2.90 -35.74
CA GLY B 50 -11.17 -1.47 -35.55
C GLY B 50 -12.48 -0.83 -35.13
N THR B 51 -13.59 -1.58 -35.13
CA THR B 51 -14.90 -1.05 -34.69
C THR B 51 -15.51 -1.76 -33.48
N VAL B 52 -15.26 -3.05 -33.32
CA VAL B 52 -15.83 -3.81 -32.20
C VAL B 52 -14.70 -4.14 -31.23
N PRO B 53 -14.76 -3.58 -30.00
CA PRO B 53 -13.72 -3.92 -29.02
C PRO B 53 -13.86 -5.35 -28.54
N GLY B 54 -12.74 -5.95 -28.15
CA GLY B 54 -12.72 -7.31 -27.63
C GLY B 54 -12.78 -8.43 -28.66
N VAL B 55 -12.64 -8.11 -29.96
CA VAL B 55 -12.60 -9.15 -31.00
C VAL B 55 -11.42 -8.96 -31.94
N ASP B 56 -10.89 -10.07 -32.45
CA ASP B 56 -9.79 -10.10 -33.42
C ASP B 56 -8.62 -9.23 -32.99
N MET B 57 -8.11 -9.58 -31.81
CA MET B 57 -7.04 -8.83 -31.17
C MET B 57 -5.74 -9.60 -31.32
N VAL B 58 -4.66 -8.85 -31.30
CA VAL B 58 -3.32 -9.35 -31.47
C VAL B 58 -2.42 -8.48 -30.63
N HIS B 59 -1.32 -9.03 -30.17
CA HIS B 59 -0.34 -8.25 -29.43
C HIS B 59 0.13 -7.07 -30.28
N ALA B 60 0.38 -5.95 -29.61
CA ALA B 60 0.95 -4.80 -30.28
C ALA B 60 2.31 -5.21 -30.84
N PRO B 61 2.66 -4.73 -32.05
CA PRO B 61 4.01 -5.00 -32.53
C PRO B 61 5.06 -4.41 -31.58
N VAL B 62 5.99 -5.24 -31.14
CA VAL B 62 6.98 -4.84 -30.14
C VAL B 62 8.36 -5.40 -30.45
N ALA B 63 9.37 -4.66 -30.00
CA ALA B 63 10.72 -5.20 -29.90
C ALA B 63 10.76 -6.19 -28.74
N LEU B 64 11.53 -7.25 -28.92
CA LEU B 64 11.66 -8.28 -27.91
C LEU B 64 12.66 -7.86 -26.81
N ILE B 65 13.63 -7.03 -27.19
CA ILE B 65 14.68 -6.57 -26.30
C ILE B 65 14.66 -5.04 -26.31
N PRO B 66 14.87 -4.40 -25.15
CA PRO B 66 14.92 -2.93 -25.15
C PRO B 66 16.13 -2.36 -25.93
N MET B 67 15.96 -1.17 -26.49
CA MET B 67 17.00 -0.50 -27.28
C MET B 67 17.98 0.23 -26.36
N SER B 68 19.28 0.01 -26.56
CA SER B 68 20.31 0.79 -25.86
C SER B 68 20.28 2.26 -26.26
N PHE B 69 20.34 3.13 -25.26
CA PHE B 69 20.27 4.58 -25.47
C PHE B 69 21.05 5.32 -24.38
N PRO B 70 21.94 6.26 -24.75
CA PRO B 70 22.72 6.98 -23.72
C PRO B 70 21.87 7.80 -22.74
N GLU B 71 22.13 7.66 -21.44
CA GLU B 71 21.39 8.39 -20.40
C GLU B 71 21.52 9.90 -20.52
N SER B 72 22.71 10.39 -20.89
CA SER B 72 22.93 11.82 -21.05
C SER B 72 21.92 12.42 -22.02
N HIS B 73 21.70 11.75 -23.15
CA HIS B 73 20.79 12.25 -24.18
C HIS B 73 19.32 12.08 -23.78
N TRP B 74 19.03 11.02 -23.07
CA TRP B 74 17.71 10.82 -22.46
C TRP B 74 17.37 12.01 -21.54
N LYS B 75 18.31 12.33 -20.66
CA LYS B 75 18.17 13.47 -19.74
C LYS B 75 18.00 14.81 -20.45
N GLN B 76 18.76 15.03 -21.52
CA GLN B 76 18.64 16.24 -22.33
C GLN B 76 17.21 16.36 -22.86
N ALA B 77 16.69 15.27 -23.41
CA ALA B 77 15.32 15.23 -23.95
C ALA B 77 14.24 15.54 -22.91
N CYS B 78 14.39 14.98 -21.72
CA CYS B 78 13.46 15.27 -20.61
C CYS B 78 13.52 16.71 -20.11
N GLU B 79 14.73 17.27 -20.10
CA GLU B 79 14.96 18.62 -19.59
C GLU B 79 14.30 19.72 -20.46
N VAL B 80 14.33 19.55 -21.80
CA VAL B 80 13.67 20.50 -22.72
C VAL B 80 12.16 20.36 -22.84
N ALA B 81 11.59 19.25 -22.37
CA ALA B 81 10.13 19.03 -22.49
C ALA B 81 9.29 20.18 -21.96
N PRO B 82 9.55 20.63 -20.71
CA PRO B 82 8.76 21.78 -20.20
C PRO B 82 8.99 23.11 -20.92
N ILE B 83 10.12 23.27 -21.58
CA ILE B 83 10.43 24.49 -22.34
C ILE B 83 9.62 24.50 -23.64
N PHE B 84 9.60 23.37 -24.35
CA PHE B 84 8.72 23.19 -25.52
C PHE B 84 7.23 23.39 -25.17
N ASN B 85 6.80 22.86 -24.03
CA ASN B 85 5.42 23.01 -23.58
C ASN B 85 5.02 24.47 -23.42
N GLU B 86 5.88 25.25 -22.76
CA GLU B 86 5.68 26.70 -22.58
C GLU B 86 5.74 27.42 -23.94
N LEU B 87 6.66 26.99 -24.80
CA LEU B 87 6.82 27.60 -26.12
C LEU B 87 5.58 27.41 -26.99
N VAL B 88 5.05 26.19 -27.01
CA VAL B 88 3.82 25.90 -27.76
C VAL B 88 2.70 26.84 -27.30
N ASP B 89 2.56 27.02 -25.99
CA ASP B 89 1.52 27.88 -25.45
C ASP B 89 1.68 29.34 -25.89
N ARG B 90 2.91 29.86 -25.79
CA ARG B 90 3.18 31.26 -26.16
C ARG B 90 3.08 31.53 -27.65
N VAL B 91 3.52 30.58 -28.47
CA VAL B 91 3.37 30.66 -29.93
C VAL B 91 1.89 30.68 -30.34
N SER B 92 1.09 29.85 -29.69
CA SER B 92 -0.33 29.73 -29.98
C SER B 92 -1.14 31.00 -29.68
N GLN B 93 -0.73 31.75 -28.65
CA GLN B 93 -1.35 33.02 -28.29
C GLN B 93 -1.09 34.16 -29.30
N ASP B 94 -0.04 34.02 -30.11
CA ASP B 94 0.32 35.04 -31.10
C ASP B 94 -0.38 34.72 -32.43
N GLY B 95 -1.67 35.02 -32.48
CA GLY B 95 -2.51 34.70 -33.64
C GLY B 95 -1.95 35.15 -34.97
N GLU B 96 -1.42 36.38 -35.00
CA GLU B 96 -0.89 36.96 -36.22
C GLU B 96 0.39 36.26 -36.68
N PHE B 97 1.17 35.73 -35.73
CA PHE B 97 2.38 34.96 -36.08
C PHE B 97 2.04 33.66 -36.82
N LEU B 98 0.99 32.98 -36.36
CA LEU B 98 0.54 31.75 -37.00
C LEU B 98 0.00 32.03 -38.41
N GLN B 99 -0.85 33.05 -38.54
CA GLN B 99 -1.40 33.46 -39.84
C GLN B 99 -0.31 33.88 -40.85
N GLN B 100 0.67 34.68 -40.40
CA GLN B 100 1.79 35.11 -41.24
C GLN B 100 2.69 33.96 -41.70
N SER B 101 3.10 33.11 -40.75
CA SER B 101 3.98 31.96 -41.03
C SER B 101 3.40 30.97 -42.04
N LEU B 102 2.09 30.74 -41.95
CA LEU B 102 1.42 29.72 -42.78
C LEU B 102 0.70 30.26 -44.03
N SER B 103 0.86 31.55 -44.34
CA SER B 103 0.14 32.17 -45.48
C SER B 103 0.56 31.66 -46.87
N ARG B 104 1.81 31.19 -47.02
CA ARG B 104 2.24 30.51 -48.27
C ARG B 104 1.73 29.07 -48.32
N THR B 105 1.72 28.40 -47.18
CA THR B 105 1.17 27.05 -47.08
C THR B 105 -0.29 26.94 -47.51
N ARG B 106 -1.10 27.94 -47.18
CA ARG B 106 -2.55 27.86 -47.39
C ARG B 106 -2.98 27.89 -48.86
N LYS B 107 -2.22 28.56 -49.73
CA LYS B 107 -2.50 28.51 -51.18
C LYS B 107 -2.26 27.14 -51.83
N VAL B 108 -1.38 26.31 -51.26
CA VAL B 108 -1.03 25.00 -51.84
C VAL B 108 -1.61 23.79 -51.07
N ASP B 109 -1.93 23.96 -49.78
CA ASP B 109 -2.52 22.88 -48.95
C ASP B 109 -3.95 23.27 -48.51
N PRO B 110 -4.99 22.68 -49.15
CA PRO B 110 -6.39 22.98 -48.77
C PRO B 110 -6.76 22.67 -47.32
N PHE B 111 -6.13 21.65 -46.73
CA PHE B 111 -6.38 21.26 -45.35
C PHE B 111 -5.94 22.33 -44.34
N THR B 112 -4.71 22.80 -44.47
CA THR B 112 -4.17 23.88 -43.61
C THR B 112 -4.97 25.16 -43.77
N SER B 113 -5.38 25.46 -45.00
CA SER B 113 -6.20 26.66 -45.29
C SER B 113 -7.50 26.69 -44.48
N ARG B 114 -8.17 25.55 -44.44
CA ARG B 114 -9.42 25.40 -43.67
C ARG B 114 -9.19 25.48 -42.16
N LEU B 115 -8.08 24.94 -41.68
CA LEU B 115 -7.70 25.12 -40.27
C LEU B 115 -7.48 26.58 -39.94
N LEU B 116 -6.80 27.29 -40.85
CA LEU B 116 -6.60 28.74 -40.71
C LEU B 116 -7.89 29.54 -40.79
N GLU B 117 -8.86 29.09 -41.59
CA GLU B 117 -10.19 29.70 -41.63
C GLU B 117 -10.86 29.67 -40.26
N ILE B 118 -10.79 28.51 -39.60
CA ILE B 118 -11.37 28.36 -38.26
C ILE B 118 -10.66 29.27 -37.28
N HIS B 119 -9.33 29.32 -37.36
CA HIS B 119 -8.54 30.22 -36.52
C HIS B 119 -8.94 31.68 -36.75
N SER B 120 -9.03 32.09 -38.01
CA SER B 120 -9.49 33.43 -38.39
C SER B 120 -10.84 33.78 -37.79
N LYS B 121 -11.78 32.84 -37.83
CA LYS B 121 -13.12 33.04 -37.25
C LYS B 121 -13.07 33.19 -35.74
N MET B 122 -12.17 32.47 -35.08
CA MET B 122 -11.97 32.63 -33.64
C MET B 122 -11.37 33.99 -33.27
N LEU B 123 -10.45 34.49 -34.10
CA LEU B 123 -9.90 35.84 -33.90
C LEU B 123 -10.94 36.96 -34.19
N GLU B 124 -11.82 36.74 -35.18
CA GLU B 124 -12.90 37.69 -35.51
C GLU B 124 -13.89 37.97 -34.37
N ILE B 125 -14.12 36.97 -33.50
CA ILE B 125 -15.07 37.12 -32.39
C ILE B 125 -14.35 37.23 -31.03
N ASN B 126 -13.05 37.53 -31.05
CA ASN B 126 -12.20 37.57 -29.84
C ASN B 126 -12.40 36.40 -28.89
N LYS B 127 -12.34 35.19 -29.44
CA LYS B 127 -12.42 33.96 -28.66
C LYS B 127 -11.19 33.84 -27.79
N ILE B 128 -11.41 33.56 -26.52
CA ILE B 128 -10.34 33.39 -25.54
C ILE B 128 -10.44 31.97 -25.01
N GLU B 129 -9.32 31.27 -24.95
CA GLU B 129 -9.23 30.00 -24.24
C GLU B 129 -8.50 30.31 -22.93
N GLU B 130 -9.27 30.43 -21.85
CA GLU B 130 -8.70 30.67 -20.52
C GLU B 130 -8.01 29.44 -19.95
N ILE B 131 -8.56 28.26 -20.24
CA ILE B 131 -7.96 27.00 -19.82
C ILE B 131 -7.40 26.31 -21.05
N ARG B 132 -6.08 26.10 -21.07
CA ARG B 132 -5.38 25.55 -22.22
C ARG B 132 -4.60 24.30 -21.82
N LEU B 133 -4.89 23.20 -22.52
CA LEU B 133 -4.34 21.89 -22.24
C LEU B 133 -3.52 21.41 -23.43
N GLY B 134 -2.29 21.00 -23.15
CA GLY B 134 -1.39 20.42 -24.14
C GLY B 134 -1.00 19.01 -23.74
N LEU B 135 -1.22 18.07 -24.66
CA LEU B 135 -0.75 16.71 -24.52
C LEU B 135 0.17 16.44 -25.70
N HIS B 136 1.45 16.73 -25.51
CA HIS B 136 2.44 16.75 -26.59
C HIS B 136 3.34 15.50 -26.61
N ARG B 137 3.98 15.27 -27.75
CA ARG B 137 5.12 14.36 -27.83
C ARG B 137 6.17 14.97 -28.75
N SER B 138 7.38 15.12 -28.22
CA SER B 138 8.52 15.63 -28.97
C SER B 138 9.36 14.44 -29.40
N ASP B 139 9.62 14.32 -30.70
CA ASP B 139 10.31 13.17 -31.29
C ASP B 139 11.74 13.51 -31.68
N TYR B 140 12.67 12.62 -31.31
CA TYR B 140 14.11 12.85 -31.48
C TYR B 140 14.78 11.68 -32.18
N MET B 141 15.85 11.99 -32.90
CA MET B 141 16.79 10.99 -33.40
C MET B 141 18.18 11.34 -32.91
N LEU B 142 18.98 10.32 -32.63
CA LEU B 142 20.35 10.49 -32.20
C LEU B 142 21.26 10.28 -33.41
N ASP B 143 21.93 11.36 -33.84
CA ASP B 143 22.93 11.29 -34.93
C ASP B 143 24.14 10.51 -34.46
N GLU B 144 24.48 9.43 -35.18
CA GLU B 144 25.63 8.58 -34.86
C GLU B 144 26.98 9.32 -34.82
N GLN B 145 27.25 10.14 -35.84
CA GLN B 145 28.56 10.74 -36.02
C GLN B 145 28.82 11.91 -35.05
N THR B 146 27.86 12.83 -34.93
CA THR B 146 27.99 14.00 -34.07
C THR B 146 27.57 13.74 -32.60
N LYS B 147 26.89 12.62 -32.37
CA LYS B 147 26.32 12.27 -31.07
C LYS B 147 25.36 13.33 -30.50
N LEU B 148 24.57 13.93 -31.39
CA LEU B 148 23.59 14.95 -31.00
C LEU B 148 22.16 14.40 -31.04
N LEU B 149 21.43 14.65 -29.96
CA LEU B 149 19.99 14.45 -29.93
C LEU B 149 19.37 15.61 -30.68
N LEU B 150 18.65 15.30 -31.77
CA LEU B 150 18.08 16.33 -32.65
C LEU B 150 16.59 16.09 -32.83
N GLN B 151 15.80 17.14 -32.67
CA GLN B 151 14.34 17.06 -32.83
C GLN B 151 13.94 16.83 -34.29
N ILE B 152 13.13 15.78 -34.51
CA ILE B 152 12.50 15.53 -35.81
C ILE B 152 11.14 16.17 -35.94
N GLU B 153 10.35 16.17 -34.87
CA GLU B 153 9.11 16.95 -34.85
C GLU B 153 8.51 17.13 -33.46
N LEU B 154 7.52 18.00 -33.41
CA LEU B 154 6.72 18.26 -32.21
C LEU B 154 5.24 18.03 -32.53
N ASN B 155 4.65 17.02 -31.89
CA ASN B 155 3.23 16.69 -32.06
C ASN B 155 2.39 17.41 -31.03
N THR B 156 1.50 18.29 -31.50
CA THR B 156 0.51 18.93 -30.64
C THR B 156 -0.89 18.31 -30.75
N ILE B 157 -1.08 17.32 -31.63
CA ILE B 157 -2.38 16.70 -31.83
C ILE B 157 -2.29 15.19 -31.91
N SER B 158 -3.17 14.52 -31.17
CA SER B 158 -3.33 13.07 -31.22
C SER B 158 -2.03 12.29 -31.03
N SER B 159 -1.31 12.63 -29.96
CA SER B 159 -0.04 11.97 -29.65
C SER B 159 -0.29 10.54 -29.22
N SER B 160 0.05 9.59 -30.11
CA SER B 160 -0.19 8.18 -29.88
C SER B 160 0.72 7.53 -28.85
N PHE B 161 0.19 6.47 -28.25
CA PHE B 161 0.92 5.49 -27.45
C PHE B 161 1.23 5.80 -25.98
N PRO B 162 0.61 6.84 -25.37
CA PRO B 162 0.87 6.94 -23.92
C PRO B 162 0.41 5.70 -23.14
N GLY B 163 -0.73 5.14 -23.53
CA GLY B 163 -1.21 3.85 -22.97
C GLY B 163 -0.24 2.69 -23.15
N LEU B 164 0.12 2.44 -24.40
CA LEU B 164 0.89 1.24 -24.75
C LEU B 164 2.38 1.34 -24.42
N SER B 165 2.99 2.52 -24.57
CA SER B 165 4.42 2.68 -24.32
C SER B 165 4.79 2.37 -22.88
N CYS B 166 3.94 2.77 -21.94
CA CYS B 166 4.06 2.36 -20.52
C CYS B 166 4.15 0.87 -20.32
N LEU B 167 3.29 0.14 -21.03
CA LEU B 167 3.27 -1.32 -20.94
C LEU B 167 4.52 -1.95 -21.51
N VAL B 168 5.06 -1.40 -22.60
CA VAL B 168 6.28 -1.93 -23.22
C VAL B 168 7.47 -1.85 -22.26
N SER B 169 7.57 -0.76 -21.52
CA SER B 169 8.58 -0.64 -20.44
C SER B 169 8.50 -1.77 -19.43
N GLU B 170 7.29 -2.01 -18.93
CA GLU B 170 7.04 -3.12 -18.00
C GLU B 170 7.30 -4.48 -18.62
N LEU B 171 6.89 -4.65 -19.88
CA LEU B 171 7.14 -5.89 -20.60
C LEU B 171 8.62 -6.20 -20.61
N HIS B 172 9.44 -5.25 -21.03
CA HIS B 172 10.87 -5.45 -21.11
C HIS B 172 11.54 -5.65 -19.75
N ARG B 173 11.11 -4.87 -18.76
CA ARG B 173 11.60 -5.06 -17.39
C ARG B 173 11.29 -6.47 -16.86
N SER B 174 10.09 -6.98 -17.11
CA SER B 174 9.71 -8.33 -16.68
C SER B 174 10.49 -9.44 -17.39
N LEU B 175 10.68 -9.28 -18.71
CA LEU B 175 11.47 -10.23 -19.48
C LEU B 175 12.92 -10.29 -19.01
N LEU B 176 13.55 -9.12 -18.85
CA LEU B 176 14.92 -9.08 -18.36
C LEU B 176 15.04 -9.67 -16.95
N GLN B 177 14.06 -9.41 -16.09
CA GLN B 177 14.00 -10.02 -14.75
C GLN B 177 13.85 -11.52 -14.81
N GLN B 178 12.97 -12.01 -15.68
CA GLN B 178 12.71 -13.44 -15.81
C GLN B 178 13.94 -14.19 -16.36
N TYR B 179 14.69 -13.55 -17.27
CA TYR B 179 15.81 -14.19 -17.95
C TYR B 179 17.20 -13.72 -17.50
N ARG B 180 17.34 -13.39 -16.22
CA ARG B 180 18.66 -12.93 -15.69
C ARG B 180 19.76 -13.97 -15.80
N GLU B 181 19.40 -15.24 -15.68
CA GLU B 181 20.33 -16.36 -15.88
C GLU B 181 20.87 -16.51 -17.32
N ASP B 182 20.09 -16.05 -18.30
CA ASP B 182 20.36 -16.26 -19.73
C ASP B 182 20.84 -15.01 -20.46
N ILE B 183 20.35 -13.84 -20.04
CA ILE B 183 20.78 -12.54 -20.57
C ILE B 183 21.35 -11.72 -19.42
N ALA B 184 22.58 -11.23 -19.59
CA ALA B 184 23.21 -10.35 -18.62
C ALA B 184 22.67 -8.93 -18.77
N SER B 185 21.97 -8.45 -17.76
CA SER B 185 21.36 -7.11 -17.76
C SER B 185 21.13 -6.55 -16.38
N ASP B 186 20.89 -5.25 -16.30
CA ASP B 186 20.26 -4.63 -15.13
C ASP B 186 18.91 -4.09 -15.56
N PRO B 187 17.79 -4.72 -15.11
CA PRO B 187 16.43 -4.24 -15.41
C PRO B 187 16.11 -2.79 -14.96
N ASN B 188 16.80 -2.31 -13.93
CA ASN B 188 16.66 -0.91 -13.49
C ASN B 188 17.18 0.11 -14.49
N ARG B 189 17.97 -0.30 -15.48
CA ARG B 189 18.34 0.58 -16.59
C ARG B 189 17.17 0.96 -17.51
N ILE B 190 16.05 0.25 -17.43
CA ILE B 190 14.82 0.67 -18.11
C ILE B 190 14.14 1.71 -17.22
N PRO B 191 14.05 2.97 -17.67
CA PRO B 191 13.49 3.99 -16.78
C PRO B 191 11.97 3.88 -16.64
N ALA B 192 11.48 4.33 -15.49
CA ALA B 192 10.05 4.30 -15.18
C ALA B 192 9.29 5.15 -16.19
N ASN B 193 8.14 4.65 -16.62
CA ASN B 193 7.35 5.27 -17.66
C ASN B 193 5.91 5.29 -17.20
N ASN B 194 5.40 6.45 -16.85
CA ASN B 194 4.04 6.56 -16.30
C ASN B 194 3.16 7.48 -17.15
N ALA B 195 3.37 7.47 -18.47
CA ALA B 195 2.74 8.44 -19.36
C ALA B 195 1.23 8.42 -19.35
N VAL B 196 0.64 7.23 -19.33
CA VAL B 196 -0.83 7.09 -19.36
C VAL B 196 -1.49 7.76 -18.16
N ASN B 197 -0.90 7.61 -16.98
CA ASN B 197 -1.48 8.16 -15.75
C ASN B 197 -1.21 9.66 -15.62
N GLN B 198 -0.09 10.12 -16.16
CA GLN B 198 0.20 11.56 -16.18
C GLN B 198 -0.66 12.30 -17.20
N PHE B 199 -0.91 11.66 -18.35
CA PHE B 199 -1.89 12.17 -19.32
C PHE B 199 -3.30 12.21 -18.73
N ALA B 200 -3.70 11.13 -18.06
CA ALA B 200 -5.00 11.04 -17.39
C ALA B 200 -5.15 12.13 -16.32
N GLU B 201 -4.11 12.33 -15.52
CA GLU B 201 -4.11 13.38 -14.48
C GLU B 201 -4.30 14.79 -15.06
N ALA B 202 -3.61 15.09 -16.16
CA ALA B 202 -3.71 16.37 -16.82
C ALA B 202 -5.12 16.60 -17.39
N LEU B 203 -5.68 15.57 -18.03
CA LEU B 203 -7.07 15.62 -18.49
C LEU B 203 -8.06 15.82 -17.34
N ALA B 204 -7.80 15.13 -16.22
CA ALA B 204 -8.64 15.25 -15.03
C ALA B 204 -8.58 16.63 -14.38
N LYS B 205 -7.36 17.20 -14.28
CA LYS B 205 -7.20 18.56 -13.75
C LYS B 205 -7.81 19.60 -14.66
N ALA B 206 -7.74 19.37 -15.98
CA ALA B 206 -8.41 20.26 -16.95
C ALA B 206 -9.92 20.26 -16.72
N TRP B 207 -10.48 19.05 -16.61
CA TRP B 207 -11.90 18.87 -16.25
C TRP B 207 -12.24 19.55 -14.92
N ASN B 208 -11.33 19.43 -13.95
CA ASN B 208 -11.51 20.08 -12.65
C ASN B 208 -11.50 21.61 -12.74
N GLU B 209 -10.61 22.18 -13.54
CA GLU B 209 -10.58 23.64 -13.75
C GLU B 209 -11.86 24.16 -14.41
N TYR B 210 -12.42 23.35 -15.32
CA TYR B 210 -13.69 23.66 -15.98
C TYR B 210 -14.84 23.81 -14.98
N GLY B 211 -14.86 22.97 -13.96
CA GLY B 211 -15.71 23.17 -12.77
C GLY B 211 -17.13 22.64 -12.79
N ASP B 212 -17.44 21.70 -13.70
CA ASP B 212 -18.76 21.10 -13.84
C ASP B 212 -18.66 19.62 -13.42
N PRO B 213 -19.19 19.27 -12.23
CA PRO B 213 -19.09 17.87 -11.78
C PRO B 213 -19.91 16.85 -12.58
N ARG B 214 -20.89 17.32 -13.37
CA ARG B 214 -21.66 16.44 -14.27
C ARG B 214 -21.06 16.31 -15.68
N ALA B 215 -20.08 17.14 -16.03
CA ALA B 215 -19.51 17.15 -17.38
C ALA B 215 -18.60 15.95 -17.66
N VAL B 216 -18.39 15.69 -18.95
CA VAL B 216 -17.58 14.56 -19.42
C VAL B 216 -16.40 15.06 -20.25
N ILE B 217 -15.40 14.19 -20.40
CA ILE B 217 -14.33 14.39 -21.36
C ILE B 217 -14.72 13.62 -22.61
N MET B 218 -14.78 14.30 -23.75
CA MET B 218 -15.09 13.66 -25.03
C MET B 218 -13.82 13.35 -25.79
N PHE B 219 -13.69 12.11 -26.24
CA PHE B 219 -12.61 11.70 -27.15
C PHE B 219 -13.17 11.84 -28.56
N ALA B 220 -12.56 12.70 -29.37
CA ALA B 220 -12.89 12.76 -30.80
C ALA B 220 -12.05 11.73 -31.53
N VAL B 221 -12.71 10.70 -32.07
CA VAL B 221 -12.03 9.49 -32.56
C VAL B 221 -12.38 9.17 -34.01
N GLN B 222 -11.62 8.26 -34.60
CA GLN B 222 -11.87 7.83 -35.98
C GLN B 222 -12.93 6.75 -36.02
N ALA B 223 -13.61 6.64 -37.17
CA ALA B 223 -14.68 5.64 -37.34
C ALA B 223 -14.13 4.22 -37.24
N GLU B 224 -12.95 4.00 -37.81
CA GLU B 224 -12.22 2.74 -37.66
C GLU B 224 -10.92 3.03 -36.92
N GLU B 225 -10.67 2.29 -35.84
CA GLU B 225 -9.49 2.54 -35.00
C GLU B 225 -8.92 1.26 -34.39
N ARG B 226 -7.93 0.68 -35.07
CA ARG B 226 -7.26 -0.52 -34.56
C ARG B 226 -6.31 -0.25 -33.41
N ASN B 227 -6.03 1.03 -33.14
CA ASN B 227 -5.29 1.42 -31.95
C ASN B 227 -6.23 1.90 -30.82
N MET B 228 -7.45 1.36 -30.76
CA MET B 228 -8.43 1.78 -29.76
C MET B 228 -8.00 1.48 -28.31
N TYR B 229 -7.24 0.41 -28.11
CA TYR B 229 -6.90 -0.02 -26.76
C TYR B 229 -5.94 0.95 -26.08
N ASP B 230 -5.05 1.54 -26.85
CA ASP B 230 -4.23 2.67 -26.40
C ASP B 230 -5.07 3.83 -25.84
N GLN B 231 -6.13 4.17 -26.57
CA GLN B 231 -7.06 5.24 -26.17
C GLN B 231 -7.87 4.83 -24.95
N HIS B 232 -8.37 3.60 -24.96
CA HIS B 232 -9.16 3.08 -23.83
C HIS B 232 -8.38 2.99 -22.53
N TRP B 233 -7.07 2.78 -22.61
CA TRP B 233 -6.22 2.85 -21.42
C TRP B 233 -6.30 4.22 -20.74
N LEU B 234 -6.38 5.29 -21.53
CA LEU B 234 -6.54 6.63 -20.98
C LEU B 234 -7.87 6.79 -20.28
N SER B 235 -8.96 6.42 -20.96
CA SER B 235 -10.30 6.53 -20.37
C SER B 235 -10.50 5.62 -19.16
N ALA B 236 -9.84 4.46 -19.14
CA ALA B 236 -9.84 3.58 -17.96
C ALA B 236 -9.15 4.25 -16.77
N SER B 237 -8.03 4.91 -17.03
CA SER B 237 -7.34 5.69 -16.00
C SER B 237 -8.18 6.88 -15.51
N LEU B 238 -8.89 7.54 -16.42
CA LEU B 238 -9.77 8.64 -16.04
C LEU B 238 -10.93 8.19 -15.13
N ARG B 239 -11.56 7.07 -15.48
CA ARG B 239 -12.69 6.53 -14.72
C ARG B 239 -12.23 5.99 -13.38
N GLU B 240 -11.22 5.13 -13.38
CA GLU B 240 -10.83 4.38 -12.19
C GLU B 240 -10.04 5.18 -11.15
N ARG B 241 -9.22 6.13 -11.61
CA ARG B 241 -8.36 6.92 -10.70
C ARG B 241 -8.83 8.36 -10.42
N HIS B 242 -9.72 8.90 -11.27
CA HIS B 242 -10.29 10.25 -11.06
C HIS B 242 -11.81 10.39 -11.15
N GLN B 243 -12.54 9.30 -11.42
CA GLN B 243 -14.02 9.30 -11.45
C GLN B 243 -14.61 10.32 -12.44
N VAL B 244 -13.93 10.45 -13.58
CA VAL B 244 -14.36 11.33 -14.67
C VAL B 244 -14.88 10.45 -15.80
N THR B 245 -16.08 10.75 -16.28
CA THR B 245 -16.67 9.98 -17.38
C THR B 245 -16.06 10.43 -18.72
N THR B 246 -15.95 9.47 -19.64
CA THR B 246 -15.53 9.77 -21.01
C THR B 246 -16.55 9.24 -21.98
N ILE B 247 -16.63 9.86 -23.14
CA ILE B 247 -17.40 9.34 -24.27
C ILE B 247 -16.51 9.32 -25.51
N ARG B 248 -16.84 8.47 -26.48
CA ARG B 248 -16.14 8.39 -27.76
C ARG B 248 -17.10 8.79 -28.88
N LYS B 249 -16.70 9.78 -29.68
CA LYS B 249 -17.51 10.23 -30.81
C LYS B 249 -16.65 10.57 -32.02
N THR B 250 -17.15 10.27 -33.22
CA THR B 250 -16.53 10.75 -34.46
C THR B 250 -16.94 12.17 -34.70
N LEU B 251 -16.25 12.85 -35.62
CA LEU B 251 -16.62 14.21 -36.01
C LEU B 251 -18.03 14.28 -36.61
N ALA B 252 -18.40 13.29 -37.42
CA ALA B 252 -19.76 13.18 -37.97
C ALA B 252 -20.80 13.05 -36.88
N GLU B 253 -20.52 12.18 -35.90
CA GLU B 253 -21.41 12.01 -34.73
C GLU B 253 -21.53 13.31 -33.92
N ILE B 254 -20.44 14.06 -33.79
CA ILE B 254 -20.46 15.35 -33.08
C ILE B 254 -21.31 16.39 -33.83
N ASP B 255 -21.26 16.38 -35.15
CA ASP B 255 -22.15 17.25 -35.95
C ASP B 255 -23.62 16.90 -35.76
N ALA B 256 -23.92 15.61 -35.78
CA ALA B 256 -25.29 15.12 -35.64
C ALA B 256 -25.87 15.32 -34.24
N LEU B 257 -25.05 15.06 -33.21
CA LEU B 257 -25.50 15.02 -31.81
C LEU B 257 -25.10 16.25 -30.95
N GLY B 258 -24.36 17.19 -31.53
CA GLY B 258 -23.82 18.31 -30.77
C GLY B 258 -24.51 19.64 -31.02
N GLU B 259 -24.74 20.39 -29.95
CA GLU B 259 -25.20 21.77 -30.04
C GLU B 259 -24.58 22.63 -28.94
N LEU B 260 -24.74 23.94 -29.08
CA LEU B 260 -24.24 24.92 -28.11
C LEU B 260 -25.40 25.57 -27.37
N GLN B 261 -25.24 25.72 -26.06
CA GLN B 261 -26.16 26.50 -25.25
C GLN B 261 -25.77 27.97 -25.36
N GLN B 262 -26.63 28.85 -24.86
CA GLN B 262 -26.42 30.30 -24.97
C GLN B 262 -25.07 30.78 -24.41
N ASP B 263 -24.60 30.16 -23.33
CA ASP B 263 -23.30 30.50 -22.72
C ASP B 263 -22.06 29.87 -23.38
N GLY B 264 -22.26 29.10 -24.46
CA GLY B 264 -21.18 28.43 -25.17
C GLY B 264 -20.85 27.02 -24.72
N THR B 265 -21.64 26.43 -23.82
CA THR B 265 -21.39 25.05 -23.36
C THR B 265 -21.68 24.07 -24.51
N LEU B 266 -20.72 23.18 -24.75
CA LEU B 266 -20.91 22.10 -25.72
C LEU B 266 -21.68 20.96 -25.07
N VAL B 267 -22.84 20.63 -25.64
CA VAL B 267 -23.63 19.48 -25.20
C VAL B 267 -23.67 18.46 -26.33
N VAL B 268 -23.30 17.23 -26.01
CA VAL B 268 -23.24 16.14 -26.97
C VAL B 268 -24.04 14.97 -26.39
N ASP B 269 -25.21 14.73 -26.97
CA ASP B 269 -26.12 13.65 -26.55
C ASP B 269 -26.58 13.85 -25.09
N GLY B 270 -27.05 15.06 -24.79
CA GLY B 270 -27.50 15.44 -23.45
C GLY B 270 -26.46 15.49 -22.32
N GLN B 271 -25.18 15.56 -22.67
CA GLN B 271 -24.09 15.63 -21.70
C GLN B 271 -23.18 16.81 -21.99
N ALA B 272 -22.92 17.63 -20.97
CA ALA B 272 -21.99 18.76 -21.08
C ALA B 272 -20.58 18.24 -21.26
N VAL B 273 -19.84 18.86 -22.17
CA VAL B 273 -18.47 18.45 -22.48
C VAL B 273 -17.49 19.49 -21.97
N ALA B 274 -16.70 19.10 -20.98
CA ALA B 274 -15.69 19.97 -20.36
C ALA B 274 -14.38 19.98 -21.13
N VAL B 275 -13.95 18.80 -21.57
CA VAL B 275 -12.69 18.67 -22.31
C VAL B 275 -12.89 17.85 -23.57
N ILE B 276 -12.31 18.33 -24.68
CA ILE B 276 -12.30 17.59 -25.95
C ILE B 276 -10.86 17.16 -26.23
N TYR B 277 -10.63 15.85 -26.26
CA TYR B 277 -9.32 15.26 -26.50
C TYR B 277 -9.34 14.65 -27.89
N PHE B 278 -8.52 15.19 -28.81
CA PHE B 278 -8.56 14.78 -30.21
C PHE B 278 -7.66 13.58 -30.47
N ARG B 279 -8.25 12.52 -30.99
CA ARG B 279 -7.51 11.41 -31.59
C ARG B 279 -8.00 11.21 -33.04
N ALA B 280 -8.27 12.35 -33.67
CA ALA B 280 -8.82 12.44 -35.02
C ALA B 280 -8.82 13.91 -35.43
N GLY B 281 -9.10 14.18 -36.69
CA GLY B 281 -9.12 15.55 -37.22
C GLY B 281 -7.77 16.15 -37.55
N TYR B 282 -6.74 15.32 -37.60
CA TYR B 282 -5.36 15.73 -37.89
C TYR B 282 -4.98 15.53 -39.35
N ALA B 283 -5.81 14.84 -40.13
CA ALA B 283 -5.54 14.61 -41.56
C ALA B 283 -6.79 14.93 -42.38
N PRO B 284 -6.62 15.29 -43.67
CA PRO B 284 -7.78 15.58 -44.55
C PRO B 284 -8.80 14.43 -44.67
N SER B 285 -8.34 13.19 -44.62
CA SER B 285 -9.21 12.01 -44.80
C SER B 285 -10.22 11.76 -43.66
N ASP B 286 -9.98 12.35 -42.48
CA ASP B 286 -10.97 12.35 -41.39
C ASP B 286 -12.17 13.27 -41.65
N TYR B 287 -12.06 14.17 -42.63
CA TYR B 287 -13.13 15.10 -42.98
C TYR B 287 -13.81 14.64 -44.27
N ASN B 288 -14.70 13.66 -44.13
CA ASN B 288 -15.36 13.02 -45.27
C ASN B 288 -16.29 13.98 -46.03
N SER B 289 -16.96 14.88 -45.31
CA SER B 289 -17.89 15.85 -45.91
C SER B 289 -17.80 17.17 -45.15
N GLU B 290 -18.74 18.09 -45.39
CA GLU B 290 -18.82 19.35 -44.63
C GLU B 290 -19.24 19.16 -43.18
N SER B 291 -19.98 18.09 -42.90
CA SER B 291 -20.42 17.78 -41.53
C SER B 291 -19.26 17.83 -40.54
N GLU B 292 -18.14 17.21 -40.89
CA GLU B 292 -16.96 17.12 -40.03
C GLU B 292 -16.31 18.49 -39.77
N TRP B 293 -16.31 19.37 -40.78
CA TRP B 293 -15.80 20.73 -40.64
C TRP B 293 -16.70 21.61 -39.76
N LYS B 294 -18.02 21.44 -39.89
CA LYS B 294 -18.97 22.13 -39.02
C LYS B 294 -18.80 21.71 -37.57
N ALA B 295 -18.61 20.42 -37.34
CA ALA B 295 -18.33 19.88 -36.01
C ALA B 295 -17.06 20.48 -35.40
N ARG B 296 -16.02 20.61 -36.22
CA ARG B 296 -14.75 21.18 -35.77
C ARG B 296 -14.92 22.65 -35.37
N LEU B 297 -15.68 23.39 -36.16
CA LEU B 297 -16.00 24.80 -35.89
C LEU B 297 -16.90 24.96 -34.66
N LEU B 298 -17.90 24.08 -34.56
CA LEU B 298 -18.81 24.03 -33.40
C LEU B 298 -18.02 23.86 -32.08
N MET B 299 -17.14 22.85 -32.05
CA MET B 299 -16.32 22.58 -30.87
C MET B 299 -15.39 23.76 -30.53
N GLU B 300 -14.81 24.37 -31.56
CA GLU B 300 -13.85 25.44 -31.34
C GLU B 300 -14.46 26.68 -30.68
N GLN B 301 -15.65 27.10 -31.16
CA GLN B 301 -16.37 28.21 -30.55
C GLN B 301 -17.01 27.92 -29.19
N SER B 302 -17.01 26.66 -28.76
CA SER B 302 -17.55 26.29 -27.46
C SER B 302 -16.63 26.70 -26.30
N ARG B 303 -17.19 26.66 -25.10
CA ARG B 303 -16.53 27.04 -23.86
C ARG B 303 -15.60 25.90 -23.37
N ALA B 304 -15.66 24.74 -24.01
CA ALA B 304 -14.86 23.59 -23.61
C ALA B 304 -13.35 23.78 -23.76
N VAL B 305 -12.60 23.05 -22.95
CA VAL B 305 -11.15 22.95 -23.06
C VAL B 305 -10.87 22.05 -24.25
N LYS B 306 -10.08 22.54 -25.22
CA LYS B 306 -9.68 21.73 -26.37
C LYS B 306 -8.26 21.22 -26.15
N CYS B 307 -8.01 19.99 -26.61
CA CYS B 307 -6.67 19.42 -26.61
C CYS B 307 -6.44 18.66 -27.94
N PRO B 308 -5.98 19.35 -28.98
CA PRO B 308 -5.61 20.76 -28.96
C PRO B 308 -6.71 21.70 -29.42
N SER B 309 -6.58 22.97 -29.01
CA SER B 309 -7.30 24.06 -29.67
C SER B 309 -6.74 24.24 -31.08
N ILE B 310 -7.43 25.05 -31.88
CA ILE B 310 -7.02 25.33 -33.25
C ILE B 310 -5.64 26.02 -33.26
N SER B 311 -5.37 26.88 -32.28
CA SER B 311 -4.08 27.55 -32.13
C SER B 311 -2.94 26.56 -31.85
N TYR B 312 -3.17 25.67 -30.88
CA TYR B 312 -2.22 24.60 -30.53
C TYR B 312 -1.96 23.66 -31.72
N HIS B 313 -2.99 23.36 -32.51
CA HIS B 313 -2.88 22.48 -33.69
C HIS B 313 -1.95 23.12 -34.71
N LEU B 314 -2.27 24.37 -35.07
CA LEU B 314 -1.45 25.12 -36.03
C LEU B 314 -0.02 25.30 -35.53
N ALA B 315 0.15 25.46 -34.22
CA ALA B 315 1.49 25.62 -33.62
C ALA B 315 2.39 24.41 -33.79
N GLY B 316 1.82 23.22 -33.93
CA GLY B 316 2.58 21.99 -34.20
C GLY B 316 2.96 21.72 -35.66
N SER B 317 2.56 22.60 -36.57
CA SER B 317 2.94 22.51 -37.98
C SER B 317 4.45 22.52 -38.16
N LYS B 318 4.93 21.76 -39.14
CA LYS B 318 6.34 21.76 -39.52
C LYS B 318 6.83 23.14 -39.98
N LYS B 319 5.97 23.92 -40.60
CA LYS B 319 6.34 25.29 -41.00
C LYS B 319 6.65 26.18 -39.80
N ILE B 320 5.90 26.01 -38.71
CA ILE B 320 6.13 26.76 -37.48
C ILE B 320 7.44 26.34 -36.83
N GLN B 321 7.70 25.03 -36.79
CA GLN B 321 8.97 24.47 -36.33
C GLN B 321 10.15 25.14 -37.05
N GLN B 322 10.01 25.30 -38.36
CA GLN B 322 11.02 25.94 -39.20
C GLN B 322 11.15 27.44 -38.95
N GLU B 323 10.03 28.15 -38.81
CA GLU B 323 10.07 29.58 -38.44
C GLU B 323 10.72 29.81 -37.08
N LEU B 324 10.47 28.93 -36.12
CA LEU B 324 11.07 29.04 -34.79
C LEU B 324 12.60 28.85 -34.77
N ALA B 325 13.14 28.18 -35.79
CA ALA B 325 14.61 28.05 -35.93
C ALA B 325 15.33 29.30 -36.47
N LYS B 326 14.60 30.24 -37.06
CA LYS B 326 15.22 31.43 -37.69
C LYS B 326 15.74 32.43 -36.66
N PRO B 327 16.74 33.27 -37.02
CA PRO B 327 17.33 34.19 -36.03
C PRO B 327 16.32 35.15 -35.39
N ASN B 328 16.42 35.28 -34.06
CA ASN B 328 15.63 36.18 -33.22
C ASN B 328 14.17 35.80 -32.94
N VAL B 329 13.68 34.73 -33.55
CA VAL B 329 12.27 34.36 -33.40
C VAL B 329 11.98 33.78 -32.01
N LEU B 330 12.81 32.85 -31.53
CA LEU B 330 12.64 32.33 -30.15
C LEU B 330 12.65 33.42 -29.09
N GLU B 331 13.46 34.47 -29.31
CA GLU B 331 13.52 35.61 -28.40
C GLU B 331 12.22 36.45 -28.38
N ARG B 332 11.38 36.33 -29.39
CA ARG B 332 10.03 36.90 -29.35
C ARG B 332 9.15 36.30 -28.25
N PHE B 333 9.33 35.00 -27.97
CA PHE B 333 8.42 34.25 -27.10
C PHE B 333 8.96 33.91 -25.73
N LEU B 334 10.28 33.72 -25.61
CA LEU B 334 10.91 33.34 -24.34
C LEU B 334 11.91 34.41 -23.89
N GLU B 335 11.96 34.67 -22.57
CA GLU B 335 12.87 35.67 -21.98
C GLU B 335 14.17 35.04 -21.48
N ASN B 336 14.11 33.78 -21.02
CA ASN B 336 15.26 33.07 -20.44
C ASN B 336 16.22 32.56 -21.52
N LYS B 337 17.46 33.04 -21.49
CA LYS B 337 18.45 32.75 -22.54
C LYS B 337 19.02 31.31 -22.48
N ASP B 338 19.04 30.71 -21.29
CA ASP B 338 19.46 29.31 -21.11
C ASP B 338 18.47 28.35 -21.73
N ASP B 339 17.19 28.57 -21.44
CA ASP B 339 16.10 27.81 -22.05
C ASP B 339 16.14 27.88 -23.59
N ILE B 340 16.39 29.07 -24.14
CA ILE B 340 16.54 29.26 -25.58
C ILE B 340 17.73 28.47 -26.13
N ALA B 341 18.87 28.54 -25.45
CA ALA B 341 20.06 27.78 -25.84
C ALA B 341 19.82 26.24 -25.79
N LYS B 342 19.12 25.78 -24.76
CA LYS B 342 18.75 24.37 -24.65
C LYS B 342 17.89 23.90 -25.82
N LEU B 343 16.94 24.72 -26.26
CA LEU B 343 16.13 24.37 -27.43
C LEU B 343 16.95 24.34 -28.71
N ARG B 344 17.82 25.35 -28.91
CA ARG B 344 18.65 25.44 -30.14
C ARG B 344 19.67 24.29 -30.25
N LYS B 345 20.10 23.76 -29.11
CA LYS B 345 20.96 22.59 -29.10
C LYS B 345 20.25 21.35 -29.71
N CYS B 346 18.93 21.26 -29.58
CA CYS B 346 18.11 20.19 -30.18
C CYS B 346 17.70 20.42 -31.64
N PHE B 347 17.85 21.64 -32.16
CA PHE B 347 17.39 21.95 -33.50
C PHE B 347 18.40 21.45 -34.50
N ALA B 348 17.93 20.62 -35.43
CA ALA B 348 18.65 20.36 -36.66
C ALA B 348 18.43 21.56 -37.55
N GLY B 349 19.23 21.67 -38.60
CA GLY B 349 19.04 22.71 -39.61
C GLY B 349 17.69 22.60 -40.26
N LEU B 350 17.01 23.74 -40.42
CA LEU B 350 15.63 23.80 -40.89
C LEU B 350 15.41 24.99 -41.78
N TRP B 351 14.83 24.75 -42.96
CA TRP B 351 14.70 25.81 -43.98
C TRP B 351 13.47 25.64 -44.87
N SER B 352 12.98 26.73 -45.43
CA SER B 352 11.90 26.68 -46.43
C SER B 352 12.48 26.79 -47.84
N LEU B 353 11.66 26.43 -48.83
CA LEU B 353 12.07 26.47 -50.24
C LEU B 353 12.25 27.88 -50.80
N ASP B 354 11.81 28.92 -50.08
CA ASP B 354 12.07 30.30 -50.46
C ASP B 354 13.45 30.83 -50.01
N GLU B 355 14.20 30.04 -49.24
CA GLU B 355 15.59 30.38 -48.90
C GLU B 355 16.48 29.84 -50.02
N SER B 356 16.75 30.67 -51.02
CA SER B 356 17.33 30.22 -52.30
C SER B 356 18.76 29.73 -52.20
N ASP B 357 19.57 30.34 -51.34
CA ASP B 357 20.91 29.84 -51.05
C ASP B 357 20.88 28.38 -50.56
N ILE B 358 19.89 28.03 -49.73
CA ILE B 358 19.74 26.66 -49.23
C ILE B 358 19.24 25.70 -50.31
N VAL B 359 18.36 26.16 -51.19
CA VAL B 359 17.86 25.35 -52.31
C VAL B 359 19.02 24.96 -53.25
N LYS B 360 19.86 25.95 -53.61
CA LYS B 360 21.04 25.70 -54.43
C LYS B 360 21.97 24.71 -53.76
N ASP B 361 22.19 24.87 -52.46
CA ASP B 361 23.06 23.95 -51.70
C ASP B 361 22.47 22.54 -51.65
N ALA B 362 21.16 22.43 -51.51
CA ALA B 362 20.48 21.13 -51.56
C ALA B 362 20.60 20.48 -52.93
N ILE B 363 20.62 21.29 -53.99
CA ILE B 363 20.86 20.76 -55.33
C ILE B 363 22.32 20.28 -55.48
N ASP B 364 23.29 21.01 -54.92
CA ASP B 364 24.71 20.64 -55.02
C ASP B 364 25.10 19.47 -54.09
N ARG B 365 24.44 19.36 -52.93
CA ARG B 365 24.77 18.34 -51.91
C ARG B 365 23.51 17.67 -51.32
N PRO B 366 22.67 17.07 -52.17
CA PRO B 366 21.35 16.53 -51.79
C PRO B 366 21.38 15.44 -50.72
N GLU B 367 22.45 14.65 -50.71
CA GLU B 367 22.73 13.60 -49.70
C GLU B 367 22.65 14.07 -48.25
N LEU B 368 22.86 15.37 -48.03
CA LEU B 368 22.84 15.95 -46.69
C LEU B 368 21.47 16.44 -46.25
N TYR B 369 20.48 16.37 -47.14
CA TYR B 369 19.16 16.96 -46.92
C TYR B 369 18.02 15.94 -46.95
N VAL B 370 16.93 16.30 -46.30
CA VAL B 370 15.63 15.65 -46.44
C VAL B 370 14.61 16.71 -46.85
N MET B 371 13.77 16.39 -47.82
CA MET B 371 12.65 17.25 -48.21
C MET B 371 11.39 16.66 -47.58
N LYS B 372 10.79 17.41 -46.65
CA LYS B 372 9.63 16.93 -45.87
C LYS B 372 8.38 17.75 -46.22
N PRO B 373 7.25 17.08 -46.56
CA PRO B 373 6.01 17.85 -46.73
C PRO B 373 5.48 18.39 -45.39
N GLN B 374 4.79 19.53 -45.44
CA GLN B 374 4.26 20.17 -44.22
C GLN B 374 2.94 19.51 -43.80
N ASN B 380 5.10 12.10 -47.09
CA ASN B 380 5.92 11.36 -48.04
C ASN B 380 7.33 12.01 -48.24
N ASN B 381 8.26 11.70 -47.33
CA ASN B 381 9.62 12.31 -47.30
C ASN B 381 10.52 11.91 -48.48
N ILE B 382 11.35 12.86 -48.94
CA ILE B 382 12.30 12.60 -50.05
C ILE B 382 13.76 12.71 -49.55
N TYR B 383 14.58 11.71 -49.89
CA TYR B 383 15.94 11.54 -49.37
C TYR B 383 16.98 11.50 -50.48
N GLY B 384 18.22 11.86 -50.15
CA GLY B 384 19.39 11.68 -51.04
C GLY B 384 19.27 12.25 -52.43
N GLU B 385 19.84 11.54 -53.42
CA GLU B 385 19.76 11.88 -54.86
C GLU B 385 18.42 12.48 -55.30
N ASP B 386 17.31 11.93 -54.79
CA ASP B 386 15.96 12.37 -55.18
C ASP B 386 15.60 13.80 -54.76
N VAL B 387 16.27 14.34 -53.73
CA VAL B 387 16.08 15.74 -53.32
C VAL B 387 16.47 16.69 -54.46
N ARG B 388 17.56 16.38 -55.16
CA ARG B 388 18.00 17.14 -56.33
C ARG B 388 16.93 17.17 -57.42
N ASP B 389 16.42 16.00 -57.78
CA ASP B 389 15.42 15.85 -58.84
C ASP B 389 14.12 16.58 -58.52
N ALA B 390 13.62 16.41 -57.30
CA ALA B 390 12.39 17.10 -56.88
C ALA B 390 12.54 18.61 -56.88
N LEU B 391 13.68 19.13 -56.41
CA LEU B 391 13.93 20.58 -56.41
C LEU B 391 14.09 21.14 -57.82
N LEU B 392 14.73 20.37 -58.71
CA LEU B 392 14.87 20.75 -60.12
C LEU B 392 13.52 20.73 -60.86
N LYS B 393 12.63 19.78 -60.52
CA LYS B 393 11.27 19.75 -61.08
C LYS B 393 10.52 21.03 -60.67
N LEU B 394 10.49 21.32 -59.37
CA LEU B 394 9.86 22.54 -58.85
C LEU B 394 10.31 23.83 -59.56
N GLN B 395 11.52 23.87 -60.12
CA GLN B 395 12.01 25.04 -60.86
C GLN B 395 11.65 24.92 -62.36
N TYR B 405 6.15 21.97 -48.44
CA TYR B 405 7.49 21.41 -48.34
C TYR B 405 8.50 22.23 -47.48
N ILE B 406 9.25 21.53 -46.62
CA ILE B 406 10.44 22.09 -45.97
C ILE B 406 11.71 21.27 -46.25
N LEU B 407 12.86 21.93 -46.11
CA LEU B 407 14.18 21.32 -46.20
C LEU B 407 14.77 21.18 -44.80
N MET B 408 15.31 20.01 -44.50
CA MET B 408 15.87 19.71 -43.20
C MET B 408 17.21 19.00 -43.34
N GLN B 409 18.08 19.25 -42.36
CA GLN B 409 19.31 18.49 -42.19
C GLN B 409 18.97 17.01 -42.06
N ARG B 410 19.56 16.19 -42.92
CA ARG B 410 19.44 14.75 -42.79
C ARG B 410 20.24 14.26 -41.59
N ILE B 411 19.55 13.49 -40.75
CA ILE B 411 20.11 12.86 -39.57
C ILE B 411 20.42 11.42 -39.92
N PHE B 412 21.60 10.95 -39.51
CA PHE B 412 22.03 9.57 -39.77
C PHE B 412 22.12 8.81 -38.45
N PRO B 413 21.03 8.12 -38.07
CA PRO B 413 21.07 7.39 -36.79
C PRO B 413 21.87 6.10 -36.86
N LYS B 414 22.16 5.55 -35.70
CA LYS B 414 22.79 4.23 -35.56
C LYS B 414 21.86 3.14 -36.10
N ILE B 415 22.40 2.30 -36.99
CA ILE B 415 21.69 1.11 -37.41
C ILE B 415 22.02 0.00 -36.40
N SER B 416 21.00 -0.47 -35.69
CA SER B 416 21.18 -1.50 -34.64
C SER B 416 20.61 -2.84 -35.09
N HIS B 417 20.98 -3.88 -34.38
CA HIS B 417 20.35 -5.20 -34.48
C HIS B 417 19.23 -5.28 -33.44
N SER B 418 18.06 -5.78 -33.83
CA SER B 418 17.01 -6.14 -32.86
C SER B 418 16.09 -7.24 -33.39
N ILE B 419 15.24 -7.74 -32.51
CA ILE B 419 14.29 -8.79 -32.81
C ILE B 419 12.90 -8.18 -32.65
N LEU B 420 12.13 -8.18 -33.74
CA LEU B 420 10.81 -7.56 -33.79
C LEU B 420 9.73 -8.62 -33.84
N MET B 421 8.70 -8.42 -33.02
CA MET B 421 7.54 -9.32 -32.95
C MET B 421 6.36 -8.67 -33.67
N ARG B 422 5.80 -9.38 -34.64
CA ARG B 422 4.56 -8.96 -35.31
C ARG B 422 3.74 -10.22 -35.59
N GLU B 423 2.47 -10.20 -35.19
CA GLU B 423 1.52 -11.30 -35.43
C GLU B 423 2.06 -12.69 -35.05
N GLY B 424 2.76 -12.76 -33.93
CA GLY B 424 3.22 -14.02 -33.34
C GLY B 424 4.57 -14.53 -33.84
N ILE B 425 5.23 -13.76 -34.70
CA ILE B 425 6.44 -14.20 -35.39
C ILE B 425 7.59 -13.23 -35.09
N SER B 426 8.72 -13.79 -34.69
CA SER B 426 9.93 -13.02 -34.41
C SER B 426 10.76 -12.86 -35.69
N HIS B 427 11.25 -11.64 -35.92
CA HIS B 427 12.09 -11.29 -37.08
C HIS B 427 13.38 -10.64 -36.60
N LYS B 428 14.54 -11.17 -36.99
CA LYS B 428 15.82 -10.48 -36.77
C LYS B 428 16.02 -9.43 -37.87
N GLU B 429 16.20 -8.17 -37.47
CA GLU B 429 16.22 -7.06 -38.44
C GLU B 429 17.27 -6.00 -38.13
N GLN B 430 17.65 -5.28 -39.18
CA GLN B 430 18.47 -4.08 -39.08
C GLN B 430 17.49 -2.94 -38.80
N THR B 431 17.75 -2.14 -37.77
CA THR B 431 16.79 -1.12 -37.35
C THR B 431 17.37 0.26 -37.06
N ILE B 432 16.50 1.27 -37.13
CA ILE B 432 16.77 2.60 -36.59
C ILE B 432 15.67 2.91 -35.58
N SER B 433 15.97 3.78 -34.63
CA SER B 433 15.05 4.09 -33.53
C SER B 433 14.82 5.57 -33.39
N GLU B 434 13.75 5.90 -32.68
CA GLU B 434 13.24 7.24 -32.58
C GLU B 434 12.62 7.44 -31.19
N LEU B 435 13.14 8.41 -30.44
CA LEU B 435 12.72 8.64 -29.06
C LEU B 435 11.66 9.74 -29.01
N GLY B 436 10.54 9.44 -28.37
CA GLY B 436 9.50 10.42 -28.13
C GLY B 436 9.46 10.75 -26.65
N ILE B 437 9.38 12.04 -26.33
CA ILE B 437 9.14 12.47 -24.95
C ILE B 437 7.74 13.10 -24.86
N TYR B 438 6.88 12.53 -24.03
CA TYR B 438 5.55 13.08 -23.79
C TYR B 438 5.67 14.30 -22.88
N GLY B 439 4.75 15.25 -23.06
CA GLY B 439 4.73 16.46 -22.25
C GLY B 439 3.30 16.85 -21.90
N THR B 440 3.06 17.14 -20.63
CA THR B 440 1.75 17.60 -20.16
C THR B 440 1.85 19.07 -19.80
N TYR B 441 0.88 19.87 -20.26
CA TYR B 441 0.81 21.30 -19.98
C TYR B 441 -0.63 21.67 -19.67
N LEU B 442 -0.83 22.42 -18.57
CA LEU B 442 -2.14 22.94 -18.23
C LEU B 442 -2.02 24.30 -17.57
N ARG B 443 -2.69 25.30 -18.10
CA ARG B 443 -2.79 26.61 -17.45
C ARG B 443 -4.22 27.14 -17.45
N ASN B 444 -4.54 27.95 -16.45
CA ASN B 444 -5.78 28.74 -16.37
C ASN B 444 -5.40 30.23 -16.49
N LYS B 445 -6.29 31.17 -16.20
CA LYS B 445 -6.02 32.61 -16.42
C LYS B 445 -4.62 33.08 -16.03
N THR B 446 -4.31 33.06 -14.73
CA THR B 446 -3.01 33.50 -14.21
C THR B 446 -1.95 32.40 -14.23
N GLU B 447 -2.34 31.22 -13.73
CA GLU B 447 -1.39 30.21 -13.25
C GLU B 447 -1.14 29.06 -14.24
N VAL B 448 0.10 28.57 -14.24
CA VAL B 448 0.46 27.32 -14.90
C VAL B 448 0.29 26.23 -13.84
N VAL B 449 -0.61 25.27 -14.10
CA VAL B 449 -0.96 24.21 -13.14
C VAL B 449 -0.08 22.96 -13.32
N ILE B 450 0.18 22.59 -14.57
CA ILE B 450 1.04 21.46 -14.91
C ILE B 450 1.98 21.91 -16.02
N ASN B 451 3.26 21.59 -15.87
CA ASN B 451 4.21 21.68 -16.98
C ASN B 451 5.36 20.74 -16.70
N GLN B 452 5.31 19.54 -17.27
CA GLN B 452 6.34 18.54 -17.05
C GLN B 452 6.52 17.57 -18.20
N GLN B 453 7.67 16.92 -18.18
CA GLN B 453 7.90 15.69 -18.94
C GLN B 453 6.97 14.64 -18.37
N ALA B 454 6.40 13.80 -19.24
CA ALA B 454 5.34 12.87 -18.85
C ALA B 454 5.54 11.48 -19.47
N GLY B 455 6.74 10.91 -19.35
CA GLY B 455 7.05 9.62 -19.94
C GLY B 455 7.62 9.67 -21.34
N TYR B 456 7.71 8.50 -21.96
CA TYR B 456 8.39 8.36 -23.24
C TYR B 456 7.86 7.22 -24.12
N LEU B 457 8.28 7.30 -25.38
CA LEU B 457 7.99 6.32 -26.41
C LEU B 457 9.29 6.05 -27.15
N MET B 458 9.59 4.77 -27.38
CA MET B 458 10.65 4.40 -28.32
C MET B 458 9.99 3.59 -29.42
N ARG B 459 10.15 4.05 -30.66
CA ARG B 459 9.67 3.32 -31.83
C ARG B 459 10.90 2.90 -32.60
N THR B 460 10.89 1.65 -33.02
CA THR B 460 12.01 1.05 -33.71
C THR B 460 11.47 0.46 -35.01
N LYS B 461 12.18 0.72 -36.12
CA LYS B 461 11.74 0.25 -37.43
C LYS B 461 12.87 -0.21 -38.34
N VAL B 462 12.48 -0.99 -39.35
CA VAL B 462 13.41 -1.62 -40.28
C VAL B 462 14.02 -0.55 -41.21
N SER B 463 15.33 -0.63 -41.46
CA SER B 463 16.04 0.36 -42.30
C SER B 463 15.58 0.38 -43.77
N PHE B 474 8.45 -1.61 -41.56
CA PHE B 474 7.42 -1.35 -40.56
C PHE B 474 8.02 -1.07 -39.18
N ALA B 475 7.18 -0.57 -38.27
CA ALA B 475 7.59 -0.06 -36.98
C ALA B 475 6.99 -0.86 -35.80
N VAL B 476 7.74 -0.93 -34.71
CA VAL B 476 7.27 -1.57 -33.47
C VAL B 476 7.48 -0.64 -32.28
N LEU B 477 6.78 -0.94 -31.20
CA LEU B 477 6.98 -0.25 -29.93
C LEU B 477 8.17 -0.86 -29.22
N ASP B 478 8.90 -0.02 -28.51
CA ASP B 478 10.14 -0.42 -27.85
C ASP B 478 10.24 0.38 -26.56
N SER B 479 11.24 0.08 -25.73
CA SER B 479 11.59 0.93 -24.60
C SER B 479 13.09 1.20 -24.64
N ILE B 480 13.61 1.90 -23.63
CA ILE B 480 15.04 2.19 -23.58
C ILE B 480 15.73 1.49 -22.43
N TYR B 481 16.99 1.14 -22.68
CA TYR B 481 17.90 0.56 -21.71
C TYR B 481 19.05 1.57 -21.63
N LEU B 482 19.15 2.27 -20.50
CA LEU B 482 20.09 3.39 -20.37
C LEU B 482 21.55 2.93 -20.16
N VAL B 483 22.48 3.55 -20.90
CA VAL B 483 23.91 3.21 -20.83
C VAL B 483 24.85 4.41 -20.67
N ILE C 12 -34.55 10.41 -13.78
CA ILE C 12 -34.86 9.81 -12.43
C ILE C 12 -36.23 9.12 -12.44
N VAL C 13 -36.30 7.95 -11.77
CA VAL C 13 -37.46 7.01 -11.80
C VAL C 13 -38.83 7.68 -11.65
N ASP C 14 -39.85 7.18 -12.36
CA ASP C 14 -41.27 7.56 -12.15
C ASP C 14 -41.66 7.26 -10.69
N PRO C 15 -41.89 8.31 -9.87
CA PRO C 15 -42.18 8.09 -8.44
C PRO C 15 -43.40 7.20 -8.12
N HIS C 16 -44.41 7.19 -8.99
CA HIS C 16 -45.60 6.37 -8.77
C HIS C 16 -45.33 4.85 -8.92
N ASP C 17 -44.26 4.48 -9.63
CA ASP C 17 -43.83 3.07 -9.73
C ASP C 17 -43.03 2.55 -8.53
N ILE C 18 -42.63 3.42 -7.61
CA ILE C 18 -41.84 3.00 -6.46
C ILE C 18 -42.72 2.16 -5.53
N ASP C 19 -42.17 1.01 -5.11
CA ASP C 19 -42.82 0.10 -4.16
C ASP C 19 -43.27 0.88 -2.88
N PRO C 20 -44.53 0.64 -2.38
CA PRO C 20 -44.98 1.33 -1.16
C PRO C 20 -44.13 1.12 0.12
N LYS C 21 -43.49 -0.04 0.24
CA LYS C 21 -42.51 -0.28 1.32
C LYS C 21 -41.31 0.67 1.29
N LEU C 22 -40.78 0.91 0.08
CA LEU C 22 -39.69 1.86 -0.13
C LEU C 22 -40.14 3.33 0.03
N VAL C 23 -41.37 3.65 -0.39
CA VAL C 23 -41.91 5.00 -0.17
C VAL C 23 -41.98 5.30 1.33
N GLN C 24 -42.48 4.34 2.12
CA GLN C 24 -42.59 4.52 3.57
C GLN C 24 -41.22 4.77 4.22
N LYS C 25 -40.20 4.02 3.84
CA LYS C 25 -38.84 4.20 4.37
C LYS C 25 -38.25 5.57 4.00
N LEU C 26 -38.44 5.96 2.74
CA LEU C 26 -38.04 7.28 2.27
C LEU C 26 -38.75 8.38 3.04
N ALA C 27 -40.06 8.18 3.25
CA ALA C 27 -40.90 9.16 3.94
C ALA C 27 -40.39 9.36 5.36
N ASN C 28 -40.17 8.26 6.10
CA ASN C 28 -39.69 8.34 7.48
C ASN C 28 -38.34 9.04 7.55
N ASP C 29 -37.40 8.67 6.67
CA ASP C 29 -36.11 9.33 6.64
C ASP C 29 -36.21 10.82 6.29
N ALA C 30 -37.11 11.18 5.38
CA ALA C 30 -37.32 12.58 5.05
C ALA C 30 -37.86 13.38 6.22
N LEU C 31 -38.85 12.80 6.91
CA LEU C 31 -39.46 13.43 8.08
C LEU C 31 -38.47 13.64 9.24
N VAL C 32 -37.64 12.62 9.49
CA VAL C 32 -36.60 12.70 10.53
C VAL C 32 -35.62 13.83 10.19
N TRP C 33 -35.13 13.83 8.95
CA TRP C 33 -34.16 14.82 8.50
C TRP C 33 -34.68 16.26 8.71
N CYS C 34 -35.90 16.51 8.27
CA CYS C 34 -36.57 17.81 8.46
C CYS C 34 -36.59 18.24 9.93
N SER C 35 -36.92 17.29 10.80
CA SER C 35 -37.00 17.53 12.25
C SER C 35 -35.66 17.91 12.88
N LEU C 36 -34.58 17.29 12.41
CA LEU C 36 -33.27 17.55 12.99
C LEU C 36 -32.58 18.77 12.40
N ARG C 37 -33.04 19.22 11.23
CA ARG C 37 -32.30 20.22 10.47
C ARG C 37 -33.08 21.51 10.26
N GLY C 38 -34.16 21.70 11.02
CA GLY C 38 -34.91 22.96 11.03
C GLY C 38 -35.71 23.30 9.78
N LEU C 39 -36.19 22.27 9.06
CA LEU C 39 -37.01 22.48 7.88
C LEU C 39 -38.47 22.37 8.33
N LEU C 40 -38.90 23.41 9.04
CA LEU C 40 -40.15 23.34 9.81
C LEU C 40 -41.02 24.54 9.55
N VAL C 41 -42.32 24.33 9.79
CA VAL C 41 -43.30 25.41 9.82
C VAL C 41 -44.17 25.22 11.09
N GLY C 42 -44.90 26.27 11.45
CA GLY C 42 -45.92 26.16 12.47
C GLY C 42 -47.11 25.38 11.92
N ASP C 43 -47.69 24.49 12.73
CA ASP C 43 -48.84 23.68 12.31
C ASP C 43 -50.04 24.58 12.02
N ARG C 44 -50.76 24.29 10.94
CA ARG C 44 -51.90 25.13 10.52
C ARG C 44 -53.09 25.03 11.49
N ASN C 45 -53.20 23.93 12.24
CA ASN C 45 -54.30 23.72 13.19
C ASN C 45 -53.97 24.12 14.64
N SER C 46 -53.05 25.07 14.81
CA SER C 46 -52.65 25.54 16.14
C SER C 46 -52.81 27.06 16.22
N GLU C 47 -53.46 27.53 17.29
CA GLU C 47 -53.54 28.97 17.57
C GLU C 47 -52.21 29.57 18.04
N ARG C 48 -51.27 28.74 18.49
CA ARG C 48 -49.97 29.22 19.03
C ARG C 48 -48.81 29.18 18.02
N SER C 49 -48.89 28.31 17.01
CA SER C 49 -47.73 27.97 16.17
C SER C 49 -47.16 29.13 15.37
N GLY C 50 -47.99 30.13 15.09
CA GLY C 50 -47.57 31.35 14.44
C GLY C 50 -47.08 32.47 15.34
N THR C 51 -47.25 32.36 16.66
CA THR C 51 -46.79 33.41 17.61
C THR C 51 -45.73 32.94 18.61
N VAL C 52 -45.77 31.67 19.02
CA VAL C 52 -44.81 31.16 19.98
C VAL C 52 -43.86 30.21 19.25
N PRO C 53 -42.56 30.58 19.15
CA PRO C 53 -41.61 29.68 18.51
C PRO C 53 -41.38 28.43 19.35
N GLY C 54 -41.03 27.33 18.69
CA GLY C 54 -40.74 26.08 19.36
C GLY C 54 -41.92 25.25 19.83
N VAL C 55 -43.15 25.62 19.44
CA VAL C 55 -44.34 24.83 19.79
C VAL C 55 -45.20 24.54 18.57
N ASP C 56 -45.86 23.38 18.59
CA ASP C 56 -46.80 22.93 17.54
C ASP C 56 -46.18 23.07 16.15
N MET C 57 -45.05 22.39 16.00
CA MET C 57 -44.26 22.42 14.79
C MET C 57 -44.47 21.14 14.02
N VAL C 58 -44.30 21.26 12.72
CA VAL C 58 -44.48 20.18 11.78
C VAL C 58 -43.47 20.41 10.67
N HIS C 59 -43.05 19.32 10.03
CA HIS C 59 -42.17 19.45 8.88
C HIS C 59 -42.81 20.33 7.81
N ALA C 60 -41.98 21.10 7.13
CA ALA C 60 -42.45 21.88 5.99
C ALA C 60 -43.00 20.90 4.96
N PRO C 61 -44.13 21.25 4.30
CA PRO C 61 -44.59 20.35 3.24
C PRO C 61 -43.55 20.25 2.12
N VAL C 62 -43.17 19.03 1.77
CA VAL C 62 -42.09 18.78 0.81
C VAL C 62 -42.42 17.66 -0.15
N ALA C 63 -41.85 17.75 -1.34
CA ALA C 63 -41.77 16.61 -2.25
C ALA C 63 -40.75 15.62 -1.69
N LEU C 64 -41.04 14.34 -1.87
CA LEU C 64 -40.17 13.28 -1.40
C LEU C 64 -38.99 13.05 -2.36
N ILE C 65 -39.22 13.33 -3.65
CA ILE C 65 -38.25 13.13 -4.71
C ILE C 65 -38.08 14.46 -5.41
N PRO C 66 -36.82 14.82 -5.81
CA PRO C 66 -36.64 16.05 -6.55
C PRO C 66 -37.29 16.03 -7.95
N MET C 67 -37.70 17.20 -8.44
CA MET C 67 -38.38 17.33 -9.73
C MET C 67 -37.33 17.39 -10.85
N SER C 68 -37.51 16.58 -11.90
CA SER C 68 -36.69 16.69 -13.11
C SER C 68 -36.90 18.01 -13.84
N PHE C 69 -35.79 18.65 -14.20
CA PHE C 69 -35.83 19.95 -14.87
C PHE C 69 -34.61 20.10 -15.78
N PRO C 70 -34.83 20.53 -17.06
CA PRO C 70 -33.67 20.64 -17.98
C PRO C 70 -32.63 21.67 -17.56
N GLU C 71 -31.35 21.30 -17.59
CA GLU C 71 -30.24 22.19 -17.21
C GLU C 71 -30.15 23.44 -18.07
N SER C 72 -30.44 23.31 -19.37
CA SER C 72 -30.41 24.45 -20.28
C SER C 72 -31.32 25.57 -19.79
N HIS C 73 -32.53 25.21 -19.36
CA HIS C 73 -33.51 26.21 -18.91
C HIS C 73 -33.19 26.73 -17.52
N TRP C 74 -32.63 25.88 -16.69
CA TRP C 74 -32.08 26.31 -15.39
C TRP C 74 -31.04 27.39 -15.59
N LYS C 75 -30.09 27.12 -16.48
CA LYS C 75 -29.03 28.10 -16.83
C LYS C 75 -29.57 29.40 -17.39
N GLN C 76 -30.58 29.33 -18.26
CA GLN C 76 -31.25 30.51 -18.81
C GLN C 76 -31.80 31.37 -17.67
N ALA C 77 -32.49 30.74 -16.73
CA ALA C 77 -33.08 31.41 -15.57
C ALA C 77 -32.04 32.12 -14.69
N CYS C 78 -30.91 31.45 -14.44
CA CYS C 78 -29.80 32.05 -13.68
C CYS C 78 -29.12 33.20 -14.39
N GLU C 79 -28.99 33.10 -15.71
CA GLU C 79 -28.32 34.11 -16.53
C GLU C 79 -29.07 35.45 -16.58
N VAL C 80 -30.41 35.43 -16.62
CA VAL C 80 -31.21 36.67 -16.61
C VAL C 80 -31.41 37.28 -15.21
N ALA C 81 -31.10 36.55 -14.14
CA ALA C 81 -31.29 37.07 -12.79
C ALA C 81 -30.61 38.43 -12.56
N PRO C 82 -29.32 38.57 -12.91
CA PRO C 82 -28.68 39.88 -12.74
C PRO C 82 -29.20 40.99 -13.65
N ILE C 83 -29.82 40.64 -14.77
CA ILE C 83 -30.40 41.62 -15.70
C ILE C 83 -31.71 42.16 -15.11
N PHE C 84 -32.56 41.27 -14.60
CA PHE C 84 -33.76 41.67 -13.84
C PHE C 84 -33.43 42.54 -12.62
N ASN C 85 -32.37 42.19 -11.90
CA ASN C 85 -31.94 42.95 -10.72
C ASN C 85 -31.59 44.40 -11.09
N GLU C 86 -30.82 44.57 -12.16
CA GLU C 86 -30.45 45.90 -12.68
C GLU C 86 -31.69 46.62 -13.21
N LEU C 87 -32.59 45.89 -13.87
CA LEU C 87 -33.82 46.46 -14.42
C LEU C 87 -34.73 47.01 -13.32
N VAL C 88 -34.92 46.23 -12.27
CA VAL C 88 -35.73 46.66 -11.12
C VAL C 88 -35.16 47.97 -10.57
N ASP C 89 -33.84 48.06 -10.43
CA ASP C 89 -33.21 49.27 -9.92
C ASP C 89 -33.46 50.50 -10.82
N ARG C 90 -33.27 50.32 -12.12
CA ARG C 90 -33.45 51.43 -13.08
C ARG C 90 -34.91 51.85 -13.24
N VAL C 91 -35.83 50.89 -13.22
CA VAL C 91 -37.27 51.17 -13.25
C VAL C 91 -37.71 51.98 -12.02
N SER C 92 -37.17 51.60 -10.86
CA SER C 92 -37.51 52.23 -9.59
C SER C 92 -37.06 53.70 -9.50
N GLN C 93 -35.95 54.04 -10.15
CA GLN C 93 -35.44 55.41 -10.20
C GLN C 93 -36.29 56.36 -11.08
N ASP C 94 -37.08 55.79 -11.98
CA ASP C 94 -37.93 56.58 -12.87
C ASP C 94 -39.30 56.79 -12.22
N GLY C 95 -39.35 57.70 -11.26
CA GLY C 95 -40.55 57.98 -10.49
C GLY C 95 -41.80 58.21 -11.31
N GLU C 96 -41.65 58.99 -12.37
CA GLU C 96 -42.79 59.35 -13.22
C GLU C 96 -43.30 58.15 -14.02
N PHE C 97 -42.42 57.22 -14.35
CA PHE C 97 -42.83 55.97 -15.03
C PHE C 97 -43.74 55.11 -14.17
N LEU C 98 -43.41 55.00 -12.88
CA LEU C 98 -44.22 54.24 -11.94
C LEU C 98 -45.59 54.89 -11.74
N GLN C 99 -45.59 56.21 -11.52
CA GLN C 99 -46.85 56.98 -11.36
C GLN C 99 -47.77 56.90 -12.60
N GLN C 100 -47.19 57.04 -13.79
CA GLN C 100 -47.95 56.94 -15.06
C GLN C 100 -48.53 55.55 -15.30
N SER C 101 -47.70 54.52 -15.17
CA SER C 101 -48.10 53.13 -15.38
C SER C 101 -49.25 52.66 -14.48
N LEU C 102 -49.23 53.11 -13.23
CA LEU C 102 -50.19 52.67 -12.22
C LEU C 102 -51.37 53.62 -11.96
N SER C 103 -51.51 54.68 -12.77
CA SER C 103 -52.57 55.68 -12.54
C SER C 103 -54.01 55.18 -12.78
N ARG C 104 -54.20 54.17 -13.63
CA ARG C 104 -55.51 53.49 -13.76
C ARG C 104 -55.76 52.52 -12.63
N THR C 105 -54.70 51.84 -12.17
CA THR C 105 -54.80 50.92 -11.03
C THR C 105 -55.26 51.62 -9.75
N ARG C 106 -54.82 52.85 -9.52
CA ARG C 106 -55.07 53.53 -8.24
C ARG C 106 -56.54 53.92 -8.02
N LYS C 107 -57.30 54.20 -9.07
CA LYS C 107 -58.75 54.45 -8.92
C LYS C 107 -59.55 53.19 -8.50
N VAL C 108 -59.05 51.99 -8.79
CA VAL C 108 -59.79 50.73 -8.52
C VAL C 108 -59.20 49.90 -7.35
N ASP C 109 -57.90 50.09 -7.04
CA ASP C 109 -57.24 49.40 -5.92
C ASP C 109 -56.78 50.41 -4.85
N PRO C 110 -57.53 50.51 -3.72
CA PRO C 110 -57.14 51.44 -2.63
C PRO C 110 -55.76 51.21 -2.04
N PHE C 111 -55.30 49.95 -2.02
CA PHE C 111 -53.98 49.60 -1.49
C PHE C 111 -52.83 50.19 -2.31
N THR C 112 -52.87 49.99 -3.63
CA THR C 112 -51.87 50.56 -4.56
C THR C 112 -51.87 52.08 -4.50
N SER C 113 -53.05 52.68 -4.40
CA SER C 113 -53.20 54.13 -4.32
C SER C 113 -52.42 54.73 -3.13
N ARG C 114 -52.55 54.08 -1.98
CA ARG C 114 -51.82 54.50 -0.77
C ARG C 114 -50.31 54.29 -0.87
N LEU C 115 -49.88 53.22 -1.54
CA LEU C 115 -48.46 53.02 -1.83
C LEU C 115 -47.94 54.14 -2.72
N LEU C 116 -48.73 54.51 -3.73
CA LEU C 116 -48.40 55.63 -4.62
C LEU C 116 -48.38 56.99 -3.90
N GLU C 117 -49.26 57.17 -2.90
CA GLU C 117 -49.23 58.37 -2.05
C GLU C 117 -47.88 58.53 -1.35
N ILE C 118 -47.38 57.44 -0.78
CA ILE C 118 -46.09 57.45 -0.10
C ILE C 118 -44.97 57.76 -1.09
N HIS C 119 -45.04 57.15 -2.27
CA HIS C 119 -44.07 57.41 -3.32
C HIS C 119 -44.10 58.88 -3.74
N SER C 120 -45.30 59.42 -3.95
CA SER C 120 -45.50 60.85 -4.28
C SER C 120 -44.87 61.77 -3.24
N LYS C 121 -45.05 61.44 -1.95
CA LYS C 121 -44.46 62.22 -0.87
C LYS C 121 -42.94 62.18 -0.87
N MET C 122 -42.37 61.02 -1.23
CA MET C 122 -40.92 60.90 -1.36
C MET C 122 -40.37 61.71 -2.54
N LEU C 123 -41.10 61.76 -3.65
CA LEU C 123 -40.72 62.62 -4.79
C LEU C 123 -40.86 64.13 -4.48
N GLU C 124 -41.88 64.50 -3.69
CA GLU C 124 -42.10 65.90 -3.27
C GLU C 124 -40.95 66.51 -2.46
N ILE C 125 -40.23 65.69 -1.69
CA ILE C 125 -39.11 66.17 -0.87
C ILE C 125 -37.74 65.76 -1.43
N ASN C 126 -37.70 65.36 -2.70
CA ASN C 126 -36.49 64.83 -3.36
C ASN C 126 -35.71 63.83 -2.52
N LYS C 127 -36.42 62.81 -2.01
CA LYS C 127 -35.80 61.73 -1.26
C LYS C 127 -34.90 60.93 -2.18
N ILE C 128 -33.69 60.67 -1.72
CA ILE C 128 -32.71 59.90 -2.45
C ILE C 128 -32.38 58.68 -1.60
N GLU C 129 -32.38 57.50 -2.21
CA GLU C 129 -31.86 56.29 -1.59
C GLU C 129 -30.50 56.06 -2.24
N GLU C 130 -29.44 56.42 -1.54
CA GLU C 130 -28.07 56.21 -2.04
C GLU C 130 -27.65 54.75 -1.97
N ILE C 131 -28.12 54.04 -0.94
CA ILE C 131 -27.88 52.61 -0.78
C ILE C 131 -29.18 51.88 -1.04
N ARG C 132 -29.19 51.04 -2.08
CA ARG C 132 -30.40 50.34 -2.53
C ARG C 132 -30.17 48.83 -2.53
N LEU C 133 -31.03 48.11 -1.80
CA LEU C 133 -30.93 46.67 -1.61
C LEU C 133 -32.16 45.99 -2.19
N GLY C 134 -31.92 44.98 -3.02
CA GLY C 134 -32.96 44.14 -3.61
C GLY C 134 -32.76 42.69 -3.21
N LEU C 135 -33.79 42.08 -2.64
CA LEU C 135 -33.83 40.67 -2.37
C LEU C 135 -35.03 40.09 -3.13
N HIS C 136 -34.77 39.70 -4.37
CA HIS C 136 -35.82 39.34 -5.33
C HIS C 136 -35.98 37.83 -5.52
N ARG C 137 -37.12 37.42 -6.06
CA ARG C 137 -37.31 36.09 -6.62
C ARG C 137 -38.11 36.18 -7.91
N SER C 138 -37.53 35.65 -9.00
CA SER C 138 -38.19 35.61 -10.29
C SER C 138 -38.74 34.21 -10.47
N ASP C 139 -40.04 34.11 -10.76
CA ASP C 139 -40.75 32.83 -10.85
C ASP C 139 -41.06 32.46 -12.30
N TYR C 140 -40.79 31.20 -12.66
CA TYR C 140 -40.89 30.70 -14.03
C TYR C 140 -41.70 29.43 -14.12
N MET C 141 -42.33 29.22 -15.27
CA MET C 141 -42.92 27.94 -15.64
C MET C 141 -42.37 27.51 -16.99
N LEU C 142 -42.21 26.21 -17.17
CA LEU C 142 -41.72 25.65 -18.42
C LEU C 142 -42.92 25.14 -19.21
N ASP C 143 -43.19 25.77 -20.36
CA ASP C 143 -44.24 25.33 -21.28
C ASP C 143 -43.85 24.01 -21.93
N GLU C 144 -44.68 22.98 -21.78
CA GLU C 144 -44.45 21.64 -22.34
C GLU C 144 -44.29 21.64 -23.87
N GLN C 145 -45.17 22.31 -24.58
CA GLN C 145 -45.21 22.23 -26.05
C GLN C 145 -44.14 23.02 -26.75
N THR C 146 -43.95 24.28 -26.34
CA THR C 146 -42.94 25.16 -26.94
C THR C 146 -41.54 24.99 -26.33
N LYS C 147 -41.47 24.32 -25.17
CA LYS C 147 -40.23 24.17 -24.40
C LYS C 147 -39.57 25.50 -24.03
N LEU C 148 -40.39 26.50 -23.70
CA LEU C 148 -39.90 27.82 -23.28
C LEU C 148 -40.04 28.04 -21.78
N LEU C 149 -38.95 28.50 -21.16
CA LEU C 149 -38.97 29.04 -19.80
C LEU C 149 -39.61 30.41 -19.89
N LEU C 150 -40.73 30.61 -19.20
CA LEU C 150 -41.49 31.85 -19.27
C LEU C 150 -41.75 32.40 -17.88
N GLN C 151 -41.48 33.69 -17.68
CA GLN C 151 -41.69 34.35 -16.38
C GLN C 151 -43.18 34.48 -16.03
N ILE C 152 -43.54 34.00 -14.85
CA ILE C 152 -44.87 34.18 -14.27
C ILE C 152 -44.96 35.46 -13.43
N GLU C 153 -43.92 35.74 -12.65
CA GLU C 153 -43.84 37.03 -11.96
C GLU C 153 -42.45 37.35 -11.40
N LEU C 154 -42.31 38.60 -10.95
CA LEU C 154 -41.11 39.09 -10.30
C LEU C 154 -41.50 39.65 -8.92
N ASN C 155 -41.00 39.01 -7.86
CA ASN C 155 -41.24 39.45 -6.47
C ASN C 155 -40.15 40.38 -6.02
N THR C 156 -40.51 41.62 -5.70
CA THR C 156 -39.59 42.58 -5.09
C THR C 156 -39.80 42.75 -3.58
N ILE C 157 -40.81 42.07 -3.00
CA ILE C 157 -41.11 42.23 -1.58
C ILE C 157 -41.39 40.90 -0.93
N SER C 158 -40.76 40.69 0.23
CA SER C 158 -41.00 39.52 1.08
C SER C 158 -40.90 38.18 0.34
N SER C 159 -39.79 37.99 -0.36
CA SER C 159 -39.55 36.77 -1.13
C SER C 159 -39.33 35.61 -0.18
N SER C 160 -40.32 34.72 -0.09
CA SER C 160 -40.30 33.59 0.84
C SER C 160 -39.34 32.48 0.45
N PHE C 161 -38.92 31.75 1.48
CA PHE C 161 -38.24 30.47 1.40
C PHE C 161 -36.72 30.43 1.10
N PRO C 162 -35.98 31.57 1.17
CA PRO C 162 -34.53 31.37 1.04
C PRO C 162 -33.94 30.44 2.11
N GLY C 163 -34.42 30.56 3.34
CA GLY C 163 -34.06 29.65 4.45
C GLY C 163 -34.39 28.18 4.14
N LEU C 164 -35.65 27.91 3.83
CA LEU C 164 -36.14 26.55 3.71
C LEU C 164 -35.75 25.85 2.41
N SER C 165 -35.72 26.59 1.29
CA SER C 165 -35.42 25.98 -0.01
C SER C 165 -34.02 25.38 -0.05
N CYS C 166 -33.06 26.07 0.57
CA CYS C 166 -31.71 25.50 0.79
C CYS C 166 -31.71 24.15 1.46
N LEU C 167 -32.53 24.01 2.50
CA LEU C 167 -32.63 22.76 3.24
C LEU C 167 -33.24 21.64 2.39
N VAL C 168 -34.23 21.97 1.55
CA VAL C 168 -34.88 20.96 0.71
C VAL C 168 -33.88 20.35 -0.28
N SER C 169 -32.99 21.18 -0.84
CA SER C 169 -31.89 20.69 -1.69
C SER C 169 -31.03 19.65 -0.98
N GLU C 170 -30.59 19.98 0.24
CA GLU C 170 -29.82 19.06 1.08
C GLU C 170 -30.61 17.81 1.44
N LEU C 171 -31.89 17.98 1.78
CA LEU C 171 -32.75 16.85 2.09
C LEU C 171 -32.74 15.85 0.93
N HIS C 172 -33.02 16.34 -0.27
CA HIS C 172 -33.08 15.46 -1.44
C HIS C 172 -31.74 14.84 -1.80
N ARG C 173 -30.66 15.63 -1.72
CA ARG C 173 -29.32 15.10 -1.93
C ARG C 173 -28.97 13.99 -0.94
N SER C 174 -29.33 14.15 0.33
CA SER C 174 -29.07 13.12 1.36
C SER C 174 -29.88 11.84 1.15
N LEU C 175 -31.17 12.00 0.78
CA LEU C 175 -32.02 10.85 0.47
C LEU C 175 -31.49 10.06 -0.72
N LEU C 176 -31.18 10.75 -1.81
CA LEU C 176 -30.64 10.08 -2.99
C LEU C 176 -29.31 9.38 -2.70
N GLN C 177 -28.46 10.02 -1.88
CA GLN C 177 -27.19 9.40 -1.44
C GLN C 177 -27.44 8.17 -0.57
N GLN C 178 -28.39 8.26 0.35
CA GLN C 178 -28.70 7.13 1.25
C GLN C 178 -29.30 5.94 0.49
N TYR C 179 -30.09 6.21 -0.55
CA TYR C 179 -30.82 5.16 -1.27
C TYR C 179 -30.28 4.86 -2.67
N ARG C 180 -28.96 4.96 -2.85
CA ARG C 180 -28.34 4.66 -4.16
C ARG C 180 -28.53 3.24 -4.63
N GLU C 181 -28.57 2.30 -3.68
CA GLU C 181 -28.87 0.89 -3.98
C GLU C 181 -30.29 0.62 -4.48
N ASP C 182 -31.24 1.48 -4.12
CA ASP C 182 -32.68 1.29 -4.38
C ASP C 182 -33.22 2.21 -5.47
N ILE C 183 -32.69 3.42 -5.57
CA ILE C 183 -33.06 4.37 -6.63
C ILE C 183 -31.80 4.72 -7.41
N ALA C 184 -31.87 4.56 -8.73
CA ALA C 184 -30.78 4.94 -9.63
C ALA C 184 -30.80 6.45 -9.85
N SER C 185 -29.74 7.12 -9.38
CA SER C 185 -29.62 8.58 -9.52
C SER C 185 -28.16 9.03 -9.46
N ASP C 186 -27.92 10.28 -9.87
CA ASP C 186 -26.71 11.01 -9.52
C ASP C 186 -27.11 12.18 -8.63
N PRO C 187 -26.77 12.13 -7.32
CA PRO C 187 -27.03 13.25 -6.38
C PRO C 187 -26.43 14.61 -6.77
N ASN C 188 -25.33 14.60 -7.51
CA ASN C 188 -24.72 15.85 -8.03
C ASN C 188 -25.58 16.59 -9.05
N ARG C 189 -26.60 15.92 -9.62
CA ARG C 189 -27.58 16.61 -10.47
C ARG C 189 -28.48 17.58 -9.70
N ILE C 190 -28.52 17.50 -8.38
CA ILE C 190 -29.18 18.53 -7.57
C ILE C 190 -28.20 19.68 -7.39
N PRO C 191 -28.50 20.85 -7.97
CA PRO C 191 -27.50 21.93 -7.89
C PRO C 191 -27.41 22.57 -6.51
N ALA C 192 -26.23 23.10 -6.20
CA ALA C 192 -25.96 23.76 -4.94
C ALA C 192 -26.90 24.93 -4.74
N ASN C 193 -27.41 25.09 -3.53
CA ASN C 193 -28.41 26.11 -3.22
C ASN C 193 -27.98 26.76 -1.93
N ASN C 194 -27.48 27.99 -2.00
CA ASN C 194 -26.95 28.69 -0.84
C ASN C 194 -27.70 30.01 -0.59
N ALA C 195 -28.99 30.03 -0.89
CA ALA C 195 -29.77 31.27 -0.90
C ALA C 195 -29.80 32.00 0.43
N VAL C 196 -29.96 31.26 1.52
CA VAL C 196 -30.04 31.86 2.85
C VAL C 196 -28.78 32.63 3.22
N ASN C 197 -27.62 32.09 2.89
CA ASN C 197 -26.34 32.72 3.23
C ASN C 197 -25.99 33.86 2.27
N GLN C 198 -26.44 33.76 1.03
CA GLN C 198 -26.26 34.85 0.06
C GLN C 198 -27.19 36.03 0.35
N PHE C 199 -28.41 35.73 0.79
CA PHE C 199 -29.32 36.76 1.30
C PHE C 199 -28.77 37.43 2.57
N ALA C 200 -28.26 36.63 3.49
CA ALA C 200 -27.63 37.13 4.72
C ALA C 200 -26.41 38.02 4.40
N GLU C 201 -25.58 37.58 3.47
CA GLU C 201 -24.41 38.37 3.07
C GLU C 201 -24.78 39.74 2.46
N ALA C 202 -25.82 39.77 1.64
CA ALA C 202 -26.29 41.00 1.03
C ALA C 202 -26.86 41.96 2.07
N LEU C 203 -27.63 41.43 3.02
CA LEU C 203 -28.11 42.23 4.16
C LEU C 203 -26.95 42.75 5.02
N ALA C 204 -25.94 41.91 5.24
CA ALA C 204 -24.75 42.30 6.00
C ALA C 204 -23.92 43.38 5.31
N LYS C 205 -23.71 43.24 4.00
CA LYS C 205 -23.01 44.26 3.22
C LYS C 205 -23.78 45.57 3.17
N ALA C 206 -25.11 45.50 3.10
CA ALA C 206 -25.95 46.69 3.16
C ALA C 206 -25.76 47.42 4.48
N TRP C 207 -25.83 46.66 5.58
CA TRP C 207 -25.52 47.16 6.92
C TRP C 207 -24.11 47.78 6.99
N ASN C 208 -23.15 47.11 6.35
CA ASN C 208 -21.78 47.61 6.28
C ASN C 208 -21.65 48.94 5.52
N GLU C 209 -22.35 49.06 4.39
CA GLU C 209 -22.36 50.32 3.63
C GLU C 209 -22.96 51.48 4.42
N TYR C 210 -23.99 51.16 5.23
CA TYR C 210 -24.62 52.15 6.12
C TYR C 210 -23.63 52.74 7.11
N GLY C 211 -22.73 51.91 7.64
CA GLY C 211 -21.53 52.39 8.36
C GLY C 211 -21.63 52.63 9.85
N ASP C 212 -22.67 52.08 10.50
CA ASP C 212 -22.89 52.22 11.94
C ASP C 212 -22.68 50.86 12.60
N PRO C 213 -21.56 50.67 13.33
CA PRO C 213 -21.31 49.36 13.96
C PRO C 213 -22.26 48.99 15.11
N ARG C 214 -22.98 49.96 15.66
CA ARG C 214 -24.01 49.70 16.69
C ARG C 214 -25.42 49.47 16.14
N ALA C 215 -25.64 49.74 14.85
CA ALA C 215 -26.97 49.63 14.24
C ALA C 215 -27.41 48.18 14.05
N VAL C 216 -28.73 48.01 13.89
CA VAL C 216 -29.35 46.68 13.71
C VAL C 216 -30.09 46.60 12.38
N ILE C 217 -30.35 45.37 11.94
CA ILE C 217 -31.24 45.12 10.81
C ILE C 217 -32.60 44.80 11.43
N MET C 218 -33.64 45.54 11.04
CA MET C 218 -35.00 45.27 11.51
C MET C 218 -35.77 44.45 10.50
N PHE C 219 -36.39 43.38 10.96
CA PHE C 219 -37.32 42.59 10.16
C PHE C 219 -38.71 43.14 10.44
N ALA C 220 -39.38 43.65 9.42
CA ALA C 220 -40.80 44.05 9.55
C ALA C 220 -41.65 42.81 9.26
N VAL C 221 -42.34 42.32 10.30
CA VAL C 221 -42.97 41.00 10.26
C VAL C 221 -44.46 41.05 10.59
N GLN C 222 -45.16 39.95 10.33
CA GLN C 222 -46.59 39.86 10.63
C GLN C 222 -46.79 39.46 12.09
N ALA C 223 -47.93 39.81 12.65
CA ALA C 223 -48.25 39.48 14.05
C ALA C 223 -48.34 37.95 14.24
N GLU C 224 -48.91 37.26 13.24
CA GLU C 224 -48.97 35.81 13.22
C GLU C 224 -48.19 35.32 12.01
N GLU C 225 -47.24 34.41 12.22
CA GLU C 225 -46.36 33.94 11.15
C GLU C 225 -45.93 32.49 11.31
N ARG C 226 -46.66 31.59 10.65
CA ARG C 226 -46.32 30.16 10.68
C ARG C 226 -45.11 29.80 9.84
N ASN C 227 -44.63 30.73 9.02
CA ASN C 227 -43.37 30.57 8.32
C ASN C 227 -42.21 31.30 9.01
N MET C 228 -42.28 31.42 10.35
CA MET C 228 -41.25 32.17 11.11
C MET C 228 -39.86 31.55 11.01
N TYR C 229 -39.78 30.23 10.89
CA TYR C 229 -38.50 29.53 10.94
C TYR C 229 -37.65 29.82 9.71
N ASP C 230 -38.32 29.99 8.56
CA ASP C 230 -37.68 30.49 7.33
C ASP C 230 -37.00 31.86 7.57
N GLN C 231 -37.70 32.76 8.25
CA GLN C 231 -37.18 34.08 8.56
C GLN C 231 -36.06 34.02 9.60
N HIS C 232 -36.25 33.20 10.63
CA HIS C 232 -35.24 33.03 11.67
C HIS C 232 -33.93 32.42 11.16
N TRP C 233 -34.01 31.59 10.11
CA TRP C 233 -32.80 31.10 9.46
C TRP C 233 -31.93 32.26 8.92
N LEU C 234 -32.57 33.30 8.39
CA LEU C 234 -31.85 34.48 7.93
C LEU C 234 -31.16 35.21 9.06
N SER C 235 -31.91 35.50 10.13
CA SER C 235 -31.34 36.21 11.29
C SER C 235 -30.27 35.39 12.01
N ALA C 236 -30.40 34.05 12.01
CA ALA C 236 -29.36 33.17 12.55
C ALA C 236 -28.07 33.28 11.73
N SER C 237 -28.21 33.31 10.40
CA SER C 237 -27.06 33.52 9.51
C SER C 237 -26.43 34.91 9.71
N LEU C 238 -27.25 35.93 9.93
CA LEU C 238 -26.74 37.27 10.18
C LEU C 238 -25.92 37.36 11.47
N ARG C 239 -26.46 36.76 12.54
CA ARG C 239 -25.79 36.79 13.85
C ARG C 239 -24.53 35.93 13.85
N GLU C 240 -24.63 34.70 13.39
CA GLU C 240 -23.55 33.71 13.54
C GLU C 240 -22.40 33.87 12.54
N ARG C 241 -22.70 34.34 11.33
CA ARG C 241 -21.68 34.48 10.27
C ARG C 241 -21.20 35.93 9.99
N HIS C 242 -21.98 36.93 10.43
CA HIS C 242 -21.61 38.34 10.26
C HIS C 242 -21.70 39.25 11.50
N GLN C 243 -22.13 38.71 12.64
CA GLN C 243 -22.17 39.47 13.92
C GLN C 243 -23.03 40.74 13.83
N VAL C 244 -24.13 40.65 13.09
CA VAL C 244 -25.09 41.73 12.92
C VAL C 244 -26.34 41.36 13.72
N THR C 245 -26.79 42.26 14.57
CA THR C 245 -28.00 42.04 15.36
C THR C 245 -29.24 42.26 14.50
N THR C 246 -30.29 41.50 14.78
CA THR C 246 -31.58 41.69 14.16
C THR C 246 -32.65 41.86 15.23
N ILE C 247 -33.72 42.56 14.88
CA ILE C 247 -34.91 42.65 15.72
C ILE C 247 -36.12 42.34 14.85
N ARG C 248 -37.20 41.88 15.47
CA ARG C 248 -38.46 41.57 14.79
C ARG C 248 -39.54 42.52 15.32
N LYS C 249 -40.18 43.26 14.41
CA LYS C 249 -41.25 44.19 14.79
C LYS C 249 -42.39 44.17 13.77
N THR C 250 -43.62 44.32 14.26
CA THR C 250 -44.77 44.54 13.38
C THR C 250 -44.81 46.03 13.02
N LEU C 251 -45.61 46.36 12.02
CA LEU C 251 -45.81 47.75 11.62
C LEU C 251 -46.40 48.60 12.76
N ALA C 252 -47.35 48.04 13.50
CA ALA C 252 -47.94 48.71 14.68
C ALA C 252 -46.88 48.99 15.74
N GLU C 253 -46.04 47.99 16.01
CA GLU C 253 -44.92 48.16 16.96
C GLU C 253 -43.93 49.24 16.49
N ILE C 254 -43.68 49.32 15.19
CA ILE C 254 -42.79 50.34 14.62
C ILE C 254 -43.39 51.75 14.76
N ASP C 255 -44.71 51.87 14.62
CA ASP C 255 -45.37 53.15 14.86
C ASP C 255 -45.27 53.58 16.33
N ALA C 256 -45.47 52.63 17.24
CA ALA C 256 -45.43 52.90 18.68
C ALA C 256 -44.01 53.20 19.18
N LEU C 257 -43.02 52.45 18.71
CA LEU C 257 -41.64 52.50 19.21
C LEU C 257 -40.63 53.25 18.33
N GLY C 258 -41.06 53.75 17.18
CA GLY C 258 -40.12 54.35 16.21
C GLY C 258 -40.19 55.87 16.11
N GLU C 259 -39.04 56.51 16.03
CA GLU C 259 -38.95 57.94 15.73
C GLU C 259 -37.72 58.25 14.88
N LEU C 260 -37.69 59.46 14.33
CA LEU C 260 -36.61 59.94 13.46
C LEU C 260 -35.81 61.03 14.13
N GLN C 261 -34.49 60.97 13.97
CA GLN C 261 -33.60 62.07 14.34
C GLN C 261 -33.60 63.11 13.23
N GLN C 262 -33.03 64.28 13.51
CA GLN C 262 -32.95 65.38 12.53
C GLN C 262 -32.32 64.97 11.20
N ASP C 263 -31.31 64.08 11.23
CA ASP C 263 -30.66 63.62 9.98
C ASP C 263 -31.39 62.48 9.25
N GLY C 264 -32.52 62.04 9.78
CA GLY C 264 -33.30 60.93 9.22
C GLY C 264 -32.99 59.57 9.77
N THR C 265 -32.15 59.44 10.81
CA THR C 265 -31.84 58.11 11.38
C THR C 265 -33.09 57.51 12.05
N LEU C 266 -33.41 56.27 11.68
CA LEU C 266 -34.55 55.56 12.26
C LEU C 266 -34.07 54.92 13.56
N VAL C 267 -34.70 55.30 14.67
CA VAL C 267 -34.43 54.67 15.97
C VAL C 267 -35.69 53.94 16.41
N VAL C 268 -35.54 52.66 16.74
CA VAL C 268 -36.64 51.80 17.17
C VAL C 268 -36.23 51.15 18.48
N ASP C 269 -36.87 51.60 19.56
CA ASP C 269 -36.60 51.11 20.92
C ASP C 269 -35.14 51.35 21.34
N GLY C 270 -34.68 52.60 21.15
CA GLY C 270 -33.30 53.00 21.47
C GLY C 270 -32.17 52.39 20.63
N GLN C 271 -32.49 51.83 19.46
CA GLN C 271 -31.50 51.22 18.58
C GLN C 271 -31.61 51.80 17.17
N ALA C 272 -30.47 52.24 16.61
CA ALA C 272 -30.42 52.73 15.24
C ALA C 272 -30.67 51.57 14.28
N VAL C 273 -31.47 51.82 13.25
CA VAL C 273 -31.85 50.81 12.28
C VAL C 273 -31.16 51.14 10.95
N ALA C 274 -30.23 50.28 10.54
CA ALA C 274 -29.49 50.47 9.30
C ALA C 274 -30.23 49.91 8.10
N VAL C 275 -30.83 48.72 8.26
CA VAL C 275 -31.56 48.06 7.18
C VAL C 275 -32.94 47.60 7.65
N ILE C 276 -33.95 47.83 6.82
CA ILE C 276 -35.31 47.34 7.07
C ILE C 276 -35.63 46.28 6.01
N TYR C 277 -35.83 45.05 6.47
CA TYR C 277 -36.13 43.90 5.61
C TYR C 277 -37.60 43.54 5.80
N PHE C 278 -38.39 43.70 4.75
CA PHE C 278 -39.85 43.51 4.85
C PHE C 278 -40.26 42.08 4.64
N ARG C 279 -40.94 41.51 5.62
CA ARG C 279 -41.66 40.24 5.49
C ARG C 279 -43.13 40.47 5.88
N ALA C 280 -43.61 41.66 5.50
CA ALA C 280 -44.95 42.16 5.82
C ALA C 280 -45.15 43.47 5.05
N GLY C 281 -46.38 43.98 5.07
CA GLY C 281 -46.71 45.23 4.37
C GLY C 281 -46.95 45.11 2.87
N TYR C 282 -47.08 43.86 2.39
CA TYR C 282 -47.30 43.57 0.98
C TYR C 282 -48.78 43.35 0.63
N ALA C 283 -49.66 43.27 1.63
CA ALA C 283 -51.09 43.08 1.41
C ALA C 283 -51.88 44.07 2.26
N PRO C 284 -53.12 44.43 1.83
CA PRO C 284 -53.96 45.36 2.61
C PRO C 284 -54.25 44.92 4.06
N SER C 285 -54.36 43.61 4.30
CA SER C 285 -54.71 43.08 5.62
C SER C 285 -53.62 43.24 6.69
N ASP C 286 -52.38 43.50 6.29
CA ASP C 286 -51.30 43.87 7.23
C ASP C 286 -51.45 45.29 7.78
N TYR C 287 -52.30 46.12 7.17
CA TYR C 287 -52.53 47.49 7.61
C TYR C 287 -53.88 47.60 8.31
N ASN C 288 -53.88 47.19 9.58
CA ASN C 288 -55.12 47.11 10.38
C ASN C 288 -55.75 48.48 10.65
N SER C 289 -54.93 49.51 10.83
CA SER C 289 -55.40 50.86 11.11
C SER C 289 -54.46 51.88 10.44
N GLU C 290 -54.59 53.16 10.78
CA GLU C 290 -53.67 54.19 10.28
C GLU C 290 -52.26 54.08 10.86
N SER C 291 -52.13 53.50 12.04
CA SER C 291 -50.82 53.31 12.67
C SER C 291 -49.82 52.66 11.73
N GLU C 292 -50.25 51.60 11.04
CA GLU C 292 -49.39 50.85 10.14
C GLU C 292 -48.93 51.65 8.91
N TRP C 293 -49.82 52.51 8.40
CA TRP C 293 -49.49 53.41 7.29
C TRP C 293 -48.51 54.52 7.71
N LYS C 294 -48.69 55.06 8.90
CA LYS C 294 -47.75 56.04 9.46
C LYS C 294 -46.35 55.44 9.64
N ALA C 295 -46.30 54.21 10.13
CA ALA C 295 -45.04 53.46 10.27
C ALA C 295 -44.35 53.27 8.93
N ARG C 296 -45.13 52.94 7.90
CA ARG C 296 -44.58 52.74 6.56
C ARG C 296 -43.99 54.04 6.01
N LEU C 297 -44.70 55.15 6.22
CA LEU C 297 -44.24 56.47 5.81
C LEU C 297 -43.01 56.94 6.63
N LEU C 298 -43.04 56.69 7.93
CA LEU C 298 -41.92 56.98 8.82
C LEU C 298 -40.63 56.29 8.35
N MET C 299 -40.71 54.99 8.10
CA MET C 299 -39.56 54.21 7.61
C MET C 299 -39.06 54.70 6.27
N GLU C 300 -39.97 55.04 5.38
CA GLU C 300 -39.60 55.46 4.03
C GLU C 300 -38.80 56.76 4.00
N GLN C 301 -39.24 57.75 4.76
CA GLN C 301 -38.49 59.01 4.88
C GLN C 301 -37.18 58.93 5.69
N SER C 302 -36.93 57.80 6.35
CA SER C 302 -35.69 57.60 7.10
C SER C 302 -34.48 57.37 6.18
N ARG C 303 -33.31 57.48 6.77
CA ARG C 303 -32.01 57.32 6.13
C ARG C 303 -31.65 55.84 5.98
N ALA C 304 -32.46 54.94 6.56
CA ALA C 304 -32.20 53.50 6.49
C ALA C 304 -32.33 52.92 5.08
N VAL C 305 -31.61 51.82 4.87
CA VAL C 305 -31.71 51.03 3.65
C VAL C 305 -33.01 50.25 3.76
N LYS C 306 -33.88 50.39 2.76
CA LYS C 306 -35.13 49.62 2.71
C LYS C 306 -34.96 48.44 1.76
N CYS C 307 -35.57 47.32 2.12
CA CYS C 307 -35.63 46.16 1.25
C CYS C 307 -37.03 45.54 1.31
N PRO C 308 -37.96 46.00 0.47
CA PRO C 308 -37.75 47.02 -0.55
C PRO C 308 -38.11 48.43 -0.10
N SER C 309 -37.54 49.42 -0.79
CA SER C 309 -38.07 50.78 -0.78
C SER C 309 -39.44 50.80 -1.45
N ILE C 310 -40.13 51.92 -1.32
CA ILE C 310 -41.45 52.10 -1.93
C ILE C 310 -41.36 52.00 -3.46
N SER C 311 -40.26 52.51 -4.04
CA SER C 311 -40.01 52.43 -5.48
C SER C 311 -39.83 50.98 -5.95
N TYR C 312 -38.99 50.23 -5.24
CA TYR C 312 -38.76 48.80 -5.50
C TYR C 312 -40.07 47.98 -5.36
N HIS C 313 -40.90 48.31 -4.38
CA HIS C 313 -42.19 47.63 -4.15
C HIS C 313 -43.10 47.84 -5.35
N LEU C 314 -43.30 49.10 -5.72
CA LEU C 314 -44.13 49.44 -6.87
C LEU C 314 -43.59 48.83 -8.16
N ALA C 315 -42.27 48.73 -8.29
CA ALA C 315 -41.64 48.15 -9.47
C ALA C 315 -41.96 46.67 -9.68
N GLY C 316 -42.27 45.94 -8.60
CA GLY C 316 -42.70 44.54 -8.67
C GLY C 316 -44.17 44.28 -9.00
N SER C 317 -44.97 45.34 -9.14
CA SER C 317 -46.37 45.23 -9.55
C SER C 317 -46.52 44.49 -10.88
N LYS C 318 -47.58 43.69 -11.00
CA LYS C 318 -47.94 43.04 -12.26
C LYS C 318 -48.20 44.01 -13.40
N LYS C 319 -48.74 45.19 -13.09
CA LYS C 319 -48.95 46.21 -14.12
C LYS C 319 -47.64 46.71 -14.74
N ILE C 320 -46.59 46.82 -13.91
CA ILE C 320 -45.28 47.22 -14.37
C ILE C 320 -44.66 46.12 -15.25
N GLN C 321 -44.78 44.87 -14.83
CA GLN C 321 -44.37 43.71 -15.60
C GLN C 321 -44.98 43.77 -17.01
N GLN C 322 -46.26 44.11 -17.08
CA GLN C 322 -46.98 44.23 -18.34
C GLN C 322 -46.53 45.44 -19.18
N GLU C 323 -46.32 46.59 -18.55
CA GLU C 323 -45.76 47.76 -19.25
C GLU C 323 -44.37 47.49 -19.82
N LEU C 324 -43.53 46.76 -19.07
CA LEU C 324 -42.18 46.42 -19.53
C LEU C 324 -42.16 45.50 -20.75
N ALA C 325 -43.24 44.75 -20.99
CA ALA C 325 -43.34 43.92 -22.19
C ALA C 325 -43.70 44.68 -23.47
N LYS C 326 -44.20 45.92 -23.37
CA LYS C 326 -44.66 46.67 -24.55
C LYS C 326 -43.49 47.16 -25.40
N PRO C 327 -43.73 47.42 -26.72
CA PRO C 327 -42.63 47.86 -27.58
C PRO C 327 -41.93 49.15 -27.12
N ASN C 328 -40.60 49.12 -27.18
CA ASN C 328 -39.69 50.22 -26.87
C ASN C 328 -39.49 50.58 -25.40
N VAL C 329 -40.21 49.94 -24.49
CA VAL C 329 -40.14 50.30 -23.07
C VAL C 329 -38.83 49.81 -22.44
N LEU C 330 -38.44 48.55 -22.68
CA LEU C 330 -37.15 48.07 -22.17
C LEU C 330 -35.96 48.91 -22.63
N GLU C 331 -36.03 49.43 -23.86
CA GLU C 331 -34.99 50.30 -24.40
C GLU C 331 -34.89 51.67 -23.69
N ARG C 332 -35.93 52.08 -22.97
CA ARG C 332 -35.85 53.23 -22.05
C ARG C 332 -34.86 53.03 -20.91
N PHE C 333 -34.73 51.80 -20.43
CA PHE C 333 -33.97 51.52 -19.20
C PHE C 333 -32.62 50.85 -19.42
N LEU C 334 -32.50 50.02 -20.47
CA LEU C 334 -31.28 49.26 -20.74
C LEU C 334 -30.70 49.65 -22.10
N GLU C 335 -29.37 49.73 -22.17
CA GLU C 335 -28.64 50.08 -23.40
C GLU C 335 -28.17 48.83 -24.17
N ASN C 336 -27.87 47.74 -23.44
CA ASN C 336 -27.36 46.50 -24.02
C ASN C 336 -28.46 45.67 -24.68
N LYS C 337 -28.33 45.43 -25.99
CA LYS C 337 -29.38 44.78 -26.78
C LYS C 337 -29.48 43.26 -26.54
N ASP C 338 -28.35 42.62 -26.15
CA ASP C 338 -28.35 41.19 -25.78
C ASP C 338 -29.11 40.94 -24.50
N ASP C 339 -28.84 41.76 -23.49
CA ASP C 339 -29.57 41.71 -22.22
C ASP C 339 -31.08 41.89 -22.44
N ILE C 340 -31.47 42.83 -23.31
CA ILE C 340 -32.89 43.06 -23.65
C ILE C 340 -33.48 41.83 -24.34
N ALA C 341 -32.77 41.25 -25.29
CA ALA C 341 -33.21 40.03 -25.97
C ALA C 341 -33.36 38.85 -25.00
N LYS C 342 -32.42 38.69 -24.07
CA LYS C 342 -32.51 37.64 -23.05
C LYS C 342 -33.76 37.78 -22.17
N LEU C 343 -34.12 39.01 -21.79
CA LEU C 343 -35.35 39.24 -21.03
C LEU C 343 -36.60 38.92 -21.85
N ARG C 344 -36.64 39.37 -23.10
CA ARG C 344 -37.81 39.16 -23.98
C ARG C 344 -38.04 37.69 -24.32
N LYS C 345 -36.98 36.90 -24.33
CA LYS C 345 -37.10 35.45 -24.50
C LYS C 345 -37.89 34.81 -23.33
N CYS C 346 -37.80 35.38 -22.13
CA CYS C 346 -38.58 34.93 -20.95
C CYS C 346 -39.99 35.47 -20.84
N PHE C 347 -40.33 36.51 -21.61
CA PHE C 347 -41.64 37.14 -21.49
C PHE C 347 -42.68 36.31 -22.21
N ALA C 348 -43.72 35.93 -21.47
CA ALA C 348 -44.94 35.45 -22.09
C ALA C 348 -45.68 36.67 -22.57
N GLY C 349 -46.69 36.46 -23.40
CA GLY C 349 -47.56 37.54 -23.85
C GLY C 349 -48.27 38.18 -22.67
N LEU C 350 -48.31 39.51 -22.66
CA LEU C 350 -48.81 40.29 -21.53
C LEU C 350 -49.55 41.50 -22.02
N TRP C 351 -50.76 41.72 -21.51
CA TRP C 351 -51.64 42.78 -21.99
C TRP C 351 -52.56 43.34 -20.92
N SER C 352 -52.98 44.59 -21.10
CA SER C 352 -54.02 45.20 -20.24
C SER C 352 -55.38 45.14 -20.93
N LEU C 353 -56.43 45.33 -20.14
CA LEU C 353 -57.81 45.26 -20.65
C LEU C 353 -58.19 46.44 -21.55
N ASP C 354 -57.35 47.49 -21.60
CA ASP C 354 -57.54 48.59 -22.56
C ASP C 354 -56.99 48.30 -23.96
N GLU C 355 -56.30 47.18 -24.15
CA GLU C 355 -55.89 46.72 -25.49
C GLU C 355 -57.07 45.91 -26.09
N SER C 356 -57.95 46.60 -26.82
CA SER C 356 -59.25 46.04 -27.20
C SER C 356 -59.19 44.87 -28.19
N ASP C 357 -58.24 44.92 -29.12
CA ASP C 357 -57.97 43.78 -29.98
C ASP C 357 -57.67 42.49 -29.20
N ILE C 358 -56.93 42.62 -28.10
CA ILE C 358 -56.60 41.47 -27.24
C ILE C 358 -57.82 40.99 -26.44
N VAL C 359 -58.65 41.92 -25.98
CA VAL C 359 -59.89 41.57 -25.26
C VAL C 359 -60.82 40.74 -26.15
N LYS C 360 -61.02 41.20 -27.39
CA LYS C 360 -61.83 40.47 -28.37
C LYS C 360 -61.27 39.09 -28.63
N ASP C 361 -59.95 38.99 -28.77
CA ASP C 361 -59.29 37.71 -29.00
C ASP C 361 -59.44 36.77 -27.79
N ALA C 362 -59.35 37.33 -26.59
CA ALA C 362 -59.58 36.55 -25.38
C ALA C 362 -61.02 36.06 -25.27
N ILE C 363 -61.97 36.84 -25.78
CA ILE C 363 -63.35 36.40 -25.85
C ILE C 363 -63.52 35.26 -26.88
N ASP C 364 -62.85 35.35 -28.03
CA ASP C 364 -62.95 34.32 -29.08
C ASP C 364 -62.17 33.04 -28.76
N ARG C 365 -61.05 33.17 -28.04
CA ARG C 365 -60.16 32.03 -27.72
C ARG C 365 -59.68 32.03 -26.25
N PRO C 366 -60.64 32.01 -25.30
CA PRO C 366 -60.36 32.19 -23.86
C PRO C 366 -59.43 31.13 -23.24
N GLU C 367 -59.50 29.91 -23.79
CA GLU C 367 -58.63 28.78 -23.42
C GLU C 367 -57.12 29.08 -23.44
N LEU C 368 -56.73 30.07 -24.24
CA LEU C 368 -55.34 30.46 -24.40
C LEU C 368 -54.89 31.54 -23.43
N TYR C 369 -55.81 32.06 -22.62
CA TYR C 369 -55.54 33.21 -21.75
C TYR C 369 -55.74 32.90 -20.27
N VAL C 370 -55.07 33.71 -19.44
CA VAL C 370 -55.33 33.81 -18.01
C VAL C 370 -55.64 35.27 -17.69
N MET C 371 -56.68 35.50 -16.91
CA MET C 371 -56.97 36.85 -16.40
C MET C 371 -56.48 36.92 -14.95
N LYS C 372 -55.47 37.78 -14.72
CA LYS C 372 -54.81 37.88 -13.41
C LYS C 372 -55.09 39.23 -12.77
N PRO C 373 -55.56 39.26 -11.50
CA PRO C 373 -55.67 40.55 -10.81
C PRO C 373 -54.29 41.15 -10.49
N GLN C 374 -54.19 42.48 -10.45
CA GLN C 374 -52.92 43.17 -10.18
C GLN C 374 -52.64 43.21 -8.68
N ASN C 380 -56.80 36.12 -7.21
CA ASN C 380 -57.77 35.12 -7.65
C ASN C 380 -57.83 34.99 -9.21
N ASN C 381 -56.94 34.17 -9.78
CA ASN C 381 -56.79 34.03 -11.25
C ASN C 381 -57.99 33.34 -11.94
N ILE C 382 -58.31 33.78 -13.16
CA ILE C 382 -59.41 33.20 -13.96
C ILE C 382 -58.85 32.52 -15.22
N TYR C 383 -59.30 31.27 -15.46
CA TYR C 383 -58.77 30.39 -16.52
C TYR C 383 -59.86 29.95 -17.48
N GLY C 384 -59.45 29.59 -18.71
CA GLY C 384 -60.32 28.93 -19.70
C GLY C 384 -61.64 29.63 -20.00
N GLU C 385 -62.68 28.84 -20.23
CA GLU C 385 -64.05 29.33 -20.47
C GLU C 385 -64.47 30.55 -19.64
N ASP C 386 -64.09 30.58 -18.37
CA ASP C 386 -64.43 31.69 -17.45
C ASP C 386 -63.84 33.06 -17.82
N VAL C 387 -62.73 33.08 -18.57
CA VAL C 387 -62.15 34.34 -19.07
C VAL C 387 -63.13 35.07 -19.98
N ARG C 388 -63.84 34.31 -20.83
CA ARG C 388 -64.88 34.87 -21.71
C ARG C 388 -65.99 35.54 -20.90
N ASP C 389 -66.51 34.82 -19.90
CA ASP C 389 -67.61 35.31 -19.07
C ASP C 389 -67.25 36.56 -18.29
N ALA C 390 -66.07 36.55 -17.65
CA ALA C 390 -65.62 37.71 -16.90
C ALA C 390 -65.41 38.95 -17.79
N LEU C 391 -64.84 38.76 -18.98
CA LEU C 391 -64.64 39.87 -19.92
C LEU C 391 -65.96 40.40 -20.49
N LEU C 392 -66.91 39.51 -20.74
CA LEU C 392 -68.26 39.91 -21.19
C LEU C 392 -69.03 40.65 -20.09
N LYS C 393 -68.86 40.25 -18.82
CA LYS C 393 -69.45 41.00 -17.70
C LYS C 393 -68.91 42.42 -17.65
N LEU C 394 -67.59 42.54 -17.63
CA LEU C 394 -66.92 43.87 -17.70
C LEU C 394 -67.49 44.82 -18.82
N TYR C 405 -56.79 44.22 -13.12
CA TYR C 405 -56.72 43.05 -13.99
C TYR C 405 -55.72 43.17 -15.18
N ILE C 406 -54.95 42.10 -15.42
CA ILE C 406 -54.20 41.91 -16.67
C ILE C 406 -54.57 40.61 -17.38
N LEU C 407 -54.30 40.58 -18.69
CA LEU C 407 -54.43 39.40 -19.53
C LEU C 407 -53.05 38.84 -19.86
N MET C 408 -52.88 37.54 -19.70
CA MET C 408 -51.60 36.87 -19.93
C MET C 408 -51.79 35.61 -20.76
N GLN C 409 -50.77 35.29 -21.55
CA GLN C 409 -50.65 34.01 -22.22
C GLN C 409 -50.72 32.90 -21.19
N ARG C 410 -51.66 31.98 -21.38
CA ARG C 410 -51.71 30.78 -20.56
C ARG C 410 -50.57 29.85 -20.93
N ILE C 411 -49.84 29.44 -19.89
CA ILE C 411 -48.73 28.52 -19.99
C ILE C 411 -49.25 27.14 -19.59
N PHE C 412 -48.87 26.12 -20.36
CA PHE C 412 -49.29 24.73 -20.10
C PHE C 412 -48.07 23.91 -19.71
N PRO C 413 -47.80 23.81 -18.39
CA PRO C 413 -46.63 23.04 -17.96
C PRO C 413 -46.85 21.54 -18.04
N LYS C 414 -45.75 20.80 -17.93
CA LYS C 414 -45.78 19.33 -17.85
C LYS C 414 -46.48 18.90 -16.56
N ILE C 415 -47.44 18.00 -16.71
CA ILE C 415 -48.04 17.36 -15.55
C ILE C 415 -47.17 16.14 -15.20
N SER C 416 -46.56 16.16 -14.02
CA SER C 416 -45.65 15.09 -13.59
C SER C 416 -46.29 14.25 -12.49
N HIS C 417 -45.70 13.09 -12.25
CA HIS C 417 -45.99 12.28 -11.06
C HIS C 417 -45.01 12.67 -9.96
N SER C 418 -45.50 12.85 -8.74
CA SER C 418 -44.63 12.96 -7.55
C SER C 418 -45.31 12.50 -6.28
N ILE C 419 -44.52 12.40 -5.22
CA ILE C 419 -44.99 12.00 -3.91
C ILE C 419 -44.80 13.20 -3.00
N LEU C 420 -45.90 13.68 -2.42
CA LEU C 420 -45.91 14.88 -1.59
C LEU C 420 -46.13 14.48 -0.13
N MET C 421 -45.35 15.10 0.75
CA MET C 421 -45.44 14.90 2.19
C MET C 421 -46.12 16.11 2.82
N ARG C 422 -47.20 15.87 3.56
CA ARG C 422 -47.86 16.90 4.33
C ARG C 422 -48.35 16.28 5.62
N GLU C 423 -48.01 16.90 6.76
CA GLU C 423 -48.43 16.45 8.10
C GLU C 423 -48.21 14.96 8.36
N GLY C 424 -47.07 14.45 7.90
CA GLY C 424 -46.62 13.08 8.18
C GLY C 424 -47.13 12.01 7.24
N ILE C 425 -47.85 12.41 6.19
CA ILE C 425 -48.54 11.47 5.30
C ILE C 425 -48.06 11.69 3.86
N SER C 426 -47.69 10.60 3.19
CA SER C 426 -47.28 10.65 1.79
C SER C 426 -48.49 10.50 0.86
N HIS C 427 -48.55 11.34 -0.18
CA HIS C 427 -49.63 11.35 -1.17
C HIS C 427 -49.02 11.21 -2.57
N LYS C 428 -49.44 10.22 -3.35
CA LYS C 428 -49.09 10.16 -4.78
C LYS C 428 -50.03 11.06 -5.56
N GLU C 429 -49.48 12.03 -6.31
CA GLU C 429 -50.29 13.08 -6.94
C GLU C 429 -49.81 13.45 -8.35
N GLN C 430 -50.74 13.99 -9.11
CA GLN C 430 -50.47 14.62 -10.40
C GLN C 430 -50.07 16.05 -10.06
N THR C 431 -48.94 16.52 -10.59
CA THR C 431 -48.42 17.84 -10.19
C THR C 431 -47.93 18.73 -11.35
N ILE C 432 -47.89 20.03 -11.09
CA ILE C 432 -47.18 21.00 -11.92
C ILE C 432 -46.19 21.72 -11.03
N SER C 433 -45.12 22.25 -11.62
CA SER C 433 -44.04 22.87 -10.86
C SER C 433 -43.71 24.26 -11.34
N GLU C 434 -43.00 25.00 -10.51
CA GLU C 434 -42.73 26.41 -10.68
C GLU C 434 -41.35 26.73 -10.12
N LEU C 435 -40.46 27.25 -10.96
CA LEU C 435 -39.08 27.52 -10.58
C LEU C 435 -38.92 28.98 -10.18
N GLY C 436 -38.37 29.21 -9.00
CA GLY C 436 -38.02 30.55 -8.53
C GLY C 436 -36.52 30.71 -8.53
N ILE C 437 -36.03 31.82 -9.06
CA ILE C 437 -34.61 32.17 -8.93
C ILE C 437 -34.47 33.39 -8.02
N TYR C 438 -33.75 33.24 -6.91
CA TYR C 438 -33.47 34.34 -6.02
C TYR C 438 -32.40 35.23 -6.62
N GLY C 439 -32.47 36.52 -6.29
CA GLY C 439 -31.51 37.51 -6.80
C GLY C 439 -31.14 38.51 -5.73
N THR C 440 -29.83 38.74 -5.55
CA THR C 440 -29.33 39.74 -4.60
C THR C 440 -28.77 40.92 -5.38
N TYR C 441 -29.15 42.13 -4.98
CA TYR C 441 -28.67 43.37 -5.60
C TYR C 441 -28.34 44.37 -4.52
N LEU C 442 -27.16 44.99 -4.61
CA LEU C 442 -26.77 46.06 -3.70
C LEU C 442 -25.91 47.09 -4.43
N ARG C 443 -26.33 48.35 -4.37
CA ARG C 443 -25.50 49.44 -4.89
C ARG C 443 -25.44 50.61 -3.91
N ASN C 444 -24.33 51.35 -3.95
CA ASN C 444 -24.18 52.64 -3.25
C ASN C 444 -24.08 53.75 -4.33
N LYS C 445 -23.68 54.97 -3.98
CA LYS C 445 -23.68 56.11 -4.93
C LYS C 445 -23.20 55.76 -6.36
N THR C 446 -21.92 55.45 -6.50
CA THR C 446 -21.31 55.12 -7.80
C THR C 446 -21.47 53.63 -8.18
N GLU C 447 -21.15 52.76 -7.23
CA GLU C 447 -20.81 51.37 -7.50
C GLU C 447 -21.94 50.36 -7.24
N VAL C 448 -22.00 49.33 -8.08
CA VAL C 448 -22.81 48.15 -7.84
C VAL C 448 -21.92 47.18 -7.06
N VAL C 449 -22.33 46.83 -5.84
CA VAL C 449 -21.53 45.99 -4.92
C VAL C 449 -21.87 44.50 -5.09
N ILE C 450 -23.15 44.19 -5.23
CA ILE C 450 -23.63 42.84 -5.46
C ILE C 450 -24.65 42.87 -6.58
N ASN C 451 -24.52 41.96 -7.51
CA ASN C 451 -25.59 41.69 -8.48
C ASN C 451 -25.43 40.27 -9.00
N GLN C 452 -26.15 39.33 -8.41
CA GLN C 452 -26.03 37.93 -8.77
C GLN C 452 -27.30 37.13 -8.55
N GLN C 453 -27.35 35.99 -9.24
CA GLN C 453 -28.25 34.91 -8.91
C GLN C 453 -27.85 34.41 -7.52
N ALA C 454 -28.84 34.07 -6.70
CA ALA C 454 -28.60 33.73 -5.29
C ALA C 454 -29.40 32.51 -4.83
N GLY C 455 -29.32 31.41 -5.58
CA GLY C 455 -30.07 30.20 -5.28
C GLY C 455 -31.45 30.13 -5.92
N TYR C 456 -32.23 29.15 -5.49
CA TYR C 456 -33.50 28.83 -6.13
C TYR C 456 -34.52 28.19 -5.19
N LEU C 457 -35.75 28.19 -5.70
CA LEU C 457 -36.91 27.58 -5.07
C LEU C 457 -37.63 26.78 -6.15
N MET C 458 -38.03 25.56 -5.83
CA MET C 458 -38.97 24.80 -6.66
C MET C 458 -40.19 24.52 -5.81
N ARG C 459 -41.35 24.97 -6.28
CA ARG C 459 -42.62 24.69 -5.64
C ARG C 459 -43.39 23.80 -6.58
N THR C 460 -43.97 22.75 -6.01
CA THR C 460 -44.70 21.75 -6.76
C THR C 460 -46.08 21.63 -6.13
N LYS C 461 -47.11 21.60 -6.97
CA LYS C 461 -48.50 21.53 -6.48
C LYS C 461 -49.41 20.66 -7.32
N VAL C 462 -50.52 20.27 -6.70
CA VAL C 462 -51.50 19.36 -7.30
C VAL C 462 -52.25 20.07 -8.43
N SER C 463 -52.47 19.38 -9.54
CA SER C 463 -53.18 19.95 -10.72
C SER C 463 -54.65 20.30 -10.44
N PHE C 474 -52.97 21.98 -3.13
CA PHE C 474 -51.97 22.60 -2.26
C PHE C 474 -50.55 22.40 -2.79
N ALA C 475 -49.61 23.14 -2.21
CA ALA C 475 -48.24 23.25 -2.69
C ALA C 475 -47.21 22.76 -1.68
N VAL C 476 -46.09 22.24 -2.18
CA VAL C 476 -44.96 21.80 -1.35
C VAL C 476 -43.66 22.40 -1.86
N LEU C 477 -42.64 22.38 -1.00
CA LEU C 477 -41.29 22.78 -1.38
C LEU C 477 -40.63 21.56 -2.06
N ASP C 478 -39.78 21.85 -3.03
CA ASP C 478 -39.15 20.84 -3.85
C ASP C 478 -37.75 21.34 -4.21
N SER C 479 -36.95 20.51 -4.85
CA SER C 479 -35.70 20.97 -5.46
C SER C 479 -35.66 20.47 -6.90
N ILE C 480 -34.56 20.71 -7.60
CA ILE C 480 -34.43 20.27 -8.98
C ILE C 480 -33.34 19.20 -9.13
N TYR C 481 -33.61 18.30 -10.09
CA TYR C 481 -32.69 17.27 -10.52
C TYR C 481 -32.43 17.57 -11.99
N LEU C 482 -31.23 18.02 -12.32
CA LEU C 482 -30.91 18.52 -13.67
C LEU C 482 -30.73 17.40 -14.70
N VAL C 483 -31.36 17.55 -15.86
CA VAL C 483 -31.28 16.61 -16.97
C VAL C 483 -31.06 17.42 -18.26
N VAL D 13 -24.98 34.33 38.23
CA VAL D 13 -26.10 35.16 38.81
C VAL D 13 -27.35 34.32 39.14
N ASP D 14 -27.99 34.66 40.26
CA ASP D 14 -29.27 34.08 40.69
C ASP D 14 -30.34 34.29 39.61
N PRO D 15 -30.78 33.21 38.92
CA PRO D 15 -31.75 33.39 37.81
C PRO D 15 -33.10 34.06 38.17
N HIS D 16 -33.53 33.93 39.42
CA HIS D 16 -34.79 34.57 39.87
C HIS D 16 -34.69 36.10 39.95
N ASP D 17 -33.48 36.64 40.06
CA ASP D 17 -33.24 38.10 40.03
C ASP D 17 -33.20 38.72 38.62
N ILE D 18 -33.18 37.89 37.57
CA ILE D 18 -33.16 38.41 36.20
C ILE D 18 -34.50 39.10 35.88
N ASP D 19 -34.41 40.30 35.34
CA ASP D 19 -35.59 41.08 34.92
C ASP D 19 -36.52 40.24 34.00
N PRO D 20 -37.87 40.25 34.24
CA PRO D 20 -38.78 39.48 33.36
C PRO D 20 -38.76 39.83 31.85
N LYS D 21 -38.46 41.08 31.51
CA LYS D 21 -38.24 41.49 30.10
C LYS D 21 -37.05 40.74 29.45
N LEU D 22 -35.96 40.61 30.19
CA LEU D 22 -34.78 39.87 29.74
C LEU D 22 -35.03 38.35 29.72
N VAL D 23 -35.80 37.82 30.67
CA VAL D 23 -36.18 36.39 30.64
C VAL D 23 -36.98 36.08 29.38
N GLN D 24 -37.93 36.94 29.03
CA GLN D 24 -38.75 36.74 27.82
C GLN D 24 -37.87 36.72 26.54
N LYS D 25 -36.92 37.63 26.43
CA LYS D 25 -36.00 37.67 25.27
C LYS D 25 -35.11 36.42 25.20
N LEU D 26 -34.58 36.00 26.35
CA LEU D 26 -33.81 34.76 26.44
C LEU D 26 -34.66 33.57 26.04
N ALA D 27 -35.90 33.55 26.52
CA ALA D 27 -36.82 32.45 26.25
C ALA D 27 -37.08 32.32 24.74
N ASN D 28 -37.40 33.45 24.10
CA ASN D 28 -37.67 33.45 22.66
C ASN D 28 -36.44 32.98 21.86
N ASP D 29 -35.26 33.49 22.21
CA ASP D 29 -34.04 33.06 21.54
C ASP D 29 -33.74 31.59 21.77
N ALA D 30 -34.00 31.09 22.98
CA ALA D 30 -33.82 29.67 23.27
C ALA D 30 -34.75 28.79 22.46
N LEU D 31 -36.01 29.20 22.39
CA LEU D 31 -37.04 28.47 21.62
C LEU D 31 -36.73 28.41 20.11
N VAL D 32 -36.29 29.54 19.57
CA VAL D 32 -35.87 29.62 18.15
C VAL D 32 -34.70 28.65 17.89
N TRP D 33 -33.67 28.75 18.72
CA TRP D 33 -32.47 27.92 18.61
C TRP D 33 -32.82 26.43 18.58
N CYS D 34 -33.63 25.99 19.55
CA CYS D 34 -34.11 24.59 19.63
C CYS D 34 -34.79 24.15 18.32
N SER D 35 -35.63 25.02 17.77
CA SER D 35 -36.35 24.75 16.54
C SER D 35 -35.46 24.55 15.32
N LEU D 36 -34.39 25.36 15.24
CA LEU D 36 -33.50 25.30 14.09
C LEU D 36 -32.44 24.21 14.22
N ARG D 37 -32.21 23.72 15.43
CA ARG D 37 -31.05 22.86 15.69
C ARG D 37 -31.44 21.47 16.21
N GLY D 38 -32.71 21.10 16.02
CA GLY D 38 -33.18 19.75 16.32
C GLY D 38 -33.23 19.30 17.78
N LEU D 39 -33.43 20.25 18.68
CA LEU D 39 -33.52 19.96 20.11
C LEU D 39 -35.00 19.81 20.45
N LEU D 40 -35.58 18.70 19.99
CA LEU D 40 -37.02 18.51 19.92
C LEU D 40 -37.47 17.20 20.52
N VAL D 41 -38.73 17.19 20.96
CA VAL D 41 -39.43 15.97 21.37
C VAL D 41 -40.81 15.99 20.74
N GLY D 42 -41.47 14.83 20.73
CA GLY D 42 -42.89 14.75 20.36
C GLY D 42 -43.73 15.33 21.48
N ASP D 43 -44.76 16.09 21.12
CA ASP D 43 -45.65 16.72 22.10
C ASP D 43 -46.39 15.67 22.92
N ARG D 44 -46.49 15.86 24.23
CA ARG D 44 -47.12 14.85 25.11
C ARG D 44 -48.64 14.74 24.88
N ASN D 45 -49.28 15.80 24.36
CA ASN D 45 -50.73 15.81 24.11
C ASN D 45 -51.12 15.43 22.68
N SER D 46 -50.29 14.63 22.00
CA SER D 46 -50.54 14.19 20.63
C SER D 46 -50.51 12.66 20.56
N GLU D 47 -51.53 12.08 19.94
CA GLU D 47 -51.54 10.65 19.65
C GLU D 47 -50.56 10.22 18.55
N ARG D 48 -50.09 11.18 17.73
CA ARG D 48 -49.19 10.88 16.60
C ARG D 48 -47.69 11.14 16.88
N SER D 49 -47.38 12.00 17.84
CA SER D 49 -46.02 12.54 17.99
C SER D 49 -44.96 11.51 18.34
N GLY D 50 -45.38 10.41 18.94
CA GLY D 50 -44.51 9.29 19.23
C GLY D 50 -44.38 8.23 18.14
N THR D 51 -45.22 8.27 17.10
CA THR D 51 -45.15 7.27 16.00
C THR D 51 -44.83 7.86 14.63
N VAL D 52 -45.24 9.10 14.35
CA VAL D 52 -44.99 9.74 13.07
C VAL D 52 -43.95 10.83 13.28
N PRO D 53 -42.75 10.68 12.69
CA PRO D 53 -41.74 11.72 12.81
C PRO D 53 -42.15 12.98 12.03
N GLY D 54 -41.69 14.13 12.49
CA GLY D 54 -41.97 15.39 11.83
C GLY D 54 -43.34 16.01 12.07
N VAL D 55 -44.12 15.46 13.00
CA VAL D 55 -45.44 16.05 13.34
C VAL D 55 -45.59 16.25 14.84
N ASP D 56 -46.33 17.30 15.21
CA ASP D 56 -46.66 17.63 16.60
C ASP D 56 -45.42 17.64 17.48
N MET D 57 -44.48 18.49 17.08
CA MET D 57 -43.19 18.61 17.74
C MET D 57 -43.16 19.87 18.56
N VAL D 58 -42.34 19.81 19.60
CA VAL D 58 -42.19 20.88 20.55
C VAL D 58 -40.74 20.86 21.00
N HIS D 59 -40.22 22.00 21.42
CA HIS D 59 -38.88 22.05 21.96
C HIS D 59 -38.76 21.11 23.15
N ALA D 60 -37.60 20.48 23.28
CA ALA D 60 -37.32 19.66 24.45
C ALA D 60 -37.43 20.54 25.68
N PRO D 61 -38.01 20.01 26.77
CA PRO D 61 -38.03 20.83 28.00
C PRO D 61 -36.59 21.10 28.45
N VAL D 62 -36.27 22.38 28.66
CA VAL D 62 -34.90 22.80 28.98
C VAL D 62 -34.88 23.86 30.05
N ALA D 63 -33.78 23.88 30.80
CA ALA D 63 -33.43 25.03 31.63
C ALA D 63 -32.98 26.17 30.69
N LEU D 64 -33.33 27.38 31.06
CA LEU D 64 -32.97 28.55 30.29
C LEU D 64 -31.52 29.00 30.61
N ILE D 65 -31.07 28.70 31.82
CA ILE D 65 -29.74 29.06 32.30
C ILE D 65 -29.05 27.78 32.75
N PRO D 66 -27.73 27.65 32.48
CA PRO D 66 -27.03 26.45 32.97
C PRO D 66 -26.92 26.40 34.50
N MET D 67 -26.87 25.18 35.05
CA MET D 67 -26.81 24.96 36.49
C MET D 67 -25.37 25.09 37.00
N SER D 68 -25.18 25.88 38.05
CA SER D 68 -23.86 25.95 38.73
C SER D 68 -23.49 24.63 39.39
N PHE D 69 -22.26 24.19 39.15
CA PHE D 69 -21.77 22.89 39.62
C PHE D 69 -20.26 22.98 39.88
N PRO D 70 -19.79 22.50 41.06
CA PRO D 70 -18.34 22.60 41.35
C PRO D 70 -17.46 21.78 40.40
N GLU D 71 -16.39 22.39 39.88
CA GLU D 71 -15.47 21.72 38.95
C GLU D 71 -14.78 20.49 39.57
N SER D 72 -14.43 20.57 40.86
CA SER D 72 -13.80 19.47 41.56
C SER D 72 -14.64 18.19 41.46
N HIS D 73 -15.95 18.33 41.66
CA HIS D 73 -16.84 17.17 41.65
C HIS D 73 -17.14 16.71 40.23
N TRP D 74 -17.18 17.66 39.28
CA TRP D 74 -17.26 17.32 37.87
C TRP D 74 -16.09 16.44 37.46
N LYS D 75 -14.88 16.88 37.82
CA LYS D 75 -13.65 16.11 37.56
C LYS D 75 -13.65 14.73 38.18
N GLN D 76 -14.11 14.64 39.44
CA GLN D 76 -14.23 13.35 40.11
C GLN D 76 -15.12 12.39 39.30
N ALA D 77 -16.28 12.89 38.86
CA ALA D 77 -17.23 12.11 38.09
C ALA D 77 -16.65 11.61 36.74
N CYS D 78 -15.90 12.46 36.05
CA CYS D 78 -15.25 12.09 34.79
C CYS D 78 -14.13 11.08 34.98
N GLU D 79 -13.39 11.21 36.08
CA GLU D 79 -12.25 10.35 36.37
C GLU D 79 -12.63 8.89 36.65
N VAL D 80 -13.77 8.67 37.34
CA VAL D 80 -14.27 7.31 37.59
C VAL D 80 -14.99 6.63 36.44
N ALA D 81 -15.38 7.39 35.42
CA ALA D 81 -16.12 6.81 34.28
C ALA D 81 -15.43 5.60 33.65
N PRO D 82 -14.13 5.72 33.30
CA PRO D 82 -13.45 4.53 32.73
C PRO D 82 -13.27 3.35 33.69
N ILE D 83 -13.29 3.60 35.00
CA ILE D 83 -13.16 2.55 36.00
C ILE D 83 -14.47 1.76 36.09
N PHE D 84 -15.61 2.48 36.13
CA PHE D 84 -16.94 1.84 36.04
C PHE D 84 -17.11 1.04 34.75
N ASN D 85 -16.63 1.58 33.63
CA ASN D 85 -16.72 0.89 32.33
C ASN D 85 -16.01 -0.46 32.36
N GLU D 86 -14.79 -0.47 32.90
CA GLU D 86 -13.99 -1.71 33.05
C GLU D 86 -14.67 -2.65 34.05
N LEU D 87 -15.22 -2.09 35.14
CA LEU D 87 -15.90 -2.87 36.16
C LEU D 87 -17.13 -3.60 35.61
N VAL D 88 -17.95 -2.87 34.86
CA VAL D 88 -19.14 -3.46 34.24
C VAL D 88 -18.72 -4.66 33.38
N ASP D 89 -17.66 -4.50 32.59
CA ASP D 89 -17.18 -5.58 31.73
C ASP D 89 -16.73 -6.81 32.52
N ARG D 90 -15.94 -6.59 33.57
CA ARG D 90 -15.43 -7.70 34.38
C ARG D 90 -16.51 -8.40 35.21
N VAL D 91 -17.47 -7.62 35.74
CA VAL D 91 -18.62 -8.19 36.45
C VAL D 91 -19.48 -9.06 35.53
N SER D 92 -19.67 -8.60 34.30
CA SER D 92 -20.50 -9.30 33.30
C SER D 92 -19.91 -10.65 32.87
N GLN D 93 -18.59 -10.76 32.85
CA GLN D 93 -17.89 -12.02 32.53
C GLN D 93 -18.02 -13.10 33.62
N ASP D 94 -18.33 -12.69 34.85
CA ASP D 94 -18.46 -13.63 35.96
C ASP D 94 -19.92 -14.09 36.06
N GLY D 95 -20.29 -15.00 35.17
CA GLY D 95 -21.66 -15.49 35.04
C GLY D 95 -22.27 -15.97 36.35
N GLU D 96 -21.48 -16.70 37.13
CA GLU D 96 -21.94 -17.27 38.40
C GLU D 96 -22.19 -16.18 39.45
N PHE D 97 -21.43 -15.08 39.39
CA PHE D 97 -21.64 -13.95 40.29
C PHE D 97 -23.00 -13.28 40.06
N LEU D 98 -23.37 -13.12 38.81
CA LEU D 98 -24.66 -12.52 38.45
C LEU D 98 -25.81 -13.43 38.89
N GLN D 99 -25.71 -14.73 38.59
CA GLN D 99 -26.73 -15.73 38.99
C GLN D 99 -26.90 -15.81 40.53
N GLN D 100 -25.77 -15.83 41.27
CA GLN D 100 -25.81 -15.87 42.75
C GLN D 100 -26.41 -14.61 43.37
N SER D 101 -25.95 -13.44 42.92
CA SER D 101 -26.42 -12.14 43.44
C SER D 101 -27.92 -11.92 43.25
N LEU D 102 -28.46 -12.36 42.12
CA LEU D 102 -29.85 -12.11 41.76
C LEU D 102 -30.82 -13.28 42.04
N SER D 103 -30.36 -14.33 42.72
CA SER D 103 -31.20 -15.52 42.95
C SER D 103 -32.39 -15.30 43.90
N ARG D 104 -32.29 -14.34 44.84
CA ARG D 104 -33.45 -13.91 45.66
C ARG D 104 -34.39 -13.01 44.88
N THR D 105 -33.84 -12.15 44.04
CA THR D 105 -34.64 -11.27 43.17
C THR D 105 -35.57 -12.04 42.23
N ARG D 106 -35.11 -13.18 41.70
CA ARG D 106 -35.86 -13.89 40.66
C ARG D 106 -37.15 -14.56 41.16
N LYS D 107 -37.21 -14.97 42.43
CA LYS D 107 -38.46 -15.51 43.00
C LYS D 107 -39.57 -14.44 43.15
N VAL D 108 -39.21 -13.14 43.28
CA VAL D 108 -40.20 -12.08 43.51
C VAL D 108 -40.42 -11.17 42.27
N ASP D 109 -39.44 -11.09 41.36
CA ASP D 109 -39.56 -10.27 40.13
C ASP D 109 -39.55 -11.16 38.88
N PRO D 110 -40.74 -11.39 38.25
CA PRO D 110 -40.81 -12.22 37.03
C PRO D 110 -39.96 -11.75 35.85
N PHE D 111 -39.77 -10.43 35.73
CA PHE D 111 -38.98 -9.85 34.66
C PHE D 111 -37.49 -10.20 34.75
N THR D 112 -36.91 -10.02 35.92
CA THR D 112 -35.50 -10.38 36.18
C THR D 112 -35.28 -11.88 36.00
N SER D 113 -36.24 -12.68 36.43
CA SER D 113 -36.16 -14.14 36.31
C SER D 113 -36.00 -14.58 34.84
N ARG D 114 -36.80 -13.98 33.97
CA ARG D 114 -36.73 -14.25 32.53
C ARG D 114 -35.42 -13.77 31.89
N LEU D 115 -34.89 -12.64 32.34
CA LEU D 115 -33.57 -12.19 31.90
C LEU D 115 -32.50 -13.19 32.32
N LEU D 116 -32.61 -13.69 33.55
CA LEU D 116 -31.69 -14.73 34.05
C LEU D 116 -31.82 -16.05 33.30
N GLU D 117 -33.05 -16.40 32.87
CA GLU D 117 -33.27 -17.58 32.01
C GLU D 117 -32.45 -17.50 30.73
N ILE D 118 -32.49 -16.33 30.09
CA ILE D 118 -31.74 -16.11 28.85
C ILE D 118 -30.25 -16.22 29.12
N HIS D 119 -29.80 -15.62 30.21
CA HIS D 119 -28.39 -15.70 30.62
C HIS D 119 -27.98 -17.16 30.86
N SER D 120 -28.81 -17.91 31.60
CA SER D 120 -28.60 -19.33 31.85
C SER D 120 -28.44 -20.13 30.55
N LYS D 121 -29.31 -19.85 29.57
CA LYS D 121 -29.24 -20.52 28.27
C LYS D 121 -27.95 -20.19 27.51
N MET D 122 -27.47 -18.96 27.63
CA MET D 122 -26.20 -18.58 27.03
C MET D 122 -25.01 -19.27 27.70
N LEU D 123 -25.06 -19.45 29.01
CA LEU D 123 -24.02 -20.22 29.73
C LEU D 123 -24.06 -21.74 29.41
N GLU D 124 -25.27 -22.29 29.21
CA GLU D 124 -25.45 -23.70 28.82
C GLU D 124 -24.79 -24.10 27.50
N ILE D 125 -24.69 -23.17 26.55
CA ILE D 125 -24.10 -23.45 25.23
C ILE D 125 -22.71 -22.79 25.06
N ASN D 126 -22.10 -22.37 26.17
CA ASN D 126 -20.83 -21.63 26.18
C ASN D 126 -20.76 -20.50 25.14
N LYS D 127 -21.77 -19.64 25.15
CA LYS D 127 -21.82 -18.48 24.30
C LYS D 127 -20.75 -17.50 24.76
N ILE D 128 -19.98 -17.01 23.80
CA ILE D 128 -18.90 -16.07 24.06
C ILE D 128 -19.23 -14.79 23.27
N GLU D 129 -19.12 -13.65 23.92
CA GLU D 129 -19.17 -12.37 23.25
C GLU D 129 -17.71 -11.89 23.18
N GLU D 130 -17.10 -12.05 22.02
CA GLU D 130 -15.73 -11.59 21.80
C GLU D 130 -15.65 -10.07 21.67
N ILE D 131 -16.67 -9.47 21.07
CA ILE D 131 -16.75 -8.02 20.93
C ILE D 131 -17.85 -7.52 21.87
N ARG D 132 -17.47 -6.70 22.84
CA ARG D 132 -18.39 -6.23 23.88
C ARG D 132 -18.41 -4.71 23.91
N LEU D 133 -19.62 -4.15 23.75
CA LEU D 133 -19.86 -2.72 23.64
C LEU D 133 -20.73 -2.26 24.81
N GLY D 134 -20.25 -1.22 25.50
CA GLY D 134 -20.98 -0.57 26.58
C GLY D 134 -21.23 0.88 26.26
N LEU D 135 -22.49 1.28 26.33
CA LEU D 135 -22.89 2.67 26.22
C LEU D 135 -23.62 3.02 27.52
N HIS D 136 -22.83 3.47 28.50
CA HIS D 136 -23.30 3.65 29.86
C HIS D 136 -23.59 5.12 30.22
N ARG D 137 -24.36 5.31 31.29
CA ARG D 137 -24.47 6.61 31.96
C ARG D 137 -24.48 6.38 33.45
N SER D 138 -23.54 7.02 34.16
CA SER D 138 -23.49 6.96 35.60
C SER D 138 -24.11 8.25 36.14
N ASP D 139 -25.10 8.09 37.02
CA ASP D 139 -25.88 9.21 37.55
C ASP D 139 -25.50 9.56 38.99
N TYR D 140 -25.31 10.85 39.24
CA TYR D 140 -24.83 11.34 40.53
C TYR D 140 -25.72 12.44 41.09
N MET D 141 -25.77 12.51 42.42
CA MET D 141 -26.33 13.66 43.13
C MET D 141 -25.27 14.21 44.06
N LEU D 142 -25.29 15.53 44.23
CA LEU D 142 -24.39 16.22 45.13
C LEU D 142 -25.11 16.50 46.44
N ASP D 143 -24.68 15.84 47.52
CA ASP D 143 -25.29 16.01 48.86
C ASP D 143 -24.90 17.41 49.37
N GLU D 144 -25.89 18.23 49.73
CA GLU D 144 -25.67 19.59 50.25
C GLU D 144 -24.78 19.65 51.51
N GLN D 145 -25.07 18.78 52.49
CA GLN D 145 -24.44 18.89 53.82
C GLN D 145 -23.01 18.36 53.83
N THR D 146 -22.80 17.18 53.26
CA THR D 146 -21.48 16.54 53.22
C THR D 146 -20.60 17.02 52.05
N LYS D 147 -21.22 17.67 51.06
CA LYS D 147 -20.56 18.08 49.81
C LYS D 147 -19.91 16.91 49.04
N LEU D 148 -20.58 15.76 49.05
CA LEU D 148 -20.09 14.56 48.35
C LEU D 148 -20.88 14.28 47.08
N LEU D 149 -20.15 14.02 45.99
CA LEU D 149 -20.73 13.46 44.77
C LEU D 149 -20.97 11.99 45.05
N LEU D 150 -22.22 11.56 44.98
CA LEU D 150 -22.60 10.19 45.32
C LEU D 150 -23.41 9.57 44.18
N GLN D 151 -23.03 8.35 43.78
CA GLN D 151 -23.72 7.64 42.70
C GLN D 151 -25.13 7.20 43.11
N ILE D 152 -26.12 7.59 42.29
CA ILE D 152 -27.50 7.11 42.44
C ILE D 152 -27.76 5.85 41.63
N GLU D 153 -27.20 5.76 40.43
CA GLU D 153 -27.25 4.51 39.66
C GLU D 153 -26.27 4.45 38.50
N LEU D 154 -26.16 3.26 37.95
CA LEU D 154 -25.37 2.99 36.75
C LEU D 154 -26.29 2.35 35.70
N ASN D 155 -26.51 3.06 34.58
CA ASN D 155 -27.33 2.55 33.48
C ASN D 155 -26.47 1.84 32.47
N THR D 156 -26.73 0.54 32.28
CA THR D 156 -26.10 -0.24 31.22
C THR D 156 -27.01 -0.47 30.01
N ILE D 157 -28.27 -0.01 30.07
CA ILE D 157 -29.22 -0.20 28.98
C ILE D 157 -30.00 1.07 28.68
N SER D 158 -30.09 1.40 27.40
CA SER D 158 -30.90 2.49 26.88
C SER D 158 -30.65 3.82 27.57
N SER D 159 -29.39 4.21 27.63
CA SER D 159 -29.00 5.48 28.25
C SER D 159 -29.47 6.65 27.39
N SER D 160 -30.50 7.35 27.88
CA SER D 160 -31.12 8.45 27.16
C SER D 160 -30.28 9.72 27.11
N PHE D 161 -30.55 10.50 26.06
CA PHE D 161 -30.13 11.89 25.89
C PHE D 161 -28.70 12.21 25.40
N PRO D 162 -27.94 11.20 24.89
CA PRO D 162 -26.65 11.65 24.30
C PRO D 162 -26.84 12.64 23.15
N GLY D 163 -27.85 12.43 22.31
CA GLY D 163 -28.22 13.37 21.26
C GLY D 163 -28.56 14.76 21.77
N LEU D 164 -29.54 14.83 22.67
CA LEU D 164 -30.11 16.11 23.09
C LEU D 164 -29.23 16.86 24.08
N SER D 165 -28.55 16.16 25.00
CA SER D 165 -27.73 16.84 26.01
C SER D 165 -26.60 17.65 25.40
N CYS D 166 -25.99 17.14 24.36
CA CYS D 166 -25.01 17.90 23.54
C CYS D 166 -25.55 19.22 23.03
N LEU D 167 -26.78 19.20 22.53
CA LEU D 167 -27.41 20.41 22.02
C LEU D 167 -27.69 21.43 23.12
N VAL D 168 -28.08 20.96 24.31
CA VAL D 168 -28.37 21.86 25.42
C VAL D 168 -27.12 22.64 25.84
N SER D 169 -25.96 21.98 25.86
CA SER D 169 -24.68 22.64 26.11
C SER D 169 -24.43 23.78 25.12
N GLU D 170 -24.60 23.50 23.83
CA GLU D 170 -24.47 24.53 22.79
C GLU D 170 -25.50 25.62 22.92
N LEU D 171 -26.75 25.26 23.23
CA LEU D 171 -27.81 26.23 23.44
C LEU D 171 -27.38 27.22 24.52
N HIS D 172 -26.97 26.72 25.69
CA HIS D 172 -26.58 27.58 26.79
C HIS D 172 -25.34 28.42 26.51
N ARG D 173 -24.34 27.81 25.87
CA ARG D 173 -23.15 28.54 25.45
C ARG D 173 -23.47 29.68 24.49
N SER D 174 -24.37 29.45 23.53
CA SER D 174 -24.80 30.50 22.58
C SER D 174 -25.57 31.62 23.23
N LEU D 175 -26.49 31.27 24.14
CA LEU D 175 -27.27 32.27 24.90
C LEU D 175 -26.36 33.16 25.75
N LEU D 176 -25.46 32.55 26.51
CA LEU D 176 -24.53 33.31 27.35
C LEU D 176 -23.62 34.20 26.50
N GLN D 177 -23.17 33.69 25.35
CA GLN D 177 -22.38 34.50 24.39
C GLN D 177 -23.18 35.66 23.83
N GLN D 178 -24.43 35.41 23.45
CA GLN D 178 -25.28 36.45 22.88
C GLN D 178 -25.62 37.55 23.91
N TYR D 179 -25.78 37.18 25.18
CA TYR D 179 -26.22 38.11 26.23
C TYR D 179 -25.12 38.55 27.21
N ARG D 180 -23.88 38.64 26.76
CA ARG D 180 -22.76 39.03 27.63
C ARG D 180 -22.89 40.44 28.22
N GLU D 181 -23.47 41.34 27.43
CA GLU D 181 -23.73 42.72 27.90
C GLU D 181 -24.83 42.82 28.98
N ASP D 182 -25.73 41.84 29.03
CA ASP D 182 -26.89 41.86 29.94
C ASP D 182 -26.77 40.91 31.13
N ILE D 183 -26.12 39.76 30.93
CA ILE D 183 -25.84 38.80 32.00
C ILE D 183 -24.34 38.61 32.11
N ALA D 184 -23.82 38.79 33.33
CA ALA D 184 -22.41 38.57 33.62
C ALA D 184 -22.14 37.06 33.74
N SER D 185 -21.33 36.54 32.82
CA SER D 185 -20.95 35.13 32.79
C SER D 185 -19.64 34.93 32.02
N ASP D 186 -19.03 33.76 32.18
CA ASP D 186 -18.03 33.26 31.25
C ASP D 186 -18.61 32.01 30.58
N PRO D 187 -18.94 32.10 29.27
CA PRO D 187 -19.43 30.94 28.51
C PRO D 187 -18.51 29.70 28.46
N ASN D 188 -17.21 29.93 28.59
CA ASN D 188 -16.22 28.83 28.65
C ASN D 188 -16.33 27.97 29.91
N ARG D 189 -17.03 28.45 30.94
CA ARG D 189 -17.36 27.62 32.09
C ARG D 189 -18.33 26.45 31.79
N ILE D 190 -19.02 26.51 30.64
CA ILE D 190 -19.80 25.38 30.18
C ILE D 190 -18.85 24.41 29.46
N PRO D 191 -18.65 23.21 30.01
CA PRO D 191 -17.68 22.31 29.36
C PRO D 191 -18.18 21.70 28.07
N ALA D 192 -17.25 21.36 27.19
CA ALA D 192 -17.55 20.75 25.90
C ALA D 192 -18.27 19.41 26.10
N ASN D 193 -19.28 19.15 25.30
CA ASN D 193 -20.10 17.94 25.43
C ASN D 193 -20.27 17.38 24.03
N ASN D 194 -19.62 16.25 23.76
CA ASN D 194 -19.65 15.64 22.44
C ASN D 194 -20.20 14.21 22.49
N ALA D 195 -21.16 13.97 23.38
CA ALA D 195 -21.63 12.61 23.68
C ALA D 195 -22.22 11.87 22.48
N VAL D 196 -23.01 12.57 21.67
CA VAL D 196 -23.65 11.94 20.51
C VAL D 196 -22.64 11.40 19.51
N ASN D 197 -21.57 12.14 19.27
CA ASN D 197 -20.55 11.73 18.29
C ASN D 197 -19.60 10.69 18.87
N GLN D 198 -19.37 10.73 20.18
CA GLN D 198 -18.56 9.70 20.84
C GLN D 198 -19.32 8.38 20.96
N PHE D 199 -20.62 8.45 21.20
CA PHE D 199 -21.50 7.27 21.13
C PHE D 199 -21.55 6.69 19.72
N ALA D 200 -21.71 7.57 18.72
CA ALA D 200 -21.70 7.16 17.30
C ALA D 200 -20.39 6.50 16.92
N GLU D 201 -19.27 7.08 17.34
CA GLU D 201 -17.94 6.53 17.07
C GLU D 201 -17.76 5.11 17.64
N ALA D 202 -18.21 4.91 18.88
CA ALA D 202 -18.13 3.62 19.53
C ALA D 202 -18.99 2.56 18.83
N LEU D 203 -20.21 2.95 18.44
CA LEU D 203 -21.06 2.08 17.63
C LEU D 203 -20.43 1.75 16.27
N ALA D 204 -19.80 2.75 15.65
CA ALA D 204 -19.12 2.58 14.37
C ALA D 204 -17.90 1.66 14.47
N LYS D 205 -17.08 1.84 15.51
CA LYS D 205 -15.93 0.95 15.74
C LYS D 205 -16.36 -0.47 16.07
N ALA D 206 -17.48 -0.62 16.79
CA ALA D 206 -18.05 -1.94 17.07
C ALA D 206 -18.43 -2.64 15.75
N TRP D 207 -19.15 -1.91 14.90
CA TRP D 207 -19.50 -2.34 13.55
C TRP D 207 -18.23 -2.71 12.74
N ASN D 208 -17.20 -1.88 12.88
CA ASN D 208 -15.92 -2.13 12.21
C ASN D 208 -15.22 -3.41 12.69
N GLU D 209 -15.25 -3.66 13.99
CA GLU D 209 -14.67 -4.90 14.56
C GLU D 209 -15.42 -6.15 14.06
N TYR D 210 -16.73 -6.02 13.89
CA TYR D 210 -17.57 -7.09 13.36
C TYR D 210 -17.14 -7.50 11.94
N GLY D 211 -16.77 -6.52 11.12
CA GLY D 211 -16.04 -6.77 9.86
C GLY D 211 -16.85 -7.06 8.60
N ASP D 212 -18.14 -6.71 8.61
CA ASP D 212 -19.04 -6.89 7.45
C ASP D 212 -19.40 -5.49 6.89
N PRO D 213 -18.84 -5.12 5.72
CA PRO D 213 -19.14 -3.80 5.17
C PRO D 213 -20.58 -3.59 4.68
N ARG D 214 -21.34 -4.67 4.47
CA ARG D 214 -22.77 -4.57 4.13
C ARG D 214 -23.72 -4.58 5.34
N ALA D 215 -23.20 -4.89 6.53
CA ALA D 215 -24.05 -5.02 7.72
C ALA D 215 -24.55 -3.67 8.25
N VAL D 216 -25.61 -3.73 9.06
CA VAL D 216 -26.25 -2.55 9.63
C VAL D 216 -26.23 -2.60 11.16
N ILE D 217 -26.41 -1.44 11.77
CA ILE D 217 -26.65 -1.33 13.20
C ILE D 217 -28.16 -1.25 13.38
N MET D 218 -28.74 -2.18 14.15
CA MET D 218 -30.17 -2.17 14.43
C MET D 218 -30.46 -1.50 15.77
N PHE D 219 -31.39 -0.55 15.76
CA PHE D 219 -31.89 0.06 16.98
C PHE D 219 -33.14 -0.73 17.37
N ALA D 220 -33.12 -1.34 18.55
CA ALA D 220 -34.33 -1.97 19.10
C ALA D 220 -35.10 -0.91 19.88
N VAL D 221 -36.27 -0.55 19.36
CA VAL D 221 -37.00 0.64 19.83
C VAL D 221 -38.42 0.33 20.28
N GLN D 222 -39.05 1.28 20.96
CA GLN D 222 -40.43 1.11 21.42
C GLN D 222 -41.40 1.48 20.31
N ALA D 223 -42.61 0.91 20.37
CA ALA D 223 -43.64 1.17 19.37
C ALA D 223 -44.07 2.65 19.37
N GLU D 224 -44.14 3.25 20.57
CA GLU D 224 -44.39 4.67 20.73
C GLU D 224 -43.17 5.31 21.39
N GLU D 225 -42.62 6.37 20.79
CA GLU D 225 -41.41 7.00 21.29
C GLU D 225 -41.35 8.51 21.03
N ARG D 226 -41.77 9.30 22.00
CA ARG D 226 -41.73 10.76 21.88
C ARG D 226 -40.33 11.34 22.02
N ASN D 227 -39.37 10.51 22.45
CA ASN D 227 -37.97 10.90 22.43
C ASN D 227 -37.23 10.33 21.21
N MET D 228 -37.92 10.16 20.08
CA MET D 228 -37.32 9.59 18.87
C MET D 228 -36.18 10.43 18.31
N TYR D 229 -36.26 11.75 18.46
CA TYR D 229 -35.29 12.65 17.82
C TYR D 229 -33.91 12.54 18.47
N ASP D 230 -33.88 12.29 19.78
CA ASP D 230 -32.65 11.90 20.49
C ASP D 230 -31.96 10.68 19.86
N GLN D 231 -32.77 9.66 19.54
CA GLN D 231 -32.28 8.43 18.92
C GLN D 231 -31.84 8.68 17.47
N HIS D 232 -32.65 9.45 16.74
CA HIS D 232 -32.32 9.78 15.36
C HIS D 232 -31.05 10.61 15.21
N TRP D 233 -30.72 11.41 16.21
CA TRP D 233 -29.43 12.11 16.22
C TRP D 233 -28.25 11.14 16.19
N LEU D 234 -28.37 10.01 16.88
CA LEU D 234 -27.34 8.97 16.82
C LEU D 234 -27.21 8.37 15.44
N SER D 235 -28.34 7.95 14.87
CA SER D 235 -28.32 7.36 13.52
C SER D 235 -27.89 8.35 12.43
N ALA D 236 -28.21 9.63 12.60
CA ALA D 236 -27.72 10.69 11.70
C ALA D 236 -26.20 10.83 11.77
N SER D 237 -25.65 10.77 12.99
CA SER D 237 -24.20 10.78 13.17
C SER D 237 -23.54 9.52 12.59
N LEU D 238 -24.19 8.37 12.71
CA LEU D 238 -23.67 7.12 12.13
C LEU D 238 -23.63 7.18 10.60
N ARG D 239 -24.69 7.67 9.98
CA ARG D 239 -24.78 7.76 8.52
C ARG D 239 -23.83 8.81 7.96
N GLU D 240 -23.89 10.02 8.52
CA GLU D 240 -23.19 11.17 7.94
C GLU D 240 -21.69 11.21 8.21
N ARG D 241 -21.25 10.70 9.37
CA ARG D 241 -19.83 10.76 9.78
C ARG D 241 -19.06 9.42 9.67
N HIS D 242 -19.79 8.29 9.60
CA HIS D 242 -19.18 6.98 9.44
C HIS D 242 -19.73 6.06 8.35
N GLN D 243 -20.75 6.50 7.61
CA GLN D 243 -21.32 5.74 6.47
C GLN D 243 -21.80 4.33 6.87
N VAL D 244 -22.39 4.25 8.05
CA VAL D 244 -22.95 3.01 8.58
C VAL D 244 -24.47 3.16 8.55
N THR D 245 -25.16 2.19 7.96
CA THR D 245 -26.62 2.20 7.89
C THR D 245 -27.21 1.77 9.23
N THR D 246 -28.37 2.34 9.57
CA THR D 246 -29.13 1.93 10.73
C THR D 246 -30.55 1.57 10.32
N ILE D 247 -31.18 0.69 11.09
CA ILE D 247 -32.61 0.41 10.97
C ILE D 247 -33.25 0.51 12.34
N ARG D 248 -34.55 0.76 12.39
CA ARG D 248 -35.33 0.84 13.62
C ARG D 248 -36.37 -0.27 13.62
N LYS D 249 -36.37 -1.10 14.65
CA LYS D 249 -37.34 -2.19 14.78
C LYS D 249 -37.79 -2.37 16.22
N THR D 250 -39.06 -2.73 16.42
CA THR D 250 -39.55 -3.16 17.73
C THR D 250 -39.18 -4.62 17.94
N LEU D 251 -39.29 -5.08 19.17
CA LEU D 251 -39.04 -6.49 19.49
C LEU D 251 -40.00 -7.44 18.73
N ALA D 252 -41.28 -7.05 18.62
CA ALA D 252 -42.27 -7.81 17.84
C ALA D 252 -41.87 -7.90 16.37
N GLU D 253 -41.44 -6.77 15.80
CA GLU D 253 -40.96 -6.73 14.42
C GLU D 253 -39.71 -7.62 14.23
N ILE D 254 -38.82 -7.65 15.22
CA ILE D 254 -37.63 -8.50 15.18
C ILE D 254 -37.99 -10.00 15.22
N ASP D 255 -39.02 -10.35 15.99
CA ASP D 255 -39.52 -11.73 15.99
C ASP D 255 -40.10 -12.13 14.63
N ALA D 256 -40.88 -11.23 14.04
CA ALA D 256 -41.53 -11.49 12.75
C ALA D 256 -40.54 -11.53 11.59
N LEU D 257 -39.57 -10.61 11.57
CA LEU D 257 -38.66 -10.41 10.44
C LEU D 257 -37.23 -10.95 10.62
N GLY D 258 -36.93 -11.53 11.79
CA GLY D 258 -35.56 -11.94 12.11
C GLY D 258 -35.36 -13.45 12.08
N GLU D 259 -34.22 -13.89 11.50
CA GLU D 259 -33.79 -15.28 11.63
C GLU D 259 -32.27 -15.37 11.73
N LEU D 260 -31.78 -16.54 12.07
CA LEU D 260 -30.34 -16.83 12.18
C LEU D 260 -29.88 -17.73 11.07
N GLN D 261 -28.73 -17.39 10.50
CA GLN D 261 -28.04 -18.27 9.56
C GLN D 261 -27.24 -19.31 10.36
N GLN D 262 -26.73 -20.31 9.67
CA GLN D 262 -26.04 -21.44 10.32
C GLN D 262 -24.84 -20.99 11.19
N ASP D 263 -24.14 -19.94 10.77
CA ASP D 263 -22.99 -19.39 11.52
C ASP D 263 -23.35 -18.44 12.67
N GLY D 264 -24.64 -18.21 12.90
CA GLY D 264 -25.13 -17.31 13.95
C GLY D 264 -25.36 -15.86 13.54
N THR D 265 -25.25 -15.54 12.25
CA THR D 265 -25.50 -14.17 11.78
C THR D 265 -26.99 -13.83 11.92
N LEU D 266 -27.27 -12.68 12.53
CA LEU D 266 -28.64 -12.18 12.64
C LEU D 266 -29.00 -11.45 11.36
N VAL D 267 -30.02 -11.93 10.66
CA VAL D 267 -30.55 -11.26 9.48
C VAL D 267 -31.95 -10.76 9.77
N VAL D 268 -32.18 -9.47 9.53
CA VAL D 268 -33.45 -8.83 9.79
C VAL D 268 -33.88 -8.10 8.51
N ASP D 269 -34.90 -8.64 7.85
CA ASP D 269 -35.42 -8.11 6.60
C ASP D 269 -34.34 -8.09 5.47
N GLY D 270 -33.68 -9.22 5.30
CA GLY D 270 -32.61 -9.38 4.31
C GLY D 270 -31.32 -8.60 4.53
N GLN D 271 -31.08 -8.10 5.75
CA GLN D 271 -29.88 -7.34 6.08
C GLN D 271 -29.18 -7.93 7.30
N ALA D 272 -27.88 -8.17 7.18
CA ALA D 272 -27.06 -8.66 8.28
C ALA D 272 -26.95 -7.57 9.34
N VAL D 273 -27.08 -7.97 10.61
CA VAL D 273 -27.04 -7.04 11.72
C VAL D 273 -25.74 -7.26 12.50
N ALA D 274 -24.87 -6.25 12.48
CA ALA D 274 -23.58 -6.29 13.15
C ALA D 274 -23.69 -5.87 14.62
N VAL D 275 -24.47 -4.81 14.87
CA VAL D 275 -24.63 -4.29 16.23
C VAL D 275 -26.12 -4.08 16.53
N ILE D 276 -26.52 -4.50 17.74
CA ILE D 276 -27.88 -4.25 18.25
C ILE D 276 -27.78 -3.26 19.41
N TYR D 277 -28.37 -2.08 19.23
CA TYR D 277 -28.37 -1.00 20.21
C TYR D 277 -29.76 -0.91 20.80
N PHE D 278 -29.90 -1.19 22.09
CA PHE D 278 -31.21 -1.27 22.74
C PHE D 278 -31.68 0.09 23.23
N ARG D 279 -32.85 0.50 22.77
CA ARG D 279 -33.59 1.63 23.35
C ARG D 279 -35.00 1.13 23.74
N ALA D 280 -35.02 -0.12 24.19
CA ALA D 280 -36.24 -0.85 24.54
C ALA D 280 -35.81 -2.17 25.18
N GLY D 281 -36.77 -2.90 25.74
CA GLY D 281 -36.51 -4.18 26.40
C GLY D 281 -35.96 -4.10 27.81
N TYR D 282 -36.02 -2.91 28.41
CA TYR D 282 -35.53 -2.65 29.77
C TYR D 282 -36.63 -2.73 30.83
N ALA D 283 -37.90 -2.80 30.41
CA ALA D 283 -39.03 -2.88 31.34
C ALA D 283 -39.97 -4.01 30.91
N PRO D 284 -40.74 -4.59 31.87
CA PRO D 284 -41.71 -5.66 31.53
C PRO D 284 -42.77 -5.26 30.48
N SER D 285 -43.17 -4.00 30.46
CA SER D 285 -44.23 -3.53 29.55
C SER D 285 -43.84 -3.50 28.06
N ASP D 286 -42.54 -3.52 27.76
CA ASP D 286 -42.05 -3.71 26.38
C ASP D 286 -42.25 -5.13 25.85
N TYR D 287 -42.51 -6.09 26.73
CA TYR D 287 -42.72 -7.49 26.34
C TYR D 287 -44.20 -7.83 26.40
N ASN D 288 -44.92 -7.43 25.35
CA ASN D 288 -46.38 -7.58 25.29
C ASN D 288 -46.84 -9.04 25.26
N SER D 289 -46.07 -9.90 24.59
CA SER D 289 -46.40 -11.33 24.47
C SER D 289 -45.11 -12.15 24.48
N GLU D 290 -45.19 -13.43 24.14
CA GLU D 290 -44.00 -14.29 24.02
C GLU D 290 -43.12 -13.93 22.81
N SER D 291 -43.72 -13.33 21.78
CA SER D 291 -42.96 -12.90 20.59
C SER D 291 -41.73 -12.07 20.96
N GLU D 292 -41.91 -11.11 21.86
CA GLU D 292 -40.83 -10.20 22.28
C GLU D 292 -39.70 -10.92 23.03
N TRP D 293 -40.06 -11.93 23.83
CA TRP D 293 -39.06 -12.75 24.53
C TRP D 293 -38.29 -13.67 23.59
N LYS D 294 -38.96 -14.23 22.59
CA LYS D 294 -38.29 -15.02 21.55
C LYS D 294 -37.29 -14.17 20.76
N ALA D 295 -37.70 -12.96 20.42
CA ALA D 295 -36.82 -11.99 19.76
C ALA D 295 -35.57 -11.67 20.58
N ARG D 296 -35.75 -11.51 21.88
CA ARG D 296 -34.64 -11.22 22.79
C ARG D 296 -33.66 -12.38 22.86
N LEU D 297 -34.20 -13.60 22.92
CA LEU D 297 -33.39 -14.83 22.91
C LEU D 297 -32.70 -15.05 21.56
N LEU D 298 -33.42 -14.81 20.47
CA LEU D 298 -32.88 -14.89 19.11
C LEU D 298 -31.65 -13.97 18.94
N MET D 299 -31.80 -12.70 19.32
CA MET D 299 -30.70 -11.74 19.25
C MET D 299 -29.51 -12.13 20.10
N GLU D 300 -29.78 -12.64 21.31
CA GLU D 300 -28.71 -12.97 22.24
C GLU D 300 -27.82 -14.11 21.75
N GLN D 301 -28.42 -15.17 21.21
CA GLN D 301 -27.65 -16.28 20.62
C GLN D 301 -26.98 -15.97 19.29
N SER D 302 -27.27 -14.82 18.69
CA SER D 302 -26.64 -14.41 17.44
C SER D 302 -25.19 -13.97 17.65
N ARG D 303 -24.48 -13.86 16.53
CA ARG D 303 -23.08 -13.49 16.46
C ARG D 303 -22.91 -11.95 16.58
N ALA D 304 -24.02 -11.21 16.57
CA ALA D 304 -23.98 -9.75 16.65
C ALA D 304 -23.44 -9.20 17.97
N VAL D 305 -22.89 -7.99 17.90
CA VAL D 305 -22.49 -7.23 19.06
C VAL D 305 -23.78 -6.69 19.68
N LYS D 306 -24.00 -6.96 20.96
CA LYS D 306 -25.15 -6.43 21.69
C LYS D 306 -24.72 -5.24 22.54
N CYS D 307 -25.59 -4.25 22.63
CA CYS D 307 -25.38 -3.10 23.52
C CYS D 307 -26.70 -2.75 24.22
N PRO D 308 -26.99 -3.38 25.37
CA PRO D 308 -26.15 -4.33 26.05
C PRO D 308 -26.44 -5.79 25.71
N SER D 309 -25.45 -6.65 25.94
CA SER D 309 -25.66 -8.08 26.06
C SER D 309 -26.48 -8.36 27.32
N ILE D 310 -26.95 -9.59 27.45
CA ILE D 310 -27.73 -10.00 28.61
C ILE D 310 -26.88 -9.87 29.91
N SER D 311 -25.58 -10.17 29.81
CA SER D 311 -24.65 -10.01 30.94
C SER D 311 -24.51 -8.56 31.39
N TYR D 312 -24.28 -7.67 30.42
CA TYR D 312 -24.19 -6.22 30.66
C TYR D 312 -25.48 -5.65 31.26
N HIS D 313 -26.64 -6.16 30.80
CA HIS D 313 -27.95 -5.71 31.29
C HIS D 313 -28.09 -6.07 32.77
N LEU D 314 -27.87 -7.35 33.07
CA LEU D 314 -27.95 -7.84 34.45
C LEU D 314 -26.93 -7.12 35.35
N ALA D 315 -25.76 -6.78 34.81
CA ALA D 315 -24.72 -6.08 35.56
C ALA D 315 -25.12 -4.68 36.03
N GLY D 316 -26.04 -4.03 35.31
CA GLY D 316 -26.58 -2.73 35.71
C GLY D 316 -27.71 -2.74 36.75
N SER D 317 -28.14 -3.92 37.17
CA SER D 317 -29.16 -4.07 38.21
C SER D 317 -28.75 -3.38 39.51
N LYS D 318 -29.73 -2.79 40.20
CA LYS D 318 -29.52 -2.21 41.52
C LYS D 318 -29.01 -3.21 42.55
N LYS D 319 -29.40 -4.47 42.44
CA LYS D 319 -28.90 -5.50 43.35
C LYS D 319 -27.39 -5.73 43.20
N ILE D 320 -26.90 -5.66 41.96
CA ILE D 320 -25.47 -5.78 41.67
C ILE D 320 -24.71 -4.58 42.22
N GLN D 321 -25.25 -3.38 42.02
N GLN D 321 -25.24 -3.38 42.02
CA GLN D 321 -24.69 -2.15 42.59
CA GLN D 321 -24.69 -2.15 42.59
C GLN D 321 -24.50 -2.31 44.12
C GLN D 321 -24.50 -2.31 44.12
N GLN D 322 -25.49 -2.89 44.77
CA GLN D 322 -25.46 -3.14 46.21
C GLN D 322 -24.45 -4.22 46.61
N GLU D 323 -24.38 -5.32 45.86
CA GLU D 323 -23.36 -6.34 46.10
C GLU D 323 -21.94 -5.81 45.93
N LEU D 324 -21.73 -4.94 44.94
CA LEU D 324 -20.42 -4.33 44.71
C LEU D 324 -19.95 -3.40 45.84
N ALA D 325 -20.88 -2.87 46.63
CA ALA D 325 -20.54 -2.05 47.80
C ALA D 325 -20.07 -2.85 49.02
N LYS D 326 -20.31 -4.17 49.07
CA LYS D 326 -19.98 -4.98 50.26
C LYS D 326 -18.47 -5.22 50.37
N PRO D 327 -17.97 -5.50 51.60
CA PRO D 327 -16.51 -5.66 51.78
C PRO D 327 -15.90 -6.79 50.92
N ASN D 328 -14.76 -6.47 50.30
CA ASN D 328 -13.94 -7.38 49.48
C ASN D 328 -14.46 -7.74 48.09
N VAL D 329 -15.65 -7.30 47.72
CA VAL D 329 -16.25 -7.68 46.43
C VAL D 329 -15.55 -6.95 45.27
N LEU D 330 -15.34 -5.64 45.37
CA LEU D 330 -14.60 -4.91 44.33
C LEU D 330 -13.21 -5.49 44.07
N GLU D 331 -12.56 -5.98 45.13
CA GLU D 331 -11.25 -6.61 45.01
C GLU D 331 -11.26 -7.95 44.23
N ARG D 332 -12.43 -8.58 44.11
CA ARG D 332 -12.59 -9.72 43.18
C ARG D 332 -12.36 -9.35 41.72
N PHE D 333 -12.75 -8.14 41.33
CA PHE D 333 -12.77 -7.74 39.92
C PHE D 333 -11.66 -6.80 39.48
N LEU D 334 -11.19 -5.94 40.39
CA LEU D 334 -10.15 -4.94 40.08
C LEU D 334 -8.89 -5.17 40.93
N GLU D 335 -7.72 -4.97 40.31
CA GLU D 335 -6.43 -5.16 41.01
C GLU D 335 -5.86 -3.86 41.58
N ASN D 336 -6.14 -2.74 40.90
CA ASN D 336 -5.62 -1.41 41.29
C ASN D 336 -6.39 -0.82 42.48
N LYS D 337 -5.68 -0.57 43.57
CA LYS D 337 -6.30 -0.13 44.84
C LYS D 337 -6.76 1.34 44.82
N ASP D 338 -6.10 2.17 44.01
CA ASP D 338 -6.50 3.58 43.84
C ASP D 338 -7.83 3.69 43.10
N ASP D 339 -7.96 2.94 42.01
CA ASP D 339 -9.22 2.84 41.26
C ASP D 339 -10.38 2.38 42.16
N ILE D 340 -10.13 1.37 43.01
CA ILE D 340 -11.13 0.88 43.97
C ILE D 340 -11.52 1.98 44.96
N ALA D 341 -10.53 2.68 45.51
CA ALA D 341 -10.78 3.79 46.44
C ALA D 341 -11.59 4.94 45.78
N LYS D 342 -11.26 5.26 44.52
CA LYS D 342 -12.01 6.27 43.78
C LYS D 342 -13.49 5.88 43.61
N LEU D 343 -13.77 4.61 43.32
CA LEU D 343 -15.16 4.16 43.23
C LEU D 343 -15.88 4.23 44.58
N ARG D 344 -15.23 3.79 45.66
CA ARG D 344 -15.83 3.78 47.00
C ARG D 344 -16.12 5.18 47.54
N LYS D 345 -15.34 6.16 47.10
CA LYS D 345 -15.61 7.56 47.43
C LYS D 345 -16.97 8.03 46.85
N CYS D 346 -17.39 7.48 45.71
CA CYS D 346 -18.71 7.78 45.10
C CYS D 346 -19.88 6.96 45.65
N PHE D 347 -19.61 5.89 46.40
CA PHE D 347 -20.68 5.01 46.85
C PHE D 347 -21.37 5.65 48.05
N ALA D 348 -22.69 5.81 47.95
CA ALA D 348 -23.52 6.04 49.10
C ALA D 348 -23.71 4.68 49.77
N GLY D 349 -24.18 4.69 51.00
CA GLY D 349 -24.46 3.47 51.72
C GLY D 349 -25.53 2.66 51.01
N LEU D 350 -25.30 1.34 50.90
CA LEU D 350 -26.16 0.45 50.12
C LEU D 350 -26.29 -0.88 50.80
N TRP D 351 -27.53 -1.36 50.96
CA TRP D 351 -27.81 -2.57 51.75
C TRP D 351 -29.04 -3.34 51.26
N SER D 352 -29.06 -4.63 51.53
CA SER D 352 -30.25 -5.47 51.26
C SER D 352 -31.04 -5.69 52.55
N LEU D 353 -32.30 -6.12 52.39
CA LEU D 353 -33.19 -6.37 53.53
C LEU D 353 -32.79 -7.56 54.39
N ASP D 354 -31.85 -8.40 53.93
CA ASP D 354 -31.31 -9.48 54.74
C ASP D 354 -30.17 -9.05 55.68
N GLU D 355 -29.73 -7.79 55.59
CA GLU D 355 -28.77 -7.24 56.55
C GLU D 355 -29.57 -6.68 57.74
N SER D 356 -29.79 -7.51 58.75
CA SER D 356 -30.77 -7.24 59.81
C SER D 356 -30.45 -6.06 60.72
N ASP D 357 -29.17 -5.86 61.00
CA ASP D 357 -28.72 -4.67 61.74
C ASP D 357 -29.13 -3.37 61.01
N ILE D 358 -29.05 -3.37 59.69
CA ILE D 358 -29.46 -2.20 58.88
C ILE D 358 -30.97 -2.02 58.84
N VAL D 359 -31.72 -3.12 58.80
CA VAL D 359 -33.20 -3.06 58.84
C VAL D 359 -33.68 -2.44 60.15
N LYS D 360 -33.12 -2.89 61.28
CA LYS D 360 -33.43 -2.32 62.59
C LYS D 360 -33.12 -0.84 62.64
N ASP D 361 -31.95 -0.46 62.10
CA ASP D 361 -31.54 0.94 62.06
C ASP D 361 -32.47 1.79 61.19
N ALA D 362 -32.90 1.22 60.06
CA ALA D 362 -33.88 1.90 59.21
C ALA D 362 -35.24 2.06 59.89
N ILE D 363 -35.61 1.11 60.74
CA ILE D 363 -36.81 1.25 61.55
C ILE D 363 -36.64 2.36 62.62
N ASP D 364 -35.47 2.45 63.25
CA ASP D 364 -35.22 3.46 64.29
C ASP D 364 -34.99 4.87 63.73
N ARG D 365 -34.39 4.97 62.53
CA ARG D 365 -34.04 6.26 61.90
C ARG D 365 -34.40 6.31 60.39
N PRO D 366 -35.69 6.10 60.07
CA PRO D 366 -36.17 5.96 58.67
C PRO D 366 -35.92 7.18 57.78
N GLU D 367 -35.94 8.36 58.37
CA GLU D 367 -35.62 9.65 57.71
C GLU D 367 -34.29 9.67 56.95
N LEU D 368 -33.37 8.82 57.36
CA LEU D 368 -32.04 8.75 56.75
C LEU D 368 -31.94 7.76 55.58
N TYR D 369 -33.03 7.04 55.30
CA TYR D 369 -33.04 5.96 54.33
C TYR D 369 -34.03 6.18 53.20
N VAL D 370 -33.74 5.51 52.08
CA VAL D 370 -34.68 5.31 50.98
C VAL D 370 -34.82 3.81 50.74
N MET D 371 -36.05 3.34 50.58
CA MET D 371 -36.29 1.95 50.19
C MET D 371 -36.61 1.95 48.70
N LYS D 372 -35.75 1.31 47.90
CA LYS D 372 -35.84 1.33 46.43
C LYS D 372 -36.15 -0.07 45.92
N PRO D 373 -37.18 -0.23 45.05
CA PRO D 373 -37.36 -1.54 44.39
C PRO D 373 -36.25 -1.77 43.34
N GLN D 374 -35.89 -3.04 43.13
CA GLN D 374 -34.78 -3.40 42.23
C GLN D 374 -35.24 -3.43 40.80
N ASN D 380 -40.92 2.53 42.23
CA ASN D 380 -41.78 3.24 43.19
C ASN D 380 -41.10 3.41 44.60
N ASN D 381 -40.21 4.41 44.72
CA ASN D 381 -39.35 4.61 45.92
C ASN D 381 -40.13 5.04 47.17
N ILE D 382 -39.69 4.57 48.35
CA ILE D 382 -40.30 4.94 49.64
C ILE D 382 -39.31 5.75 50.50
N TYR D 383 -39.79 6.87 51.03
CA TYR D 383 -38.98 7.88 51.75
C TYR D 383 -39.47 8.11 53.17
N GLY D 384 -38.57 8.58 54.03
CA GLY D 384 -38.91 9.05 55.38
C GLY D 384 -39.71 8.10 56.25
N GLU D 385 -40.63 8.66 57.04
CA GLU D 385 -41.58 7.92 57.90
C GLU D 385 -42.09 6.60 57.30
N ASP D 386 -42.40 6.61 56.00
CA ASP D 386 -42.97 5.45 55.31
C ASP D 386 -42.02 4.24 55.21
N VAL D 387 -40.70 4.47 55.29
CA VAL D 387 -39.72 3.38 55.31
C VAL D 387 -39.94 2.48 56.54
N ARG D 388 -40.24 3.09 57.68
CA ARG D 388 -40.55 2.36 58.91
C ARG D 388 -41.76 1.45 58.73
N ASP D 389 -42.84 2.01 58.19
CA ASP D 389 -44.10 1.28 58.00
C ASP D 389 -43.95 0.10 57.03
N ALA D 390 -43.30 0.35 55.90
CA ALA D 390 -43.08 -0.71 54.92
C ALA D 390 -42.22 -1.86 55.47
N LEU D 391 -41.16 -1.52 56.22
CA LEU D 391 -40.30 -2.53 56.83
C LEU D 391 -41.00 -3.32 57.94
N LEU D 392 -41.85 -2.64 58.72
CA LEU D 392 -42.65 -3.30 59.75
C LEU D 392 -43.73 -4.21 59.13
N LYS D 393 -44.32 -3.82 58.00
CA LYS D 393 -45.25 -4.70 57.28
C LYS D 393 -44.55 -5.99 56.84
N LEU D 394 -43.43 -5.83 56.14
CA LEU D 394 -42.58 -6.99 55.75
C LEU D 394 -42.30 -8.00 56.91
N TYR D 405 -36.42 -5.29 46.69
CA TYR D 405 -36.13 -4.09 47.50
C TYR D 405 -34.68 -3.98 48.00
N ILE D 406 -34.11 -2.77 47.88
CA ILE D 406 -32.83 -2.36 48.50
C ILE D 406 -33.03 -1.16 49.44
N LEU D 407 -32.14 -1.06 50.42
CA LEU D 407 -32.05 0.10 51.34
C LEU D 407 -30.84 0.93 50.97
N MET D 408 -31.03 2.24 50.88
CA MET D 408 -29.97 3.17 50.47
C MET D 408 -29.95 4.38 51.37
N GLN D 409 -28.75 4.93 51.56
CA GLN D 409 -28.55 6.23 52.18
C GLN D 409 -29.36 7.29 51.42
N ARG D 410 -30.23 7.99 52.14
CA ARG D 410 -30.92 9.12 51.55
C ARG D 410 -29.96 10.28 51.32
N ILE D 411 -29.96 10.80 50.09
CA ILE D 411 -29.17 11.93 49.68
C ILE D 411 -30.06 13.17 49.69
N PHE D 412 -29.56 14.26 50.25
CA PHE D 412 -30.30 15.52 50.34
C PHE D 412 -29.62 16.59 49.47
N PRO D 413 -30.04 16.71 48.21
CA PRO D 413 -29.34 17.64 47.31
C PRO D 413 -29.71 19.10 47.55
N LYS D 414 -28.87 19.98 47.00
CA LYS D 414 -29.05 21.41 47.08
C LYS D 414 -30.27 21.84 46.30
N ILE D 415 -31.13 22.63 46.93
CA ILE D 415 -32.26 23.25 46.25
C ILE D 415 -31.77 24.57 45.63
N SER D 416 -31.79 24.65 44.30
CA SER D 416 -31.35 25.85 43.58
C SER D 416 -32.52 26.60 42.96
N HIS D 417 -32.26 27.84 42.53
CA HIS D 417 -33.18 28.62 41.70
C HIS D 417 -32.84 28.37 40.23
N SER D 418 -33.84 28.13 39.38
CA SER D 418 -33.65 28.17 37.93
C SER D 418 -34.94 28.52 37.17
N ILE D 419 -34.81 28.71 35.86
CA ILE D 419 -35.92 29.06 34.99
C ILE D 419 -36.09 27.90 34.01
N LEU D 420 -37.25 27.27 34.02
CA LEU D 420 -37.53 26.07 33.21
C LEU D 420 -38.49 26.41 32.09
N MET D 421 -38.18 25.93 30.89
CA MET D 421 -39.00 26.11 29.70
C MET D 421 -39.73 24.81 29.40
N ARG D 422 -41.05 24.87 29.29
CA ARG D 422 -41.86 23.76 28.84
C ARG D 422 -43.00 24.30 28.01
N GLU D 423 -43.18 23.74 26.81
CA GLU D 423 -44.26 24.11 25.88
C GLU D 423 -44.40 25.64 25.66
N GLY D 424 -43.25 26.32 25.55
CA GLY D 424 -43.18 27.73 25.20
C GLY D 424 -43.28 28.71 26.36
N ILE D 425 -43.36 28.20 27.58
CA ILE D 425 -43.62 29.01 28.76
C ILE D 425 -42.48 28.85 29.78
N SER D 426 -41.96 29.99 30.24
CA SER D 426 -40.88 30.01 31.23
C SER D 426 -41.49 30.02 32.64
N HIS D 427 -40.92 29.20 33.52
CA HIS D 427 -41.35 29.06 34.93
C HIS D 427 -40.14 29.27 35.84
N LYS D 428 -40.23 30.19 36.80
CA LYS D 428 -39.21 30.30 37.87
C LYS D 428 -39.54 29.28 38.96
N GLU D 429 -38.57 28.39 39.25
CA GLU D 429 -38.83 27.25 40.14
C GLU D 429 -37.69 26.94 41.09
N GLN D 430 -38.05 26.29 42.20
CA GLN D 430 -37.12 25.67 43.12
C GLN D 430 -36.79 24.32 42.54
N THR D 431 -35.50 24.01 42.42
CA THR D 431 -35.06 22.77 41.72
C THR D 431 -33.99 21.96 42.43
N ILE D 432 -33.93 20.68 42.07
CA ILE D 432 -32.78 19.81 42.38
C ILE D 432 -32.26 19.28 41.06
N SER D 433 -30.97 18.93 41.04
CA SER D 433 -30.31 18.51 39.81
C SER D 433 -29.60 17.18 39.99
N GLU D 434 -29.28 16.58 38.85
CA GLU D 434 -28.76 15.22 38.78
C GLU D 434 -27.78 15.14 37.60
N LEU D 435 -26.53 14.79 37.89
CA LEU D 435 -25.47 14.76 36.88
C LEU D 435 -25.28 13.37 36.34
N GLY D 436 -25.33 13.22 35.03
CA GLY D 436 -25.06 11.96 34.36
C GLY D 436 -23.74 12.07 33.62
N ILE D 437 -22.87 11.07 33.77
CA ILE D 437 -21.65 10.99 32.95
C ILE D 437 -21.78 9.79 32.00
N TYR D 438 -21.74 10.06 30.70
CA TYR D 438 -21.77 9.00 29.69
C TYR D 438 -20.41 8.33 29.64
N GLY D 439 -20.42 7.04 29.30
CA GLY D 439 -19.19 6.27 29.17
C GLY D 439 -19.26 5.32 27.99
N THR D 440 -18.21 5.32 27.16
CA THR D 440 -18.09 4.42 26.02
C THR D 440 -17.04 3.36 26.32
N TYR D 441 -17.37 2.11 26.06
CA TYR D 441 -16.46 0.99 26.26
C TYR D 441 -16.56 0.04 25.06
N LEU D 442 -15.42 -0.36 24.52
CA LEU D 442 -15.37 -1.34 23.44
C LEU D 442 -14.12 -2.19 23.57
N ARG D 443 -14.30 -3.52 23.62
CA ARG D 443 -13.17 -4.44 23.55
C ARG D 443 -13.43 -5.59 22.59
N ASN D 444 -12.35 -6.12 22.02
CA ASN D 444 -12.37 -7.37 21.23
C ASN D 444 -11.57 -8.43 22.03
N LYS D 445 -11.22 -9.56 21.42
CA LYS D 445 -10.56 -10.68 22.16
C LYS D 445 -9.49 -10.25 23.17
N THR D 446 -8.37 -9.71 22.68
CA THR D 446 -7.26 -9.27 23.54
C THR D 446 -7.44 -7.84 24.07
N GLU D 447 -7.79 -6.93 23.16
CA GLU D 447 -7.57 -5.49 23.36
C GLU D 447 -8.83 -4.71 23.77
N VAL D 448 -8.61 -3.69 24.61
CA VAL D 448 -9.60 -2.67 24.89
C VAL D 448 -9.40 -1.57 23.85
N VAL D 449 -10.40 -1.31 23.02
CA VAL D 449 -10.32 -0.33 21.91
C VAL D 449 -10.75 1.08 22.34
N ILE D 450 -11.83 1.15 23.14
CA ILE D 450 -12.33 2.41 23.68
C ILE D 450 -12.63 2.19 25.15
N ASN D 451 -12.19 3.13 25.98
CA ASN D 451 -12.66 3.22 27.36
C ASN D 451 -12.47 4.65 27.83
N GLN D 452 -13.55 5.44 27.76
CA GLN D 452 -13.48 6.85 28.14
C GLN D 452 -14.80 7.40 28.65
N GLN D 453 -14.67 8.52 29.35
CA GLN D 453 -15.78 9.42 29.61
C GLN D 453 -16.22 9.97 28.26
N ALA D 454 -17.52 10.13 28.06
CA ALA D 454 -18.07 10.47 26.73
C ALA D 454 -19.17 11.52 26.82
N GLY D 455 -18.90 12.63 27.52
CA GLY D 455 -19.88 13.67 27.72
C GLY D 455 -20.76 13.52 28.94
N TYR D 456 -21.79 14.34 29.02
CA TYR D 456 -22.62 14.45 30.21
C TYR D 456 -24.06 14.87 29.94
N LEU D 457 -24.86 14.67 30.97
CA LEU D 457 -26.25 15.05 31.03
C LEU D 457 -26.48 15.72 32.39
N MET D 458 -27.17 16.86 32.37
CA MET D 458 -27.70 17.45 33.58
C MET D 458 -29.20 17.51 33.45
N ARG D 459 -29.90 16.88 34.38
CA ARG D 459 -31.36 16.93 34.45
C ARG D 459 -31.71 17.69 35.71
N THR D 460 -32.63 18.63 35.57
CA THR D 460 -33.03 19.50 36.63
C THR D 460 -34.55 19.40 36.76
N LYS D 461 -35.04 19.28 37.99
CA LYS D 461 -36.49 19.15 38.24
C LYS D 461 -36.98 19.86 39.46
N VAL D 462 -38.30 20.09 39.49
CA VAL D 462 -38.95 20.86 40.56
C VAL D 462 -38.97 20.04 41.86
N SER D 463 -38.69 20.68 42.99
CA SER D 463 -38.67 19.99 44.32
C SER D 463 -40.02 19.44 44.76
N PHE D 474 -41.89 17.90 37.42
CA PHE D 474 -41.36 17.44 36.13
C PHE D 474 -39.91 17.88 35.93
N ALA D 475 -39.27 17.29 34.92
CA ALA D 475 -37.84 17.42 34.69
C ALA D 475 -37.52 18.08 33.34
N VAL D 476 -36.39 18.78 33.28
CA VAL D 476 -35.88 19.38 32.04
C VAL D 476 -34.42 19.01 31.82
N LEU D 477 -33.97 19.19 30.58
CA LEU D 477 -32.56 19.03 30.24
C LEU D 477 -31.83 20.32 30.58
N ASP D 478 -30.59 20.18 31.01
CA ASP D 478 -29.79 21.30 31.50
C ASP D 478 -28.35 21.02 31.09
N SER D 479 -27.47 22.00 31.33
CA SER D 479 -26.02 21.76 31.24
C SER D 479 -25.37 22.28 32.51
N ILE D 480 -24.05 22.27 32.58
CA ILE D 480 -23.34 22.75 33.77
C ILE D 480 -22.49 23.97 33.49
N TYR D 481 -22.39 24.81 34.50
CA TYR D 481 -21.58 26.02 34.52
C TYR D 481 -20.60 25.80 35.67
N LEU D 482 -19.33 25.58 35.37
CA LEU D 482 -18.33 25.16 36.36
C LEU D 482 -17.85 26.31 37.26
N VAL D 483 -17.81 26.08 38.57
CA VAL D 483 -17.40 27.11 39.55
C VAL D 483 -16.38 26.62 40.59
N ASP E 14 44.58 -7.28 36.78
CA ASP E 14 45.83 -6.64 36.30
C ASP E 14 46.52 -7.55 35.27
N PRO E 15 46.53 -7.16 33.98
CA PRO E 15 47.10 -8.03 32.93
C PRO E 15 48.57 -8.45 33.11
N HIS E 16 49.38 -7.61 33.76
CA HIS E 16 50.79 -7.94 34.02
C HIS E 16 50.98 -9.09 35.01
N ASP E 17 49.98 -9.34 35.86
CA ASP E 17 50.00 -10.49 36.80
C ASP E 17 49.61 -11.85 36.17
N ILE E 18 49.11 -11.84 34.95
CA ILE E 18 48.71 -13.08 34.28
C ILE E 18 49.95 -13.93 33.98
N ASP E 19 49.88 -15.20 34.33
CA ASP E 19 50.94 -16.18 34.04
C ASP E 19 51.34 -16.16 32.54
N PRO E 20 52.66 -16.14 32.22
CA PRO E 20 53.08 -16.16 30.78
C PRO E 20 52.57 -17.33 29.93
N LYS E 21 52.37 -18.50 30.52
CA LYS E 21 51.73 -19.65 29.83
C LYS E 21 50.30 -19.34 29.38
N LEU E 22 49.52 -18.69 30.25
CA LEU E 22 48.16 -18.26 29.92
C LEU E 22 48.14 -17.09 28.92
N VAL E 23 49.11 -16.17 28.99
CA VAL E 23 49.22 -15.08 28.00
C VAL E 23 49.46 -15.68 26.62
N GLN E 24 50.35 -16.66 26.51
CA GLN E 24 50.65 -17.30 25.22
C GLN E 24 49.40 -17.97 24.62
N LYS E 25 48.61 -18.68 25.43
CA LYS E 25 47.37 -19.32 24.96
C LYS E 25 46.33 -18.30 24.50
N LEU E 26 46.16 -17.22 25.28
CA LEU E 26 45.30 -16.12 24.91
C LEU E 26 45.75 -15.48 23.60
N ALA E 27 47.06 -15.29 23.47
CA ALA E 27 47.64 -14.66 22.30
C ALA E 27 47.35 -15.49 21.05
N ASN E 28 47.61 -16.79 21.12
CA ASN E 28 47.36 -17.68 19.98
C ASN E 28 45.88 -17.68 19.59
N ASP E 29 44.98 -17.78 20.57
CA ASP E 29 43.56 -17.73 20.29
C ASP E 29 43.12 -16.40 19.69
N ALA E 30 43.70 -15.30 20.17
CA ALA E 30 43.41 -13.98 19.60
C ALA E 30 43.87 -13.86 18.15
N LEU E 31 45.08 -14.34 17.87
CA LEU E 31 45.64 -14.33 16.52
C LEU E 31 44.84 -15.18 15.53
N VAL E 32 44.41 -16.36 15.96
CA VAL E 32 43.56 -17.25 15.15
C VAL E 32 42.24 -16.54 14.82
N TRP E 33 41.58 -16.02 15.84
CA TRP E 33 40.30 -15.34 15.69
C TRP E 33 40.38 -14.22 14.65
N CYS E 34 41.38 -13.34 14.80
CA CYS E 34 41.63 -12.25 13.84
C CYS E 34 41.75 -12.75 12.39
N SER E 35 42.48 -13.85 12.22
CA SER E 35 42.70 -14.46 10.91
C SER E 35 41.43 -14.97 10.25
N LEU E 36 40.54 -15.56 11.06
CA LEU E 36 39.31 -16.14 10.52
C LEU E 36 38.20 -15.12 10.33
N ARG E 37 38.31 -13.97 10.98
CA ARG E 37 37.19 -13.03 11.07
C ARG E 37 37.49 -11.67 10.46
N GLY E 38 38.54 -11.59 9.65
CA GLY E 38 38.86 -10.38 8.89
C GLY E 38 39.33 -9.15 9.65
N LEU E 39 39.97 -9.36 10.80
CA LEU E 39 40.50 -8.26 11.61
C LEU E 39 41.96 -8.08 11.22
N LEU E 40 42.16 -7.54 10.02
CA LEU E 40 43.45 -7.58 9.35
C LEU E 40 43.88 -6.23 8.83
N VAL E 41 45.19 -6.09 8.67
CA VAL E 41 45.80 -4.96 7.97
C VAL E 41 46.86 -5.51 7.01
N GLY E 42 47.29 -4.67 6.07
CA GLY E 42 48.45 -4.99 5.24
C GLY E 42 49.72 -4.86 6.07
N ASP E 43 50.65 -5.79 5.89
CA ASP E 43 51.92 -5.78 6.64
C ASP E 43 52.74 -4.54 6.31
N ARG E 44 53.32 -3.90 7.32
CA ARG E 44 54.07 -2.66 7.10
C ARG E 44 55.38 -2.86 6.32
N ASN E 45 55.93 -4.07 6.34
CA ASN E 45 57.18 -4.41 5.63
C ASN E 45 56.97 -5.01 4.24
N SER E 46 55.85 -4.70 3.59
CA SER E 46 55.54 -5.21 2.25
C SER E 46 55.24 -4.05 1.31
N GLU E 47 55.88 -4.08 0.13
CA GLU E 47 55.56 -3.12 -0.92
C GLU E 47 54.21 -3.36 -1.60
N ARG E 48 53.63 -4.55 -1.44
CA ARG E 48 52.34 -4.90 -2.07
C ARG E 48 51.11 -4.77 -1.18
N SER E 49 51.30 -4.85 0.14
CA SER E 49 50.18 -5.03 1.08
C SER E 49 49.16 -3.91 1.10
N GLY E 50 49.59 -2.71 0.72
CA GLY E 50 48.72 -1.56 0.58
C GLY E 50 48.08 -1.37 -0.79
N THR E 51 48.48 -2.12 -1.80
CA THR E 51 47.88 -2.01 -3.16
C THR E 51 47.17 -3.27 -3.66
N VAL E 52 47.64 -4.45 -3.27
CA VAL E 52 47.05 -5.71 -3.71
C VAL E 52 46.33 -6.34 -2.52
N PRO E 53 44.98 -6.44 -2.59
CA PRO E 53 44.27 -7.09 -1.50
C PRO E 53 44.56 -8.59 -1.46
N GLY E 54 44.47 -9.18 -0.28
CA GLY E 54 44.69 -10.61 -0.10
C GLY E 54 46.11 -11.09 -0.07
N VAL E 55 47.09 -10.18 -0.01
CA VAL E 55 48.51 -10.57 0.09
C VAL E 55 49.22 -9.83 1.22
N ASP E 56 50.19 -10.50 1.83
CA ASP E 56 51.04 -9.95 2.91
C ASP E 56 50.20 -9.28 3.99
N MET E 57 49.33 -10.10 4.57
CA MET E 57 48.40 -9.66 5.59
C MET E 57 48.86 -10.12 6.95
N VAL E 58 48.45 -9.36 7.95
CA VAL E 58 48.80 -9.59 9.34
C VAL E 58 47.63 -9.15 10.16
N HIS E 59 47.46 -9.74 11.34
CA HIS E 59 46.42 -9.30 12.24
C HIS E 59 46.58 -7.82 12.56
N ALA E 60 45.45 -7.15 12.72
CA ALA E 60 45.46 -5.77 13.17
C ALA E 60 46.12 -5.72 14.54
N PRO E 61 46.95 -4.70 14.82
CA PRO E 61 47.47 -4.59 16.18
C PRO E 61 46.34 -4.42 17.19
N VAL E 62 46.32 -5.26 18.21
CA VAL E 62 45.23 -5.28 19.18
C VAL E 62 45.72 -5.47 20.61
N ALA E 63 44.97 -4.92 21.55
CA ALA E 63 45.11 -5.30 22.95
C ALA E 63 44.54 -6.71 23.13
N LEU E 64 45.18 -7.46 24.01
CA LEU E 64 44.77 -8.83 24.28
C LEU E 64 43.59 -8.86 25.27
N ILE E 65 43.51 -7.85 26.13
CA ILE E 65 42.49 -7.75 27.16
C ILE E 65 41.80 -6.41 26.98
N PRO E 66 40.46 -6.36 27.17
CA PRO E 66 39.79 -5.06 27.06
C PRO E 66 40.18 -4.07 28.18
N MET E 67 40.11 -2.79 27.87
CA MET E 67 40.49 -1.71 28.81
C MET E 67 39.32 -1.40 29.74
N SER E 68 39.58 -1.35 31.05
CA SER E 68 38.58 -0.89 32.03
C SER E 68 38.24 0.58 31.84
N PHE E 69 36.94 0.87 31.85
CA PHE E 69 36.46 2.23 31.63
C PHE E 69 35.13 2.45 32.38
N PRO E 70 35.00 3.56 33.14
CA PRO E 70 33.76 3.78 33.89
C PRO E 70 32.52 3.97 33.01
N GLU E 71 31.43 3.27 33.36
CA GLU E 71 30.17 3.34 32.61
C GLU E 71 29.57 4.76 32.57
N SER E 72 29.68 5.49 33.68
CA SER E 72 29.16 6.85 33.75
C SER E 72 29.73 7.72 32.63
N HIS E 73 31.04 7.62 32.41
CA HIS E 73 31.71 8.44 31.40
C HIS E 73 31.46 7.93 29.99
N TRP E 74 31.31 6.60 29.85
CA TRP E 74 30.87 6.02 28.60
C TRP E 74 29.52 6.59 28.18
N LYS E 75 28.58 6.58 29.13
CA LYS E 75 27.24 7.13 28.90
C LYS E 75 27.25 8.62 28.55
N GLN E 76 28.08 9.39 29.24
CA GLN E 76 28.24 10.82 28.92
C GLN E 76 28.67 11.00 27.47
N ALA E 77 29.67 10.23 27.05
CA ALA E 77 30.20 10.28 25.67
C ALA E 77 29.15 9.94 24.61
N CYS E 78 28.34 8.92 24.88
CA CYS E 78 27.25 8.53 23.96
C CYS E 78 26.13 9.56 23.89
N GLU E 79 25.83 10.19 25.02
CA GLU E 79 24.74 11.16 25.13
C GLU E 79 25.02 12.45 24.32
N VAL E 80 26.27 12.93 24.30
CA VAL E 80 26.65 14.10 23.51
C VAL E 80 26.84 13.88 22.02
N ALA E 81 26.95 12.62 21.60
CA ALA E 81 27.18 12.31 20.17
C ALA E 81 26.16 12.98 19.23
N PRO E 82 24.85 12.82 19.50
CA PRO E 82 23.88 13.49 18.63
C PRO E 82 23.86 15.01 18.68
N ILE E 83 24.36 15.59 19.77
CA ILE E 83 24.45 17.05 19.91
C ILE E 83 25.60 17.59 19.05
N PHE E 84 26.76 16.93 19.11
CA PHE E 84 27.87 17.23 18.19
C PHE E 84 27.49 17.08 16.72
N ASN E 85 26.73 16.03 16.39
CA ASN E 85 26.28 15.78 15.02
C ASN E 85 25.45 16.95 14.49
N GLU E 86 24.50 17.42 15.30
CA GLU E 86 23.64 18.57 14.96
C GLU E 86 24.50 19.84 14.88
N LEU E 87 25.45 19.99 15.81
CA LEU E 87 26.33 21.15 15.84
C LEU E 87 27.18 21.26 14.59
N VAL E 88 27.80 20.15 14.18
CA VAL E 88 28.59 20.12 12.95
C VAL E 88 27.75 20.60 11.77
N ASP E 89 26.52 20.12 11.67
CA ASP E 89 25.63 20.52 10.59
C ASP E 89 25.32 22.02 10.58
N ARG E 90 24.98 22.56 11.75
CA ARG E 90 24.64 23.99 11.87
C ARG E 90 25.83 24.91 11.68
N VAL E 91 27.00 24.51 12.18
CA VAL E 91 28.25 25.26 11.95
C VAL E 91 28.60 25.32 10.46
N SER E 92 28.42 24.19 9.77
CA SER E 92 28.75 24.07 8.35
C SER E 92 27.88 24.95 7.44
N GLN E 93 26.63 25.18 7.84
CA GLN E 93 25.70 26.06 7.10
C GLN E 93 26.05 27.56 7.22
N ASP E 94 26.82 27.93 8.23
CA ASP E 94 27.20 29.32 8.45
C ASP E 94 28.54 29.60 7.72
N GLY E 95 28.44 29.74 6.40
CA GLY E 95 29.61 29.91 5.55
C GLY E 95 30.56 31.00 5.98
N GLU E 96 30.01 32.14 6.39
CA GLU E 96 30.81 33.29 6.80
C GLU E 96 31.55 33.04 8.12
N PHE E 97 30.97 32.21 8.99
CA PHE E 97 31.63 31.82 10.25
C PHE E 97 32.89 31.01 10.00
N LEU E 98 32.83 30.08 9.05
CA LEU E 98 33.98 29.27 8.69
C LEU E 98 35.08 30.12 8.05
N GLN E 99 34.70 30.98 7.10
CA GLN E 99 35.65 31.90 6.45
C GLN E 99 36.34 32.87 7.43
N GLN E 100 35.56 33.45 8.36
CA GLN E 100 36.09 34.36 9.39
C GLN E 100 37.05 33.65 10.36
N SER E 101 36.62 32.51 10.91
CA SER E 101 37.42 31.73 11.86
C SER E 101 38.77 31.29 11.32
N LEU E 102 38.82 30.91 10.05
CA LEU E 102 40.01 30.34 9.43
C LEU E 102 40.85 31.34 8.60
N SER E 103 40.51 32.63 8.62
CA SER E 103 41.20 33.64 7.79
C SER E 103 42.68 33.91 8.19
N ARG E 104 43.03 33.70 9.44
CA ARG E 104 44.44 33.76 9.88
C ARG E 104 45.19 32.48 9.52
N THR E 105 44.51 31.34 9.61
CA THR E 105 45.09 30.05 9.20
C THR E 105 45.52 30.03 7.74
N ARG E 106 44.74 30.65 6.86
CA ARG E 106 44.96 30.52 5.41
C ARG E 106 46.23 31.22 4.89
N LYS E 107 46.67 32.30 5.54
CA LYS E 107 47.94 32.93 5.18
C LYS E 107 49.18 32.08 5.51
N VAL E 108 49.09 31.17 6.49
CA VAL E 108 50.25 30.36 6.92
C VAL E 108 50.15 28.87 6.50
N ASP E 109 48.95 28.36 6.24
CA ASP E 109 48.74 26.95 5.81
C ASP E 109 48.16 26.92 4.37
N PRO E 110 49.00 26.61 3.36
CA PRO E 110 48.52 26.52 1.97
C PRO E 110 47.38 25.52 1.72
N PHE E 111 47.37 24.42 2.47
CA PHE E 111 46.34 23.39 2.35
C PHE E 111 44.94 23.89 2.74
N THR E 112 44.84 24.51 3.91
CA THR E 112 43.57 25.09 4.40
C THR E 112 43.08 26.20 3.46
N SER E 113 44.01 27.00 2.94
CA SER E 113 43.70 28.08 2.01
C SER E 113 42.97 27.57 0.76
N ARG E 114 43.48 26.48 0.20
CA ARG E 114 42.87 25.84 -0.97
C ARG E 114 41.51 25.21 -0.67
N LEU E 115 41.34 24.65 0.52
CA LEU E 115 40.03 24.16 0.96
C LEU E 115 39.04 25.31 1.04
N LEU E 116 39.49 26.44 1.59
CA LEU E 116 38.68 27.66 1.66
C LEU E 116 38.36 28.25 0.30
N GLU E 117 39.28 28.12 -0.67
CA GLU E 117 39.02 28.52 -2.06
C GLU E 117 37.82 27.77 -2.64
N ILE E 118 37.80 26.45 -2.42
CA ILE E 118 36.71 25.62 -2.90
C ILE E 118 35.40 26.02 -2.23
N HIS E 119 35.45 26.26 -0.92
CA HIS E 119 34.29 26.71 -0.18
C HIS E 119 33.78 28.05 -0.72
N SER E 120 34.70 28.99 -0.93
CA SER E 120 34.38 30.31 -1.53
C SER E 120 33.68 30.17 -2.87
N LYS E 121 34.18 29.27 -3.72
CA LYS E 121 33.57 29.02 -5.03
C LYS E 121 32.17 28.45 -4.93
N MET E 122 31.94 27.60 -3.93
CA MET E 122 30.59 27.06 -3.67
C MET E 122 29.63 28.14 -3.18
N LEU E 123 30.10 29.07 -2.36
CA LEU E 123 29.28 30.23 -1.94
C LEU E 123 29.00 31.22 -3.08
N GLU E 124 29.96 31.41 -3.99
CA GLU E 124 29.81 32.28 -5.17
C GLU E 124 28.67 31.86 -6.12
N ILE E 125 28.39 30.56 -6.22
CA ILE E 125 27.35 30.05 -7.10
C ILE E 125 26.10 29.59 -6.35
N ASN E 126 25.97 30.00 -5.08
CA ASN E 126 24.89 29.55 -4.17
C ASN E 126 24.62 28.04 -4.22
N LYS E 127 25.69 27.25 -4.06
CA LYS E 127 25.60 25.81 -4.01
C LYS E 127 24.89 25.42 -2.72
N ILE E 128 23.91 24.53 -2.85
CA ILE E 128 23.13 24.05 -1.73
C ILE E 128 23.35 22.54 -1.68
N GLU E 129 23.63 22.02 -0.49
CA GLU E 129 23.62 20.58 -0.25
C GLU E 129 22.32 20.31 0.49
N GLU E 130 21.32 19.81 -0.22
CA GLU E 130 20.03 19.47 0.37
C GLU E 130 20.10 18.18 1.19
N ILE E 131 20.93 17.24 0.77
CA ILE E 131 21.17 16.00 1.49
C ILE E 131 22.57 16.06 2.08
N ARG E 132 22.66 16.04 3.41
CA ARG E 132 23.93 16.19 4.12
C ARG E 132 24.17 14.98 5.02
N LEU E 133 25.32 14.33 4.81
CA LEU E 133 25.70 13.11 5.50
C LEU E 133 26.98 13.36 6.30
N GLY E 134 26.92 13.00 7.59
CA GLY E 134 28.06 13.06 8.50
C GLY E 134 28.38 11.69 9.05
N LEU E 135 29.63 11.29 8.88
CA LEU E 135 30.15 10.08 9.49
C LEU E 135 31.32 10.51 10.38
N HIS E 136 30.98 10.81 11.63
CA HIS E 136 31.92 11.45 12.56
C HIS E 136 32.52 10.47 13.59
N ARG E 137 33.63 10.87 14.20
CA ARG E 137 34.12 10.25 15.42
C ARG E 137 34.62 11.34 16.36
N SER E 138 34.07 11.34 17.58
CA SER E 138 34.50 12.26 18.62
C SER E 138 35.43 11.49 19.55
N ASP E 139 36.63 12.04 19.76
CA ASP E 139 37.68 11.38 20.54
C ASP E 139 37.85 12.03 21.92
N TYR E 140 37.93 11.18 22.94
CA TYR E 140 37.97 11.61 24.35
C TYR E 140 39.14 10.99 25.10
N MET E 141 39.61 11.72 26.11
CA MET E 141 40.52 11.17 27.12
C MET E 141 39.91 11.41 28.47
N LEU E 142 40.13 10.47 29.39
CA LEU E 142 39.67 10.58 30.76
C LEU E 142 40.83 11.06 31.63
N ASP E 143 40.73 12.28 32.16
CA ASP E 143 41.73 12.85 33.08
C ASP E 143 41.70 12.09 34.41
N GLU E 144 42.84 11.54 34.80
CA GLU E 144 42.97 10.77 36.05
C GLU E 144 42.58 11.57 37.32
N GLN E 145 43.09 12.80 37.43
CA GLN E 145 42.95 13.58 38.66
C GLN E 145 41.58 14.17 38.85
N THR E 146 41.05 14.82 37.81
CA THR E 146 39.73 15.47 37.86
C THR E 146 38.56 14.50 37.57
N LYS E 147 38.88 13.32 37.03
CA LYS E 147 37.88 12.34 36.59
C LYS E 147 36.89 12.88 35.55
N LEU E 148 37.38 13.73 34.65
CA LEU E 148 36.56 14.31 33.58
C LEU E 148 36.83 13.68 32.22
N LEU E 149 35.76 13.30 31.53
CA LEU E 149 35.82 12.95 30.11
C LEU E 149 35.95 14.25 29.34
N LEU E 150 37.05 14.41 28.60
CA LEU E 150 37.35 15.64 27.89
C LEU E 150 37.63 15.36 26.42
N GLN E 151 36.99 16.11 25.53
CA GLN E 151 37.18 15.95 24.09
C GLN E 151 38.58 16.40 23.63
N ILE E 152 39.27 15.49 22.93
CA ILE E 152 40.53 15.82 22.28
C ILE E 152 40.35 16.30 20.85
N GLU E 153 39.41 15.70 20.11
CA GLU E 153 39.04 16.24 18.80
C GLU E 153 37.74 15.68 18.25
N LEU E 154 37.28 16.32 17.17
CA LEU E 154 36.11 15.90 16.42
C LEU E 154 36.51 15.68 14.95
N ASN E 155 36.42 14.43 14.50
CA ASN E 155 36.75 14.07 13.12
C ASN E 155 35.52 14.12 12.25
N THR E 156 35.53 15.00 11.25
CA THR E 156 34.47 15.05 10.23
C THR E 156 34.88 14.40 8.91
N ILE E 157 36.13 13.95 8.78
CA ILE E 157 36.62 13.38 7.53
C ILE E 157 37.42 12.11 7.79
N SER E 158 37.09 11.07 7.02
CA SER E 158 37.83 9.81 7.00
C SER E 158 38.02 9.20 8.40
N SER E 159 36.92 9.06 9.13
CA SER E 159 36.95 8.47 10.46
C SER E 159 37.26 6.99 10.38
N SER E 160 38.48 6.63 10.78
CA SER E 160 38.97 5.25 10.69
C SER E 160 38.35 4.30 11.70
N PHE E 161 38.34 3.03 11.32
CA PHE E 161 38.09 1.87 12.17
C PHE E 161 36.65 1.47 12.51
N PRO E 162 35.61 2.03 11.80
CA PRO E 162 34.29 1.44 12.11
C PRO E 162 34.20 -0.06 11.81
N GLY E 163 34.84 -0.49 10.72
CA GLY E 163 34.96 -1.92 10.40
C GLY E 163 35.67 -2.73 11.47
N LEU E 164 36.88 -2.34 11.81
CA LEU E 164 37.75 -3.12 12.68
C LEU E 164 37.38 -3.04 14.15
N SER E 165 36.95 -1.86 14.63
CA SER E 165 36.63 -1.70 16.06
C SER E 165 35.50 -2.61 16.51
N CYS E 166 34.49 -2.79 15.67
CA CYS E 166 33.44 -3.80 15.87
C CYS E 166 33.97 -5.20 16.11
N LEU E 167 34.95 -5.59 15.30
CA LEU E 167 35.55 -6.91 15.43
C LEU E 167 36.33 -7.06 16.73
N VAL E 168 37.02 -6.01 17.17
CA VAL E 168 37.80 -6.06 18.41
C VAL E 168 36.89 -6.31 19.62
N SER E 169 35.71 -5.69 19.65
CA SER E 169 34.70 -5.96 20.67
C SER E 169 34.33 -7.44 20.74
N GLU E 170 34.02 -8.03 19.57
CA GLU E 170 33.72 -9.46 19.48
C GLU E 170 34.91 -10.33 19.86
N LEU E 171 36.11 -9.93 19.42
CA LEU E 171 37.33 -10.66 19.78
C LEU E 171 37.43 -10.77 21.29
N HIS E 172 37.34 -9.64 21.98
CA HIS E 172 37.47 -9.62 23.43
C HIS E 172 36.34 -10.36 24.16
N ARG E 173 35.11 -10.20 23.68
CA ARG E 173 33.99 -10.94 24.22
C ARG E 173 34.17 -12.45 24.08
N SER E 174 34.67 -12.91 22.93
CA SER E 174 34.93 -14.36 22.72
C SER E 174 36.05 -14.90 23.59
N LEU E 175 37.14 -14.13 23.72
CA LEU E 175 38.25 -14.51 24.59
C LEU E 175 37.81 -14.62 26.06
N LEU E 176 37.11 -13.62 26.55
CA LEU E 176 36.63 -13.64 27.93
C LEU E 176 35.65 -14.80 28.16
N GLN E 177 34.79 -15.08 27.18
CA GLN E 177 33.89 -16.25 27.23
C GLN E 177 34.65 -17.56 27.24
N GLN E 178 35.67 -17.67 26.39
CA GLN E 178 36.46 -18.90 26.30
C GLN E 178 37.27 -19.16 27.58
N TYR E 179 37.75 -18.10 28.23
CA TYR E 179 38.64 -18.21 29.38
C TYR E 179 37.99 -17.86 30.73
N ARG E 180 36.70 -18.14 30.89
CA ARG E 180 35.99 -17.85 32.15
C ARG E 180 36.54 -18.59 33.35
N GLU E 181 37.04 -19.81 33.13
CA GLU E 181 37.69 -20.58 34.19
C GLU E 181 39.02 -20.00 34.68
N ASP E 182 39.70 -19.23 33.84
CA ASP E 182 41.07 -18.73 34.08
C ASP E 182 41.12 -17.25 34.41
N ILE E 183 40.23 -16.46 33.79
CA ILE E 183 40.09 -15.03 34.07
C ILE E 183 38.67 -14.76 34.57
N ALA E 184 38.59 -14.12 35.74
CA ALA E 184 37.30 -13.72 36.31
C ALA E 184 36.79 -12.46 35.60
N SER E 185 35.66 -12.60 34.89
CA SER E 185 35.07 -11.49 34.15
C SER E 185 33.58 -11.69 33.91
N ASP E 186 32.89 -10.61 33.53
CA ASP E 186 31.59 -10.69 32.89
C ASP E 186 31.74 -10.15 31.47
N PRO E 187 31.67 -11.03 30.44
CA PRO E 187 31.73 -10.61 29.03
C PRO E 187 30.67 -9.58 28.59
N ASN E 188 29.51 -9.57 29.25
CA ASN E 188 28.47 -8.56 28.98
C ASN E 188 28.86 -7.13 29.36
N ARG E 189 29.91 -6.96 30.16
CA ARG E 189 30.47 -5.63 30.41
C ARG E 189 31.15 -4.99 29.18
N ILE E 190 31.44 -5.78 28.14
CA ILE E 190 31.87 -5.23 26.86
C ILE E 190 30.61 -4.80 26.11
N PRO E 191 30.43 -3.48 25.87
CA PRO E 191 29.18 -3.06 25.24
C PRO E 191 29.12 -3.39 23.75
N ALA E 192 27.89 -3.56 23.26
CA ALA E 192 27.64 -3.87 21.86
C ALA E 192 28.18 -2.76 20.97
N ASN E 193 28.82 -3.15 19.86
CA ASN E 193 29.48 -2.23 18.97
C ASN E 193 29.09 -2.63 17.56
N ASN E 194 28.24 -1.83 16.93
CA ASN E 194 27.73 -2.15 15.60
C ASN E 194 28.05 -1.04 14.60
N ALA E 195 29.20 -0.40 14.76
CA ALA E 195 29.54 0.81 14.00
C ALA E 195 29.56 0.62 12.49
N VAL E 196 30.14 -0.49 12.04
CA VAL E 196 30.24 -0.77 10.60
C VAL E 196 28.88 -0.84 9.91
N ASN E 197 27.91 -1.47 10.57
CA ASN E 197 26.58 -1.64 9.99
C ASN E 197 25.74 -0.38 10.12
N GLN E 198 25.98 0.41 11.16
CA GLN E 198 25.29 1.70 11.31
C GLN E 198 25.85 2.74 10.33
N PHE E 199 27.16 2.71 10.10
CA PHE E 199 27.78 3.51 9.03
C PHE E 199 27.26 3.12 7.65
N ALA E 200 27.19 1.80 7.40
CA ALA E 200 26.65 1.27 6.14
C ALA E 200 25.20 1.69 5.92
N GLU E 201 24.39 1.59 6.98
CA GLU E 201 22.99 2.01 6.92
C GLU E 201 22.81 3.49 6.56
N ALA E 202 23.62 4.35 7.17
CA ALA E 202 23.58 5.78 6.91
C ALA E 202 23.99 6.10 5.47
N LEU E 203 25.04 5.44 4.98
CA LEU E 203 25.45 5.56 3.58
C LEU E 203 24.34 5.07 2.63
N ALA E 204 23.69 3.97 3.00
CA ALA E 204 22.59 3.40 2.21
C ALA E 204 21.36 4.31 2.17
N LYS E 205 20.98 4.88 3.32
CA LYS E 205 19.87 5.84 3.38
C LYS E 205 20.19 7.11 2.61
N ALA E 206 21.45 7.55 2.64
CA ALA E 206 21.87 8.71 1.85
C ALA E 206 21.70 8.43 0.36
N TRP E 207 22.18 7.27 -0.07
CA TRP E 207 21.96 6.77 -1.44
C TRP E 207 20.47 6.70 -1.78
N ASN E 208 19.67 6.23 -0.83
CA ASN E 208 18.22 6.16 -1.01
C ASN E 208 17.56 7.53 -1.17
N GLU E 209 17.98 8.51 -0.38
CA GLU E 209 17.46 9.90 -0.50
C GLU E 209 17.82 10.51 -1.85
N TYR E 210 19.01 10.18 -2.37
CA TYR E 210 19.46 10.63 -3.70
C TYR E 210 18.51 10.15 -4.81
N GLY E 211 18.01 8.92 -4.69
CA GLY E 211 16.88 8.43 -5.50
C GLY E 211 17.17 7.81 -6.87
N ASP E 212 18.42 7.41 -7.11
CA ASP E 212 18.83 6.78 -8.37
C ASP E 212 19.17 5.30 -8.10
N PRO E 213 18.31 4.37 -8.54
CA PRO E 213 18.58 2.95 -8.28
C PRO E 213 19.78 2.36 -9.02
N ARG E 214 20.26 3.03 -10.08
CA ARG E 214 21.48 2.61 -10.79
C ARG E 214 22.79 3.24 -10.25
N ALA E 215 22.68 4.24 -9.38
CA ALA E 215 23.84 4.95 -8.87
C ALA E 215 24.67 4.14 -7.87
N VAL E 216 25.92 4.55 -7.69
CA VAL E 216 26.87 3.89 -6.79
C VAL E 216 27.36 4.85 -5.71
N ILE E 217 27.91 4.28 -4.63
CA ILE E 217 28.63 5.03 -3.63
C ILE E 217 30.10 4.92 -3.99
N MET E 218 30.77 6.05 -4.17
CA MET E 218 32.21 6.06 -4.47
C MET E 218 33.01 6.31 -3.20
N PHE E 219 34.00 5.45 -2.97
CA PHE E 219 34.98 5.66 -1.91
C PHE E 219 36.15 6.39 -2.54
N ALA E 220 36.46 7.59 -2.05
CA ALA E 220 37.67 8.31 -2.45
C ALA E 220 38.81 7.84 -1.54
N VAL E 221 39.78 7.14 -2.12
CA VAL E 221 40.78 6.39 -1.35
C VAL E 221 42.20 6.78 -1.71
N GLN E 222 43.16 6.36 -0.89
CA GLN E 222 44.58 6.62 -1.15
C GLN E 222 45.15 5.58 -2.09
N ALA E 223 46.21 5.97 -2.81
CA ALA E 223 46.86 5.06 -3.77
C ALA E 223 47.45 3.84 -3.07
N GLU E 224 48.04 4.07 -1.89
CA GLU E 224 48.52 2.99 -1.03
C GLU E 224 47.72 3.03 0.26
N GLU E 225 47.13 1.89 0.65
CA GLU E 225 46.27 1.83 1.83
C GLU E 225 46.34 0.49 2.56
N ARG E 226 47.19 0.41 3.58
CA ARG E 226 47.32 -0.80 4.39
C ARG E 226 46.16 -1.03 5.34
N ASN E 227 45.31 -0.02 5.51
CA ASN E 227 44.07 -0.19 6.25
C ASN E 227 42.86 -0.41 5.30
N MET E 228 43.09 -1.03 4.14
CA MET E 228 42.02 -1.26 3.17
C MET E 228 40.89 -2.15 3.67
N TYR E 229 41.21 -3.10 4.53
CA TYR E 229 40.23 -4.11 4.96
C TYR E 229 39.15 -3.49 5.85
N ASP E 230 39.54 -2.50 6.65
CA ASP E 230 38.58 -1.65 7.38
C ASP E 230 37.55 -0.99 6.45
N GLN E 231 38.04 -0.46 5.32
CA GLN E 231 37.19 0.19 4.33
C GLN E 231 36.32 -0.84 3.59
N HIS E 232 36.93 -1.96 3.21
CA HIS E 232 36.22 -3.04 2.54
C HIS E 232 35.10 -3.66 3.38
N TRP E 233 35.25 -3.67 4.70
CA TRP E 233 34.15 -4.08 5.58
C TRP E 233 32.90 -3.22 5.40
N LEU E 234 33.09 -1.92 5.18
CA LEU E 234 31.97 -1.03 4.89
C LEU E 234 31.29 -1.36 3.58
N SER E 235 32.08 -1.50 2.52
CA SER E 235 31.52 -1.82 1.20
C SER E 235 30.89 -3.22 1.15
N ALA E 236 31.43 -4.17 1.93
CA ALA E 236 30.82 -5.50 2.07
C ALA E 236 29.45 -5.41 2.74
N SER E 237 29.34 -4.58 3.78
CA SER E 237 28.06 -4.33 4.43
C SER E 237 27.07 -3.61 3.49
N LEU E 238 27.56 -2.70 2.67
CA LEU E 238 26.69 -2.01 1.70
C LEU E 238 26.13 -2.97 0.65
N ARG E 239 26.99 -3.83 0.11
CA ARG E 239 26.59 -4.80 -0.93
C ARG E 239 25.67 -5.87 -0.36
N GLU E 240 26.08 -6.50 0.74
CA GLU E 240 25.39 -7.69 1.25
C GLU E 240 24.09 -7.40 2.01
N ARG E 241 24.02 -6.26 2.69
CA ARG E 241 22.85 -5.91 3.53
C ARG E 241 21.90 -4.85 2.92
N HIS E 242 22.39 -4.06 1.95
CA HIS E 242 21.56 -3.06 1.26
C HIS E 242 21.58 -3.06 -0.28
N GLN E 243 22.36 -3.95 -0.90
CA GLN E 243 22.39 -4.11 -2.38
C GLN E 243 22.78 -2.80 -3.11
N VAL E 244 23.70 -2.07 -2.50
CA VAL E 244 24.23 -0.83 -3.05
C VAL E 244 25.65 -1.11 -3.53
N THR E 245 25.95 -0.76 -4.77
CA THR E 245 27.29 -0.97 -5.33
C THR E 245 28.24 0.12 -4.83
N THR E 246 29.50 -0.23 -4.66
CA THR E 246 30.55 0.71 -4.34
C THR E 246 31.68 0.61 -5.36
N ILE E 247 32.41 1.69 -5.54
CA ILE E 247 33.64 1.69 -6.31
C ILE E 247 34.72 2.37 -5.47
N ARG E 248 35.99 2.06 -5.76
CA ARG E 248 37.14 2.67 -5.11
C ARG E 248 37.95 3.45 -6.13
N LYS E 249 38.17 4.74 -5.88
CA LYS E 249 38.94 5.58 -6.78
C LYS E 249 39.83 6.55 -6.01
N THR E 250 41.03 6.81 -6.54
CA THR E 250 41.88 7.88 -6.03
C THR E 250 41.41 9.20 -6.61
N LEU E 251 41.88 10.30 -6.04
CA LEU E 251 41.57 11.63 -6.58
C LEU E 251 42.06 11.82 -8.03
N ALA E 252 43.26 11.30 -8.32
CA ALA E 252 43.80 11.32 -9.70
C ALA E 252 42.91 10.55 -10.67
N GLU E 253 42.47 9.36 -10.25
CA GLU E 253 41.55 8.55 -11.05
C GLU E 253 40.21 9.29 -11.27
N ILE E 254 39.71 10.00 -10.25
CA ILE E 254 38.48 10.78 -10.37
C ILE E 254 38.63 11.93 -11.35
N ASP E 255 39.80 12.58 -11.37
CA ASP E 255 40.08 13.62 -12.37
C ASP E 255 40.09 13.05 -13.80
N ALA E 256 40.73 11.90 -13.97
CA ALA E 256 40.87 11.26 -15.27
C ALA E 256 39.54 10.70 -15.80
N LEU E 257 38.75 10.06 -14.91
CA LEU E 257 37.54 9.32 -15.29
C LEU E 257 36.22 10.01 -14.97
N GLY E 258 36.25 11.20 -14.37
CA GLY E 258 35.05 11.88 -13.91
C GLY E 258 34.63 13.07 -14.75
N GLU E 259 33.33 13.21 -14.99
CA GLU E 259 32.77 14.42 -15.59
C GLU E 259 31.39 14.71 -15.00
N LEU E 260 30.88 15.90 -15.28
CA LEU E 260 29.55 16.34 -14.86
C LEU E 260 28.61 16.42 -16.03
N GLN E 261 27.39 15.93 -15.83
CA GLN E 261 26.30 16.13 -16.79
C GLN E 261 25.69 17.50 -16.54
N GLN E 262 24.84 17.95 -17.47
CA GLN E 262 24.25 19.29 -17.39
C GLN E 262 23.51 19.59 -16.08
N ASP E 263 22.85 18.58 -15.52
CA ASP E 263 22.13 18.72 -14.24
C ASP E 263 23.00 18.61 -12.97
N GLY E 264 24.31 18.44 -13.14
CA GLY E 264 25.24 18.32 -12.03
C GLY E 264 25.52 16.90 -11.53
N THR E 265 25.02 15.88 -12.22
CA THR E 265 25.29 14.49 -11.84
C THR E 265 26.76 14.15 -12.06
N LEU E 266 27.41 13.59 -11.04
CA LEU E 266 28.78 13.11 -11.15
C LEU E 266 28.77 11.72 -11.78
N VAL E 267 29.43 11.58 -12.93
CA VAL E 267 29.60 10.28 -13.58
C VAL E 267 31.09 9.93 -13.56
N VAL E 268 31.40 8.73 -13.06
CA VAL E 268 32.76 8.25 -12.94
C VAL E 268 32.81 6.86 -13.58
N ASP E 269 33.46 6.80 -14.75
CA ASP E 269 33.60 5.58 -15.54
C ASP E 269 32.23 5.00 -15.95
N GLY E 270 31.38 5.85 -16.51
CA GLY E 270 30.02 5.49 -16.94
C GLY E 270 29.01 5.12 -15.85
N GLN E 271 29.29 5.49 -14.60
CA GLN E 271 28.39 5.19 -13.48
C GLN E 271 28.06 6.46 -12.70
N ALA E 272 26.78 6.72 -12.48
CA ALA E 272 26.33 7.85 -11.67
C ALA E 272 26.73 7.64 -10.22
N VAL E 273 27.23 8.70 -9.58
CA VAL E 273 27.71 8.64 -8.20
C VAL E 273 26.74 9.41 -7.31
N ALA E 274 26.05 8.68 -6.43
CA ALA E 274 25.08 9.26 -5.50
C ALA E 274 25.74 9.78 -4.24
N VAL E 275 26.69 9.02 -3.70
CA VAL E 275 27.39 9.39 -2.47
C VAL E 275 28.90 9.27 -2.65
N ILE E 276 29.63 10.28 -2.17
CA ILE E 276 31.10 10.24 -2.13
C ILE E 276 31.53 10.17 -0.68
N TYR E 277 32.19 9.06 -0.31
CA TYR E 277 32.67 8.80 1.04
C TYR E 277 34.19 8.94 1.01
N PHE E 278 34.71 9.93 1.73
CA PHE E 278 36.15 10.24 1.68
C PHE E 278 36.94 9.44 2.68
N ARG E 279 37.93 8.70 2.18
CA ARG E 279 38.97 8.09 3.00
C ARG E 279 40.33 8.57 2.48
N ALA E 280 40.34 9.83 2.06
CA ALA E 280 41.48 10.49 1.45
C ALA E 280 41.14 11.97 1.28
N GLY E 281 42.12 12.78 0.89
CA GLY E 281 41.93 14.22 0.69
C GLY E 281 41.93 15.06 1.96
N TYR E 282 42.36 14.47 3.07
CA TYR E 282 42.41 15.12 4.38
C TYR E 282 43.79 15.71 4.71
N ALA E 283 44.81 15.38 3.92
CA ALA E 283 46.17 15.88 4.13
C ALA E 283 46.74 16.41 2.81
N PRO E 284 47.72 17.35 2.88
CA PRO E 284 48.35 17.88 1.65
C PRO E 284 49.01 16.83 0.75
N SER E 285 49.55 15.76 1.34
CA SER E 285 50.27 14.73 0.59
C SER E 285 49.40 13.85 -0.33
N ASP E 286 48.09 13.84 -0.10
CA ASP E 286 47.13 13.21 -1.03
C ASP E 286 46.93 14.01 -2.33
N TYR E 287 47.36 15.26 -2.36
CA TYR E 287 47.22 16.12 -3.53
C TYR E 287 48.57 16.27 -4.23
N ASN E 288 48.93 15.25 -5.01
CA ASN E 288 50.24 15.16 -5.66
C ASN E 288 50.46 16.25 -6.72
N SER E 289 49.40 16.62 -7.44
CA SER E 289 49.46 17.64 -8.50
C SER E 289 48.15 18.44 -8.51
N GLU E 290 47.93 19.24 -9.55
CA GLU E 290 46.66 19.96 -9.72
C GLU E 290 45.48 19.06 -10.05
N SER E 291 45.75 17.90 -10.65
CA SER E 291 44.70 16.94 -10.98
C SER E 291 43.80 16.64 -9.79
N GLU E 292 44.41 16.39 -8.63
CA GLU E 292 43.69 16.05 -7.40
C GLU E 292 42.80 17.19 -6.88
N TRP E 293 43.26 18.42 -7.03
CA TRP E 293 42.48 19.60 -6.65
C TRP E 293 41.30 19.84 -7.60
N LYS E 294 41.50 19.62 -8.89
CA LYS E 294 40.40 19.70 -9.86
C LYS E 294 39.33 18.65 -9.58
N ALA E 295 39.75 17.45 -9.24
CA ALA E 295 38.84 16.37 -8.84
C ALA E 295 38.01 16.73 -7.62
N ARG E 296 38.66 17.36 -6.63
CA ARG E 296 37.99 17.79 -5.42
C ARG E 296 36.93 18.85 -5.71
N LEU E 297 37.28 19.80 -6.57
CA LEU E 297 36.37 20.85 -7.02
C LEU E 297 35.22 20.31 -7.88
N LEU E 298 35.55 19.38 -8.78
CA LEU E 298 34.57 18.68 -9.61
C LEU E 298 33.49 17.99 -8.76
N MET E 299 33.93 17.20 -7.78
CA MET E 299 33.02 16.50 -6.88
C MET E 299 32.17 17.46 -6.06
N GLU E 300 32.77 18.54 -5.59
CA GLU E 300 32.04 19.49 -4.74
C GLU E 300 30.89 20.19 -5.45
N GLN E 301 31.12 20.64 -6.69
CA GLN E 301 30.05 21.26 -7.49
C GLN E 301 28.99 20.26 -8.02
N SER E 302 29.22 18.95 -7.87
CA SER E 302 28.26 17.96 -8.30
C SER E 302 27.04 17.88 -7.38
N ARG E 303 26.01 17.20 -7.88
CA ARG E 303 24.74 16.99 -7.19
C ARG E 303 24.85 15.87 -6.14
N ALA E 304 25.98 15.17 -6.11
CA ALA E 304 26.17 14.05 -5.18
C ALA E 304 26.22 14.47 -3.71
N VAL E 305 25.85 13.52 -2.85
CA VAL E 305 25.97 13.66 -1.40
C VAL E 305 27.46 13.48 -1.09
N LYS E 306 28.05 14.44 -0.41
CA LYS E 306 29.45 14.35 0.02
C LYS E 306 29.50 13.95 1.49
N CYS E 307 30.48 13.12 1.85
CA CYS E 307 30.75 12.78 3.23
C CYS E 307 32.26 12.78 3.48
N PRO E 308 32.85 13.93 3.83
CA PRO E 308 32.16 15.19 4.06
C PRO E 308 32.12 16.11 2.85
N SER E 309 31.16 17.03 2.85
CA SER E 309 31.22 18.22 2.00
C SER E 309 32.38 19.11 2.47
N ILE E 310 32.68 20.11 1.66
CA ILE E 310 33.74 21.06 1.98
C ILE E 310 33.43 21.81 3.29
N SER E 311 32.15 22.14 3.51
CA SER E 311 31.69 22.79 4.74
C SER E 311 31.91 21.91 5.97
N TYR E 312 31.48 20.65 5.88
CA TYR E 312 31.69 19.66 6.94
C TYR E 312 33.17 19.42 7.26
N HIS E 313 34.01 19.43 6.22
CA HIS E 313 35.47 19.23 6.37
C HIS E 313 36.05 20.39 7.17
N LEU E 314 35.78 21.61 6.72
CA LEU E 314 36.25 22.81 7.40
C LEU E 314 35.72 22.89 8.84
N ALA E 315 34.49 22.41 9.06
CA ALA E 315 33.88 22.42 10.39
C ALA E 315 34.62 21.54 11.41
N GLY E 316 35.30 20.50 10.95
CA GLY E 316 36.13 19.64 11.81
C GLY E 316 37.53 20.14 12.14
N SER E 317 37.91 21.29 11.60
CA SER E 317 39.20 21.92 11.90
C SER E 317 39.36 22.17 13.40
N LYS E 318 40.59 22.02 13.90
CA LYS E 318 40.90 22.35 15.29
C LYS E 318 40.66 23.82 15.63
N LYS E 319 40.84 24.71 14.66
CA LYS E 319 40.54 26.12 14.87
C LYS E 319 39.06 26.38 15.16
N ILE E 320 38.18 25.64 14.48
CA ILE E 320 36.74 25.73 14.69
C ILE E 320 36.37 25.20 16.07
N GLN E 321 36.95 24.06 16.46
CA GLN E 321 36.80 23.48 17.80
C GLN E 321 37.11 24.54 18.87
N GLN E 322 38.19 25.29 18.65
CA GLN E 322 38.63 26.35 19.54
C GLN E 322 37.69 27.56 19.54
N GLU E 323 37.22 27.99 18.37
CA GLU E 323 36.23 29.06 18.29
C GLU E 323 34.91 28.70 18.98
N LEU E 324 34.49 27.44 18.86
CA LEU E 324 33.28 26.97 19.52
C LEU E 324 33.35 26.96 21.04
N ALA E 325 34.55 26.92 21.61
CA ALA E 325 34.74 27.02 23.07
C ALA E 325 34.61 28.45 23.64
N LYS E 326 34.69 29.48 22.79
CA LYS E 326 34.67 30.88 23.27
C LYS E 326 33.28 31.31 23.74
N PRO E 327 33.19 32.33 24.63
CA PRO E 327 31.87 32.71 25.19
C PRO E 327 30.85 33.14 24.11
N ASN E 328 29.62 32.62 24.27
CA ASN E 328 28.45 32.93 23.44
C ASN E 328 28.40 32.32 22.03
N VAL E 329 29.45 31.62 21.61
CA VAL E 329 29.50 31.07 20.26
C VAL E 329 28.55 29.88 20.09
N LEU E 330 28.57 28.94 21.02
CA LEU E 330 27.61 27.81 20.97
C LEU E 330 26.15 28.26 20.92
N GLU E 331 25.85 29.36 21.61
CA GLU E 331 24.50 29.93 21.61
C GLU E 331 24.08 30.52 20.24
N ARG E 332 25.04 30.81 19.37
CA ARG E 332 24.74 31.13 17.96
C ARG E 332 24.06 30.00 17.20
N PHE E 333 24.44 28.76 17.52
CA PHE E 333 24.04 27.58 16.73
C PHE E 333 22.98 26.69 17.37
N LEU E 334 22.96 26.62 18.70
CA LEU E 334 22.02 25.77 19.43
C LEU E 334 21.10 26.58 20.34
N GLU E 335 19.82 26.19 20.42
CA GLU E 335 18.84 26.89 21.27
C GLU E 335 18.67 26.25 22.64
N ASN E 336 18.86 24.93 22.72
CA ASN E 336 18.68 24.15 23.98
C ASN E 336 19.88 24.33 24.92
N LYS E 337 19.62 24.86 26.12
CA LYS E 337 20.67 25.20 27.08
C LYS E 337 21.29 23.98 27.78
N ASP E 338 20.53 22.89 27.92
CA ASP E 338 21.03 21.64 28.49
C ASP E 338 22.04 20.98 27.57
N ASP E 339 21.69 20.90 26.29
CA ASP E 339 22.60 20.41 25.24
C ASP E 339 23.91 21.19 25.21
N ILE E 340 23.82 22.53 25.32
CA ILE E 340 25.02 23.39 25.38
C ILE E 340 25.87 23.09 26.61
N ALA E 341 25.22 22.95 27.77
CA ALA E 341 25.92 22.60 29.01
C ALA E 341 26.62 21.22 28.93
N LYS E 342 25.93 20.24 28.33
CA LYS E 342 26.52 18.92 28.12
C LYS E 342 27.78 18.97 27.26
N LEU E 343 27.78 19.78 26.20
CA LEU E 343 28.97 19.95 25.37
C LEU E 343 30.10 20.64 26.13
N ARG E 344 29.80 21.70 26.88
CA ARG E 344 30.82 22.46 27.63
C ARG E 344 31.45 21.64 28.76
N LYS E 345 30.72 20.68 29.30
CA LYS E 345 31.28 19.76 30.28
C LYS E 345 32.40 18.89 29.67
N CYS E 346 32.33 18.59 28.37
CA CYS E 346 33.39 17.87 27.64
C CYS E 346 34.56 18.72 27.14
N PHE E 347 34.43 20.04 27.14
CA PHE E 347 35.48 20.91 26.58
C PHE E 347 36.61 21.06 27.59
N ALA E 348 37.80 20.73 27.17
CA ALA E 348 39.01 21.17 27.85
C ALA E 348 39.24 22.62 27.45
N GLY E 349 40.15 23.27 28.15
CA GLY E 349 40.56 24.63 27.81
C GLY E 349 41.18 24.67 26.42
N LEU E 350 40.78 25.68 25.64
CA LEU E 350 41.14 25.78 24.22
C LEU E 350 41.41 27.22 23.85
N TRP E 351 42.53 27.49 23.21
CA TRP E 351 42.96 28.86 22.92
C TRP E 351 43.79 28.99 21.64
N SER E 352 43.76 30.17 21.03
CA SER E 352 44.64 30.49 19.89
C SER E 352 45.86 31.27 20.35
N LEU E 353 46.88 31.31 19.48
CA LEU E 353 48.13 32.02 19.78
C LEU E 353 47.98 33.55 19.81
N ASP E 354 46.86 34.09 19.34
CA ASP E 354 46.57 35.52 19.44
C ASP E 354 45.97 35.92 20.79
N GLU E 355 45.66 34.96 21.66
CA GLU E 355 45.25 35.26 23.04
C GLU E 355 46.52 35.39 23.89
N SER E 356 47.03 36.61 24.01
CA SER E 356 48.38 36.85 24.54
C SER E 356 48.56 36.52 26.02
N ASP E 357 47.53 36.74 26.82
CA ASP E 357 47.51 36.33 28.22
C ASP E 357 47.77 34.80 28.35
N ILE E 358 47.18 34.00 27.44
CA ILE E 358 47.35 32.56 27.45
C ILE E 358 48.74 32.14 26.96
N VAL E 359 49.29 32.86 25.98
CA VAL E 359 50.65 32.59 25.49
C VAL E 359 51.67 32.81 26.60
N LYS E 360 51.56 33.93 27.32
CA LYS E 360 52.43 34.21 28.47
C LYS E 360 52.32 33.14 29.53
N ASP E 361 51.10 32.71 29.82
CA ASP E 361 50.87 31.65 30.81
C ASP E 361 51.47 30.31 30.35
N ALA E 362 51.35 30.01 29.06
CA ALA E 362 51.98 28.81 28.51
C ALA E 362 53.50 28.88 28.56
N ILE E 363 54.07 30.08 28.45
CA ILE E 363 55.51 30.26 28.64
C ILE E 363 55.89 30.06 30.12
N ASP E 364 55.09 30.55 31.06
CA ASP E 364 55.38 30.41 32.50
C ASP E 364 55.11 29.00 33.04
N ARG E 365 54.11 28.31 32.48
CA ARG E 365 53.68 26.97 32.96
C ARG E 365 53.44 25.97 31.81
N PRO E 366 54.46 25.74 30.97
CA PRO E 366 54.33 24.95 29.72
C PRO E 366 53.87 23.51 29.91
N GLU E 367 54.26 22.92 31.04
CA GLU E 367 53.86 21.57 31.49
C GLU E 367 52.36 21.30 31.47
N LEU E 368 51.56 22.37 31.58
CA LEU E 368 50.12 22.27 31.62
C LEU E 368 49.45 22.37 30.25
N TYR E 369 50.25 22.60 29.20
CA TYR E 369 49.73 22.87 27.87
C TYR E 369 50.21 21.86 26.83
N VAL E 370 49.43 21.76 25.75
CA VAL E 370 49.82 21.10 24.50
C VAL E 370 49.67 22.11 23.37
N MET E 371 50.69 22.20 22.51
CA MET E 371 50.60 23.02 21.30
C MET E 371 50.31 22.08 20.13
N LYS E 372 49.13 22.25 19.52
CA LYS E 372 48.61 21.35 18.49
C LYS E 372 48.52 22.10 17.15
N PRO E 373 49.10 21.52 16.07
CA PRO E 373 48.85 22.13 14.73
C PRO E 373 47.37 21.90 14.29
N GLN E 374 46.84 22.84 13.51
CA GLN E 374 45.42 22.89 13.16
C GLN E 374 45.01 21.87 12.09
N ARG E 375 45.94 21.44 11.23
CA ARG E 375 45.74 20.28 10.33
C ARG E 375 45.83 18.91 11.05
N GLU E 376 45.56 17.83 10.32
CA GLU E 376 45.71 16.46 10.81
C GLU E 376 46.18 15.53 9.70
N ASN E 380 51.82 17.14 14.31
CA ASN E 380 53.02 17.00 15.13
C ASN E 380 52.91 17.81 16.47
N ASN E 381 52.27 17.22 17.49
CA ASN E 381 52.00 17.90 18.78
C ASN E 381 53.24 18.18 19.63
N ILE E 382 53.25 19.32 20.32
CA ILE E 382 54.36 19.70 21.22
C ILE E 382 53.90 19.73 22.69
N TYR E 383 54.69 19.09 23.56
CA TYR E 383 54.34 18.86 24.98
C TYR E 383 55.39 19.45 25.92
N GLY E 384 54.96 19.74 27.15
CA GLY E 384 55.87 20.12 28.25
C GLY E 384 56.83 21.26 27.97
N GLU E 385 58.04 21.15 28.53
CA GLU E 385 59.15 22.10 28.33
C GLU E 385 59.23 22.69 26.91
N ASP E 386 59.03 21.84 25.90
CA ASP E 386 59.12 22.26 24.48
C ASP E 386 58.07 23.30 24.04
N VAL E 387 56.94 23.37 24.73
CA VAL E 387 55.92 24.41 24.46
C VAL E 387 56.49 25.80 24.67
N ARG E 388 57.29 25.96 25.73
CA ARG E 388 57.97 27.23 26.02
C ARG E 388 58.90 27.65 24.87
N ASP E 389 59.75 26.71 24.44
CA ASP E 389 60.73 26.96 23.37
C ASP E 389 60.08 27.31 22.05
N ALA E 390 59.07 26.55 21.66
CA ALA E 390 58.35 26.82 20.40
C ALA E 390 57.65 28.17 20.41
N LEU E 391 57.02 28.54 21.54
CA LEU E 391 56.35 29.84 21.66
C LEU E 391 57.34 31.01 21.66
N LEU E 392 58.50 30.80 22.31
CA LEU E 392 59.57 31.80 22.30
C LEU E 392 60.20 31.97 20.91
N LYS E 393 60.33 30.89 20.15
CA LYS E 393 60.82 30.96 18.76
C LYS E 393 59.85 31.80 17.91
N LEU E 394 58.55 31.45 17.95
CA LEU E 394 57.52 32.22 17.25
C LEU E 394 57.54 33.72 17.52
N GLN E 395 58.05 34.16 18.67
CA GLN E 395 58.19 35.59 18.97
C GLN E 395 59.55 36.12 18.52
N TYR E 405 48.64 26.67 14.47
CA TYR E 405 48.81 26.20 15.86
C TYR E 405 47.70 26.67 16.84
N ILE E 406 47.22 25.74 17.67
CA ILE E 406 46.39 26.06 18.85
C ILE E 406 47.01 25.58 20.16
N LEU E 407 46.59 26.22 21.25
CA LEU E 407 46.98 25.85 22.62
C LEU E 407 45.82 25.17 23.31
N MET E 408 46.10 24.05 23.97
CA MET E 408 45.08 23.25 24.64
C MET E 408 45.56 22.84 26.02
N GLN E 409 44.60 22.71 26.94
CA GLN E 409 44.83 22.10 28.25
C GLN E 409 45.38 20.70 28.06
N ARG E 410 46.53 20.43 28.65
CA ARG E 410 47.07 19.08 28.64
C ARG E 410 46.25 18.22 29.60
N ILE E 411 45.82 17.08 29.08
CA ILE E 411 45.06 16.08 29.81
C ILE E 411 46.03 14.98 30.23
N PHE E 412 45.92 14.53 31.48
CA PHE E 412 46.78 13.50 32.03
C PHE E 412 45.98 12.24 32.30
N PRO E 413 45.94 11.32 31.32
CA PRO E 413 45.16 10.09 31.52
C PRO E 413 45.83 9.09 32.44
N LYS E 414 45.04 8.12 32.87
CA LYS E 414 45.52 7.00 33.67
C LYS E 414 46.50 6.15 32.88
N ILE E 415 47.66 5.89 33.47
CA ILE E 415 48.61 4.95 32.90
C ILE E 415 48.23 3.56 33.40
N SER E 416 47.83 2.67 32.48
CA SER E 416 47.37 1.32 32.81
C SER E 416 48.41 0.29 32.37
N HIS E 417 48.24 -0.92 32.87
CA HIS E 417 48.96 -2.10 32.38
C HIS E 417 48.09 -2.78 31.31
N SER E 418 48.69 -3.15 30.19
CA SER E 418 48.03 -4.04 29.23
C SER E 418 49.03 -4.87 28.40
N ILE E 419 48.49 -5.81 27.65
CA ILE E 419 49.28 -6.69 26.80
C ILE E 419 48.88 -6.38 25.36
N LEU E 420 49.86 -5.94 24.56
CA LEU E 420 49.63 -5.53 23.18
C LEU E 420 50.19 -6.57 22.22
N MET E 421 49.42 -6.88 21.18
CA MET E 421 49.80 -7.80 20.13
C MET E 421 50.16 -7.03 18.88
N ARG E 422 51.36 -7.24 18.37
CA ARG E 422 51.78 -6.69 17.08
C ARG E 422 52.65 -7.72 16.37
N GLU E 423 52.32 -8.02 15.11
CA GLU E 423 53.08 -8.95 14.28
C GLU E 423 53.38 -10.30 14.96
N GLY E 424 52.40 -10.83 15.68
CA GLY E 424 52.47 -12.15 16.28
C GLY E 424 53.11 -12.25 17.65
N ILE E 425 53.48 -11.10 18.22
CA ILE E 425 54.26 -11.05 19.45
C ILE E 425 53.51 -10.24 20.52
N SER E 426 53.38 -10.80 21.70
CA SER E 426 52.73 -10.13 22.83
C SER E 426 53.77 -9.31 23.62
N HIS E 427 53.41 -8.08 23.98
CA HIS E 427 54.26 -7.15 24.72
C HIS E 427 53.49 -6.66 25.96
N LYS E 428 54.08 -6.81 27.15
CA LYS E 428 53.53 -6.17 28.37
C LYS E 428 54.01 -4.73 28.42
N GLU E 429 53.08 -3.78 28.49
CA GLU E 429 53.40 -2.35 28.34
C GLU E 429 52.62 -1.45 29.29
N GLN E 430 53.21 -0.29 29.55
CA GLN E 430 52.56 0.82 30.23
C GLN E 430 51.80 1.57 29.14
N THR E 431 50.51 1.83 29.35
CA THR E 431 49.67 2.41 28.29
C THR E 431 48.76 3.56 28.74
N ILE E 432 48.36 4.37 27.76
CA ILE E 432 47.26 5.33 27.90
C ILE E 432 46.24 5.00 26.81
N SER E 433 44.98 5.37 27.05
CA SER E 433 43.89 5.02 26.15
C SER E 433 43.07 6.23 25.76
N GLU E 434 42.31 6.06 24.69
CA GLU E 434 41.60 7.15 24.02
C GLU E 434 40.29 6.59 23.45
N LEU E 435 39.16 7.14 23.89
CA LEU E 435 37.84 6.65 23.50
C LEU E 435 37.30 7.47 22.35
N GLY E 436 36.89 6.79 21.29
CA GLY E 436 36.23 7.41 20.15
C GLY E 436 34.77 7.00 20.15
N ILE E 437 33.86 7.97 19.96
CA ILE E 437 32.45 7.67 19.74
C ILE E 437 32.08 8.03 18.30
N TYR E 438 31.65 7.03 17.53
CA TYR E 438 31.18 7.25 16.16
C TYR E 438 29.80 7.89 16.19
N GLY E 439 29.51 8.70 15.18
CA GLY E 439 28.21 9.37 15.06
C GLY E 439 27.75 9.39 13.62
N THR E 440 26.49 9.01 13.39
CA THR E 440 25.87 9.06 12.07
C THR E 440 24.85 10.17 12.04
N TYR E 441 24.89 10.98 10.98
CA TYR E 441 23.96 12.09 10.79
C TYR E 441 23.52 12.11 9.33
N LEU E 442 22.21 12.22 9.11
CA LEU E 442 21.65 12.36 7.76
C LEU E 442 20.42 13.25 7.79
N ARG E 443 20.42 14.30 6.97
CA ARG E 443 19.22 15.12 6.79
C ARG E 443 18.98 15.42 5.31
N ASN E 444 17.70 15.61 4.97
CA ASN E 444 17.28 16.12 3.66
C ASN E 444 16.66 17.53 3.88
N LYS E 445 15.96 18.09 2.89
CA LYS E 445 15.45 19.48 2.98
C LYS E 445 14.86 19.86 4.35
N THR E 446 13.73 19.26 4.72
CA THR E 446 13.05 19.54 6.00
C THR E 446 13.60 18.71 7.16
N GLU E 447 13.74 17.41 6.93
CA GLU E 447 13.81 16.42 8.00
C GLU E 447 15.23 15.91 8.33
N VAL E 448 15.45 15.64 9.61
CA VAL E 448 16.62 14.88 10.07
C VAL E 448 16.21 13.41 10.05
N VAL E 449 16.91 12.61 9.25
CA VAL E 449 16.58 11.17 9.04
C VAL E 449 17.32 10.27 10.03
N ILE E 450 18.60 10.58 10.27
CA ILE E 450 19.42 9.85 11.24
C ILE E 450 20.18 10.87 12.07
N ASN E 451 20.19 10.67 13.38
CA ASN E 451 21.12 11.38 14.26
C ASN E 451 21.30 10.54 15.52
N GLN E 452 22.38 9.76 15.55
CA GLN E 452 22.64 8.89 16.69
C GLN E 452 24.12 8.61 16.92
N GLN E 453 24.40 8.16 18.14
CA GLN E 453 25.63 7.48 18.46
C GLN E 453 25.66 6.19 17.65
N ALA E 454 26.83 5.81 17.13
CA ALA E 454 26.93 4.69 16.20
C ALA E 454 28.15 3.80 16.50
N GLY E 455 28.30 3.38 17.75
CA GLY E 455 29.43 2.57 18.17
C GLY E 455 30.64 3.34 18.65
N TYR E 456 31.75 2.64 18.84
CA TYR E 456 32.92 3.19 19.46
C TYR E 456 34.24 2.54 19.01
N LEU E 457 35.30 3.26 19.37
CA LEU E 457 36.68 2.86 19.15
C LEU E 457 37.44 3.11 20.44
N MET E 458 38.23 2.14 20.87
CA MET E 458 39.22 2.36 21.92
C MET E 458 40.58 2.11 21.33
N ARG E 459 41.45 3.10 21.38
CA ARG E 459 42.84 2.97 20.95
C ARG E 459 43.70 3.10 22.19
N THR E 460 44.65 2.19 22.31
CA THR E 460 45.53 2.11 23.45
C THR E 460 46.96 2.14 22.93
N LYS E 461 47.82 2.94 23.57
CA LYS E 461 49.20 3.10 23.13
C LYS E 461 50.19 3.23 24.27
N VAL E 462 51.45 2.98 23.94
CA VAL E 462 52.55 2.96 24.90
C VAL E 462 52.88 4.40 25.34
N SER E 463 53.11 4.59 26.64
CA SER E 463 53.40 5.93 27.21
C SER E 463 54.71 6.53 26.70
N PHE E 474 53.79 3.11 19.88
CA PHE E 474 52.79 2.74 18.87
C PHE E 474 51.44 2.40 19.51
N ALA E 475 50.42 2.31 18.65
CA ALA E 475 49.03 2.18 19.07
C ALA E 475 48.38 0.88 18.60
N VAL E 476 47.42 0.38 19.39
CA VAL E 476 46.63 -0.81 19.02
C VAL E 476 45.15 -0.53 19.17
N LEU E 477 44.33 -1.38 18.54
CA LEU E 477 42.89 -1.34 18.71
C LEU E 477 42.52 -2.08 19.99
N ASP E 478 41.49 -1.60 20.66
CA ASP E 478 41.08 -2.12 21.96
C ASP E 478 39.55 -2.02 22.02
N SER E 479 38.96 -2.56 23.08
CA SER E 479 37.54 -2.32 23.38
C SER E 479 37.43 -1.89 24.84
N ILE E 480 36.21 -1.70 25.33
CA ILE E 480 36.01 -1.31 26.72
C ILE E 480 35.30 -2.39 27.52
N TYR E 481 35.65 -2.43 28.81
CA TYR E 481 35.06 -3.30 29.80
C TYR E 481 34.49 -2.34 30.84
N LEU E 482 33.17 -2.24 30.92
CA LEU E 482 32.50 -1.23 31.75
C LEU E 482 32.51 -1.57 33.24
N VAL E 483 32.85 -0.57 34.07
CA VAL E 483 32.89 -0.71 35.53
C VAL E 483 32.23 0.55 36.13
N ASP F 14 32.40 -19.07 -21.10
CA ASP F 14 33.85 -19.39 -21.27
C ASP F 14 34.70 -18.30 -20.58
N PRO F 15 35.38 -18.64 -19.46
CA PRO F 15 36.16 -17.63 -18.72
C PRO F 15 37.25 -16.89 -19.49
N HIS F 16 37.85 -17.55 -20.50
CA HIS F 16 38.89 -16.92 -21.32
C HIS F 16 38.37 -15.80 -22.23
N ASP F 17 37.06 -15.81 -22.54
CA ASP F 17 36.41 -14.73 -23.30
C ASP F 17 36.05 -13.48 -22.48
N ILE F 18 36.17 -13.54 -21.15
CA ILE F 18 35.83 -12.42 -20.29
C ILE F 18 36.85 -11.28 -20.53
N ASP F 19 36.32 -10.07 -20.71
CA ASP F 19 37.13 -8.86 -20.86
C ASP F 19 38.15 -8.72 -19.70
N PRO F 20 39.44 -8.39 -19.99
CA PRO F 20 40.43 -8.20 -18.90
C PRO F 20 40.09 -7.16 -17.82
N LYS F 21 39.36 -6.10 -18.18
CA LYS F 21 38.86 -5.11 -17.21
C LYS F 21 37.89 -5.76 -16.17
N LEU F 22 37.00 -6.62 -16.65
CA LEU F 22 36.07 -7.36 -15.81
C LEU F 22 36.77 -8.45 -14.98
N VAL F 23 37.80 -9.11 -15.54
CA VAL F 23 38.58 -10.08 -14.78
C VAL F 23 39.26 -9.39 -13.60
N GLN F 24 39.86 -8.22 -13.84
CA GLN F 24 40.53 -7.48 -12.76
C GLN F 24 39.57 -7.09 -11.62
N LYS F 25 38.35 -6.63 -11.96
CA LYS F 25 37.35 -6.29 -10.94
C LYS F 25 36.89 -7.50 -10.14
N LEU F 26 36.65 -8.61 -10.84
CA LEU F 26 36.32 -9.88 -10.19
C LEU F 26 37.44 -10.33 -9.27
N ALA F 27 38.67 -10.21 -9.75
CA ALA F 27 39.85 -10.64 -8.99
C ALA F 27 39.95 -9.85 -7.69
N ASN F 28 39.85 -8.52 -7.78
CA ASN F 28 39.94 -7.67 -6.59
C ASN F 28 38.83 -8.00 -5.59
N ASP F 29 37.60 -8.15 -6.06
CA ASP F 29 36.49 -8.53 -5.18
C ASP F 29 36.69 -9.90 -4.56
N ALA F 30 37.23 -10.85 -5.31
CA ALA F 30 37.51 -12.18 -4.76
C ALA F 30 38.57 -12.12 -3.67
N LEU F 31 39.64 -11.37 -3.93
CA LEU F 31 40.74 -11.18 -2.97
C LEU F 31 40.29 -10.51 -1.66
N VAL F 32 39.46 -9.47 -1.78
CA VAL F 32 38.88 -8.77 -0.63
C VAL F 32 38.04 -9.75 0.21
N TRP F 33 37.14 -10.46 -0.46
CA TRP F 33 36.24 -11.40 0.20
C TRP F 33 37.02 -12.43 1.02
N CYS F 34 38.02 -13.05 0.40
CA CYS F 34 38.91 -14.01 1.09
C CYS F 34 39.54 -13.43 2.35
N SER F 35 40.01 -12.19 2.26
CA SER F 35 40.64 -11.49 3.36
C SER F 35 39.71 -11.24 4.55
N LEU F 36 38.45 -10.92 4.26
CA LEU F 36 37.50 -10.61 5.32
C LEU F 36 36.85 -11.85 5.93
N ARG F 37 36.91 -12.97 5.22
CA ARG F 37 36.11 -14.14 5.59
C ARG F 37 36.96 -15.37 5.91
N GLY F 38 38.25 -15.17 6.15
CA GLY F 38 39.13 -16.24 6.62
C GLY F 38 39.47 -17.36 5.66
N LEU F 39 39.47 -17.06 4.36
CA LEU F 39 39.82 -18.05 3.34
C LEU F 39 41.30 -17.87 3.02
N LEU F 40 42.13 -18.28 3.97
CA LEU F 40 43.54 -17.91 4.00
C LEU F 40 44.46 -19.09 4.18
N VAL F 41 45.69 -18.91 3.73
CA VAL F 41 46.79 -19.81 4.02
C VAL F 41 48.01 -18.97 4.44
N GLY F 42 48.99 -19.62 5.04
CA GLY F 42 50.28 -18.99 5.30
C GLY F 42 51.05 -18.86 3.99
N ASP F 43 51.71 -17.73 3.80
CA ASP F 43 52.47 -17.47 2.57
C ASP F 43 53.62 -18.47 2.43
N ARG F 44 53.84 -19.00 1.23
CA ARG F 44 54.88 -20.01 1.03
C ARG F 44 56.31 -19.46 1.17
N ASN F 45 56.49 -18.15 0.97
CA ASN F 45 57.81 -17.50 1.09
C ASN F 45 58.09 -16.88 2.47
N SER F 46 57.48 -17.42 3.52
CA SER F 46 57.67 -16.94 4.89
C SER F 46 58.11 -18.09 5.80
N GLU F 47 59.17 -17.86 6.57
CA GLU F 47 59.60 -18.82 7.60
C GLU F 47 58.65 -18.87 8.81
N ARG F 48 57.80 -17.85 9.00
CA ARG F 48 56.88 -17.77 10.15
C ARG F 48 55.45 -18.23 9.88
N SER F 49 55.02 -18.19 8.62
CA SER F 49 53.59 -18.32 8.29
C SER F 49 52.96 -19.66 8.64
N GLY F 50 53.79 -20.70 8.72
CA GLY F 50 53.37 -22.01 9.15
C GLY F 50 53.45 -22.29 10.65
N THR F 51 54.06 -21.40 11.44
CA THR F 51 54.16 -21.59 12.91
C THR F 51 53.48 -20.51 13.74
N VAL F 52 53.44 -19.27 13.25
CA VAL F 52 52.82 -18.18 13.99
C VAL F 52 51.52 -17.79 13.28
N PRO F 53 50.37 -18.00 13.94
CA PRO F 53 49.11 -17.59 13.32
C PRO F 53 48.99 -16.08 13.25
N GLY F 54 48.26 -15.59 12.25
CA GLY F 54 48.02 -14.16 12.09
C GLY F 54 49.15 -13.35 11.46
N VAL F 55 50.19 -14.02 10.93
CA VAL F 55 51.27 -13.30 10.24
C VAL F 55 51.55 -13.92 8.86
N ASP F 56 51.97 -13.06 7.93
CA ASP F 56 52.37 -13.46 6.57
C ASP F 56 51.32 -14.37 5.92
N MET F 57 50.12 -13.81 5.83
CA MET F 57 48.96 -14.53 5.30
C MET F 57 48.66 -14.03 3.91
N VAL F 58 48.05 -14.92 3.14
CA VAL F 58 47.70 -14.67 1.76
C VAL F 58 46.41 -15.44 1.52
N HIS F 59 45.61 -14.96 0.57
CA HIS F 59 44.40 -15.67 0.20
C HIS F 59 44.74 -17.08 -0.26
N ALA F 60 43.86 -18.02 0.06
CA ALA F 60 44.00 -19.38 -0.44
C ALA F 60 43.96 -19.33 -1.96
N PRO F 61 44.80 -20.15 -2.63
CA PRO F 61 44.67 -20.20 -4.08
C PRO F 61 43.28 -20.68 -4.50
N VAL F 62 42.61 -19.92 -5.35
CA VAL F 62 41.23 -20.19 -5.74
C VAL F 62 40.99 -19.95 -7.22
N ALA F 63 40.04 -20.69 -7.76
CA ALA F 63 39.45 -20.36 -9.06
C ALA F 63 38.57 -19.14 -8.88
N LEU F 64 38.56 -18.29 -9.89
CA LEU F 64 37.77 -17.07 -9.87
C LEU F 64 36.30 -17.34 -10.22
N ILE F 65 36.07 -18.38 -11.02
CA ILE F 65 34.75 -18.77 -11.48
C ILE F 65 34.53 -20.22 -11.09
N PRO F 66 33.30 -20.59 -10.66
CA PRO F 66 33.05 -21.99 -10.34
C PRO F 66 33.10 -22.91 -11.58
N MET F 67 33.48 -24.17 -11.36
CA MET F 67 33.62 -25.16 -12.43
C MET F 67 32.26 -25.77 -12.75
N SER F 68 31.89 -25.81 -14.04
CA SER F 68 30.70 -26.54 -14.48
C SER F 68 30.82 -28.04 -14.28
N PHE F 69 29.77 -28.64 -13.71
CA PHE F 69 29.76 -30.06 -13.39
C PHE F 69 28.33 -30.60 -13.45
N PRO F 70 28.11 -31.74 -14.15
CA PRO F 70 26.72 -32.28 -14.26
C PRO F 70 26.11 -32.69 -12.91
N GLU F 71 24.87 -32.27 -12.67
CA GLU F 71 24.15 -32.59 -11.43
C GLU F 71 23.95 -34.10 -11.21
N SER F 72 23.70 -34.83 -12.29
CA SER F 72 23.51 -36.29 -12.22
C SER F 72 24.71 -36.95 -11.56
N HIS F 73 25.92 -36.55 -11.96
CA HIS F 73 27.14 -37.14 -11.43
C HIS F 73 27.47 -36.66 -10.04
N TRP F 74 27.13 -35.41 -9.76
CA TRP F 74 27.20 -34.87 -8.39
C TRP F 74 26.35 -35.73 -7.45
N LYS F 75 25.11 -35.96 -7.84
CA LYS F 75 24.18 -36.80 -7.07
C LYS F 75 24.67 -38.23 -6.87
N GLN F 76 25.23 -38.82 -7.93
CA GLN F 76 25.83 -40.16 -7.83
C GLN F 76 26.91 -40.19 -6.76
N ALA F 77 27.80 -39.20 -6.77
CA ALA F 77 28.89 -39.07 -5.80
C ALA F 77 28.39 -38.95 -4.35
N CYS F 78 27.35 -38.15 -4.14
CA CYS F 78 26.73 -38.01 -2.81
C CYS F 78 26.04 -39.27 -2.32
N GLU F 79 25.41 -39.99 -3.24
CA GLU F 79 24.65 -41.20 -2.92
C GLU F 79 25.54 -42.37 -2.44
N VAL F 80 26.73 -42.53 -3.02
CA VAL F 80 27.69 -43.56 -2.57
C VAL F 80 28.48 -43.23 -1.31
N ALA F 81 28.48 -41.97 -0.89
CA ALA F 81 29.27 -41.55 0.29
C ALA F 81 28.97 -42.40 1.53
N PRO F 82 27.68 -42.57 1.90
CA PRO F 82 27.40 -43.41 3.07
C PRO F 82 27.72 -44.89 2.91
N ILE F 83 27.80 -45.39 1.68
CA ILE F 83 28.14 -46.79 1.41
C ILE F 83 29.65 -47.00 1.62
N PHE F 84 30.46 -46.09 1.09
CA PHE F 84 31.91 -46.06 1.37
C PHE F 84 32.21 -45.94 2.87
N ASN F 85 31.46 -45.09 3.57
CA ASN F 85 31.65 -44.90 5.01
C ASN F 85 31.45 -46.21 5.79
N GLU F 86 30.38 -46.93 5.46
CA GLU F 86 30.07 -48.23 6.06
C GLU F 86 31.14 -49.27 5.65
N LEU F 87 31.58 -49.21 4.39
CA LEU F 87 32.59 -50.13 3.87
C LEU F 87 33.92 -49.97 4.60
N VAL F 88 34.36 -48.73 4.77
CA VAL F 88 35.60 -48.46 5.49
C VAL F 88 35.54 -49.07 6.90
N ASP F 89 34.40 -48.89 7.58
CA ASP F 89 34.23 -49.43 8.92
C ASP F 89 34.33 -50.96 8.95
N ARG F 90 33.63 -51.62 8.04
CA ARG F 90 33.62 -53.09 7.99
C ARG F 90 34.95 -53.70 7.55
N VAL F 91 35.63 -53.05 6.61
CA VAL F 91 36.98 -53.46 6.19
C VAL F 91 37.98 -53.36 7.35
N SER F 92 37.88 -52.28 8.12
CA SER F 92 38.77 -52.02 9.24
C SER F 92 38.65 -53.05 10.38
N GLN F 93 37.44 -53.58 10.59
CA GLN F 93 37.20 -54.62 11.59
C GLN F 93 37.80 -56.00 11.23
N ASP F 94 38.08 -56.23 9.96
CA ASP F 94 38.65 -57.49 9.49
C ASP F 94 40.19 -57.40 9.51
N GLY F 95 40.75 -57.51 10.72
CA GLY F 95 42.17 -57.35 10.93
C GLY F 95 43.05 -58.20 10.03
N GLU F 96 42.65 -59.46 9.83
CA GLU F 96 43.42 -60.40 9.01
C GLU F 96 43.39 -60.02 7.54
N PHE F 97 42.30 -59.40 7.07
CA PHE F 97 42.21 -58.93 5.70
C PHE F 97 43.21 -57.82 5.40
N LEU F 98 43.38 -56.89 6.35
CA LEU F 98 44.33 -55.81 6.21
C LEU F 98 45.76 -56.33 6.21
N GLN F 99 46.08 -57.21 7.16
CA GLN F 99 47.41 -57.84 7.25
C GLN F 99 47.79 -58.64 5.98
N GLN F 100 46.83 -59.44 5.48
CA GLN F 100 47.03 -60.24 4.25
C GLN F 100 47.24 -59.38 3.00
N SER F 101 46.35 -58.40 2.80
CA SER F 101 46.40 -57.50 1.64
C SER F 101 47.70 -56.70 1.53
N LEU F 102 48.23 -56.26 2.66
CA LEU F 102 49.41 -55.39 2.70
C LEU F 102 50.75 -56.09 2.99
N SER F 103 50.75 -57.44 3.03
CA SER F 103 51.97 -58.19 3.37
C SER F 103 53.10 -58.10 2.33
N ARG F 104 52.78 -57.87 1.06
CA ARG F 104 53.80 -57.59 0.03
C ARG F 104 54.31 -56.15 0.13
N THR F 105 53.41 -55.22 0.44
CA THR F 105 53.77 -53.81 0.64
C THR F 105 54.80 -53.61 1.75
N ARG F 106 54.69 -54.38 2.84
CA ARG F 106 55.51 -54.14 4.03
C ARG F 106 57.00 -54.46 3.85
N LYS F 107 57.34 -55.44 3.00
CA LYS F 107 58.75 -55.72 2.69
C LYS F 107 59.44 -54.59 1.89
N VAL F 108 58.69 -53.79 1.14
CA VAL F 108 59.29 -52.72 0.29
C VAL F 108 59.05 -51.29 0.83
N ASP F 109 58.01 -51.08 1.64
CA ASP F 109 57.71 -49.77 2.24
C ASP F 109 57.86 -49.81 3.77
N PRO F 110 58.97 -49.27 4.32
CA PRO F 110 59.18 -49.26 5.79
C PRO F 110 58.09 -48.55 6.60
N PHE F 111 57.47 -47.52 6.02
CA PHE F 111 56.41 -46.76 6.69
C PHE F 111 55.15 -47.60 6.94
N THR F 112 54.66 -48.28 5.89
CA THR F 112 53.50 -49.17 6.00
C THR F 112 53.77 -50.33 6.96
N SER F 113 54.99 -50.85 6.92
CA SER F 113 55.40 -51.94 7.82
C SER F 113 55.24 -51.58 9.30
N ARG F 114 55.67 -50.39 9.65
CA ARG F 114 55.54 -49.87 11.01
C ARG F 114 54.08 -49.60 11.43
N LEU F 115 53.27 -49.14 10.48
CA LEU F 115 51.83 -49.01 10.73
C LEU F 115 51.20 -50.37 11.00
N LEU F 116 51.61 -51.37 10.22
CA LEU F 116 51.16 -52.76 10.43
C LEU F 116 51.65 -53.35 11.75
N GLU F 117 52.86 -52.97 12.20
CA GLU F 117 53.36 -53.37 13.52
C GLU F 117 52.42 -52.90 14.64
N ILE F 118 52.00 -51.65 14.56
CA ILE F 118 51.09 -51.09 15.54
C ILE F 118 49.75 -51.82 15.51
N HIS F 119 49.25 -52.09 14.31
CA HIS F 119 48.02 -52.85 14.14
C HIS F 119 48.14 -54.25 14.74
N SER F 120 49.25 -54.93 14.43
CA SER F 120 49.56 -56.26 15.01
C SER F 120 49.54 -56.24 16.53
N LYS F 121 50.14 -55.21 17.13
CA LYS F 121 50.16 -55.07 18.59
C LYS F 121 48.78 -54.86 19.18
N MET F 122 47.92 -54.13 18.47
CA MET F 122 46.53 -53.95 18.89
C MET F 122 45.73 -55.25 18.80
N LEU F 123 45.98 -56.06 17.78
CA LEU F 123 45.35 -57.39 17.68
C LEU F 123 45.85 -58.38 18.74
N GLU F 124 47.15 -58.30 19.09
CA GLU F 124 47.75 -59.14 20.15
C GLU F 124 47.12 -58.99 21.53
N ILE F 125 46.62 -57.79 21.85
CA ILE F 125 46.02 -57.53 23.17
C ILE F 125 44.48 -57.40 23.09
N ASN F 126 43.88 -57.87 21.99
CA ASN F 126 42.45 -57.73 21.72
C ASN F 126 41.89 -56.33 22.00
N LYS F 127 42.55 -55.32 21.45
CA LYS F 127 42.09 -53.94 21.55
C LYS F 127 40.81 -53.79 20.75
N ILE F 128 39.82 -53.18 21.39
CA ILE F 128 38.52 -52.94 20.78
C ILE F 128 38.32 -51.43 20.74
N GLU F 129 37.90 -50.91 19.59
CA GLU F 129 37.43 -49.54 19.47
C GLU F 129 35.91 -49.62 19.41
N GLU F 130 35.27 -49.35 20.54
CA GLU F 130 33.80 -49.35 20.60
C GLU F 130 33.19 -48.13 19.92
N ILE F 131 33.88 -46.99 20.01
CA ILE F 131 33.45 -45.76 19.35
C ILE F 131 34.41 -45.49 18.20
N ARG F 132 33.89 -45.50 16.97
CA ARG F 132 34.69 -45.37 15.76
C ARG F 132 34.20 -44.18 14.93
N LEU F 133 35.13 -43.26 14.65
CA LEU F 133 34.85 -42.02 13.94
C LEU F 133 35.64 -41.99 12.63
N GLY F 134 34.92 -41.71 11.55
CA GLY F 134 35.50 -41.53 10.22
C GLY F 134 35.20 -40.14 9.69
N LEU F 135 36.26 -39.44 9.30
CA LEU F 135 36.14 -38.17 8.61
C LEU F 135 36.84 -38.35 7.26
N HIS F 136 36.07 -38.77 6.28
CA HIS F 136 36.59 -39.21 4.98
C HIS F 136 36.41 -38.16 3.88
N ARG F 137 37.19 -38.32 2.80
CA ARG F 137 36.91 -37.65 1.53
C ARG F 137 37.16 -38.62 0.38
N SER F 138 36.13 -38.82 -0.44
CA SER F 138 36.24 -39.66 -1.63
C SER F 138 36.43 -38.75 -2.83
N ASP F 139 37.48 -39.00 -3.59
CA ASP F 139 37.89 -38.16 -4.73
C ASP F 139 37.55 -38.80 -6.07
N TYR F 140 36.95 -38.01 -6.97
CA TYR F 140 36.45 -38.49 -8.26
C TYR F 140 36.94 -37.65 -9.42
N MET F 141 37.05 -38.28 -10.59
CA MET F 141 37.25 -37.58 -11.85
C MET F 141 36.16 -38.03 -12.81
N LEU F 142 35.72 -37.11 -13.67
CA LEU F 142 34.71 -37.40 -14.67
C LEU F 142 35.42 -37.63 -16.01
N ASP F 143 35.36 -38.87 -16.51
CA ASP F 143 35.90 -39.21 -17.83
C ASP F 143 35.07 -38.55 -18.93
N GLU F 144 35.72 -37.75 -19.77
CA GLU F 144 35.06 -37.03 -20.87
C GLU F 144 34.33 -37.94 -21.87
N GLN F 145 35.00 -39.02 -22.32
CA GLN F 145 34.48 -39.86 -23.40
C GLN F 145 33.34 -40.78 -22.96
N THR F 146 33.53 -41.48 -21.84
CA THR F 146 32.53 -42.42 -21.32
C THR F 146 31.45 -41.75 -20.46
N LYS F 147 31.71 -40.51 -20.02
CA LYS F 147 30.85 -39.77 -19.09
C LYS F 147 30.61 -40.51 -17.77
N LEU F 148 31.65 -41.17 -17.25
CA LEU F 148 31.58 -41.89 -15.99
C LEU F 148 32.31 -41.14 -14.86
N LEU F 149 31.63 -40.99 -13.73
CA LEU F 149 32.25 -40.58 -12.49
C LEU F 149 33.02 -41.77 -11.95
N LEU F 150 34.34 -41.62 -11.82
CA LEU F 150 35.21 -42.71 -11.39
C LEU F 150 36.06 -42.29 -10.20
N GLN F 151 36.10 -43.14 -9.17
CA GLN F 151 36.89 -42.87 -7.97
C GLN F 151 38.39 -42.93 -8.24
N ILE F 152 39.10 -41.87 -7.85
CA ILE F 152 40.56 -41.80 -7.87
C ILE F 152 41.17 -42.28 -6.56
N GLU F 153 40.56 -41.91 -5.43
CA GLU F 153 40.97 -42.46 -4.14
C GLU F 153 39.98 -42.20 -3.02
N LEU F 154 40.23 -42.85 -1.89
CA LEU F 154 39.47 -42.70 -0.67
C LEU F 154 40.44 -42.33 0.48
N ASN F 155 40.29 -41.12 1.01
CA ASN F 155 41.11 -40.63 2.12
C ASN F 155 40.46 -40.93 3.45
N THR F 156 41.13 -41.73 4.27
CA THR F 156 40.68 -41.99 5.65
C THR F 156 41.48 -41.19 6.70
N ILE F 157 42.50 -40.45 6.28
CA ILE F 157 43.35 -39.72 7.23
C ILE F 157 43.63 -38.31 6.74
N SER F 158 43.44 -37.34 7.66
CA SER F 158 43.79 -35.95 7.44
C SER F 158 43.18 -35.36 6.16
N SER F 159 41.87 -35.53 6.00
CA SER F 159 41.16 -35.04 4.83
C SER F 159 41.11 -33.51 4.87
N SER F 160 41.90 -32.88 3.99
CA SER F 160 42.03 -31.44 3.94
C SER F 160 40.82 -30.70 3.37
N PHE F 161 40.70 -29.46 3.82
CA PHE F 161 39.83 -28.43 3.25
C PHE F 161 38.33 -28.41 3.63
N PRO F 162 37.88 -29.17 4.66
CA PRO F 162 36.47 -28.93 5.03
C PRO F 162 36.18 -27.47 5.44
N GLY F 163 37.11 -26.86 6.16
CA GLY F 163 37.04 -25.43 6.49
C GLY F 163 36.98 -24.52 5.28
N LEU F 164 37.97 -24.64 4.40
CA LEU F 164 38.13 -23.71 3.29
C LEU F 164 37.18 -23.94 2.13
N SER F 165 36.85 -25.19 1.82
CA SER F 165 35.98 -25.50 0.67
C SER F 165 34.59 -24.89 0.84
N CYS F 166 34.06 -24.92 2.06
CA CYS F 166 32.82 -24.20 2.41
C CYS F 166 32.86 -22.73 2.03
N LEU F 167 33.97 -22.08 2.34
CA LEU F 167 34.13 -20.66 2.03
C LEU F 167 34.20 -20.39 0.54
N VAL F 168 34.83 -21.28 -0.22
CA VAL F 168 34.96 -21.11 -1.68
C VAL F 168 33.56 -21.13 -2.34
N SER F 169 32.68 -22.00 -1.87
CA SER F 169 31.27 -22.01 -2.32
C SER F 169 30.59 -20.66 -2.13
N GLU F 170 30.72 -20.11 -0.92
CA GLU F 170 30.18 -18.78 -0.61
C GLU F 170 30.85 -17.68 -1.42
N LEU F 171 32.16 -17.77 -1.59
CA LEU F 171 32.91 -16.81 -2.40
C LEU F 171 32.30 -16.74 -3.79
N HIS F 172 32.17 -17.89 -4.44
CA HIS F 172 31.65 -17.94 -5.80
C HIS F 172 30.19 -17.51 -5.90
N ARG F 173 29.37 -17.94 -4.95
CA ARG F 173 27.98 -17.49 -4.89
C ARG F 173 27.86 -15.97 -4.76
N SER F 174 28.69 -15.35 -3.91
CA SER F 174 28.69 -13.88 -3.74
C SER F 174 29.17 -13.14 -4.98
N LEU F 175 30.23 -13.64 -5.63
CA LEU F 175 30.71 -13.05 -6.87
C LEU F 175 29.67 -13.10 -7.98
N LEU F 176 29.06 -14.27 -8.19
CA LEU F 176 28.02 -14.40 -9.20
C LEU F 176 26.82 -13.51 -8.90
N GLN F 177 26.44 -13.40 -7.62
CA GLN F 177 25.38 -12.47 -7.19
C GLN F 177 25.74 -11.02 -7.45
N GLN F 178 26.97 -10.64 -7.13
CA GLN F 178 27.43 -9.25 -7.31
C GLN F 178 27.50 -8.87 -8.80
N TYR F 179 27.87 -9.82 -9.67
CA TYR F 179 28.09 -9.55 -11.08
C TYR F 179 27.01 -10.10 -12.02
N ARG F 180 25.76 -10.12 -11.56
CA ARG F 180 24.64 -10.63 -12.40
C ARG F 180 24.41 -9.83 -13.68
N GLU F 181 24.67 -8.53 -13.63
CA GLU F 181 24.60 -7.67 -14.81
C GLU F 181 25.67 -7.96 -15.88
N ASP F 182 26.80 -8.51 -15.47
CA ASP F 182 27.99 -8.70 -16.33
C ASP F 182 28.22 -10.16 -16.74
N ILE F 183 27.89 -11.09 -15.84
CA ILE F 183 27.96 -12.52 -16.12
C ILE F 183 26.56 -13.13 -15.96
N ALA F 184 26.10 -13.82 -17.00
CA ALA F 184 24.81 -14.52 -16.95
C ALA F 184 24.98 -15.83 -16.17
N SER F 185 24.30 -15.93 -15.03
CA SER F 185 24.36 -17.12 -14.18
C SER F 185 23.13 -17.27 -13.30
N ASP F 186 22.96 -18.46 -12.73
CA ASP F 186 22.09 -18.66 -11.56
C ASP F 186 23.00 -19.08 -10.39
N PRO F 187 23.19 -18.19 -9.40
CA PRO F 187 23.97 -18.51 -8.17
C PRO F 187 23.47 -19.74 -7.37
N ASN F 188 22.18 -20.05 -7.45
CA ASN F 188 21.63 -21.24 -6.81
C ASN F 188 22.12 -22.56 -7.40
N ARG F 189 22.73 -22.53 -8.59
CA ARG F 189 23.39 -23.71 -9.15
C ARG F 189 24.65 -24.12 -8.38
N ILE F 190 25.20 -23.25 -7.54
CA ILE F 190 26.26 -23.63 -6.61
C ILE F 190 25.61 -24.30 -5.40
N PRO F 191 25.84 -25.61 -5.19
CA PRO F 191 25.14 -26.26 -4.09
C PRO F 191 25.68 -25.89 -2.71
N ALA F 192 24.81 -25.97 -1.72
CA ALA F 192 25.16 -25.66 -0.33
C ALA F 192 26.26 -26.59 0.14
N ASN F 193 27.22 -26.05 0.88
CA ASN F 193 28.39 -26.78 1.32
C ASN F 193 28.61 -26.44 2.78
N ASN F 194 28.33 -27.40 3.65
CA ASN F 194 28.41 -27.17 5.10
C ASN F 194 29.40 -28.12 5.78
N ALA F 195 30.47 -28.46 5.07
CA ALA F 195 31.38 -29.52 5.52
C ALA F 195 32.03 -29.27 6.86
N VAL F 196 32.47 -28.04 7.09
CA VAL F 196 33.15 -27.69 8.34
C VAL F 196 32.26 -27.92 9.57
N ASN F 197 30.99 -27.57 9.47
CA ASN F 197 30.07 -27.70 10.60
C ASN F 197 29.58 -29.15 10.78
N GLN F 198 29.51 -29.90 9.68
CA GLN F 198 29.16 -31.32 9.76
C GLN F 198 30.33 -32.15 10.30
N PHE F 199 31.55 -31.79 9.93
CA PHE F 199 32.75 -32.37 10.55
C PHE F 199 32.85 -32.05 12.04
N ALA F 200 32.59 -30.79 12.38
CA ALA F 200 32.56 -30.33 13.79
C ALA F 200 31.51 -31.09 14.60
N GLU F 201 30.31 -31.24 14.03
CA GLU F 201 29.24 -31.99 14.70
C GLU F 201 29.59 -33.45 14.98
N ALA F 202 30.22 -34.11 14.00
CA ALA F 202 30.64 -35.49 14.15
C ALA F 202 31.73 -35.65 15.23
N LEU F 203 32.69 -34.73 15.24
CA LEU F 203 33.71 -34.68 16.31
C LEU F 203 33.07 -34.43 17.69
N ALA F 204 32.07 -33.54 17.73
CA ALA F 204 31.35 -33.23 18.96
C ALA F 204 30.54 -34.41 19.48
N LYS F 205 29.83 -35.10 18.59
CA LYS F 205 29.07 -36.30 18.97
C LYS F 205 29.99 -37.44 19.41
N ALA F 206 31.16 -37.56 18.79
CA ALA F 206 32.16 -38.54 19.21
C ALA F 206 32.61 -38.24 20.65
N TRP F 207 32.94 -36.98 20.90
CA TRP F 207 33.26 -36.50 22.25
C TRP F 207 32.11 -36.78 23.23
N ASN F 208 30.89 -36.56 22.78
CA ASN F 208 29.70 -36.84 23.59
C ASN F 208 29.53 -38.33 23.93
N GLU F 209 29.77 -39.21 22.96
CA GLU F 209 29.71 -40.66 23.20
C GLU F 209 30.77 -41.12 24.20
N TYR F 210 31.94 -40.48 24.16
CA TYR F 210 33.02 -40.75 25.11
C TYR F 210 32.60 -40.48 26.55
N GLY F 211 31.83 -39.41 26.77
CA GLY F 211 31.10 -39.18 28.03
C GLY F 211 31.81 -38.46 29.16
N ASP F 212 32.89 -37.75 28.85
CA ASP F 212 33.67 -36.98 29.84
C ASP F 212 33.48 -35.48 29.54
N PRO F 213 32.71 -34.76 30.38
CA PRO F 213 32.49 -33.33 30.10
C PRO F 213 33.72 -32.43 30.28
N ARG F 214 34.76 -32.92 30.97
CA ARG F 214 36.05 -32.19 31.08
C ARG F 214 37.07 -32.51 30.01
N ALA F 215 36.83 -33.55 29.21
CA ALA F 215 37.78 -33.98 28.18
C ALA F 215 37.84 -33.03 26.98
N VAL F 216 38.93 -33.13 26.23
CA VAL F 216 39.20 -32.29 25.06
C VAL F 216 39.35 -33.15 23.81
N ILE F 217 39.20 -32.50 22.65
CA ILE F 217 39.55 -33.12 21.37
C ILE F 217 40.96 -32.61 21.05
N MET F 218 41.89 -33.54 20.83
CA MET F 218 43.26 -33.18 20.46
C MET F 218 43.44 -33.28 18.95
N PHE F 219 43.99 -32.22 18.36
CA PHE F 219 44.39 -32.21 16.97
C PHE F 219 45.86 -32.61 16.94
N ALA F 220 46.19 -33.72 16.28
CA ALA F 220 47.59 -34.09 16.05
C ALA F 220 48.04 -33.40 14.76
N VAL F 221 48.96 -32.47 14.89
CA VAL F 221 49.30 -31.53 13.80
C VAL F 221 50.79 -31.54 13.47
N GLN F 222 51.14 -30.94 12.34
CA GLN F 222 52.53 -30.84 11.92
C GLN F 222 53.21 -29.66 12.58
N ALA F 223 54.55 -29.74 12.72
CA ALA F 223 55.32 -28.67 13.35
C ALA F 223 55.23 -27.37 12.55
N GLU F 224 55.26 -27.48 11.23
CA GLU F 224 55.02 -26.35 10.33
C GLU F 224 53.75 -26.65 9.53
N GLU F 225 52.80 -25.74 9.53
CA GLU F 225 51.51 -25.93 8.88
C GLU F 225 50.92 -24.66 8.29
N ARG F 226 51.19 -24.43 7.01
CA ARG F 226 50.66 -23.27 6.30
C ARG F 226 49.18 -23.38 5.98
N ASN F 227 48.60 -24.57 6.15
CA ASN F 227 47.16 -24.74 6.05
C ASN F 227 46.49 -24.77 7.44
N MET F 228 47.05 -24.06 8.41
CA MET F 228 46.51 -24.04 9.78
C MET F 228 45.10 -23.46 9.88
N TYR F 229 44.78 -22.51 9.01
CA TYR F 229 43.50 -21.80 9.12
C TYR F 229 42.32 -22.70 8.78
N ASP F 230 42.52 -23.60 7.83
CA ASP F 230 41.57 -24.69 7.55
C ASP F 230 41.26 -25.53 8.81
N GLN F 231 42.30 -25.87 9.55
CA GLN F 231 42.16 -26.65 10.79
C GLN F 231 41.52 -25.83 11.90
N HIS F 232 41.94 -24.58 12.03
CA HIS F 232 41.37 -23.67 13.04
C HIS F 232 39.89 -23.39 12.83
N TRP F 233 39.42 -23.41 11.57
CA TRP F 233 37.99 -23.31 11.30
C TRP F 233 37.20 -24.44 11.98
N LEU F 234 37.76 -25.64 12.00
CA LEU F 234 37.14 -26.77 12.69
C LEU F 234 37.07 -26.55 14.18
N SER F 235 38.20 -26.18 14.80
CA SER F 235 38.23 -25.94 16.24
C SER F 235 37.38 -24.74 16.67
N ALA F 236 37.27 -23.73 15.80
CA ALA F 236 36.36 -22.59 16.05
C ALA F 236 34.90 -23.04 16.06
N SER F 237 34.54 -23.91 15.12
CA SER F 237 33.20 -24.50 15.09
C SER F 237 32.94 -25.39 16.32
N LEU F 238 33.95 -26.14 16.77
CA LEU F 238 33.81 -26.96 17.96
C LEU F 238 33.57 -26.13 19.23
N ARG F 239 34.34 -25.05 19.38
CA ARG F 239 34.22 -24.20 20.55
C ARG F 239 32.93 -23.40 20.55
N GLU F 240 32.63 -22.74 19.43
CA GLU F 240 31.54 -21.77 19.36
C GLU F 240 30.14 -22.41 19.25
N ARG F 241 30.03 -23.55 18.59
CA ARG F 241 28.74 -24.21 18.34
C ARG F 241 28.45 -25.46 19.23
N HIS F 242 29.50 -26.05 19.82
CA HIS F 242 29.34 -27.19 20.74
C HIS F 242 30.06 -27.12 22.10
N GLN F 243 30.79 -26.03 22.37
CA GLN F 243 31.44 -25.82 23.68
C GLN F 243 32.41 -26.96 24.07
N VAL F 244 33.11 -27.47 23.06
CA VAL F 244 34.11 -28.51 23.22
C VAL F 244 35.49 -27.86 23.04
N THR F 245 36.38 -28.09 24.00
CA THR F 245 37.72 -27.55 23.92
C THR F 245 38.58 -28.39 22.96
N THR F 246 39.51 -27.72 22.29
CA THR F 246 40.50 -28.41 21.46
C THR F 246 41.89 -27.98 21.87
N ILE F 247 42.86 -28.84 21.62
CA ILE F 247 44.28 -28.50 21.76
C ILE F 247 45.00 -28.93 20.48
N ARG F 248 46.14 -28.30 20.20
CA ARG F 248 46.99 -28.65 19.05
C ARG F 248 48.31 -29.17 19.56
N LYS F 249 48.70 -30.37 19.14
CA LYS F 249 49.99 -30.95 19.53
C LYS F 249 50.64 -31.71 18.38
N THR F 250 51.97 -31.64 18.30
CA THR F 250 52.72 -32.50 17.38
C THR F 250 52.89 -33.87 18.01
N LEU F 251 53.31 -34.83 17.21
CA LEU F 251 53.59 -36.18 17.71
C LEU F 251 54.71 -36.18 18.76
N ALA F 252 55.75 -35.37 18.54
CA ALA F 252 56.85 -35.20 19.51
C ALA F 252 56.34 -34.64 20.83
N GLU F 253 55.49 -33.62 20.75
CA GLU F 253 54.86 -33.02 21.94
C GLU F 253 53.99 -34.06 22.68
N ILE F 254 53.28 -34.90 21.94
CA ILE F 254 52.45 -35.96 22.54
C ILE F 254 53.30 -37.01 23.26
N ASP F 255 54.47 -37.33 22.71
CA ASP F 255 55.40 -38.22 23.40
C ASP F 255 55.93 -37.63 24.70
N ALA F 256 56.29 -36.34 24.65
CA ALA F 256 56.84 -35.64 25.81
C ALA F 256 55.80 -35.40 26.91
N LEU F 257 54.58 -35.01 26.52
CA LEU F 257 53.53 -34.56 27.45
C LEU F 257 52.40 -35.57 27.70
N GLY F 258 52.44 -36.74 27.06
CA GLY F 258 51.35 -37.71 27.14
C GLY F 258 51.65 -38.93 27.99
N GLU F 259 50.68 -39.36 28.79
CA GLU F 259 50.76 -40.64 29.49
C GLU F 259 49.37 -41.29 29.57
N LEU F 260 49.36 -42.57 29.95
CA LEU F 260 48.13 -43.34 30.13
C LEU F 260 47.87 -43.62 31.59
N GLN F 261 46.63 -43.45 32.00
CA GLN F 261 46.17 -43.88 33.32
C GLN F 261 45.85 -45.37 33.26
N GLN F 262 45.65 -45.97 34.44
CA GLN F 262 45.44 -47.42 34.55
C GLN F 262 44.27 -47.93 33.68
N ASP F 263 43.21 -47.14 33.55
CA ASP F 263 42.03 -47.49 32.74
C ASP F 263 42.17 -47.23 31.22
N GLY F 264 43.34 -46.74 30.79
CA GLY F 264 43.60 -46.44 29.39
C GLY F 264 43.29 -45.01 28.93
N THR F 265 42.93 -44.12 29.85
CA THR F 265 42.65 -42.71 29.50
C THR F 265 43.95 -42.02 29.06
N LEU F 266 43.90 -41.36 27.90
CA LEU F 266 45.01 -40.55 27.42
C LEU F 266 44.96 -39.18 28.09
N VAL F 267 46.00 -38.84 28.82
CA VAL F 267 46.14 -37.50 29.42
C VAL F 267 47.32 -36.79 28.77
N VAL F 268 47.07 -35.59 28.27
CA VAL F 268 48.08 -34.78 27.60
C VAL F 268 48.08 -33.40 28.24
N ASP F 269 49.15 -33.13 28.99
CA ASP F 269 49.32 -31.86 29.71
C ASP F 269 48.19 -31.61 30.74
N GLY F 270 47.92 -32.64 31.56
CA GLY F 270 46.87 -32.60 32.57
C GLY F 270 45.42 -32.54 32.09
N GLN F 271 45.17 -32.89 30.83
CA GLN F 271 43.82 -32.87 30.25
C GLN F 271 43.50 -34.23 29.61
N ALA F 272 42.36 -34.80 29.97
CA ALA F 272 41.88 -36.05 29.37
C ALA F 272 41.53 -35.81 27.91
N VAL F 273 41.91 -36.74 27.05
CA VAL F 273 41.68 -36.63 25.61
C VAL F 273 40.63 -37.65 25.19
N ALA F 274 39.48 -37.15 24.76
CA ALA F 274 38.36 -37.99 24.32
C ALA F 274 38.48 -38.39 22.86
N VAL F 275 38.88 -37.44 22.01
CA VAL F 275 39.01 -37.69 20.57
C VAL F 275 40.36 -37.18 20.07
N ILE F 276 41.01 -38.00 19.24
CA ILE F 276 42.25 -37.61 18.56
C ILE F 276 41.95 -37.50 17.07
N TYR F 277 42.09 -36.28 16.54
CA TYR F 277 41.84 -35.97 15.14
C TYR F 277 43.18 -35.73 14.47
N PHE F 278 43.54 -36.59 13.52
CA PHE F 278 44.87 -36.54 12.90
C PHE F 278 44.90 -35.61 11.71
N ARG F 279 45.81 -34.62 11.77
CA ARG F 279 46.18 -33.81 10.61
C ARG F 279 47.70 -33.91 10.44
N ALA F 280 48.21 -35.12 10.71
CA ALA F 280 49.63 -35.43 10.71
C ALA F 280 49.75 -36.95 10.89
N GLY F 281 50.97 -37.48 10.72
CA GLY F 281 51.22 -38.91 10.89
C GLY F 281 50.85 -39.78 9.70
N TYR F 282 50.58 -39.14 8.55
CA TYR F 282 50.19 -39.83 7.31
C TYR F 282 51.37 -40.05 6.36
N ALA F 283 52.53 -39.45 6.63
CA ALA F 283 53.72 -39.60 5.80
C ALA F 283 54.93 -39.92 6.67
N PRO F 284 55.95 -40.60 6.11
CA PRO F 284 57.18 -40.92 6.88
C PRO F 284 57.91 -39.71 7.46
N SER F 285 57.87 -38.56 6.78
CA SER F 285 58.58 -37.36 7.21
C SER F 285 58.04 -36.68 8.48
N ASP F 286 56.80 -37.00 8.86
CA ASP F 286 56.25 -36.59 10.16
C ASP F 286 56.84 -37.34 11.35
N TYR F 287 57.52 -38.47 11.09
CA TYR F 287 58.14 -39.27 12.14
C TYR F 287 59.65 -39.06 12.15
N ASN F 288 60.07 -37.95 12.75
CA ASN F 288 61.47 -37.52 12.75
C ASN F 288 62.39 -38.48 13.51
N SER F 289 61.90 -39.06 14.60
CA SER F 289 62.68 -39.99 15.43
C SER F 289 61.75 -41.09 15.97
N GLU F 290 62.21 -41.87 16.94
CA GLU F 290 61.37 -42.88 17.59
C GLU F 290 60.30 -42.28 18.49
N SER F 291 60.52 -41.07 19.00
CA SER F 291 59.55 -40.37 19.84
C SER F 291 58.15 -40.36 19.20
N GLU F 292 58.10 -40.02 17.91
CA GLU F 292 56.84 -39.91 17.17
C GLU F 292 56.10 -41.25 17.01
N TRP F 293 56.87 -42.33 16.85
CA TRP F 293 56.30 -43.68 16.78
C TRP F 293 55.78 -44.16 18.13
N LYS F 294 56.49 -43.84 19.21
CA LYS F 294 56.00 -44.14 20.56
C LYS F 294 54.70 -43.42 20.87
N ALA F 295 54.62 -42.15 20.48
CA ALA F 295 53.39 -41.35 20.60
C ALA F 295 52.22 -41.96 19.85
N ARG F 296 52.49 -42.45 18.64
CA ARG F 296 51.46 -43.08 17.82
C ARG F 296 50.93 -44.36 18.48
N LEU F 297 51.84 -45.16 19.02
CA LEU F 297 51.52 -46.38 19.75
C LEU F 297 50.80 -46.09 21.07
N LEU F 298 51.26 -45.09 21.80
CA LEU F 298 50.62 -44.62 23.03
C LEU F 298 49.16 -44.25 22.80
N MET F 299 48.90 -43.40 21.80
CA MET F 299 47.55 -42.99 21.45
C MET F 299 46.66 -44.16 21.04
N GLU F 300 47.23 -45.09 20.26
CA GLU F 300 46.44 -46.21 19.75
C GLU F 300 45.94 -47.15 20.85
N GLN F 301 46.80 -47.48 21.80
CA GLN F 301 46.39 -48.30 22.96
C GLN F 301 45.50 -47.58 23.99
N SER F 302 45.32 -46.27 23.85
CA SER F 302 44.45 -45.51 24.75
C SER F 302 42.97 -45.78 24.47
N ARG F 303 42.15 -45.34 25.43
CA ARG F 303 40.70 -45.49 25.41
C ARG F 303 40.03 -44.43 24.51
N ALA F 304 40.82 -43.47 24.02
CA ALA F 304 40.31 -42.39 23.20
C ALA F 304 39.77 -42.84 21.83
N VAL F 305 38.84 -42.04 21.30
CA VAL F 305 38.34 -42.21 19.94
C VAL F 305 39.42 -41.68 19.02
N LYS F 306 39.86 -42.51 18.06
CA LYS F 306 40.84 -42.08 17.06
C LYS F 306 40.12 -41.74 15.76
N CYS F 307 40.61 -40.72 15.07
CA CYS F 307 40.14 -40.38 13.73
C CYS F 307 41.32 -40.01 12.83
N PRO F 308 41.94 -41.01 12.18
CA PRO F 308 41.55 -42.40 12.19
C PRO F 308 42.28 -43.25 13.22
N SER F 309 41.66 -44.38 13.58
CA SER F 309 42.38 -45.48 14.21
C SER F 309 43.37 -46.08 13.21
N ILE F 310 44.24 -46.94 13.73
CA ILE F 310 45.24 -47.61 12.89
C ILE F 310 44.56 -48.48 11.81
N SER F 311 43.44 -49.11 12.17
CA SER F 311 42.65 -49.90 11.22
C SER F 311 42.07 -49.06 10.08
N TYR F 312 41.43 -47.94 10.45
CA TYR F 312 40.89 -46.97 9.49
C TYR F 312 41.97 -46.40 8.57
N HIS F 313 43.17 -46.14 9.11
CA HIS F 313 44.30 -45.60 8.34
C HIS F 313 44.71 -46.62 7.27
N LEU F 314 44.98 -47.84 7.72
CA LEU F 314 45.36 -48.91 6.80
C LEU F 314 44.28 -49.19 5.76
N ALA F 315 43.01 -49.04 6.15
CA ALA F 315 41.88 -49.26 5.23
C ALA F 315 41.83 -48.29 4.07
N GLY F 316 42.38 -47.09 4.24
CA GLY F 316 42.50 -46.08 3.16
C GLY F 316 43.66 -46.25 2.19
N SER F 317 44.52 -47.24 2.41
CA SER F 317 45.61 -47.55 1.50
C SER F 317 45.12 -47.84 0.07
N LYS F 318 45.90 -47.41 -0.92
CA LYS F 318 45.62 -47.72 -2.32
C LYS F 318 45.61 -49.22 -2.60
N LYS F 319 46.42 -49.99 -1.89
CA LYS F 319 46.40 -51.45 -2.05
C LYS F 319 45.06 -52.07 -1.64
N ILE F 320 44.44 -51.53 -0.60
CA ILE F 320 43.13 -51.98 -0.14
C ILE F 320 42.06 -51.63 -1.15
N GLN F 321 42.12 -50.40 -1.68
N GLN F 321 42.10 -50.41 -1.68
CA GLN F 321 41.24 -49.94 -2.76
CA GLN F 321 41.17 -50.01 -2.74
C GLN F 321 41.26 -50.95 -3.93
C GLN F 321 41.26 -50.93 -3.97
N GLN F 322 42.47 -51.39 -4.28
CA GLN F 322 42.68 -52.36 -5.35
C GLN F 322 42.17 -53.77 -5.01
N GLU F 323 42.41 -54.23 -3.79
CA GLU F 323 41.85 -55.51 -3.34
C GLU F 323 40.31 -55.51 -3.33
N LEU F 324 39.71 -54.39 -2.93
CA LEU F 324 38.25 -54.26 -2.93
C LEU F 324 37.60 -54.31 -4.32
N ALA F 325 38.37 -54.01 -5.37
CA ALA F 325 37.88 -54.14 -6.74
C ALA F 325 37.86 -55.59 -7.30
N LYS F 326 38.56 -56.53 -6.65
CA LYS F 326 38.66 -57.91 -7.15
C LYS F 326 37.36 -58.70 -6.96
N PRO F 327 37.12 -59.75 -7.78
CA PRO F 327 35.83 -60.46 -7.69
C PRO F 327 35.52 -61.06 -6.31
N ASN F 328 34.27 -60.86 -5.87
CA ASN F 328 33.73 -61.39 -4.62
C ASN F 328 34.17 -60.74 -3.30
N VAL F 329 35.09 -59.78 -3.36
CA VAL F 329 35.64 -59.16 -2.14
C VAL F 329 34.61 -58.23 -1.48
N LEU F 330 33.96 -57.36 -2.26
CA LEU F 330 32.90 -56.50 -1.69
C LEU F 330 31.78 -57.29 -1.03
N GLU F 331 31.46 -58.46 -1.58
CA GLU F 331 30.45 -59.36 -1.00
C GLU F 331 30.85 -59.95 0.36
N ARG F 332 32.14 -59.97 0.69
CA ARG F 332 32.61 -60.29 2.04
C ARG F 332 32.10 -59.31 3.10
N PHE F 333 31.98 -58.03 2.73
CA PHE F 333 31.73 -56.96 3.70
C PHE F 333 30.33 -56.38 3.68
N LEU F 334 29.67 -56.38 2.52
CA LEU F 334 28.32 -55.80 2.37
C LEU F 334 27.32 -56.87 1.93
N GLU F 335 26.09 -56.81 2.46
CA GLU F 335 25.03 -57.77 2.11
C GLU F 335 24.10 -57.25 1.00
N ASN F 336 23.93 -55.93 0.93
CA ASN F 336 23.02 -55.28 -0.04
C ASN F 336 23.64 -55.21 -1.45
N LYS F 337 23.00 -55.84 -2.42
CA LYS F 337 23.54 -55.99 -3.78
C LYS F 337 23.48 -54.68 -4.60
N ASP F 338 22.50 -53.81 -4.29
CA ASP F 338 22.36 -52.50 -4.95
C ASP F 338 23.50 -51.57 -4.55
N ASP F 339 23.77 -51.51 -3.25
CA ASP F 339 24.91 -50.76 -2.70
C ASP F 339 26.24 -51.22 -3.32
N ILE F 340 26.42 -52.53 -3.46
CA ILE F 340 27.62 -53.09 -4.12
C ILE F 340 27.71 -52.65 -5.58
N ALA F 341 26.61 -52.74 -6.31
CA ALA F 341 26.56 -52.28 -7.71
C ALA F 341 26.85 -50.77 -7.85
N LYS F 342 26.32 -49.96 -6.94
CA LYS F 342 26.60 -48.53 -6.92
C LYS F 342 28.10 -48.23 -6.72
N LEU F 343 28.77 -48.97 -5.84
CA LEU F 343 30.21 -48.81 -5.66
C LEU F 343 30.99 -49.23 -6.91
N ARG F 344 30.64 -50.37 -7.52
CA ARG F 344 31.34 -50.89 -8.71
C ARG F 344 31.17 -49.99 -9.93
N LYS F 345 30.07 -49.25 -10.00
CA LYS F 345 29.88 -48.26 -11.05
C LYS F 345 30.93 -47.13 -10.96
N CYS F 346 31.39 -46.80 -9.75
CA CYS F 346 32.46 -45.82 -9.53
C CYS F 346 33.89 -46.33 -9.69
N PHE F 347 34.08 -47.64 -9.72
CA PHE F 347 35.44 -48.20 -9.76
C PHE F 347 35.98 -48.13 -11.18
N ALA F 348 37.13 -47.49 -11.33
CA ALA F 348 37.93 -47.67 -12.53
C ALA F 348 38.65 -49.00 -12.38
N GLY F 349 39.24 -49.47 -13.47
CA GLY F 349 40.06 -50.68 -13.44
C GLY F 349 41.23 -50.51 -12.52
N LEU F 350 41.51 -51.53 -11.71
CA LEU F 350 42.51 -51.46 -10.63
C LEU F 350 43.23 -52.77 -10.51
N TRP F 351 44.57 -52.73 -10.49
CA TRP F 351 45.39 -53.95 -10.53
C TRP F 351 46.71 -53.79 -9.81
N SER F 352 47.28 -54.90 -9.32
CA SER F 352 48.63 -54.91 -8.75
C SER F 352 49.64 -55.43 -9.78
N LEU F 353 50.92 -55.16 -9.52
CA LEU F 353 52.00 -55.59 -10.42
C LEU F 353 52.23 -57.10 -10.46
N ASP F 354 51.62 -57.85 -9.55
CA ASP F 354 51.67 -59.33 -9.59
C ASP F 354 50.62 -59.94 -10.52
N GLU F 355 49.71 -59.14 -11.08
CA GLU F 355 48.77 -59.61 -12.11
C GLU F 355 49.48 -59.49 -13.46
N SER F 356 50.14 -60.57 -13.88
CA SER F 356 51.06 -60.53 -15.01
C SER F 356 50.46 -60.26 -16.36
N ASP F 357 49.25 -60.76 -16.59
CA ASP F 357 48.49 -60.44 -17.81
C ASP F 357 48.28 -58.91 -17.94
N ILE F 358 48.02 -58.23 -16.83
CA ILE F 358 47.83 -56.78 -16.83
C ILE F 358 49.15 -56.02 -17.04
N VAL F 359 50.24 -56.52 -16.47
CA VAL F 359 51.57 -55.92 -16.66
C VAL F 359 51.97 -55.96 -18.14
N LYS F 360 51.80 -57.12 -18.78
CA LYS F 360 52.07 -57.27 -20.23
C LYS F 360 51.23 -56.31 -21.04
N ASP F 361 49.95 -56.20 -20.69
CA ASP F 361 49.04 -55.30 -21.39
C ASP F 361 49.44 -53.83 -21.20
N ALA F 362 49.88 -53.48 -20.00
CA ALA F 362 50.39 -52.14 -19.74
C ALA F 362 51.66 -51.84 -20.51
N ILE F 363 52.49 -52.85 -20.74
CA ILE F 363 53.66 -52.69 -21.59
C ILE F 363 53.24 -52.50 -23.07
N ASP F 364 52.24 -53.24 -23.54
CA ASP F 364 51.78 -53.13 -24.94
C ASP F 364 50.95 -51.88 -25.22
N ARG F 365 50.19 -51.41 -24.22
CA ARG F 365 49.28 -50.24 -24.37
C ARG F 365 49.36 -49.26 -23.18
N PRO F 366 50.57 -48.73 -22.91
CA PRO F 366 50.85 -47.92 -21.70
C PRO F 366 50.02 -46.64 -21.58
N GLU F 367 49.69 -46.05 -22.74
CA GLU F 367 48.81 -44.87 -22.86
C GLU F 367 47.47 -44.97 -22.11
N LEU F 368 47.01 -46.21 -21.88
CA LEU F 368 45.75 -46.46 -21.21
C LEU F 368 45.86 -46.60 -19.70
N TYR F 369 47.10 -46.56 -19.17
CA TYR F 369 47.37 -46.86 -17.77
C TYR F 369 48.03 -45.71 -17.02
N VAL F 370 47.85 -45.72 -15.70
CA VAL F 370 48.63 -44.92 -14.77
C VAL F 370 49.27 -45.85 -13.75
N MET F 371 50.56 -45.63 -13.46
CA MET F 371 51.24 -46.37 -12.40
C MET F 371 51.31 -45.46 -11.18
N LYS F 372 50.63 -45.87 -10.10
CA LYS F 372 50.50 -45.05 -8.89
C LYS F 372 51.21 -45.71 -7.70
N PRO F 373 52.10 -44.98 -6.99
CA PRO F 373 52.68 -45.54 -5.77
C PRO F 373 51.64 -45.70 -4.65
N GLN F 374 51.82 -46.70 -3.79
CA GLN F 374 50.92 -46.94 -2.66
C GLN F 374 51.24 -45.99 -1.50
N ASN F 380 54.25 -39.99 -6.49
CA ASN F 380 54.85 -39.65 -7.77
C ASN F 380 54.31 -40.52 -8.95
N ASN F 381 53.15 -40.14 -9.50
CA ASN F 381 52.44 -40.94 -10.55
C ASN F 381 53.16 -40.97 -11.91
N ILE F 382 53.08 -42.10 -12.60
CA ILE F 382 53.69 -42.28 -13.94
C ILE F 382 52.62 -42.49 -15.01
N TYR F 383 52.71 -41.75 -16.11
CA TYR F 383 51.69 -41.69 -17.17
C TYR F 383 52.25 -42.08 -18.54
N GLY F 384 51.37 -42.54 -19.42
CA GLY F 384 51.68 -42.76 -20.85
C GLY F 384 52.91 -43.61 -21.14
N GLU F 385 53.63 -43.26 -22.21
CA GLU F 385 54.89 -43.92 -22.60
C GLU F 385 55.79 -44.36 -21.44
N ASP F 386 55.90 -43.52 -20.42
CA ASP F 386 56.76 -43.82 -19.24
C ASP F 386 56.33 -45.03 -18.40
N VAL F 387 55.06 -45.43 -18.47
CA VAL F 387 54.57 -46.65 -17.81
C VAL F 387 55.29 -47.88 -18.34
N ARG F 388 55.50 -47.92 -19.67
CA ARG F 388 56.25 -49.00 -20.32
C ARG F 388 57.68 -49.10 -19.78
N ASP F 389 58.38 -47.96 -19.75
CA ASP F 389 59.77 -47.90 -19.31
C ASP F 389 59.94 -48.31 -17.85
N ALA F 390 59.09 -47.78 -16.98
CA ALA F 390 59.14 -48.12 -15.56
C ALA F 390 58.86 -49.60 -15.31
N LEU F 391 57.89 -50.18 -16.01
CA LEU F 391 57.57 -51.62 -15.88
C LEU F 391 58.69 -52.51 -16.41
N LEU F 392 59.32 -52.09 -17.51
CA LEU F 392 60.47 -52.80 -18.07
C LEU F 392 61.70 -52.72 -17.15
N LYS F 393 61.91 -51.58 -16.49
CA LYS F 393 62.99 -51.45 -15.49
C LYS F 393 62.75 -52.43 -14.33
N LEU F 394 61.57 -52.41 -13.74
CA LEU F 394 61.19 -53.35 -12.68
C LEU F 394 61.44 -54.81 -13.01
N GLN F 395 61.42 -55.19 -14.29
CA GLN F 395 61.74 -56.56 -14.71
C GLN F 395 63.24 -56.76 -14.96
N LYS F 396 64.01 -55.69 -15.18
CA LYS F 396 65.50 -55.74 -15.17
C LYS F 396 66.13 -55.51 -13.78
N GLU F 397 65.71 -54.46 -13.06
CA GLU F 397 65.93 -54.27 -11.59
C GLU F 397 64.58 -54.22 -10.86
N TYR F 405 53.57 -49.95 -5.56
CA TYR F 405 52.95 -49.57 -6.84
C TYR F 405 51.64 -50.32 -7.19
N ILE F 406 50.65 -49.58 -7.70
CA ILE F 406 49.49 -50.15 -8.40
C ILE F 406 49.33 -49.64 -9.82
N LEU F 407 48.62 -50.43 -10.63
CA LEU F 407 48.22 -50.07 -11.99
C LEU F 407 46.75 -49.71 -12.02
N MET F 408 46.43 -48.60 -12.66
CA MET F 408 45.05 -48.11 -12.74
C MET F 408 44.71 -47.68 -14.15
N GLN F 409 43.43 -47.84 -14.48
CA GLN F 409 42.86 -47.27 -15.70
C GLN F 409 43.10 -45.77 -15.71
N ARG F 410 43.73 -45.27 -16.77
CA ARG F 410 43.87 -43.85 -16.97
C ARG F 410 42.53 -43.24 -17.33
N ILE F 411 42.19 -42.18 -16.59
CA ILE F 411 41.00 -41.40 -16.77
C ILE F 411 41.39 -40.15 -17.56
N PHE F 412 40.59 -39.79 -18.55
CA PHE F 412 40.84 -38.61 -19.39
C PHE F 412 39.75 -37.58 -19.14
N PRO F 413 39.99 -36.65 -18.19
CA PRO F 413 38.96 -35.66 -17.88
C PRO F 413 38.87 -34.56 -18.94
N LYS F 414 37.79 -33.80 -18.88
CA LYS F 414 37.62 -32.61 -19.70
C LYS F 414 38.66 -31.56 -19.36
N ILE F 415 39.34 -31.05 -20.38
CA ILE F 415 40.24 -29.91 -20.21
C ILE F 415 39.38 -28.66 -20.37
N SER F 416 39.27 -27.86 -19.30
CA SER F 416 38.44 -26.65 -19.30
C SER F 416 39.32 -25.41 -19.31
N HIS F 417 38.69 -24.28 -19.61
CA HIS F 417 39.27 -22.96 -19.42
C HIS F 417 38.85 -22.45 -18.04
N SER F 418 39.80 -21.90 -17.27
CA SER F 418 39.46 -21.15 -16.06
C SER F 418 40.52 -20.09 -15.72
N ILE F 419 40.19 -19.26 -14.73
CA ILE F 419 41.05 -18.20 -14.27
C ILE F 419 41.40 -18.54 -12.82
N LEU F 420 42.70 -18.70 -12.56
CA LEU F 420 43.21 -19.10 -11.25
C LEU F 420 43.90 -17.94 -10.58
N MET F 421 43.60 -17.76 -9.28
CA MET F 421 44.20 -16.73 -8.46
C MET F 421 45.24 -17.34 -7.54
N ARG F 422 46.47 -16.84 -7.59
CA ARG F 422 47.50 -17.23 -6.66
C ARG F 422 48.36 -16.01 -6.35
N GLU F 423 48.56 -15.75 -5.06
CA GLU F 423 49.39 -14.63 -4.58
C GLU F 423 49.06 -13.27 -5.24
N GLY F 424 47.77 -13.02 -5.42
CA GLY F 424 47.27 -11.72 -5.91
C GLY F 424 47.20 -11.55 -7.41
N ILE F 425 47.52 -12.61 -8.16
CA ILE F 425 47.67 -12.52 -9.61
C ILE F 425 46.73 -13.54 -10.27
N SER F 426 45.97 -13.06 -11.27
CA SER F 426 45.07 -13.92 -12.03
C SER F 426 45.80 -14.51 -13.24
N HIS F 427 45.59 -15.81 -13.47
CA HIS F 427 46.20 -16.57 -14.57
C HIS F 427 45.09 -17.26 -15.38
N LYS F 428 45.03 -17.03 -16.69
CA LYS F 428 44.16 -17.82 -17.58
C LYS F 428 44.87 -19.12 -17.93
N GLU F 429 44.23 -20.26 -17.64
CA GLU F 429 44.88 -21.57 -17.75
C GLU F 429 43.98 -22.65 -18.31
N GLN F 430 44.62 -23.67 -18.88
CA GLN F 430 43.98 -24.92 -19.28
C GLN F 430 43.97 -25.77 -18.02
N THR F 431 42.81 -26.32 -17.65
CA THR F 431 42.69 -27.04 -16.38
C THR F 431 41.96 -28.38 -16.44
N ILE F 432 42.23 -29.22 -15.45
CA ILE F 432 41.42 -30.41 -15.17
C ILE F 432 40.98 -30.30 -13.71
N SER F 433 39.87 -30.95 -13.37
CA SER F 433 39.26 -30.83 -12.05
C SER F 433 39.01 -32.18 -11.41
N GLU F 434 38.79 -32.13 -10.11
CA GLU F 434 38.71 -33.30 -9.27
C GLU F 434 37.71 -33.03 -8.14
N LEU F 435 36.65 -33.85 -8.06
CA LEU F 435 35.58 -33.67 -7.09
C LEU F 435 35.82 -34.54 -5.87
N GLY F 436 35.80 -33.92 -4.70
CA GLY F 436 35.90 -34.63 -3.43
C GLY F 436 34.56 -34.57 -2.74
N ILE F 437 34.09 -35.71 -2.22
CA ILE F 437 32.90 -35.74 -1.37
C ILE F 437 33.33 -36.11 0.06
N TYR F 438 33.07 -35.22 1.00
CA TYR F 438 33.34 -35.49 2.42
C TYR F 438 32.30 -36.45 2.97
N GLY F 439 32.69 -37.25 3.93
CA GLY F 439 31.80 -38.21 4.58
C GLY F 439 32.04 -38.28 6.07
N THR F 440 30.98 -38.20 6.86
CA THR F 440 31.05 -38.33 8.31
C THR F 440 30.45 -39.67 8.72
N TYR F 441 31.16 -40.39 9.58
CA TYR F 441 30.71 -41.68 10.10
C TYR F 441 30.99 -41.75 11.59
N LEU F 442 30.00 -42.16 12.38
CA LEU F 442 30.18 -42.38 13.81
C LEU F 442 29.31 -43.54 14.27
N ARG F 443 29.93 -44.54 14.92
CA ARG F 443 29.17 -45.60 15.57
C ARG F 443 29.71 -45.90 16.96
N ASN F 444 28.82 -46.38 17.84
CA ASN F 444 29.16 -46.92 19.16
C ASN F 444 28.87 -48.44 19.13
N LYS F 445 28.85 -49.13 20.28
CA LYS F 445 28.70 -50.60 20.33
C LYS F 445 27.66 -51.17 19.33
N THR F 446 26.38 -50.87 19.56
CA THR F 446 25.30 -51.38 18.70
C THR F 446 25.04 -50.48 17.48
N GLU F 447 24.94 -49.18 17.72
CA GLU F 447 24.28 -48.24 16.82
C GLU F 447 25.23 -47.41 15.94
N VAL F 448 24.79 -47.15 14.72
CA VAL F 448 25.40 -46.16 13.84
C VAL F 448 24.71 -44.82 14.14
N VAL F 449 25.48 -43.84 14.61
CA VAL F 449 24.95 -42.53 15.04
C VAL F 449 24.93 -41.51 13.89
N ILE F 450 25.99 -41.50 13.08
CA ILE F 450 26.08 -40.64 11.91
C ILE F 450 26.60 -41.48 10.75
N ASN F 451 25.96 -41.33 9.60
CA ASN F 451 26.52 -41.83 8.35
C ASN F 451 25.92 -41.04 7.20
N GLN F 452 26.65 -40.02 6.73
CA GLN F 452 26.16 -39.15 5.68
C GLN F 452 27.25 -38.54 4.82
N GLN F 453 26.84 -38.09 3.64
CA GLN F 453 27.61 -37.15 2.85
C GLN F 453 27.68 -35.84 3.66
N ALA F 454 28.82 -35.17 3.62
CA ALA F 454 29.08 -34.02 4.47
C ALA F 454 29.77 -32.88 3.72
N GLY F 455 29.24 -32.49 2.58
CA GLY F 455 29.83 -31.44 1.74
C GLY F 455 30.83 -31.93 0.70
N TYR F 456 31.53 -30.98 0.10
CA TYR F 456 32.39 -31.27 -1.04
C TYR F 456 33.58 -30.31 -1.18
N LEU F 457 34.50 -30.77 -2.03
CA LEU F 457 35.68 -30.04 -2.42
C LEU F 457 35.82 -30.19 -3.93
N MET F 458 36.09 -29.08 -4.62
CA MET F 458 36.52 -29.11 -6.01
C MET F 458 37.92 -28.52 -6.06
N ARG F 459 38.86 -29.29 -6.58
CA ARG F 459 40.22 -28.82 -6.81
C ARG F 459 40.42 -28.79 -8.31
N THR F 460 40.98 -27.69 -8.78
CA THR F 460 41.22 -27.48 -10.19
C THR F 460 42.71 -27.17 -10.37
N LYS F 461 43.33 -27.80 -11.35
CA LYS F 461 44.75 -27.60 -11.60
C LYS F 461 45.14 -27.55 -13.07
N VAL F 462 46.33 -27.00 -13.31
CA VAL F 462 46.83 -26.80 -14.67
C VAL F 462 47.22 -28.14 -15.31
N SER F 463 46.87 -28.34 -16.58
CA SER F 463 47.18 -29.59 -17.31
C SER F 463 48.68 -29.84 -17.51
N PHE F 474 50.17 -26.45 -10.72
CA PHE F 474 49.69 -26.28 -9.36
C PHE F 474 48.16 -26.27 -9.29
N ALA F 475 47.64 -26.38 -8.07
CA ALA F 475 46.22 -26.59 -7.82
C ALA F 475 45.59 -25.44 -7.02
N VAL F 476 44.30 -25.20 -7.27
CA VAL F 476 43.52 -24.21 -6.52
C VAL F 476 42.22 -24.83 -5.99
N LEU F 477 41.62 -24.15 -5.02
CA LEU F 477 40.30 -24.53 -4.52
C LEU F 477 39.25 -23.94 -5.46
N ASP F 478 38.16 -24.68 -5.61
CA ASP F 478 37.10 -24.32 -6.55
C ASP F 478 35.79 -24.77 -5.94
N SER F 479 34.68 -24.43 -6.58
CA SER F 479 33.37 -25.01 -6.23
C SER F 479 32.72 -25.52 -7.51
N ILE F 480 31.49 -26.01 -7.40
CA ILE F 480 30.77 -26.49 -8.58
C ILE F 480 29.56 -25.63 -8.91
N TYR F 481 29.28 -25.57 -10.21
CA TYR F 481 28.13 -24.91 -10.78
C TYR F 481 27.39 -26.02 -11.52
N LEU F 482 26.23 -26.42 -10.99
CA LEU F 482 25.52 -27.62 -11.49
C LEU F 482 24.77 -27.34 -12.81
N VAL F 483 24.92 -28.26 -13.77
CA VAL F 483 24.28 -28.19 -15.09
C VAL F 483 23.75 -29.61 -15.40
PB ADP G . -19.25 -32.87 -17.31
O1B ADP G . -20.12 -32.47 -18.49
O2B ADP G . -18.31 -34.01 -17.65
O3B ADP G . -18.57 -31.72 -16.60
PA ADP G . -21.29 -32.77 -15.19
O1A ADP G . -20.72 -31.44 -14.73
O2A ADP G . -21.65 -33.74 -14.09
O3A ADP G . -20.25 -33.52 -16.20
O5' ADP G . -22.58 -32.53 -16.16
C5' ADP G . -22.68 -31.49 -17.16
C4' ADP G . -23.90 -30.58 -16.95
O4' ADP G . -25.10 -31.34 -16.75
C3' ADP G . -23.79 -29.68 -15.72
O3' ADP G . -23.13 -28.44 -15.99
C2' ADP G . -25.23 -29.46 -15.27
O2' ADP G . -25.84 -28.31 -15.86
C1' ADP G . -25.94 -30.72 -15.76
N9 ADP G . -26.17 -31.62 -14.60
C8 ADP G . -25.28 -32.46 -14.03
N7 ADP G . -25.84 -33.13 -13.00
C5 ADP G . -27.10 -32.70 -12.90
C6 ADP G . -28.25 -33.00 -12.01
N6 ADP G . -28.12 -33.91 -11.01
N1 ADP G . -29.40 -32.33 -12.26
C2 ADP G . -29.52 -31.42 -13.26
N3 ADP G . -28.52 -31.12 -14.09
C4 ADP G . -27.32 -31.71 -13.95
N1 3GC H . -8.09 -28.20 -20.86
CA1 3GC H . -8.87 -27.03 -20.49
C1 3GC H . -8.18 -26.24 -19.44
O11 3GC H . -8.72 -25.15 -19.07
O12 3GC H . -7.11 -26.68 -18.94
CB1 3GC H . -10.25 -27.45 -19.99
CG1 3GC H . -10.19 -28.28 -18.71
CD1 3GC H . -11.58 -28.61 -18.20
OE1 3GC H . -12.57 -28.47 -18.90
N2 3GC H . -11.62 -29.07 -16.94
CA2 3GC H . -12.83 -29.53 -16.26
C2 3GC H . -13.52 -28.50 -15.39
O2 3GC H . -13.02 -27.37 -15.20
CB2 3GC H . -12.49 -30.75 -15.40
SG2 3GC H . -11.54 -31.99 -16.31
O3 3GC H . -14.60 -28.83 -14.87
MG MG I . -15.13 -35.39 -10.59
MG MG J . -19.58 -29.41 -13.54
PB ADP K . 5.80 11.59 -41.31
O1B ADP K . 6.04 12.46 -42.51
O2B ADP K . 4.38 11.71 -40.76
O3B ADP K . 6.20 10.14 -41.54
PA ADP K . 8.23 12.81 -40.08
O1A ADP K . 8.57 13.28 -41.48
O2A ADP K . 8.43 13.75 -38.91
O3A ADP K . 6.71 12.18 -40.06
O5' ADP K . 9.14 11.51 -39.79
C5' ADP K . 9.02 10.31 -40.56
C4' ADP K . 10.29 9.47 -40.54
O4' ADP K . 11.23 9.97 -41.48
C3' ADP K . 11.01 9.46 -39.19
O3' ADP K . 10.55 8.40 -38.38
C2' ADP K . 12.47 9.29 -39.54
O2' ADP K . 12.86 7.91 -39.64
C1' ADP K . 12.55 9.98 -40.90
N9 ADP K . 13.04 11.37 -40.73
C8 ADP K . 12.35 12.48 -40.41
N7 ADP K . 13.16 13.58 -40.34
C5 ADP K . 14.39 13.16 -40.64
C6 ADP K . 15.73 13.77 -40.75
N6 ADP K . 15.88 15.09 -40.53
N1 ADP K . 16.76 12.95 -41.08
C2 ADP K . 16.63 11.62 -41.30
N3 ADP K . 15.45 11.01 -41.20
C4 ADP K . 14.32 11.71 -40.88
N1 3GC L . -5.60 7.65 -34.94
CA1 3GC L . -4.39 7.26 -34.25
C1 3GC L . -4.64 7.11 -32.78
O11 3GC L . -5.49 7.87 -32.26
O12 3GC L . -3.96 6.27 -32.14
CB1 3GC L . -3.30 8.34 -34.38
CG1 3GC L . -2.11 7.81 -35.14
CD1 3GC L . -1.06 8.87 -35.46
OE1 3GC L . -0.50 8.74 -36.52
N2 3GC L . -0.75 9.86 -34.58
CA2 3GC L . 0.38 10.78 -34.78
C2 3GC L . 1.57 10.47 -33.88
O2 3GC L . 2.70 10.86 -34.29
CB2 3GC L . 0.05 12.25 -34.59
SG2 3GC L . -1.16 12.91 -35.75
O3 3GC L . 1.45 9.87 -32.79
MG MG M . 3.65 18.43 -35.57
PB ADP N . -49.12 34.85 -6.92
O1B ADP N . -49.47 36.32 -6.95
O2B ADP N . -47.82 34.55 -6.18
O3B ADP N . -50.27 33.95 -6.48
PA ADP N . -49.68 34.69 -9.79
O1A ADP N . -50.86 35.59 -9.49
O2A ADP N . -48.72 35.10 -10.89
O3A ADP N . -48.77 34.42 -8.45
O5' ADP N . -50.31 33.25 -10.15
C5' ADP N . -50.73 32.23 -9.23
C4' ADP N . -50.58 30.86 -9.88
O4' ADP N . -51.36 30.75 -11.07
C3' ADP N . -49.16 30.50 -10.30
O3' ADP N . -48.39 29.92 -9.26
C2' ADP N . -49.36 29.55 -11.47
O2' ADP N . -49.49 28.19 -11.04
C1' ADP N . -50.65 30.05 -12.09
N9 ADP N . -50.31 30.95 -13.24
C8 ADP N . -49.87 32.22 -13.18
N7 ADP N . -49.65 32.75 -14.42
C5 ADP N . -49.94 31.78 -15.28
C6 ADP N . -49.93 31.67 -16.74
N6 ADP N . -49.54 32.72 -17.49
N1 ADP N . -50.32 30.47 -17.26
C2 ADP N . -50.70 29.43 -16.50
N3 ADP N . -50.73 29.48 -15.17
C4 ADP N . -50.37 30.60 -14.53
N1 3GC O . -45.22 36.66 5.35
CA1 3GC O . -44.80 35.33 4.92
C1 3GC O . -43.29 35.17 5.04
O11 3GC O . -42.56 36.17 5.22
O12 3GC O . -42.82 34.01 4.91
CB1 3GC O . -45.25 35.07 3.49
CG1 3GC O . -44.65 36.03 2.45
CD1 3GC O . -45.13 35.75 1.03
OE1 3GC O . -46.20 35.17 0.84
N2 3GC O . -44.35 36.20 0.05
CA2 3GC O . -44.65 36.07 -1.37
C2 3GC O . -43.74 35.10 -2.10
O2 3GC O . -43.97 34.84 -3.30
CB2 3GC O . -44.55 37.44 -2.05
SG2 3GC O . -45.50 38.76 -1.24
O3 3GC O . -42.77 34.57 -1.51
MG MG P . -44.98 40.79 -7.23
MG MG Q . -45.31 32.96 -8.14
PB ADP R . -36.54 5.33 39.84
O1B ADP R . -37.54 6.26 40.49
O2B ADP R . -37.04 3.89 39.83
O3B ADP R . -36.06 5.79 38.49
PA ADP R . -33.75 6.01 40.67
O1A ADP R . -33.21 5.86 39.26
O2A ADP R . -32.83 5.52 41.77
O3A ADP R . -35.23 5.31 40.85
O5' ADP R . -33.97 7.60 40.92
C5' ADP R . -35.25 8.20 41.12
C4' ADP R . -35.18 9.63 41.67
O4' ADP R . -35.41 9.58 43.08
C3' ADP R . -33.86 10.39 41.44
O3' ADP R . -33.90 11.18 40.26
C2' ADP R . -33.73 11.22 42.70
O2' ADP R . -34.38 12.49 42.58
C1' ADP R . -34.43 10.37 43.76
N9 ADP R . -33.42 9.50 44.44
C8 ADP R . -32.81 8.41 43.95
N7 ADP R . -31.94 7.87 44.83
C5 ADP R . -31.97 8.64 45.92
C6 ADP R . -31.30 8.64 47.25
N6 ADP R . -30.39 7.68 47.54
N1 ADP R . -31.63 9.64 48.10
C2 ADP R . -32.54 10.60 47.80
N3 ADP R . -33.18 10.66 46.62
C4 ADP R . -32.95 9.73 45.67
N1 3GC S . -37.07 4.45 25.52
CA1 3GC S . -36.77 5.84 25.82
C1 3GC S . -35.57 6.36 25.02
O11 3GC S . -35.24 7.57 25.12
O12 3GC S . -34.93 5.56 24.29
CB1 3GC S . -36.55 6.04 27.32
CG1 3GC S . -35.36 5.26 27.85
CD1 3GC S . -35.17 5.44 29.34
OE1 3GC S . -36.09 5.84 30.05
N2 3GC S . -33.94 5.12 29.76
CA2 3GC S . -33.44 5.19 31.12
C2 3GC S . -32.44 6.28 31.36
O2 3GC S . -31.87 6.86 30.40
CB2 3GC S . -32.76 3.86 31.45
SG2 3GC S . -33.84 2.44 31.25
O3 3GC S . -32.17 6.59 32.55
MG MG T . -31.44 8.07 37.47
MG MG U . -29.34 0.63 36.10
PB ADP V . 45.73 13.73 15.38
O1B ADP V . 45.34 14.62 14.22
O2B ADP V . 45.33 12.27 15.22
O3B ADP V . 47.17 13.90 15.82
PA ADP V . 45.16 14.85 18.04
O1A ADP V . 46.26 15.89 17.92
O2A ADP V . 43.87 15.22 18.74
O3A ADP V . 44.76 14.24 16.58
O5' ADP V . 45.75 13.56 18.82
C5' ADP V . 47.10 13.07 18.76
C4' ADP V . 47.51 12.49 20.11
O4' ADP V . 48.03 13.52 20.96
C3' ADP V . 46.38 11.84 20.90
O3' ADP V . 46.22 10.47 20.55
C2' ADP V . 46.75 12.05 22.35
O2' ADP V . 47.55 10.98 22.87
C1' ADP V . 47.56 13.33 22.30
N9 ADP V . 46.76 14.52 22.73
C8 ADP V . 45.96 15.30 21.97
N7 ADP V . 45.40 16.30 22.70
C5 ADP V . 45.84 16.16 23.96
C6 ADP V . 45.66 16.88 25.25
N6 ADP V . 44.85 17.96 25.31
N1 ADP V . 46.31 16.40 26.32
C2 ADP V . 47.13 15.32 26.27
N3 ADP V . 47.34 14.62 25.14
C4 ADP V . 46.75 14.99 23.98
N1 3GC W . 43.60 6.67 5.03
CA1 3GC W . 43.45 5.82 6.21
C1 3GC W . 42.06 5.25 6.29
O11 3GC W . 41.22 5.66 5.45
O12 3GC W . 41.83 4.43 7.19
CB1 3GC W . 43.75 6.59 7.52
CG1 3GC W . 42.71 7.67 7.84
CD1 3GC W . 42.99 8.41 9.14
OE1 3GC W . 44.07 8.34 9.69
N2 3GC W . 41.93 9.10 9.62
CA2 3GC W . 41.91 9.90 10.84
C2 3GC W . 41.26 9.21 12.02
O2 3GC W . 41.26 9.78 13.12
CB2 3GC W . 41.17 11.20 10.54
SG2 3GC W . 41.77 12.07 9.08
O3 3GC W . 40.73 8.08 11.89
MG MG X . 39.29 17.15 13.65
MG MG Y . 42.39 11.57 18.07
PB ADP Z . 47.88 -38.24 -4.16
O1B ADP Z . 47.21 -36.97 -3.69
O2B ADP Z . 48.93 -38.03 -5.25
O3B ADP Z . 48.38 -39.09 -3.01
PA ADP Z . 46.52 -39.82 -6.26
O1A ADP Z . 45.30 -40.73 -6.23
O2A ADP Z . 47.85 -40.41 -6.69
O3A ADP Z . 46.65 -39.10 -4.80
O5' ADP Z . 46.15 -38.58 -7.26
C5' ADP Z . 47.10 -37.60 -7.73
C4' ADP Z . 46.69 -36.94 -9.06
O4' ADP Z . 47.03 -37.75 -10.18
C3' ADP Z . 45.20 -36.64 -9.21
O3' ADP Z . 44.88 -35.34 -8.77
C2' ADP Z . 44.89 -36.81 -10.67
O2' ADP Z . 45.00 -35.58 -11.41
C1' ADP Z . 45.96 -37.78 -11.14
N9 ADP Z . 45.38 -39.14 -11.20
C8 ADP Z . 45.25 -40.03 -10.19
N7 ADP Z . 44.66 -41.16 -10.63
C5 ADP Z . 44.41 -41.01 -11.94
C6 ADP Z . 43.81 -41.83 -13.01
N6 ADP Z . 43.35 -43.08 -12.75
N1 ADP Z . 43.74 -41.28 -14.24
C2 ADP Z . 44.20 -40.03 -14.51
N3 ADP Z . 44.75 -39.25 -13.59
C4 ADP Z . 44.88 -39.67 -12.31
N1 3GC AA . 48.78 -31.56 6.74
CA1 3GC AA . 47.97 -30.73 5.85
C1 3GC AA . 46.62 -30.46 6.46
O11 3GC AA . 45.78 -29.77 5.81
O12 3GC AA . 46.36 -30.94 7.59
CB1 3GC AA . 47.81 -31.41 4.49
CG1 3GC AA . 47.09 -32.76 4.60
CD1 3GC AA . 46.82 -33.39 3.25
OE1 3GC AA . 47.26 -32.90 2.22
N2 3GC AA . 46.07 -34.50 3.33
CA2 3GC AA . 45.63 -35.30 2.18
C2 3GC AA . 44.33 -34.83 1.57
O2 3GC AA . 43.91 -33.68 1.79
CB2 3GC AA . 45.52 -36.76 2.59
SG2 3GC AA . 46.93 -37.37 3.56
O3 3GC AA . 43.68 -35.60 0.83
MG MG BA . 43.83 -43.23 0.25
#